data_8SAY
#
_entry.id   8SAY
#
_cell.length_a   1.00
_cell.length_b   1.00
_cell.length_c   1.00
_cell.angle_alpha   90.00
_cell.angle_beta   90.00
_cell.angle_gamma   90.00
#
_symmetry.space_group_name_H-M   'P 1'
#
loop_
_entity.id
_entity.type
_entity.pdbx_description
1 polymer 'CH848.10.17 gp120'
2 polymer 'CH848.10.17 gp41'
3 polymer 'DH270.3 variable heavy chain'
4 polymer 'DH270.3 variable light chain'
5 branched beta-D-mannopyranose-(1-4)-2-acetamido-2-deoxy-beta-D-glucopyranose-(1-4)-2-acetamido-2-deoxy-beta-D-glucopyranose
6 branched alpha-D-mannopyranose-(1-2)-alpha-D-mannopyranose-(1-2)-alpha-D-mannopyranose-(1-3)-[alpha-D-mannopyranose-(1-2)-alpha-D-mannopyranose-(1-3)-[alpha-D-mannopyranose-(1-2)-alpha-D-mannopyranose-(1-6)]alpha-D-mannopyranose-(1-6)]beta-D-mannopyranose-(1-4)-2-acetamido-2-deoxy-beta-D-glucopyranose-(1-4)-2-acetamido-2-deoxy-beta-D-glucopyranose
7 branched alpha-D-mannopyranose-(1-2)-alpha-D-mannopyranose-(1-3)-beta-D-mannopyranose-(1-4)-2-acetamido-2-deoxy-beta-D-glucopyranose-(1-4)-2-acetamido-2-deoxy-beta-D-glucopyranose
8 branched alpha-D-mannopyranose-(1-3)-beta-D-mannopyranose-(1-4)-2-acetamido-2-deoxy-beta-D-glucopyranose-(1-4)-2-acetamido-2-deoxy-beta-D-glucopyranose
9 branched alpha-D-mannopyranose-(1-3)-[alpha-D-mannopyranose-(1-6)]beta-D-mannopyranose-(1-4)-2-acetamido-2-deoxy-beta-D-glucopyranose-(1-4)-2-acetamido-2-deoxy-beta-D-glucopyranose
10 branched 2-acetamido-2-deoxy-beta-D-glucopyranose-(1-4)-2-acetamido-2-deoxy-beta-D-glucopyranose
#
loop_
_entity_poly.entity_id
_entity_poly.type
_entity_poly.pdbx_seq_one_letter_code
_entity_poly.pdbx_strand_id
1 'polypeptide(L)'
;AENLWVTVYYGVPVWKEAKTTLFCASDARAYEKEVHNVWATHACVPTDPSPQELVLGNVTENFNMWKNDMVDQMHEDIIS
LWDQSLKPCVKLTPLCVTLICSNATVKNGTVEEMKNCSFNTTTEIRDKEKKEYALFYKPDIVPLSETNNTSEYRLINCNT
SACTQACPKVTFEPIPIHYCAPAGYAILKCNDETFNGTGPCSNVSTVQCTHGIRPVVSTQLLLNGSLAEKEIVIRSENLT
NNAKIIIVHLHTPVEIVCTRPNNNTRKSVRIGPGQTFYATGDIIGDIKQAHCNISEEKWNDTLQKVGIELQKHFPNKTIK
YNQSAGGDMEITTHSFNCGGEFFYCNTSNLFNGTYNGTYISTNSSANSTSTITLQCRIKQIINMWQGVGRCMYAPPIAGN
ITCRSNITGLLLTRDGGTNSNETETFRPAGGDMRDNWRSELYKYKVVKIEPLGVAPTRCKRRV
;
A,F,K
2 'polypeptide(L)'
;AVGIGAVFLGFLGAAGSTMGAASMTLTVQARNLLSGTVWGIKQLQARVLAVERYLRDQQLLGIWGCSGKLICCTNVPWNS
SWSNRNLSEIWDNMTWLQWDKEISNYTQIIYGLLEESQNQQEKNEQDLLALD
;
B,G,L
3 'polypeptide(L)'
;QVQLVQSGAELKKPGASVKVSCKASGYTLSDYYVHWLRQAPGQGLEWVAWINPTSGRTISPRKFQGRVTMTTDTSMNVAY
MELRGLRSDDTAVYFCARGGWISLYVDYSYYPNFDSWGQGTLVSVS
;
C,H,M
4 'polypeptide(L)'
;QPVLTQPASVSGSPGQSITISCTGSSSDVGSYNLVSWYQQHPGKAPKLMIYEVNKWASGVSDRFAGSKSGNTASLTISRL
QAEDEANYFCSSSTNSATVIFGGGTKLTVL
;
D,I,N
#
loop_
_chem_comp.id
_chem_comp.type
_chem_comp.name
_chem_comp.formula
BMA D-saccharide, beta linking beta-D-mannopyranose 'C6 H12 O6'
MAN D-saccharide, alpha linking alpha-D-mannopyranose 'C6 H12 O6'
NAG D-saccharide, beta linking 2-acetamido-2-deoxy-beta-D-glucopyranose 'C8 H15 N O6'
#
# COMPACT_ATOMS: atom_id res chain seq x y z
N GLU A 2 28.88 -59.47 19.72
CA GLU A 2 28.99 -58.44 20.79
C GLU A 2 27.68 -57.68 20.90
N ASN A 3 26.93 -57.93 21.98
CA ASN A 3 25.57 -57.42 22.14
C ASN A 3 25.53 -55.95 22.53
N LEU A 4 26.17 -55.08 21.75
CA LEU A 4 26.27 -53.68 22.13
C LEU A 4 24.92 -52.99 22.00
N TRP A 5 24.70 -52.02 22.86
CA TRP A 5 23.48 -51.23 22.86
C TRP A 5 23.73 -49.91 22.13
N VAL A 6 22.89 -49.59 21.15
CA VAL A 6 23.07 -48.36 20.38
C VAL A 6 22.70 -47.17 21.26
N THR A 7 23.47 -46.09 21.14
CA THR A 7 23.19 -44.84 21.84
C THR A 7 22.80 -43.74 20.87
N VAL A 8 22.63 -42.55 21.43
CA VAL A 8 22.33 -41.34 20.67
C VAL A 8 23.18 -40.20 21.25
N TYR A 9 23.74 -39.39 20.35
CA TYR A 9 24.54 -38.22 20.70
C TYR A 9 23.82 -36.98 20.23
N TYR A 10 23.95 -35.89 20.99
CA TYR A 10 23.39 -34.60 20.63
C TYR A 10 24.52 -33.58 20.61
N GLY A 11 24.60 -32.82 19.52
CA GLY A 11 25.74 -31.96 19.25
C GLY A 11 26.73 -32.53 18.27
N VAL A 12 26.28 -33.31 17.30
CA VAL A 12 27.18 -33.99 16.36
C VAL A 12 27.66 -32.99 15.32
N PRO A 13 28.97 -32.97 14.95
CA PRO A 13 29.39 -32.11 13.83
C PRO A 13 29.19 -32.76 12.46
N VAL A 14 27.99 -32.61 11.88
CA VAL A 14 27.68 -33.12 10.55
C VAL A 14 27.01 -32.01 9.76
N TRP A 15 27.43 -31.84 8.50
CA TRP A 15 26.90 -30.82 7.61
C TRP A 15 25.89 -31.41 6.63
N LYS A 16 24.94 -30.58 6.23
CA LYS A 16 24.09 -30.82 5.06
C LYS A 16 23.94 -29.51 4.31
N GLU A 17 24.44 -29.47 3.08
CA GLU A 17 24.23 -28.30 2.24
C GLU A 17 22.74 -28.13 1.98
N ALA A 18 22.20 -26.98 2.36
CA ALA A 18 20.77 -26.74 2.29
C ALA A 18 20.49 -25.27 2.05
N LYS A 19 19.27 -24.98 1.58
CA LYS A 19 18.89 -23.63 1.24
C LYS A 19 18.29 -22.90 2.45
N THR A 20 18.48 -21.59 2.48
CA THR A 20 17.86 -20.75 3.49
C THR A 20 18.03 -19.29 3.11
N THR A 21 17.27 -18.43 3.76
CA THR A 21 17.49 -17.00 3.67
C THR A 21 18.66 -16.59 4.57
N LEU A 22 19.21 -15.42 4.30
CA LEU A 22 20.30 -14.85 5.09
C LEU A 22 19.99 -13.41 5.42
N PHE A 23 20.47 -12.95 6.57
CA PHE A 23 20.22 -11.60 7.01
C PHE A 23 21.21 -10.63 6.39
N CYS A 24 20.71 -9.55 5.80
CA CYS A 24 21.56 -8.48 5.30
C CYS A 24 21.88 -7.56 6.48
N ALA A 25 23.17 -7.35 6.72
CA ALA A 25 23.65 -6.60 7.88
C ALA A 25 24.73 -5.62 7.44
N SER A 26 24.75 -4.44 8.07
CA SER A 26 25.62 -3.35 7.66
C SER A 26 26.35 -2.81 8.87
N ASP A 27 27.37 -2.00 8.61
CA ASP A 27 28.28 -1.53 9.65
C ASP A 27 27.57 -0.53 10.55
N ALA A 28 28.17 -0.30 11.74
CA ALA A 28 27.49 0.41 12.80
C ALA A 28 27.31 1.90 12.49
N ARG A 29 28.26 2.51 11.79
CA ARG A 29 28.26 3.97 11.66
C ARG A 29 27.09 4.52 10.86
N ALA A 30 26.38 3.68 10.11
CA ALA A 30 25.29 4.17 9.27
C ALA A 30 24.01 4.45 10.05
N TYR A 31 23.94 4.05 11.32
CA TYR A 31 22.66 3.95 12.02
C TYR A 31 22.33 5.16 12.87
N GLU A 32 23.16 6.21 12.86
CA GLU A 32 22.75 7.50 13.39
C GLU A 32 22.07 8.38 12.35
N LYS A 33 21.97 7.92 11.11
CA LYS A 33 21.48 8.73 10.01
C LYS A 33 19.97 8.62 9.87
N GLU A 34 19.44 9.29 8.85
CA GLU A 34 18.00 9.34 8.64
C GLU A 34 17.52 8.10 7.90
N VAL A 35 16.19 7.99 7.77
CA VAL A 35 15.59 6.85 7.08
C VAL A 35 16.01 6.85 5.63
N HIS A 36 16.38 5.67 5.12
CA HIS A 36 16.77 5.44 3.73
C HIS A 36 18.07 6.16 3.35
N ASN A 37 18.83 6.66 4.33
CA ASN A 37 20.00 7.50 4.08
C ASN A 37 21.19 6.92 4.83
N VAL A 38 21.93 6.00 4.21
CA VAL A 38 21.77 5.31 2.93
C VAL A 38 20.75 4.21 3.19
N TRP A 39 20.24 3.55 2.14
CA TRP A 39 19.23 2.51 2.32
C TRP A 39 19.69 1.37 3.22
N ALA A 40 21.00 1.12 3.32
CA ALA A 40 21.49 0.03 4.15
C ALA A 40 21.20 0.24 5.63
N THR A 41 20.99 1.49 6.07
CA THR A 41 20.62 1.72 7.46
C THR A 41 19.19 1.29 7.76
N HIS A 42 18.34 1.23 6.75
CA HIS A 42 16.90 1.08 6.92
C HIS A 42 16.47 -0.39 6.90
N ALA A 43 16.74 -1.09 5.79
CA ALA A 43 16.23 -2.43 5.58
C ALA A 43 17.21 -3.54 5.97
N CYS A 44 18.35 -3.19 6.58
CA CYS A 44 19.34 -4.18 7.01
C CYS A 44 19.76 -3.91 8.44
N VAL A 45 20.12 -4.97 9.14
CA VAL A 45 20.32 -4.98 10.58
C VAL A 45 21.70 -4.44 10.93
N PRO A 46 21.92 -3.83 12.10
CA PRO A 46 23.30 -3.55 12.53
C PRO A 46 24.08 -4.83 12.71
N THR A 47 25.36 -4.80 12.33
CA THR A 47 26.20 -5.99 12.29
C THR A 47 27.16 -6.03 13.48
N ASP A 48 27.99 -7.07 13.50
CA ASP A 48 29.04 -7.23 14.51
C ASP A 48 30.11 -8.15 13.93
N PRO A 49 31.35 -7.69 13.74
CA PRO A 49 32.39 -8.60 13.21
C PRO A 49 32.67 -9.79 14.11
N SER A 50 32.50 -9.66 15.42
CA SER A 50 32.78 -10.75 16.33
C SER A 50 31.82 -11.91 16.09
N PRO A 51 32.23 -13.17 16.27
CA PRO A 51 33.56 -13.69 16.67
C PRO A 51 34.54 -13.81 15.51
N GLN A 52 35.76 -14.24 15.79
CA GLN A 52 36.76 -14.42 14.74
C GLN A 52 36.47 -15.67 13.92
N GLU A 53 36.72 -15.58 12.63
CA GLU A 53 36.63 -16.77 11.77
C GLU A 53 37.63 -17.81 12.25
N LEU A 54 37.22 -19.08 12.16
CA LEU A 54 37.97 -20.20 12.74
C LEU A 54 38.19 -21.26 11.68
N VAL A 55 39.40 -21.82 11.64
CA VAL A 55 39.71 -22.88 10.69
C VAL A 55 39.15 -24.20 11.19
N LEU A 56 38.66 -25.02 10.27
CA LEU A 56 38.29 -26.41 10.54
C LEU A 56 39.49 -27.26 10.13
N GLY A 57 40.16 -27.84 11.12
CA GLY A 57 41.52 -28.30 10.92
C GLY A 57 41.65 -29.42 9.91
N ASN A 58 40.80 -30.44 10.00
CA ASN A 58 40.83 -31.59 9.12
C ASN A 58 39.47 -31.70 8.45
N VAL A 59 39.40 -31.32 7.18
CA VAL A 59 38.13 -31.27 6.45
C VAL A 59 38.43 -31.45 4.97
N THR A 60 37.41 -31.78 4.20
CA THR A 60 37.46 -31.72 2.75
C THR A 60 36.05 -31.57 2.23
N GLU A 61 35.75 -30.40 1.66
CA GLU A 61 34.38 -30.03 1.33
C GLU A 61 34.33 -29.51 -0.10
N ASN A 62 33.29 -29.87 -0.82
CA ASN A 62 33.11 -29.43 -2.19
C ASN A 62 32.38 -28.10 -2.25
N PHE A 63 32.84 -27.23 -3.15
CA PHE A 63 32.18 -25.96 -3.45
C PHE A 63 31.81 -25.95 -4.93
N ASN A 64 30.68 -25.32 -5.23
CA ASN A 64 30.26 -25.10 -6.62
C ASN A 64 29.74 -23.67 -6.72
N MET A 65 30.61 -22.78 -7.22
CA MET A 65 30.29 -21.36 -7.36
C MET A 65 29.03 -21.11 -8.17
N TRP A 66 28.93 -21.69 -9.37
CA TRP A 66 27.81 -21.43 -10.27
C TRP A 66 26.49 -21.99 -9.77
N LYS A 67 26.49 -23.21 -9.24
CA LYS A 67 25.25 -23.81 -8.75
C LYS A 67 24.71 -23.15 -7.49
N ASN A 68 25.49 -22.26 -6.86
CA ASN A 68 25.06 -21.56 -5.67
C ASN A 68 23.81 -20.72 -5.95
N ASP A 69 22.90 -20.68 -4.97
CA ASP A 69 21.69 -19.86 -5.04
C ASP A 69 21.66 -18.72 -4.02
N MET A 70 22.63 -18.65 -3.12
CA MET A 70 22.75 -17.53 -2.20
C MET A 70 22.78 -16.19 -2.94
N VAL A 71 23.45 -16.17 -4.10
CA VAL A 71 23.49 -14.97 -4.93
C VAL A 71 22.08 -14.62 -5.43
N ASP A 72 21.25 -15.62 -5.69
CA ASP A 72 19.89 -15.32 -6.10
C ASP A 72 19.07 -14.72 -4.96
N GLN A 73 19.30 -15.17 -3.72
CA GLN A 73 18.65 -14.53 -2.58
C GLN A 73 19.11 -13.08 -2.44
N MET A 74 20.42 -12.84 -2.60
CA MET A 74 20.93 -11.47 -2.70
C MET A 74 20.18 -10.66 -3.75
N HIS A 75 20.02 -11.23 -4.94
CA HIS A 75 19.45 -10.50 -6.07
C HIS A 75 18.00 -10.13 -5.78
N GLU A 76 17.21 -11.11 -5.33
CA GLU A 76 15.80 -10.84 -5.04
C GLU A 76 15.65 -9.84 -3.90
N ASP A 77 16.46 -9.99 -2.85
CA ASP A 77 16.34 -9.08 -1.70
C ASP A 77 16.71 -7.66 -2.09
N ILE A 78 17.77 -7.47 -2.88
CA ILE A 78 18.18 -6.11 -3.22
C ILE A 78 17.17 -5.48 -4.18
N ILE A 79 16.60 -6.25 -5.10
CA ILE A 79 15.58 -5.68 -5.98
C ILE A 79 14.36 -5.27 -5.17
N SER A 80 13.90 -6.15 -4.26
CA SER A 80 12.76 -5.80 -3.44
C SER A 80 13.06 -4.60 -2.55
N LEU A 81 14.31 -4.47 -2.13
CA LEU A 81 14.73 -3.32 -1.33
C LEU A 81 14.60 -2.03 -2.13
N TRP A 82 15.07 -2.05 -3.39
CA TRP A 82 15.02 -0.83 -4.20
C TRP A 82 13.58 -0.51 -4.59
N ASP A 83 12.76 -1.53 -4.86
CA ASP A 83 11.37 -1.29 -5.23
C ASP A 83 10.63 -0.56 -4.13
N GLN A 84 10.90 -0.93 -2.87
CA GLN A 84 10.29 -0.22 -1.75
C GLN A 84 10.84 1.18 -1.61
N SER A 85 12.03 1.45 -2.14
CA SER A 85 12.63 2.77 -2.01
C SER A 85 11.99 3.81 -2.91
N LEU A 86 11.26 3.40 -3.95
CA LEU A 86 10.67 4.31 -4.92
C LEU A 86 9.16 4.39 -4.79
N LYS A 87 8.61 4.04 -3.62
CA LYS A 87 7.21 4.31 -3.30
C LYS A 87 6.98 5.74 -2.81
N PRO A 88 7.79 6.27 -1.84
CA PRO A 88 7.41 7.55 -1.23
C PRO A 88 7.79 8.80 -2.02
N CYS A 89 8.13 8.67 -3.30
CA CYS A 89 8.56 9.80 -4.11
C CYS A 89 7.51 10.11 -5.18
N VAL A 90 7.70 11.25 -5.83
CA VAL A 90 6.71 11.79 -6.76
C VAL A 90 6.78 11.03 -8.08
N LYS A 91 5.61 10.65 -8.61
CA LYS A 91 5.53 9.84 -9.83
C LYS A 91 5.41 10.71 -11.07
N LEU A 92 6.26 11.74 -11.17
CA LEU A 92 6.30 12.74 -12.25
C LEU A 92 4.89 13.06 -12.78
N THR A 93 4.57 12.68 -14.05
CA THR A 93 3.28 12.60 -14.74
C THR A 93 2.96 13.85 -15.57
N PRO A 94 2.82 15.09 -15.01
CA PRO A 94 2.55 16.23 -15.90
C PRO A 94 3.64 16.53 -16.91
N LEU A 95 4.85 16.00 -16.72
CA LEU A 95 5.94 16.28 -17.64
C LEU A 95 5.92 15.41 -18.88
N CYS A 96 5.11 14.36 -18.93
CA CYS A 96 4.94 13.61 -20.17
C CYS A 96 3.91 14.36 -21.03
N VAL A 97 4.37 15.49 -21.57
CA VAL A 97 3.59 16.35 -22.44
C VAL A 97 4.44 16.65 -23.67
N THR A 98 3.85 17.35 -24.63
CA THR A 98 4.65 17.88 -25.72
C THR A 98 5.62 18.92 -25.18
N LEU A 99 6.89 18.79 -25.54
CA LEU A 99 7.94 19.70 -25.12
C LEU A 99 8.40 20.53 -26.32
N ILE A 100 8.26 21.84 -26.20
CA ILE A 100 8.75 22.76 -27.22
C ILE A 100 10.22 23.05 -26.94
N CYS A 101 11.07 22.82 -27.94
CA CYS A 101 12.51 22.86 -27.77
C CYS A 101 13.13 23.72 -28.87
N SER A 102 14.22 24.38 -28.53
CA SER A 102 14.94 25.21 -29.49
C SER A 102 15.63 24.32 -30.52
N ASN A 103 15.90 24.91 -31.69
CA ASN A 103 16.51 24.19 -32.81
C ASN A 103 17.60 25.04 -33.47
N ALA A 104 18.38 25.77 -32.67
CA ALA A 104 19.41 26.63 -33.24
C ALA A 104 20.61 25.82 -33.73
N THR A 105 20.99 24.78 -32.98
CA THR A 105 22.14 23.93 -33.30
C THR A 105 23.46 24.70 -33.16
N VAL A 106 24.52 23.99 -32.80
CA VAL A 106 25.85 24.60 -32.68
C VAL A 106 26.67 24.38 -33.95
N LYS A 107 26.70 23.15 -34.49
CA LYS A 107 27.08 22.88 -35.87
C LYS A 107 28.56 23.04 -36.18
N ASN A 108 29.37 23.58 -35.25
CA ASN A 108 30.74 23.94 -35.56
C ASN A 108 31.77 22.94 -35.05
N GLY A 109 31.35 21.86 -34.38
CA GLY A 109 32.29 20.84 -33.96
C GLY A 109 33.09 21.24 -32.74
N THR A 110 33.95 20.31 -32.31
CA THR A 110 34.73 20.45 -31.08
C THR A 110 33.82 20.67 -29.88
N VAL A 111 32.62 20.09 -29.92
CA VAL A 111 31.60 20.35 -28.91
C VAL A 111 30.52 19.29 -29.04
N GLU A 112 29.96 18.89 -27.89
CA GLU A 112 28.76 18.08 -27.86
C GLU A 112 27.91 18.59 -26.70
N GLU A 113 26.65 18.90 -27.00
CA GLU A 113 25.88 19.82 -26.18
C GLU A 113 24.63 19.12 -25.64
N MET A 114 23.82 19.90 -24.93
CA MET A 114 22.61 19.45 -24.26
C MET A 114 21.45 20.30 -24.74
N LYS A 115 20.29 19.68 -24.96
CA LYS A 115 19.18 20.36 -25.61
C LYS A 115 18.29 21.07 -24.60
N ASN A 116 17.79 22.23 -24.99
CA ASN A 116 16.98 23.10 -24.15
C ASN A 116 15.52 22.94 -24.56
N CYS A 117 14.63 22.73 -23.58
CA CYS A 117 13.23 22.42 -23.84
C CYS A 117 12.34 23.13 -22.85
N SER A 118 11.04 23.18 -23.17
CA SER A 118 10.06 23.91 -22.37
C SER A 118 8.73 23.16 -22.38
N PHE A 119 7.92 23.44 -21.37
CA PHE A 119 6.70 22.69 -21.11
C PHE A 119 5.79 23.50 -20.20
N ASN A 120 4.53 23.09 -20.13
CA ASN A 120 3.50 23.73 -19.32
C ASN A 120 3.17 22.83 -18.13
N THR A 121 3.00 23.45 -16.96
CA THR A 121 3.03 22.75 -15.68
C THR A 121 1.79 23.07 -14.85
N THR A 122 1.44 22.14 -13.96
CA THR A 122 0.33 22.32 -13.04
C THR A 122 0.86 22.92 -11.74
N THR A 123 0.55 24.19 -11.50
CA THR A 123 0.95 24.89 -10.28
C THR A 123 -0.05 24.60 -9.18
N GLU A 124 -0.07 25.41 -8.12
CA GLU A 124 -1.03 25.24 -7.01
C GLU A 124 -2.50 25.43 -7.40
N ILE A 125 -2.79 25.71 -8.66
CA ILE A 125 -4.16 25.75 -9.17
C ILE A 125 -4.26 24.72 -10.29
N ARG A 126 -5.10 23.69 -10.08
CA ARG A 126 -5.22 22.65 -11.09
C ARG A 126 -5.94 23.11 -12.36
N ASP A 127 -6.53 24.31 -12.34
CA ASP A 127 -7.18 24.92 -13.49
C ASP A 127 -6.36 26.10 -13.98
N LYS A 128 -5.04 25.96 -13.95
CA LYS A 128 -4.11 26.96 -14.46
C LYS A 128 -2.84 26.24 -14.90
N GLU A 129 -2.23 26.76 -15.96
CA GLU A 129 -0.96 26.24 -16.48
C GLU A 129 -0.03 27.40 -16.76
N LYS A 130 1.25 27.24 -16.43
CA LYS A 130 2.26 28.27 -16.60
C LYS A 130 3.48 27.69 -17.30
N LYS A 131 4.34 28.59 -17.79
CA LYS A 131 5.44 28.20 -18.66
C LYS A 131 6.70 27.93 -17.86
N GLU A 132 7.40 26.84 -18.21
CA GLU A 132 8.67 26.50 -17.60
C GLU A 132 9.63 25.97 -18.67
N TYR A 133 10.91 25.97 -18.32
CA TYR A 133 11.96 25.48 -19.22
C TYR A 133 12.96 24.65 -18.44
N ALA A 134 13.66 23.76 -19.14
CA ALA A 134 14.57 22.82 -18.52
C ALA A 134 15.57 22.32 -19.55
N LEU A 135 16.81 22.09 -19.10
CA LEU A 135 17.81 21.44 -19.93
C LEU A 135 17.72 19.93 -19.74
N PHE A 136 17.67 19.20 -20.86
CA PHE A 136 17.54 17.75 -20.85
C PHE A 136 18.65 17.13 -21.70
N TYR A 137 19.33 16.13 -21.14
CA TYR A 137 20.31 15.39 -21.92
C TYR A 137 19.62 14.68 -23.08
N LYS A 138 20.33 14.58 -24.21
CA LYS A 138 19.73 14.18 -25.48
C LYS A 138 19.01 12.84 -25.47
N PRO A 139 19.55 11.76 -24.89
CA PRO A 139 18.84 10.47 -24.97
C PRO A 139 17.47 10.49 -24.31
N ASP A 140 17.27 11.31 -23.29
CA ASP A 140 16.01 11.35 -22.56
C ASP A 140 14.86 11.96 -23.36
N ILE A 141 15.14 12.56 -24.51
CA ILE A 141 14.15 13.30 -25.28
C ILE A 141 14.17 12.75 -26.70
N VAL A 142 12.97 12.63 -27.29
CA VAL A 142 12.79 12.03 -28.62
C VAL A 142 11.86 12.91 -29.44
N PRO A 143 11.96 12.86 -30.77
CA PRO A 143 10.97 13.57 -31.59
C PRO A 143 9.56 13.07 -31.35
N LEU A 144 8.59 13.99 -31.46
CA LEU A 144 7.24 13.73 -30.99
C LEU A 144 6.44 12.88 -31.98
N SER A 145 6.34 13.33 -33.23
CA SER A 145 5.36 12.77 -34.15
C SER A 145 5.93 12.74 -35.57
N GLU A 146 5.31 11.88 -36.40
CA GLU A 146 5.62 11.87 -37.82
C GLU A 146 5.30 13.20 -38.49
N THR A 147 4.31 13.94 -37.97
CA THR A 147 4.07 15.30 -38.40
C THR A 147 5.30 16.12 -38.03
N ASN A 148 6.09 16.50 -39.03
CA ASN A 148 7.46 16.94 -38.80
C ASN A 148 7.54 18.37 -38.27
N ASN A 149 6.95 18.63 -37.10
CA ASN A 149 7.22 19.87 -36.38
C ASN A 149 8.50 19.65 -35.57
N THR A 150 9.61 20.14 -36.08
CA THR A 150 10.91 19.84 -35.49
C THR A 150 11.09 20.43 -34.09
N SER A 151 10.25 21.38 -33.69
CA SER A 151 10.34 21.96 -32.36
C SER A 151 9.57 21.18 -31.30
N GLU A 152 8.70 20.25 -31.70
CA GLU A 152 7.86 19.50 -30.77
C GLU A 152 8.51 18.15 -30.48
N TYR A 153 8.97 17.98 -29.25
CA TYR A 153 9.71 16.79 -28.82
C TYR A 153 9.00 16.15 -27.63
N ARG A 154 9.28 14.86 -27.43
CA ARG A 154 8.62 14.06 -26.40
C ARG A 154 9.62 13.56 -25.37
N LEU A 155 9.21 13.55 -24.12
CA LEU A 155 9.93 12.78 -23.12
C LEU A 155 9.78 11.31 -23.45
N ILE A 156 10.85 10.52 -23.23
CA ILE A 156 10.91 9.16 -23.76
C ILE A 156 9.86 8.23 -23.12
N ASN A 157 9.17 8.68 -22.08
CA ASN A 157 8.16 7.86 -21.43
C ASN A 157 6.83 7.91 -22.19
N CYS A 158 5.81 7.28 -21.63
CA CYS A 158 4.47 7.15 -22.19
C CYS A 158 4.41 6.25 -23.42
N ASN A 159 5.55 5.66 -23.80
CA ASN A 159 5.55 4.62 -24.84
C ASN A 159 5.51 3.24 -24.22
N THR A 160 6.09 3.08 -23.02
CA THR A 160 6.13 1.80 -22.32
C THR A 160 5.73 1.87 -20.85
N SER A 161 5.91 2.99 -20.16
CA SER A 161 5.66 3.03 -18.72
C SER A 161 5.68 4.47 -18.25
N ALA A 162 5.34 4.65 -16.97
CA ALA A 162 5.44 5.91 -16.26
C ALA A 162 6.65 5.85 -15.32
N CYS A 163 7.07 7.02 -14.82
CA CYS A 163 8.31 7.14 -14.08
C CYS A 163 8.15 7.87 -12.77
N THR A 164 9.16 7.71 -11.91
CA THR A 164 9.19 8.23 -10.55
C THR A 164 10.52 8.93 -10.33
N GLN A 165 10.46 10.16 -9.83
CA GLN A 165 11.69 10.87 -9.47
C GLN A 165 12.27 10.26 -8.21
N ALA A 166 13.59 10.13 -8.16
CA ALA A 166 14.26 9.70 -6.95
C ALA A 166 14.32 10.84 -5.96
N CYS A 167 13.93 10.59 -4.72
CA CYS A 167 13.92 11.65 -3.72
C CYS A 167 15.36 12.10 -3.44
N PRO A 168 15.61 13.39 -3.19
CA PRO A 168 16.99 13.81 -2.87
C PRO A 168 17.49 13.24 -1.55
N LYS A 169 16.61 12.77 -0.67
CA LYS A 169 17.00 12.31 0.65
C LYS A 169 17.59 10.90 0.65
N VAL A 170 17.80 10.28 -0.52
CA VAL A 170 18.45 8.98 -0.61
C VAL A 170 19.56 9.07 -1.66
N THR A 171 20.71 8.49 -1.33
CA THR A 171 21.89 8.56 -2.19
C THR A 171 22.40 7.14 -2.45
N PHE A 172 23.15 7.00 -3.54
CA PHE A 172 23.42 5.71 -4.14
C PHE A 172 24.76 5.09 -3.73
N GLU A 173 25.52 5.73 -2.85
CA GLU A 173 26.85 5.22 -2.54
C GLU A 173 26.72 3.88 -1.82
N PRO A 174 27.35 2.79 -2.32
CA PRO A 174 27.04 1.47 -1.76
C PRO A 174 27.67 1.23 -0.40
N ILE A 175 26.85 1.20 0.64
CA ILE A 175 27.30 0.80 1.97
C ILE A 175 27.62 -0.69 1.97
N PRO A 176 28.68 -1.17 2.63
CA PRO A 176 28.92 -2.62 2.64
C PRO A 176 27.82 -3.37 3.38
N ILE A 177 27.59 -4.61 2.94
CA ILE A 177 26.53 -5.47 3.47
C ILE A 177 27.14 -6.82 3.80
N HIS A 178 26.64 -7.45 4.87
CA HIS A 178 27.06 -8.78 5.29
C HIS A 178 25.85 -9.71 5.28
N TYR A 179 25.82 -10.64 4.32
CA TYR A 179 24.73 -11.61 4.22
C TYR A 179 25.02 -12.74 5.20
N CYS A 180 24.13 -12.90 6.18
CA CYS A 180 24.49 -13.53 7.44
C CYS A 180 23.45 -14.56 7.84
N ALA A 181 23.90 -15.58 8.58
CA ALA A 181 23.16 -16.83 8.70
C ALA A 181 22.30 -16.84 9.97
N PRO A 182 21.21 -17.59 9.99
CA PRO A 182 20.50 -17.83 11.25
C PRO A 182 21.15 -18.98 12.02
N ALA A 183 20.85 -19.03 13.31
CA ALA A 183 21.38 -20.12 14.13
C ALA A 183 20.72 -21.43 13.71
N GLY A 184 21.50 -22.51 13.78
CA GLY A 184 21.13 -23.76 13.17
C GLY A 184 21.68 -23.95 11.76
N TYR A 185 22.05 -22.86 11.11
CA TYR A 185 22.80 -22.86 9.86
C TYR A 185 24.18 -22.26 10.10
N ALA A 186 25.09 -22.48 9.15
CA ALA A 186 26.44 -21.98 9.26
C ALA A 186 26.98 -21.64 7.88
N ILE A 187 27.91 -20.68 7.85
CA ILE A 187 28.55 -20.23 6.62
C ILE A 187 29.97 -20.76 6.60
N LEU A 188 30.31 -21.51 5.56
CA LEU A 188 31.64 -22.08 5.37
C LEU A 188 32.34 -21.31 4.27
N LYS A 189 33.61 -20.97 4.50
CA LYS A 189 34.40 -20.12 3.60
C LYS A 189 35.57 -20.92 3.05
N CYS A 190 35.77 -20.83 1.72
CA CYS A 190 36.83 -21.59 1.05
C CYS A 190 38.12 -20.79 1.06
N ASN A 191 39.19 -21.38 1.59
CA ASN A 191 40.44 -20.68 1.84
C ASN A 191 41.54 -21.02 0.83
N ASP A 192 41.23 -21.79 -0.21
CA ASP A 192 42.20 -22.02 -1.27
C ASP A 192 42.19 -20.85 -2.25
N GLU A 193 43.34 -20.18 -2.39
CA GLU A 193 43.44 -19.06 -3.31
C GLU A 193 43.54 -19.52 -4.77
N THR A 194 44.17 -20.66 -5.02
CA THR A 194 44.27 -21.20 -6.37
C THR A 194 43.09 -22.11 -6.67
N PHE A 195 41.88 -21.55 -6.59
CA PHE A 195 40.64 -22.33 -6.64
C PHE A 195 39.97 -22.11 -7.99
N ASN A 196 39.74 -23.22 -8.71
CA ASN A 196 39.14 -23.14 -10.05
C ASN A 196 37.62 -22.96 -10.02
N GLY A 197 37.00 -22.75 -8.85
CA GLY A 197 35.57 -22.53 -8.77
C GLY A 197 34.74 -23.77 -8.52
N THR A 198 35.30 -24.96 -8.68
CA THR A 198 34.59 -26.21 -8.47
C THR A 198 35.52 -27.19 -7.77
N GLY A 199 34.97 -28.35 -7.42
CA GLY A 199 35.75 -29.39 -6.78
C GLY A 199 35.99 -29.09 -5.32
N PRO A 200 36.89 -29.84 -4.68
CA PRO A 200 37.09 -29.69 -3.24
C PRO A 200 37.93 -28.48 -2.90
N CYS A 201 37.52 -27.75 -1.86
CA CYS A 201 38.38 -26.78 -1.19
C CYS A 201 39.13 -27.53 -0.08
N SER A 202 40.43 -27.71 -0.26
CA SER A 202 41.24 -28.48 0.67
C SER A 202 41.54 -27.73 1.96
N ASN A 203 41.20 -26.45 2.03
CA ASN A 203 41.21 -25.71 3.28
C ASN A 203 39.91 -24.93 3.37
N VAL A 204 39.16 -25.17 4.45
CA VAL A 204 37.84 -24.57 4.66
C VAL A 204 37.76 -24.10 6.09
N SER A 205 36.96 -23.07 6.31
CA SER A 205 36.81 -22.43 7.61
C SER A 205 35.34 -22.15 7.87
N THR A 206 34.93 -22.32 9.12
CA THR A 206 33.66 -21.79 9.57
C THR A 206 33.81 -20.30 9.81
N VAL A 207 32.81 -19.54 9.36
CA VAL A 207 32.81 -18.09 9.44
C VAL A 207 31.48 -17.67 10.02
N GLN A 208 31.49 -16.63 10.87
CA GLN A 208 30.24 -16.10 11.39
C GLN A 208 29.32 -15.70 10.24
N CYS A 209 29.83 -14.86 9.33
CA CYS A 209 29.16 -14.54 8.08
C CYS A 209 30.04 -13.63 7.23
N THR A 210 29.57 -13.42 5.99
CA THR A 210 30.43 -12.98 4.90
C THR A 210 31.03 -11.60 5.15
N HIS A 211 32.26 -11.41 4.68
CA HIS A 211 32.89 -10.10 4.71
C HIS A 211 32.16 -9.17 3.75
N GLY A 212 32.36 -7.87 3.96
CA GLY A 212 31.57 -6.84 3.30
C GLY A 212 31.49 -6.93 1.79
N ILE A 213 30.26 -7.06 1.28
CA ILE A 213 30.00 -7.01 -0.15
C ILE A 213 29.64 -5.58 -0.52
N ARG A 214 30.20 -5.09 -1.61
CA ARG A 214 29.85 -3.77 -2.15
C ARG A 214 28.95 -3.97 -3.36
N PRO A 215 27.63 -3.71 -3.27
CA PRO A 215 26.78 -3.95 -4.44
C PRO A 215 26.89 -2.82 -5.46
N VAL A 216 28.09 -2.61 -5.99
CA VAL A 216 28.32 -1.51 -6.92
C VAL A 216 27.72 -1.92 -8.26
N VAL A 217 26.85 -1.07 -8.80
CA VAL A 217 26.19 -1.37 -10.07
C VAL A 217 27.22 -1.28 -11.19
N SER A 218 27.17 -2.22 -12.12
CA SER A 218 28.09 -2.22 -13.26
C SER A 218 27.49 -3.08 -14.37
N THR A 219 28.07 -2.92 -15.56
CA THR A 219 27.62 -3.65 -16.75
C THR A 219 28.73 -4.22 -17.61
N GLN A 220 29.96 -3.70 -17.52
CA GLN A 220 31.04 -4.14 -18.40
C GLN A 220 32.35 -4.37 -17.64
N LEU A 221 32.49 -3.80 -16.45
CA LEU A 221 33.70 -3.91 -15.66
C LEU A 221 33.32 -3.92 -14.20
N LEU A 222 34.19 -4.50 -13.37
CA LEU A 222 33.92 -4.68 -11.95
C LEU A 222 34.70 -3.61 -11.17
N LEU A 223 33.98 -2.60 -10.68
CA LEU A 223 34.55 -1.48 -9.95
C LEU A 223 34.80 -1.93 -8.52
N ASN A 224 35.02 -0.97 -7.59
CA ASN A 224 35.50 -1.18 -6.21
C ASN A 224 35.10 -2.52 -5.62
N GLY A 225 36.08 -3.27 -5.14
CA GLY A 225 35.84 -4.62 -4.70
C GLY A 225 37.05 -5.23 -4.06
N SER A 226 37.23 -6.53 -4.30
CA SER A 226 38.31 -7.32 -3.71
C SER A 226 39.15 -7.95 -4.81
N LEU A 227 40.45 -8.09 -4.54
CA LEU A 227 41.43 -8.51 -5.53
C LEU A 227 42.04 -9.84 -5.14
N ALA A 228 42.66 -10.49 -6.13
CA ALA A 228 43.16 -11.84 -5.93
C ALA A 228 44.39 -11.84 -5.02
N GLU A 229 44.64 -13.01 -4.42
CA GLU A 229 45.74 -13.12 -3.45
C GLU A 229 47.09 -12.96 -4.14
N LYS A 230 47.35 -13.72 -5.21
CA LYS A 230 48.69 -13.84 -5.78
C LYS A 230 48.77 -13.62 -7.28
N GLU A 231 47.71 -13.89 -8.08
CA GLU A 231 47.80 -13.68 -9.52
C GLU A 231 46.39 -13.63 -10.09
N ILE A 232 46.32 -13.64 -11.42
CA ILE A 232 45.04 -13.67 -12.11
C ILE A 232 44.47 -15.09 -12.07
N VAL A 233 43.18 -15.19 -11.80
CA VAL A 233 42.44 -16.44 -11.77
C VAL A 233 41.18 -16.27 -12.62
N ILE A 234 40.94 -17.20 -13.53
CA ILE A 234 39.92 -17.08 -14.57
C ILE A 234 38.93 -18.22 -14.39
N ARG A 235 37.63 -17.90 -14.43
CA ARG A 235 36.58 -18.83 -14.03
C ARG A 235 35.45 -18.86 -15.05
N SER A 236 34.97 -20.05 -15.36
CA SER A 236 33.77 -20.23 -16.18
C SER A 236 33.26 -21.65 -15.99
N GLU A 237 31.97 -21.84 -16.26
CA GLU A 237 31.35 -23.14 -16.02
C GLU A 237 31.84 -24.18 -17.02
N ASN A 238 31.92 -23.81 -18.29
CA ASN A 238 32.39 -24.72 -19.33
C ASN A 238 32.74 -23.93 -20.57
N LEU A 239 34.01 -23.94 -20.98
CA LEU A 239 34.43 -23.20 -22.16
C LEU A 239 33.89 -23.80 -23.45
N THR A 240 33.28 -24.99 -23.42
CA THR A 240 32.69 -25.57 -24.61
C THR A 240 31.64 -24.64 -25.20
N ASN A 241 30.70 -24.18 -24.38
CA ASN A 241 29.73 -23.18 -24.79
C ASN A 241 30.41 -21.83 -24.77
N ASN A 242 30.67 -21.27 -25.95
CA ASN A 242 31.28 -19.95 -26.05
C ASN A 242 30.36 -18.84 -25.55
N ALA A 243 29.06 -19.12 -25.38
CA ALA A 243 28.09 -18.07 -25.05
C ALA A 243 28.07 -17.70 -23.56
N LYS A 244 28.73 -18.45 -22.70
CA LYS A 244 28.74 -18.18 -21.26
C LYS A 244 29.79 -17.13 -20.91
N ILE A 245 29.60 -16.49 -19.75
CA ILE A 245 30.36 -15.32 -19.38
C ILE A 245 31.58 -15.76 -18.55
N ILE A 246 32.78 -15.54 -19.10
CA ILE A 246 34.00 -15.83 -18.36
C ILE A 246 34.36 -14.64 -17.49
N ILE A 247 34.65 -14.94 -16.22
CA ILE A 247 34.98 -13.91 -15.23
C ILE A 247 36.48 -14.00 -14.97
N VAL A 248 37.14 -12.85 -15.01
CA VAL A 248 38.57 -12.74 -14.74
C VAL A 248 38.73 -11.85 -13.51
N HIS A 249 39.45 -12.33 -12.52
CA HIS A 249 39.90 -11.51 -11.40
C HIS A 249 41.29 -10.98 -11.70
N LEU A 250 41.66 -9.89 -11.03
CA LEU A 250 42.94 -9.24 -11.20
C LEU A 250 43.66 -9.13 -9.86
N HIS A 251 44.99 -9.22 -9.91
CA HIS A 251 45.80 -9.18 -8.69
C HIS A 251 46.20 -7.75 -8.36
N THR A 252 46.93 -7.10 -9.27
CA THR A 252 47.24 -5.70 -9.10
C THR A 252 46.03 -4.86 -9.54
N PRO A 253 45.72 -3.77 -8.82
CA PRO A 253 44.62 -2.93 -9.29
C PRO A 253 45.03 -2.10 -10.49
N VAL A 254 44.04 -1.76 -11.31
CA VAL A 254 44.16 -0.75 -12.34
C VAL A 254 43.23 0.38 -11.95
N GLU A 255 43.68 1.62 -12.12
CA GLU A 255 42.95 2.77 -11.60
C GLU A 255 42.17 3.45 -12.73
N ILE A 256 40.94 3.86 -12.42
CA ILE A 256 40.06 4.57 -13.34
C ILE A 256 39.52 5.79 -12.64
N VAL A 257 39.53 6.92 -13.33
CA VAL A 257 38.98 8.18 -12.82
C VAL A 257 38.17 8.83 -13.94
N CYS A 258 37.00 9.34 -13.60
CA CYS A 258 36.12 10.01 -14.54
C CYS A 258 35.86 11.44 -14.08
N THR A 259 35.15 12.18 -14.91
CA THR A 259 34.83 13.58 -14.62
C THR A 259 33.68 14.02 -15.53
N ARG A 260 32.78 14.83 -14.97
CA ARG A 260 31.78 15.55 -15.74
C ARG A 260 32.14 17.03 -15.70
N PRO A 261 33.00 17.53 -16.61
CA PRO A 261 33.49 18.91 -16.46
C PRO A 261 32.42 19.97 -16.64
N ASN A 262 31.28 19.64 -17.24
CA ASN A 262 30.16 20.57 -17.27
C ASN A 262 29.71 20.87 -15.85
N ASN A 263 29.36 22.14 -15.61
CA ASN A 263 28.86 22.58 -14.32
C ASN A 263 27.35 22.74 -14.43
N ASN A 264 26.63 21.63 -14.29
CA ASN A 264 25.18 21.67 -14.28
C ASN A 264 24.70 22.41 -13.04
N THR A 265 23.55 23.08 -13.18
CA THR A 265 22.87 23.74 -12.09
C THR A 265 21.45 23.21 -12.00
N ARG A 266 20.96 23.01 -10.78
CA ARG A 266 19.64 22.43 -10.58
C ARG A 266 18.58 23.52 -10.61
N LYS A 267 17.46 23.22 -11.27
CA LYS A 267 16.32 24.13 -11.38
C LYS A 267 15.12 23.44 -10.75
N SER A 268 14.50 24.09 -9.78
CA SER A 268 13.38 23.52 -9.04
C SER A 268 12.07 23.95 -9.70
N VAL A 269 11.23 22.97 -10.01
CA VAL A 269 9.93 23.18 -10.63
C VAL A 269 8.88 22.51 -9.75
N ARG A 270 7.78 23.20 -9.51
CA ARG A 270 6.71 22.71 -8.65
C ARG A 270 5.63 22.08 -9.51
N ILE A 271 5.45 20.77 -9.36
CA ILE A 271 4.68 19.95 -10.31
C ILE A 271 3.60 19.24 -9.49
N GLY A 272 2.39 19.79 -9.49
CA GLY A 272 1.30 19.23 -8.73
C GLY A 272 1.27 19.73 -7.30
N PRO A 273 0.22 19.39 -6.57
CA PRO A 273 0.05 19.97 -5.23
C PRO A 273 1.06 19.41 -4.23
N GLY A 274 1.89 20.31 -3.70
CA GLY A 274 2.79 19.97 -2.61
C GLY A 274 3.93 19.05 -2.95
N GLN A 275 4.42 19.07 -4.19
CA GLN A 275 5.52 18.21 -4.60
C GLN A 275 6.28 18.88 -5.73
N THR A 276 7.60 18.70 -5.72
CA THR A 276 8.51 19.43 -6.59
C THR A 276 9.22 18.48 -7.54
N PHE A 277 9.54 19.00 -8.72
CA PHE A 277 10.37 18.35 -9.71
C PHE A 277 11.63 19.18 -9.91
N TYR A 278 12.77 18.51 -10.07
CA TYR A 278 14.06 19.17 -10.24
C TYR A 278 14.62 18.88 -11.62
N ALA A 279 15.08 19.91 -12.31
CA ALA A 279 15.64 19.82 -13.64
C ALA A 279 17.03 20.49 -13.65
N THR A 280 17.58 20.63 -14.85
CA THR A 280 18.86 21.29 -15.06
C THR A 280 18.61 22.68 -15.63
N GLY A 281 19.17 23.69 -14.98
CA GLY A 281 19.12 25.05 -15.46
C GLY A 281 20.29 25.34 -16.39
N ASP A 282 20.65 26.62 -16.47
CA ASP A 282 21.77 27.02 -17.31
C ASP A 282 23.06 26.39 -16.81
N ILE A 283 23.96 26.10 -17.75
CA ILE A 283 25.27 25.53 -17.44
C ILE A 283 26.24 26.68 -17.25
N ILE A 284 26.88 26.74 -16.08
CA ILE A 284 27.89 27.75 -15.85
C ILE A 284 29.16 27.38 -16.59
N GLY A 285 29.76 28.36 -17.26
CA GLY A 285 31.04 28.14 -17.92
C GLY A 285 30.89 27.59 -19.33
N ASP A 286 31.91 26.88 -19.78
CA ASP A 286 31.99 26.33 -21.12
C ASP A 286 31.54 24.88 -21.15
N ILE A 287 31.22 24.40 -22.36
CA ILE A 287 30.70 23.06 -22.57
C ILE A 287 31.87 22.13 -22.89
N LYS A 288 31.88 20.97 -22.24
CA LYS A 288 33.00 20.03 -22.35
C LYS A 288 32.45 18.61 -22.31
N GLN A 289 33.33 17.66 -22.64
CA GLN A 289 32.94 16.25 -22.80
C GLN A 289 33.28 15.47 -21.54
N ALA A 290 32.35 14.60 -21.14
CA ALA A 290 32.60 13.68 -20.04
C ALA A 290 33.50 12.55 -20.51
N HIS A 291 34.39 12.09 -19.62
CA HIS A 291 35.43 11.16 -20.00
C HIS A 291 35.88 10.35 -18.80
N CYS A 292 36.61 9.28 -19.07
CA CYS A 292 37.28 8.47 -18.05
C CYS A 292 38.68 8.12 -18.54
N ASN A 293 39.64 8.17 -17.63
CA ASN A 293 41.05 7.96 -17.94
C ASN A 293 41.58 6.70 -17.29
N ILE A 294 42.47 6.02 -18.00
CA ILE A 294 43.23 4.88 -17.49
C ILE A 294 44.67 5.07 -17.98
N SER A 295 45.63 4.53 -17.23
CA SER A 295 47.03 4.55 -17.63
C SER A 295 47.29 3.38 -18.57
N GLU A 296 47.85 3.66 -19.75
CA GLU A 296 47.86 2.66 -20.81
C GLU A 296 49.00 1.66 -20.71
N GLU A 297 50.13 2.02 -20.10
CA GLU A 297 51.18 1.01 -19.89
C GLU A 297 50.74 0.00 -18.84
N LYS A 298 50.08 0.46 -17.79
CA LYS A 298 49.59 -0.44 -16.76
C LYS A 298 48.42 -1.27 -17.28
N TRP A 299 47.54 -0.66 -18.08
CA TRP A 299 46.47 -1.43 -18.72
C TRP A 299 47.03 -2.46 -19.69
N ASN A 300 48.04 -2.08 -20.49
CA ASN A 300 48.64 -3.03 -21.41
C ASN A 300 49.30 -4.19 -20.67
N ASP A 301 50.02 -3.89 -19.59
CA ASP A 301 50.65 -4.95 -18.81
C ASP A 301 49.59 -5.88 -18.25
N THR A 302 48.55 -5.31 -17.64
CA THR A 302 47.48 -6.11 -17.06
C THR A 302 46.82 -6.99 -18.13
N LEU A 303 46.64 -6.44 -19.33
CA LEU A 303 45.98 -7.20 -20.38
C LEU A 303 46.89 -8.34 -20.86
N GLN A 304 48.20 -8.10 -20.93
CA GLN A 304 49.12 -9.18 -21.27
C GLN A 304 49.13 -10.26 -20.19
N LYS A 305 49.03 -9.86 -18.92
CA LYS A 305 48.98 -10.86 -17.86
C LYS A 305 47.71 -11.68 -17.93
N VAL A 306 46.59 -11.06 -18.31
CA VAL A 306 45.40 -11.85 -18.65
C VAL A 306 45.69 -12.77 -19.82
N GLY A 307 46.47 -12.30 -20.80
CA GLY A 307 46.68 -13.07 -22.00
C GLY A 307 47.45 -14.35 -21.75
N ILE A 308 48.40 -14.32 -20.82
CA ILE A 308 49.15 -15.53 -20.47
C ILE A 308 48.31 -16.49 -19.63
N GLU A 309 47.10 -16.08 -19.24
CA GLU A 309 46.17 -16.95 -18.52
C GLU A 309 44.99 -17.40 -19.38
N LEU A 310 44.72 -16.71 -20.50
CA LEU A 310 43.76 -17.21 -21.49
C LEU A 310 44.42 -18.18 -22.46
N GLN A 311 45.72 -18.01 -22.71
CA GLN A 311 46.44 -18.91 -23.59
C GLN A 311 46.57 -20.31 -23.00
N LYS A 312 46.40 -20.44 -21.68
CA LYS A 312 46.60 -21.72 -21.01
C LYS A 312 45.62 -22.78 -21.51
N HIS A 313 44.40 -22.38 -21.84
CA HIS A 313 43.33 -23.32 -22.20
C HIS A 313 43.20 -23.53 -23.69
N PHE A 314 43.82 -22.67 -24.51
CA PHE A 314 43.75 -22.76 -25.97
C PHE A 314 45.16 -22.55 -26.51
N PRO A 315 46.09 -23.46 -26.22
CA PRO A 315 47.52 -23.16 -26.43
C PRO A 315 47.91 -22.85 -27.87
N ASN A 316 47.29 -23.53 -28.85
CA ASN A 316 47.69 -23.33 -30.24
C ASN A 316 47.14 -22.06 -30.86
N LYS A 317 46.25 -21.35 -30.16
CA LYS A 317 45.52 -20.21 -30.72
C LYS A 317 45.91 -18.96 -29.96
N THR A 318 46.34 -17.94 -30.68
CA THR A 318 46.76 -16.68 -30.08
C THR A 318 45.53 -15.79 -29.81
N ILE A 319 45.79 -14.64 -29.21
CA ILE A 319 44.79 -13.86 -28.50
C ILE A 319 44.57 -12.54 -29.22
N LYS A 320 43.30 -12.13 -29.32
CA LYS A 320 42.93 -10.84 -29.87
C LYS A 320 41.70 -10.34 -29.13
N TYR A 321 41.78 -9.12 -28.60
CA TYR A 321 40.68 -8.47 -27.90
C TYR A 321 39.95 -7.57 -28.89
N ASN A 322 38.62 -7.70 -28.95
CA ASN A 322 37.82 -7.08 -29.99
C ASN A 322 36.70 -6.25 -29.38
N GLN A 323 36.20 -5.31 -30.18
CA GLN A 323 35.20 -4.34 -29.75
C GLN A 323 33.92 -5.04 -29.31
N SER A 324 33.12 -4.32 -28.52
CA SER A 324 31.89 -4.82 -27.91
C SER A 324 30.88 -5.31 -28.94
N ALA A 325 29.79 -5.92 -28.48
CA ALA A 325 28.82 -6.53 -29.36
C ALA A 325 28.14 -5.52 -30.28
N GLY A 326 27.84 -4.32 -29.77
CA GLY A 326 27.10 -3.35 -30.55
C GLY A 326 25.60 -3.50 -30.36
N GLY A 327 24.86 -2.67 -31.08
CA GLY A 327 23.40 -2.72 -31.03
C GLY A 327 22.88 -1.83 -29.93
N ASP A 328 22.21 -2.44 -28.94
CA ASP A 328 21.60 -1.68 -27.85
C ASP A 328 22.68 -1.00 -27.02
N MET A 329 22.40 0.25 -26.62
CA MET A 329 23.35 1.00 -25.80
C MET A 329 23.53 0.33 -24.44
N GLU A 330 22.45 -0.21 -23.88
CA GLU A 330 22.52 -0.81 -22.55
C GLU A 330 23.41 -2.05 -22.51
N ILE A 331 23.68 -2.67 -23.65
CA ILE A 331 24.55 -3.84 -23.72
C ILE A 331 25.96 -3.46 -24.16
N THR A 332 26.08 -2.68 -25.23
CA THR A 332 27.36 -2.44 -25.88
C THR A 332 28.15 -1.29 -25.27
N THR A 333 27.87 -0.90 -24.03
CA THR A 333 28.57 0.19 -23.37
C THR A 333 28.88 -0.19 -21.93
N HIS A 334 29.96 0.37 -21.41
CA HIS A 334 30.27 0.29 -19.98
C HIS A 334 29.50 1.38 -19.27
N SER A 335 28.63 0.97 -18.34
CA SER A 335 27.81 1.90 -17.58
C SER A 335 27.98 1.62 -16.09
N PHE A 336 27.79 2.65 -15.29
CA PHE A 336 28.00 2.57 -13.86
C PHE A 336 27.45 3.83 -13.23
N ASN A 337 27.55 3.89 -11.90
CA ASN A 337 27.00 4.99 -11.12
C ASN A 337 28.16 5.65 -10.39
N CYS A 338 28.15 6.98 -10.34
CA CYS A 338 29.17 7.74 -9.65
C CYS A 338 28.62 9.10 -9.26
N GLY A 339 28.63 9.39 -7.96
CA GLY A 339 28.12 10.66 -7.47
C GLY A 339 26.63 10.82 -7.64
N GLY A 340 25.92 9.72 -7.87
CA GLY A 340 24.49 9.75 -8.14
C GLY A 340 24.13 9.91 -9.60
N GLU A 341 25.08 10.27 -10.46
CA GLU A 341 24.86 10.34 -11.90
C GLU A 341 25.29 9.04 -12.57
N PHE A 342 24.75 8.82 -13.76
CA PHE A 342 24.90 7.55 -14.48
C PHE A 342 25.65 7.82 -15.77
N PHE A 343 26.81 7.19 -15.92
CA PHE A 343 27.66 7.33 -17.10
C PHE A 343 27.45 6.16 -18.04
N TYR A 344 27.63 6.39 -19.33
CA TYR A 344 27.50 5.36 -20.37
C TYR A 344 28.64 5.57 -21.36
N CYS A 345 29.63 4.68 -21.33
CA CYS A 345 30.88 4.86 -22.04
C CYS A 345 30.99 3.92 -23.23
N ASN A 346 31.37 4.48 -24.38
CA ASN A 346 31.68 3.71 -25.57
C ASN A 346 33.15 3.31 -25.46
N THR A 347 33.40 2.03 -25.18
CA THR A 347 34.69 1.56 -24.69
C THR A 347 35.40 0.63 -25.68
N SER A 348 35.38 0.99 -26.97
CA SER A 348 36.17 0.25 -27.93
C SER A 348 37.66 0.57 -27.83
N ASN A 349 38.02 1.62 -27.10
CA ASN A 349 39.41 2.06 -27.10
C ASN A 349 40.27 1.18 -26.19
N LEU A 350 39.68 0.67 -25.09
CA LEU A 350 40.41 -0.14 -24.13
C LEU A 350 40.75 -1.54 -24.65
N PHE A 351 39.97 -2.06 -25.59
CA PHE A 351 39.98 -3.48 -25.93
C PHE A 351 40.18 -3.67 -27.43
N ASN A 352 41.22 -3.03 -27.96
CA ASN A 352 41.72 -3.26 -29.30
C ASN A 352 43.19 -3.64 -29.19
N GLY A 353 43.54 -4.80 -29.70
CA GLY A 353 44.91 -5.28 -29.63
C GLY A 353 44.97 -6.73 -30.05
N THR A 354 46.17 -7.27 -30.00
CA THR A 354 46.42 -8.67 -30.32
C THR A 354 47.69 -9.12 -29.60
N TYR A 355 47.55 -10.15 -28.76
CA TYR A 355 48.60 -10.59 -27.86
C TYR A 355 49.15 -11.94 -28.31
N ASN A 356 50.46 -12.13 -28.13
CA ASN A 356 51.20 -13.24 -28.74
C ASN A 356 52.14 -13.92 -27.74
N GLY A 357 51.71 -14.09 -26.50
CA GLY A 357 52.45 -14.93 -25.56
C GLY A 357 53.70 -14.32 -24.99
N THR A 358 54.56 -13.78 -25.86
CA THR A 358 55.70 -13.00 -25.42
C THR A 358 55.23 -11.80 -24.59
N TYR A 359 56.16 -11.23 -23.84
CA TYR A 359 55.88 -10.07 -22.99
C TYR A 359 56.51 -8.83 -23.61
N ILE A 360 55.66 -7.94 -24.12
CA ILE A 360 56.07 -6.63 -24.62
C ILE A 360 55.97 -5.68 -23.43
N SER A 361 57.12 -5.21 -22.94
CA SER A 361 57.19 -4.62 -21.62
C SER A 361 56.83 -3.14 -21.62
N THR A 362 56.58 -2.62 -20.42
CA THR A 362 56.38 -1.19 -20.23
C THR A 362 57.69 -0.41 -20.26
N ASN A 363 58.80 -1.03 -19.85
CA ASN A 363 60.07 -0.36 -19.68
C ASN A 363 60.87 -0.45 -20.98
N SER A 364 61.61 0.60 -21.34
CA SER A 364 61.73 1.92 -20.71
C SER A 364 60.49 2.75 -21.00
N SER A 365 60.07 3.57 -20.04
CA SER A 365 58.85 4.34 -20.18
C SER A 365 59.07 5.51 -21.14
N ALA A 366 58.33 5.53 -22.24
CA ALA A 366 58.40 6.67 -23.16
C ALA A 366 57.84 7.92 -22.53
N ASN A 367 56.72 7.81 -21.81
CA ASN A 367 56.12 8.94 -21.12
C ASN A 367 55.27 8.40 -19.99
N SER A 368 55.72 8.60 -18.75
CA SER A 368 55.01 8.08 -17.59
C SER A 368 53.65 8.72 -17.39
N THR A 369 53.40 9.89 -17.97
CA THR A 369 52.12 10.57 -17.87
C THR A 369 51.15 10.16 -18.98
N SER A 370 51.46 9.11 -19.73
CA SER A 370 50.57 8.66 -20.80
C SER A 370 49.32 8.01 -20.20
N THR A 371 48.21 8.14 -20.92
CA THR A 371 46.94 7.59 -20.47
C THR A 371 46.08 7.24 -21.69
N ILE A 372 45.05 6.45 -21.44
CA ILE A 372 44.04 6.08 -22.43
C ILE A 372 42.71 6.61 -21.94
N THR A 373 42.06 7.43 -22.77
CA THR A 373 40.89 8.22 -22.35
C THR A 373 39.66 7.74 -23.09
N GLN A 375 35.30 8.20 -23.60
CA GLN A 375 34.29 9.24 -23.66
C GLN A 375 32.93 8.63 -23.37
N CYS A 376 32.13 9.33 -22.55
CA CYS A 376 30.91 8.77 -21.99
C CYS A 376 29.75 9.75 -22.14
N ARG A 377 28.55 9.19 -22.27
CA ARG A 377 27.30 9.93 -22.27
C ARG A 377 26.62 9.82 -20.90
N ILE A 378 25.57 10.61 -20.72
CA ILE A 378 24.84 10.68 -19.45
C ILE A 378 23.35 10.64 -19.74
N LYS A 379 22.60 9.88 -18.92
CA LYS A 379 21.16 9.72 -19.07
C LYS A 379 20.50 9.93 -17.73
N GLN A 380 19.30 10.51 -17.76
CA GLN A 380 18.46 10.67 -16.57
C GLN A 380 17.34 9.64 -16.50
N ILE A 381 16.71 9.31 -17.63
CA ILE A 381 15.65 8.32 -17.67
C ILE A 381 16.32 6.96 -17.78
N ILE A 382 16.26 6.18 -16.71
CA ILE A 382 17.02 4.94 -16.58
C ILE A 382 16.03 3.79 -16.43
N ASN A 383 16.06 2.84 -17.36
CA ASN A 383 15.35 1.58 -17.24
C ASN A 383 16.33 0.55 -16.69
N MET A 384 16.51 0.58 -15.37
CA MET A 384 17.68 -0.04 -14.75
C MET A 384 17.60 -1.56 -14.68
N TRP A 385 16.42 -2.16 -14.55
CA TRP A 385 16.27 -3.59 -14.72
C TRP A 385 15.03 -3.84 -15.55
N GLN A 386 15.00 -4.99 -16.22
CA GLN A 386 13.94 -5.28 -17.17
C GLN A 386 12.68 -5.74 -16.43
N GLY A 387 11.59 -5.02 -16.65
CA GLY A 387 10.32 -5.38 -16.04
C GLY A 387 10.27 -5.28 -14.53
N VAL A 388 10.95 -4.29 -13.94
CA VAL A 388 11.03 -4.15 -12.49
C VAL A 388 10.16 -3.02 -11.96
N GLY A 389 9.42 -2.32 -12.83
CA GLY A 389 9.12 -0.93 -12.57
C GLY A 389 10.32 -0.13 -13.05
N ARG A 390 10.54 -0.21 -14.37
CA ARG A 390 11.85 0.09 -14.94
C ARG A 390 12.32 1.50 -14.63
N CYS A 391 11.42 2.48 -14.64
CA CYS A 391 11.80 3.87 -14.56
C CYS A 391 12.50 4.21 -13.26
N MET A 392 13.60 4.95 -13.35
CA MET A 392 14.05 5.86 -12.32
C MET A 392 14.54 7.12 -13.00
N TYR A 393 13.95 8.25 -12.65
CA TYR A 393 14.45 9.54 -13.12
C TYR A 393 15.49 10.03 -12.11
N ALA A 394 16.75 10.01 -12.50
CA ALA A 394 17.82 10.43 -11.60
C ALA A 394 17.89 11.95 -11.59
N PRO A 395 17.63 12.63 -10.47
CA PRO A 395 17.63 14.08 -10.50
C PRO A 395 19.04 14.61 -10.70
N PRO A 396 19.19 15.80 -11.31
CA PRO A 396 20.54 16.37 -11.44
C PRO A 396 21.15 16.69 -10.09
N ILE A 397 22.48 16.68 -10.06
CA ILE A 397 23.26 17.12 -8.90
C ILE A 397 23.96 18.42 -9.24
N ALA A 398 24.18 19.26 -8.23
CA ALA A 398 24.90 20.50 -8.42
C ALA A 398 26.40 20.25 -8.48
N GLY A 399 27.12 21.22 -9.04
CA GLY A 399 28.56 21.14 -9.09
C GLY A 399 29.06 20.16 -10.15
N ASN A 400 30.24 19.62 -9.90
CA ASN A 400 30.85 18.61 -10.75
C ASN A 400 31.33 17.46 -9.89
N ILE A 401 31.83 16.40 -10.53
CA ILE A 401 32.15 15.15 -9.85
C ILE A 401 33.40 14.52 -10.44
N THR A 402 34.02 13.65 -9.63
CA THR A 402 35.12 12.79 -10.05
C THR A 402 34.88 11.39 -9.50
N CYS A 403 35.48 10.40 -10.17
CA CYS A 403 35.18 8.99 -9.93
C CYS A 403 36.45 8.15 -9.87
N ARG A 404 37.43 8.56 -9.08
CA ARG A 404 38.64 7.75 -8.96
C ARG A 404 38.31 6.42 -8.30
N SER A 405 38.70 5.33 -8.96
CA SER A 405 38.27 3.99 -8.55
C SER A 405 39.31 2.98 -9.01
N ASN A 406 39.04 1.70 -8.68
CA ASN A 406 39.92 0.59 -9.00
C ASN A 406 39.18 -0.44 -9.83
N ILE A 407 39.84 -0.97 -10.86
CA ILE A 407 39.34 -2.13 -11.58
C ILE A 407 39.88 -3.38 -10.90
N THR A 408 39.01 -4.38 -10.75
CA THR A 408 39.37 -5.64 -10.10
C THR A 408 38.97 -6.88 -10.91
N GLY A 409 38.45 -6.72 -12.11
CA GLY A 409 38.10 -7.88 -12.91
C GLY A 409 37.36 -7.49 -14.16
N LEU A 410 37.30 -8.44 -15.08
CA LEU A 410 36.68 -8.26 -16.38
C LEU A 410 35.58 -9.29 -16.57
N LEU A 411 34.58 -8.93 -17.38
CA LEU A 411 33.58 -9.85 -17.89
C LEU A 411 33.74 -9.93 -19.40
N LEU A 412 33.87 -11.15 -19.93
CA LEU A 412 34.31 -11.37 -21.30
C LEU A 412 33.41 -12.37 -22.01
N THR A 413 33.46 -12.31 -23.34
CA THR A 413 32.92 -13.34 -24.21
C THR A 413 34.07 -13.97 -24.98
N ARG A 414 34.17 -15.30 -24.91
CA ARG A 414 35.02 -16.04 -25.83
C ARG A 414 34.28 -16.19 -27.15
N ASP A 415 34.91 -15.77 -28.24
CA ASP A 415 34.25 -15.68 -29.54
C ASP A 415 34.56 -16.91 -30.37
N GLY A 416 33.55 -17.34 -31.15
CA GLY A 416 33.70 -18.55 -31.94
C GLY A 416 34.77 -18.41 -33.01
N GLY A 417 35.09 -19.55 -33.62
CA GLY A 417 36.18 -19.58 -34.57
C GLY A 417 35.81 -18.94 -35.90
N THR A 418 36.83 -18.67 -36.69
CA THR A 418 36.65 -18.09 -38.03
C THR A 418 37.86 -18.47 -38.88
N ASN A 419 37.61 -19.29 -39.90
CA ASN A 419 38.66 -19.77 -40.80
C ASN A 419 39.77 -20.52 -40.05
N SER A 420 39.48 -21.05 -38.87
CA SER A 420 40.46 -21.68 -37.99
C SER A 420 41.63 -20.76 -37.70
N ASN A 421 41.36 -19.45 -37.58
CA ASN A 421 42.43 -18.46 -37.47
C ASN A 421 43.16 -18.61 -36.15
N GLU A 422 44.49 -18.51 -36.22
CA GLU A 422 45.33 -18.62 -35.03
C GLU A 422 45.04 -17.49 -34.04
N THR A 423 44.49 -16.37 -34.51
CA THR A 423 44.22 -15.20 -33.68
C THR A 423 42.75 -15.14 -33.24
N GLU A 424 42.14 -16.29 -32.96
CA GLU A 424 40.77 -16.36 -32.48
C GLU A 424 40.61 -15.49 -31.23
N THR A 425 39.48 -14.78 -31.17
CA THR A 425 39.41 -13.52 -30.45
C THR A 425 38.53 -13.62 -29.21
N PHE A 426 38.62 -12.56 -28.40
CA PHE A 426 37.84 -12.37 -27.19
C PHE A 426 37.24 -10.96 -27.23
N ARG A 427 36.22 -10.73 -26.42
CA ARG A 427 35.48 -9.48 -26.40
C ARG A 427 35.14 -9.10 -24.97
N PRO A 428 34.85 -7.82 -24.71
CA PRO A 428 34.09 -7.48 -23.50
C PRO A 428 32.65 -7.91 -23.68
N ALA A 429 31.97 -8.15 -22.56
CA ALA A 429 30.64 -8.75 -22.58
C ALA A 429 29.77 -8.18 -21.47
N GLY A 430 28.64 -7.60 -21.84
CA GLY A 430 27.62 -7.29 -20.87
C GLY A 430 26.86 -8.53 -20.43
N GLY A 431 26.26 -8.45 -19.26
CA GLY A 431 25.58 -9.60 -18.73
C GLY A 431 24.66 -9.22 -17.58
N ASP A 432 24.10 -10.25 -16.95
CA ASP A 432 23.19 -10.04 -15.85
C ASP A 432 23.92 -9.49 -14.63
N MET A 433 23.16 -8.82 -13.76
CA MET A 433 23.72 -8.33 -12.51
C MET A 433 23.99 -9.46 -11.52
N ARG A 434 23.39 -10.63 -11.73
CA ARG A 434 23.75 -11.79 -10.93
C ARG A 434 25.21 -12.18 -11.16
N ASP A 435 25.65 -12.17 -12.43
CA ASP A 435 27.05 -12.45 -12.72
C ASP A 435 27.97 -11.40 -12.11
N ASN A 436 27.48 -10.18 -11.92
CA ASN A 436 28.28 -9.15 -11.27
C ASN A 436 28.55 -9.52 -9.82
N TRP A 437 27.54 -10.04 -9.12
CA TRP A 437 27.68 -10.38 -7.71
C TRP A 437 28.23 -11.79 -7.50
N ARG A 438 28.14 -12.66 -8.51
CA ARG A 438 28.78 -13.97 -8.41
C ARG A 438 30.29 -13.86 -8.35
N SER A 439 30.86 -12.73 -8.79
CA SER A 439 32.30 -12.54 -8.75
C SER A 439 32.85 -12.33 -7.34
N GLU A 440 31.98 -12.16 -6.34
CA GLU A 440 32.40 -11.72 -5.02
C GLU A 440 31.89 -12.59 -3.87
N LEU A 441 31.07 -13.59 -4.14
CA LEU A 441 30.59 -14.54 -3.12
C LEU A 441 31.05 -15.96 -3.39
N TYR A 442 32.06 -16.16 -4.24
CA TYR A 442 32.50 -17.50 -4.59
C TYR A 442 33.06 -18.27 -3.40
N LYS A 443 33.59 -17.55 -2.40
CA LYS A 443 34.28 -18.21 -1.31
C LYS A 443 33.35 -18.98 -0.39
N TYR A 444 32.04 -18.78 -0.47
CA TYR A 444 31.12 -19.18 0.59
C TYR A 444 30.13 -20.24 0.12
N LYS A 445 29.70 -21.06 1.08
CA LYS A 445 28.54 -21.93 0.93
C LYS A 445 27.77 -21.94 2.25
N VAL A 446 26.54 -22.44 2.18
CA VAL A 446 25.66 -22.55 3.34
C VAL A 446 25.43 -24.03 3.65
N VAL A 447 25.33 -24.35 4.93
CA VAL A 447 25.10 -25.72 5.39
C VAL A 447 24.10 -25.70 6.55
N LYS A 448 23.51 -26.86 6.80
CA LYS A 448 22.54 -27.06 7.87
C LYS A 448 23.10 -28.10 8.85
N ILE A 449 23.15 -27.75 10.12
CA ILE A 449 23.79 -28.58 11.14
C ILE A 449 22.79 -29.61 11.64
N GLU A 450 23.28 -30.82 11.89
CA GLU A 450 22.47 -31.97 12.30
C GLU A 450 23.01 -32.49 13.63
N PRO A 451 22.56 -31.93 14.76
CA PRO A 451 23.20 -32.28 16.04
C PRO A 451 22.95 -33.70 16.52
N LEU A 452 21.98 -34.43 15.96
CA LEU A 452 21.54 -35.72 16.49
C LEU A 452 22.07 -36.85 15.61
N GLY A 453 22.88 -37.73 16.22
CA GLY A 453 23.43 -38.87 15.52
C GLY A 453 23.61 -40.04 16.47
N VAL A 454 23.78 -41.23 15.87
CA VAL A 454 23.75 -42.50 16.59
C VAL A 454 25.02 -43.28 16.31
N ALA A 455 25.61 -43.84 17.37
CA ALA A 455 26.83 -44.65 17.28
C ALA A 455 26.76 -45.70 18.38
N PRO A 456 27.60 -46.75 18.31
CA PRO A 456 27.56 -47.78 19.36
C PRO A 456 28.39 -47.39 20.57
N THR A 457 27.72 -47.23 21.71
CA THR A 457 28.40 -47.13 23.00
C THR A 457 28.69 -48.55 23.48
N ARG A 458 29.05 -48.68 24.76
CA ARG A 458 29.08 -49.96 25.44
C ARG A 458 28.24 -49.96 26.71
N CYS A 459 27.49 -48.90 26.97
CA CYS A 459 26.50 -48.91 28.04
C CYS A 459 25.50 -50.04 27.83
N LYS A 460 25.05 -50.63 28.92
CA LYS A 460 23.73 -51.23 28.94
C LYS A 460 22.76 -50.25 29.60
N ARG A 461 21.46 -50.54 29.52
CA ARG A 461 20.43 -49.68 30.06
C ARG A 461 19.77 -50.33 31.27
N ARG A 462 19.19 -49.48 32.11
CA ARG A 462 18.42 -49.88 33.27
C ARG A 462 16.97 -49.47 33.05
N VAL A 463 16.06 -50.15 33.73
CA VAL A 463 14.62 -50.00 33.47
C VAL A 463 14.16 -48.56 33.62
N LEU B 9 35.98 -23.58 21.78
CA LEU B 9 36.37 -24.42 20.67
C LEU B 9 35.79 -23.96 19.34
N GLY B 10 34.75 -23.12 19.37
CA GLY B 10 34.10 -22.67 18.17
C GLY B 10 32.92 -23.54 17.79
N PHE B 11 32.12 -23.02 16.85
CA PHE B 11 30.89 -23.69 16.46
C PHE B 11 31.12 -25.05 15.84
N LEU B 12 32.25 -25.26 15.16
CA LEU B 12 32.54 -26.51 14.46
C LEU B 12 33.97 -26.95 14.71
N GLY B 13 34.39 -26.98 15.97
CA GLY B 13 35.76 -27.33 16.30
C GLY B 13 36.06 -28.82 16.30
N ALA B 14 35.13 -29.64 15.78
CA ALA B 14 35.33 -31.07 15.66
C ALA B 14 34.90 -31.64 14.32
N ALA B 15 34.52 -30.80 13.34
CA ALA B 15 34.14 -31.31 12.04
C ALA B 15 35.33 -32.01 11.38
N GLY B 16 35.14 -33.29 11.06
CA GLY B 16 36.25 -34.09 10.57
C GLY B 16 37.21 -34.54 11.64
N SER B 17 36.81 -34.53 12.91
CA SER B 17 37.63 -35.00 14.01
C SER B 17 37.16 -36.37 14.48
N THR B 18 37.96 -36.98 15.36
CA THR B 18 37.70 -38.35 15.77
C THR B 18 36.56 -38.41 16.79
N MET B 19 36.07 -39.63 17.03
CA MET B 19 34.94 -39.81 17.94
C MET B 19 35.28 -39.35 19.35
N GLY B 20 36.48 -39.68 19.83
CA GLY B 20 36.86 -39.34 21.18
C GLY B 20 36.85 -37.85 21.41
N ALA B 21 37.45 -37.10 20.49
CA ALA B 21 37.46 -35.64 20.62
C ALA B 21 36.09 -35.04 20.37
N ALA B 22 35.34 -35.58 19.41
CA ALA B 22 34.08 -34.97 19.01
C ALA B 22 32.92 -35.29 19.96
N SER B 23 33.04 -36.35 20.76
CA SER B 23 31.99 -36.73 21.70
C SER B 23 32.15 -36.10 23.07
N MET B 24 33.37 -35.80 23.48
CA MET B 24 33.59 -34.86 24.56
C MET B 24 33.39 -33.44 24.04
N THR B 25 32.96 -32.55 24.94
CA THR B 25 32.59 -31.18 24.60
C THR B 25 31.62 -31.14 23.42
N LEU B 26 30.47 -31.78 23.62
CA LEU B 26 29.36 -31.65 22.70
C LEU B 26 28.59 -30.35 22.90
N THR B 27 28.75 -29.72 24.07
CA THR B 27 27.90 -28.59 24.43
C THR B 27 28.09 -27.42 23.48
N VAL B 28 29.33 -27.20 23.03
CA VAL B 28 29.66 -25.99 22.27
C VAL B 28 28.84 -25.91 20.99
N GLN B 29 28.54 -27.05 20.39
CA GLN B 29 27.71 -27.10 19.20
C GLN B 29 26.22 -27.16 19.51
N ALA B 30 25.85 -27.36 20.78
CA ALA B 30 24.45 -27.47 21.14
C ALA B 30 23.86 -26.13 21.55
N ARG B 31 24.68 -25.22 22.06
CA ARG B 31 24.15 -23.98 22.62
C ARG B 31 23.68 -23.00 21.55
N ASN B 32 24.37 -22.95 20.41
CA ASN B 32 24.18 -21.89 19.43
C ASN B 32 22.94 -22.16 18.56
N LEU B 33 21.78 -22.09 19.19
CA LEU B 33 20.48 -21.99 18.53
C LEU B 33 19.71 -20.79 19.08
N LEU B 34 20.38 -19.65 19.12
CA LEU B 34 19.82 -18.41 19.69
C LEU B 34 20.41 -17.23 18.93
N SER B 35 19.63 -16.64 18.04
CA SER B 35 20.04 -15.46 17.28
C SER B 35 18.80 -14.89 16.60
N GLY B 36 19.01 -13.95 15.68
CA GLY B 36 17.94 -13.41 14.86
C GLY B 36 17.29 -12.16 15.41
N THR B 37 17.11 -11.16 14.54
CA THR B 37 16.43 -9.93 14.92
C THR B 37 15.95 -9.23 13.65
N VAL B 38 15.19 -8.16 13.86
CA VAL B 38 14.13 -7.75 12.94
C VAL B 38 14.67 -7.45 11.54
N TRP B 39 14.03 -8.05 10.53
CA TRP B 39 14.03 -7.55 9.15
C TRP B 39 12.75 -8.05 8.48
N GLY B 40 11.70 -7.24 8.54
CA GLY B 40 10.50 -7.53 7.78
C GLY B 40 9.83 -8.85 8.15
N ILE B 41 8.94 -9.29 7.25
CA ILE B 41 8.17 -10.50 7.49
C ILE B 41 9.06 -11.73 7.38
N LYS B 42 9.96 -11.74 6.39
CA LYS B 42 10.72 -12.94 6.08
C LYS B 42 11.68 -13.32 7.21
N GLN B 43 12.14 -12.33 7.97
CA GLN B 43 12.94 -12.63 9.15
C GLN B 43 12.12 -13.43 10.15
N LEU B 44 10.93 -12.96 10.48
CA LEU B 44 10.11 -13.67 11.46
C LEU B 44 9.68 -15.02 10.93
N GLN B 45 9.58 -15.17 9.60
CA GLN B 45 9.55 -16.50 9.03
C GLN B 45 10.86 -17.22 9.27
N ALA B 46 11.98 -16.52 9.10
CA ALA B 46 13.30 -17.13 9.24
C ALA B 46 13.60 -17.55 10.68
N ARG B 47 12.81 -17.10 11.65
CA ARG B 47 13.03 -17.50 13.04
C ARG B 47 12.35 -18.83 13.36
N VAL B 48 12.58 -19.85 12.52
CA VAL B 48 12.23 -21.21 12.94
C VAL B 48 13.20 -21.66 14.02
N LEU B 49 14.50 -21.39 13.82
CA LEU B 49 15.56 -21.37 14.84
C LEU B 49 15.46 -22.55 15.80
N ALA B 50 15.79 -22.33 17.09
CA ALA B 50 15.36 -23.27 18.12
C ALA B 50 13.86 -23.48 18.07
N VAL B 51 13.09 -22.43 17.78
CA VAL B 51 11.64 -22.42 17.96
C VAL B 51 10.97 -23.60 17.29
N GLU B 52 11.54 -24.11 16.20
CA GLU B 52 11.09 -25.35 15.58
C GLU B 52 12.17 -26.43 15.57
N ARG B 53 13.42 -26.09 15.21
CA ARG B 53 14.44 -27.12 15.11
C ARG B 53 14.73 -27.76 16.46
N TYR B 54 14.97 -26.93 17.48
CA TYR B 54 15.31 -27.44 18.79
C TYR B 54 14.14 -28.19 19.40
N LEU B 55 12.92 -27.66 19.22
CA LEU B 55 11.76 -28.34 19.77
C LEU B 55 11.54 -29.69 19.11
N ARG B 56 11.71 -29.77 17.79
CA ARG B 56 11.63 -31.07 17.11
C ARG B 56 12.66 -32.02 17.68
N ASP B 57 13.94 -31.65 17.60
CA ASP B 57 15.02 -32.55 17.97
C ASP B 57 14.91 -32.97 19.43
N GLN B 58 14.49 -32.06 20.30
CA GLN B 58 14.32 -32.41 21.71
C GLN B 58 13.11 -33.31 21.91
N GLN B 59 12.07 -33.16 21.10
CA GLN B 59 10.94 -34.07 21.20
C GLN B 59 11.35 -35.49 20.83
N LEU B 60 12.13 -35.65 19.74
CA LEU B 60 12.65 -36.97 19.43
C LEU B 60 13.54 -37.48 20.56
N LEU B 61 14.42 -36.61 21.06
CA LEU B 61 15.43 -37.04 22.02
C LEU B 61 14.82 -37.36 23.37
N GLY B 62 13.62 -36.84 23.66
CA GLY B 62 12.92 -37.15 24.89
C GLY B 62 11.98 -38.33 24.76
N ILE B 63 11.34 -38.47 23.59
CA ILE B 63 10.47 -39.61 23.33
C ILE B 63 11.24 -40.92 23.42
N TRP B 64 12.54 -40.90 23.15
CA TRP B 64 13.40 -42.07 23.28
C TRP B 64 13.93 -42.25 24.70
N GLY B 65 13.50 -41.42 25.66
CA GLY B 65 13.95 -41.53 27.02
C GLY B 65 15.20 -40.75 27.37
N CYS B 66 15.83 -40.12 26.38
CA CYS B 66 17.09 -39.41 26.59
C CYS B 66 16.88 -37.92 26.82
N SER B 67 16.23 -37.53 27.92
CA SER B 67 16.01 -36.12 28.18
C SER B 67 17.30 -35.45 28.63
N GLY B 68 18.21 -35.21 27.69
CA GLY B 68 19.48 -34.57 27.96
C GLY B 68 20.25 -34.28 26.68
N LYS B 69 20.79 -33.07 26.54
CA LYS B 69 21.45 -32.64 25.31
C LYS B 69 22.93 -33.06 25.31
N LEU B 70 23.13 -34.36 25.50
CA LEU B 70 24.48 -34.90 25.61
C LEU B 70 24.41 -36.40 25.33
N ILE B 71 25.47 -37.12 25.72
CA ILE B 71 25.49 -38.57 25.51
C ILE B 71 24.39 -39.21 26.37
N CYS B 72 23.65 -40.12 25.76
CA CYS B 72 22.62 -40.89 26.45
C CYS B 72 22.68 -42.33 26.00
N CYS B 73 22.51 -43.26 26.94
CA CYS B 73 22.65 -44.68 26.67
C CYS B 73 21.26 -45.29 26.46
N THR B 74 20.92 -45.59 25.20
CA THR B 74 19.74 -46.38 24.89
C THR B 74 20.11 -47.87 24.89
N ASN B 75 19.09 -48.73 24.65
CA ASN B 75 19.25 -50.16 24.80
C ASN B 75 19.04 -50.96 23.51
N VAL B 76 18.77 -50.31 22.39
CA VAL B 76 18.36 -51.09 21.21
C VAL B 76 19.59 -51.80 20.63
N PRO B 77 19.48 -53.08 20.23
CA PRO B 77 20.70 -53.82 19.87
C PRO B 77 21.24 -53.43 18.49
N TRP B 78 22.50 -53.00 18.47
CA TRP B 78 23.29 -52.95 17.27
C TRP B 78 23.28 -54.31 16.59
N ASN B 79 23.41 -54.31 15.25
CA ASN B 79 23.08 -55.49 14.45
C ASN B 79 24.20 -55.77 13.46
N SER B 80 24.28 -57.04 13.05
CA SER B 80 25.25 -57.46 12.05
C SER B 80 24.97 -56.81 10.69
N SER B 81 23.69 -56.67 10.33
CA SER B 81 23.31 -56.23 9.01
C SER B 81 23.36 -54.72 8.82
N TRP B 82 23.76 -53.95 9.84
CA TRP B 82 23.85 -52.50 9.75
C TRP B 82 25.27 -51.95 9.89
N SER B 83 26.25 -52.76 10.29
CA SER B 83 27.55 -52.22 10.67
C SER B 83 28.67 -52.56 9.69
N ASN B 84 29.04 -53.83 9.63
CA ASN B 84 29.91 -54.39 8.59
C ASN B 84 31.30 -53.76 8.47
N ARG B 85 31.65 -52.83 9.35
CA ARG B 85 33.02 -52.37 9.52
C ARG B 85 33.41 -52.61 10.96
N ASN B 86 34.69 -52.95 11.19
CA ASN B 86 35.10 -53.50 12.47
C ASN B 86 34.78 -52.56 13.60
N LEU B 87 34.28 -53.12 14.70
CA LEU B 87 33.75 -52.31 15.80
C LEU B 87 34.83 -51.41 16.40
N SER B 88 35.99 -51.99 16.70
CA SER B 88 37.05 -51.23 17.35
C SER B 88 37.63 -50.15 16.44
N GLU B 89 37.49 -50.31 15.13
CA GLU B 89 38.04 -49.34 14.18
C GLU B 89 37.35 -47.98 14.31
N ILE B 90 36.05 -47.98 14.58
CA ILE B 90 35.24 -46.78 14.40
C ILE B 90 35.56 -45.75 15.48
N TRP B 91 35.64 -46.18 16.72
CA TRP B 91 35.62 -45.20 17.80
C TRP B 91 36.96 -44.47 17.95
N ASP B 92 38.02 -44.96 17.31
CA ASP B 92 39.34 -44.34 17.41
C ASP B 92 39.73 -43.57 16.16
N ASN B 93 39.24 -43.98 14.98
CA ASN B 93 39.78 -43.52 13.71
C ASN B 93 38.86 -42.54 12.98
N MET B 94 37.58 -42.89 12.80
CA MET B 94 36.73 -42.17 11.87
C MET B 94 36.18 -40.88 12.45
N THR B 95 35.53 -40.10 11.59
CA THR B 95 34.81 -38.89 11.94
C THR B 95 33.31 -39.08 11.73
N TRP B 96 32.53 -38.21 12.37
CA TRP B 96 31.08 -38.24 12.20
C TRP B 96 30.71 -37.95 10.76
N LEU B 97 31.41 -37.01 10.14
CA LEU B 97 31.24 -36.48 8.81
C LEU B 97 31.56 -37.50 7.72
N GLN B 98 31.93 -38.73 8.09
CA GLN B 98 31.88 -39.88 7.19
C GLN B 98 31.11 -41.07 7.76
N TRP B 99 30.71 -41.02 9.04
CA TRP B 99 29.92 -42.10 9.64
C TRP B 99 28.44 -41.95 9.32
N ASP B 100 27.91 -40.72 9.40
CA ASP B 100 26.51 -40.49 9.06
C ASP B 100 26.21 -40.87 7.61
N LYS B 101 27.22 -40.78 6.75
CA LYS B 101 27.03 -41.11 5.34
C LYS B 101 27.02 -42.60 5.09
N GLU B 102 27.57 -43.40 6.01
CA GLU B 102 27.48 -44.85 5.93
C GLU B 102 26.25 -45.41 6.65
N ILE B 103 25.75 -44.71 7.66
CA ILE B 103 24.59 -45.18 8.42
C ILE B 103 23.27 -44.60 7.91
N SER B 104 23.31 -43.71 6.90
CA SER B 104 22.15 -42.90 6.55
C SER B 104 20.92 -43.71 6.13
N ASN B 105 21.10 -44.98 5.76
CA ASN B 105 19.96 -45.78 5.31
C ASN B 105 19.00 -46.09 6.45
N TYR B 106 19.53 -46.57 7.58
CA TYR B 106 18.70 -47.16 8.63
C TYR B 106 18.29 -46.18 9.71
N THR B 107 18.18 -44.88 9.40
CA THR B 107 17.75 -43.92 10.40
C THR B 107 16.30 -44.16 10.83
N GLN B 108 15.42 -44.40 9.86
CA GLN B 108 13.99 -44.43 10.16
C GLN B 108 13.60 -45.63 11.01
N ILE B 109 14.25 -46.78 10.82
CA ILE B 109 13.96 -47.95 11.64
C ILE B 109 14.42 -47.71 13.07
N ILE B 110 15.62 -47.15 13.22
CA ILE B 110 16.17 -46.88 14.55
C ILE B 110 15.29 -45.86 15.27
N TYR B 111 14.77 -44.87 14.53
CA TYR B 111 13.96 -43.83 15.14
C TYR B 111 12.62 -44.35 15.66
N GLY B 112 12.19 -45.56 15.27
CA GLY B 112 11.01 -46.18 15.83
C GLY B 112 11.37 -47.19 16.90
N LEU B 113 12.49 -47.87 16.70
CA LEU B 113 12.98 -48.83 17.69
C LEU B 113 13.25 -48.13 19.03
N LEU B 114 13.88 -46.95 18.97
CA LEU B 114 14.28 -46.27 20.20
C LEU B 114 13.08 -45.80 21.01
N GLU B 115 11.95 -45.50 20.36
CA GLU B 115 10.76 -45.05 21.09
C GLU B 115 9.89 -46.22 21.53
N GLU B 116 9.78 -47.27 20.72
CA GLU B 116 8.99 -48.42 21.18
C GLU B 116 9.69 -49.10 22.35
N SER B 117 11.03 -49.11 22.36
CA SER B 117 11.72 -49.61 23.56
C SER B 117 11.48 -48.72 24.77
N GLN B 118 11.40 -47.40 24.60
CA GLN B 118 11.11 -46.52 25.73
C GLN B 118 9.72 -46.79 26.30
N ASN B 119 8.72 -46.91 25.42
CA ASN B 119 7.38 -47.23 25.90
C ASN B 119 7.35 -48.60 26.57
N GLN B 120 8.11 -49.55 26.04
CA GLN B 120 8.22 -50.86 26.66
C GLN B 120 8.82 -50.76 28.06
N GLN B 121 9.84 -49.92 28.24
CA GLN B 121 10.61 -49.92 29.48
C GLN B 121 10.01 -49.07 30.58
N GLU B 122 9.38 -47.93 30.25
CA GLU B 122 8.73 -47.14 31.29
C GLU B 122 7.48 -47.83 31.82
N LYS B 123 6.91 -48.78 31.06
CA LYS B 123 5.77 -49.54 31.57
C LYS B 123 6.12 -50.29 32.83
N ASN B 124 7.31 -50.89 32.88
CA ASN B 124 7.71 -51.66 34.05
C ASN B 124 7.88 -50.79 35.29
N GLU B 125 7.98 -49.47 35.12
CA GLU B 125 7.93 -48.58 36.29
C GLU B 125 6.57 -48.66 36.97
N GLN B 126 5.50 -48.77 36.18
CA GLN B 126 4.16 -48.84 36.75
C GLN B 126 4.01 -50.06 37.65
N ASP B 127 4.53 -51.21 37.22
CA ASP B 127 4.45 -52.42 38.03
C ASP B 127 5.43 -52.37 39.20
N LEU B 128 6.65 -51.89 38.95
CA LEU B 128 7.71 -51.99 39.95
C LEU B 128 7.53 -51.04 41.13
N LEU B 129 6.55 -50.13 41.08
CA LEU B 129 6.15 -49.35 42.25
C LEU B 129 4.65 -49.37 42.46
N ALA B 130 3.93 -50.34 41.89
CA ALA B 130 2.55 -50.65 42.24
C ALA B 130 2.43 -51.99 42.95
N GLN C 1 56.74 34.30 -32.77
CA GLN C 1 56.28 35.69 -33.04
C GLN C 1 54.76 35.73 -33.08
N VAL C 2 54.17 36.66 -32.32
CA VAL C 2 52.72 36.76 -32.16
C VAL C 2 52.29 38.21 -32.32
N GLN C 3 51.22 38.42 -33.09
CA GLN C 3 50.57 39.71 -33.18
C GLN C 3 49.07 39.52 -33.13
N LEU C 4 48.38 40.50 -32.53
CA LEU C 4 46.93 40.53 -32.43
C LEU C 4 46.44 41.87 -32.98
N VAL C 5 46.86 42.19 -34.20
CA VAL C 5 46.51 43.45 -34.85
C VAL C 5 44.99 43.63 -34.85
N GLN C 6 44.55 44.80 -34.43
CA GLN C 6 43.14 45.19 -34.44
C GLN C 6 42.88 46.17 -35.59
N SER C 7 41.59 46.42 -35.82
CA SER C 7 41.21 47.44 -36.80
C SER C 7 41.40 48.83 -36.18
N GLY C 8 41.22 49.85 -37.02
CA GLY C 8 41.46 51.21 -36.59
C GLY C 8 40.36 51.74 -35.68
N ALA C 9 40.60 52.94 -35.17
CA ALA C 9 39.65 53.61 -34.30
C ALA C 9 38.55 54.29 -35.12
N GLU C 10 37.44 54.58 -34.47
CA GLU C 10 36.32 55.22 -35.16
C GLU C 10 35.35 55.81 -34.13
N LEU C 11 35.13 57.12 -34.22
CA LEU C 11 34.20 57.80 -33.32
C LEU C 11 32.76 57.60 -33.81
N LYS C 12 31.83 57.45 -32.87
CA LYS C 12 30.44 57.18 -33.16
C LYS C 12 29.55 58.13 -32.35
N LYS C 13 28.34 58.33 -32.85
CA LYS C 13 27.33 59.03 -32.07
C LYS C 13 26.90 58.16 -30.89
N PRO C 14 26.61 58.75 -29.72
CA PRO C 14 26.07 57.93 -28.63
C PRO C 14 24.74 57.31 -29.04
N GLY C 15 24.57 56.03 -28.68
CA GLY C 15 23.43 55.26 -29.13
C GLY C 15 23.63 54.55 -30.46
N ALA C 16 24.77 54.74 -31.11
CA ALA C 16 25.06 54.11 -32.40
C ALA C 16 25.56 52.69 -32.20
N SER C 17 26.17 52.11 -33.24
CA SER C 17 26.79 50.78 -33.13
C SER C 17 28.15 50.81 -33.82
N VAL C 18 28.99 49.83 -33.48
CA VAL C 18 30.34 49.74 -34.03
C VAL C 18 30.84 48.30 -34.02
N LYS C 19 31.39 47.86 -35.15
CA LYS C 19 32.05 46.56 -35.25
C LYS C 19 33.53 46.76 -34.99
N VAL C 20 34.12 45.92 -34.14
CA VAL C 20 35.56 45.95 -33.88
C VAL C 20 36.12 44.56 -34.17
N SER C 21 37.16 44.49 -34.98
CA SER C 21 37.76 43.25 -35.44
C SER C 21 39.17 43.10 -34.88
N CYS C 22 39.58 41.84 -34.69
CA CYS C 22 40.87 41.50 -34.12
C CYS C 22 41.48 40.38 -34.94
N LYS C 23 42.68 40.63 -35.49
CA LYS C 23 43.31 39.74 -36.45
C LYS C 23 44.28 38.80 -35.76
N ALA C 24 44.30 37.55 -36.19
CA ALA C 24 45.29 36.59 -35.69
C ALA C 24 46.55 36.64 -36.54
N SER C 25 47.67 36.28 -35.92
CA SER C 25 48.96 36.26 -36.61
C SER C 25 49.90 35.34 -35.85
N GLY C 26 50.47 34.37 -36.55
CA GLY C 26 51.35 33.41 -35.94
C GLY C 26 50.67 32.19 -35.35
N TYR C 27 49.34 32.16 -35.33
CA TYR C 27 48.61 31.01 -34.83
C TYR C 27 47.21 31.03 -35.43
N THR C 28 46.55 29.90 -35.37
CA THR C 28 45.16 29.76 -35.81
C THR C 28 44.24 30.05 -34.63
N LEU C 29 43.21 30.85 -34.88
CA LEU C 29 42.38 31.36 -33.79
C LEU C 29 41.66 30.23 -33.04
N SER C 30 41.48 29.08 -33.69
CA SER C 30 40.73 27.99 -33.09
C SER C 30 41.45 27.36 -31.90
N ASP C 31 42.73 27.67 -31.66
CA ASP C 31 43.41 27.09 -30.51
C ASP C 31 42.91 27.67 -29.19
N TYR C 32 42.78 29.00 -29.09
CA TYR C 32 42.58 29.68 -27.81
C TYR C 32 41.25 30.43 -27.78
N TYR C 33 40.73 30.62 -26.56
CA TYR C 33 39.63 31.54 -26.36
C TYR C 33 40.10 32.97 -26.60
N VAL C 34 39.20 33.82 -27.11
CA VAL C 34 39.49 35.23 -27.35
C VAL C 34 38.73 36.05 -26.33
N HIS C 35 39.46 36.79 -25.51
CA HIS C 35 38.89 37.63 -24.46
C HIS C 35 38.91 39.08 -24.92
N TRP C 36 37.83 39.80 -24.61
CA TRP C 36 37.66 41.19 -25.01
C TRP C 36 37.68 42.07 -23.77
N LEU C 37 38.54 43.09 -23.78
CA LEU C 37 38.78 43.92 -22.62
C LEU C 37 38.82 45.37 -23.07
N ARG C 38 38.95 46.28 -22.10
CA ARG C 38 38.81 47.72 -22.36
C ARG C 38 39.72 48.50 -21.44
N GLN C 39 39.83 49.80 -21.71
CA GLN C 39 40.54 50.74 -20.83
C GLN C 39 40.08 52.16 -21.15
N ALA C 40 39.34 52.77 -20.22
CA ALA C 40 38.88 54.14 -20.38
C ALA C 40 39.94 55.12 -19.88
N PRO C 41 39.92 56.37 -20.36
CA PRO C 41 40.98 57.32 -19.99
C PRO C 41 40.93 57.67 -18.51
N GLY C 42 41.99 57.31 -17.79
CA GLY C 42 42.05 57.52 -16.35
C GLY C 42 41.51 56.39 -15.51
N GLN C 43 40.91 55.37 -16.12
CA GLN C 43 40.37 54.21 -15.43
C GLN C 43 41.23 52.99 -15.74
N GLY C 44 40.89 51.88 -15.07
CA GLY C 44 41.64 50.66 -15.19
C GLY C 44 41.17 49.79 -16.35
N LEU C 45 41.48 48.50 -16.23
CA LEU C 45 41.05 47.52 -17.22
C LEU C 45 39.70 46.93 -16.84
N GLU C 46 38.78 46.91 -17.80
CA GLU C 46 37.43 46.40 -17.62
C GLU C 46 37.24 45.22 -18.55
N TRP C 47 36.69 44.12 -18.02
CA TRP C 47 36.54 42.88 -18.75
C TRP C 47 35.16 42.81 -19.36
N VAL C 48 35.10 42.48 -20.65
CA VAL C 48 33.87 42.56 -21.43
C VAL C 48 33.26 41.18 -21.69
N ALA C 49 34.03 40.26 -22.27
CA ALA C 49 33.48 38.96 -22.61
C ALA C 49 34.61 38.04 -23.07
N TRP C 50 34.29 36.74 -23.18
CA TRP C 50 35.10 35.79 -23.92
C TRP C 50 34.25 35.19 -25.03
N ILE C 51 34.91 34.59 -26.01
CA ILE C 51 34.25 33.77 -27.02
C ILE C 51 35.06 32.50 -27.19
N ASN C 52 34.38 31.36 -27.19
CA ASN C 52 34.95 30.11 -27.67
C ASN C 52 34.86 30.16 -29.19
N PRO C 53 35.93 30.47 -29.92
CA PRO C 53 35.78 30.80 -31.35
C PRO C 53 35.23 29.67 -32.21
N THR C 54 35.31 28.43 -31.75
CA THR C 54 34.82 27.31 -32.55
C THR C 54 33.30 27.23 -32.49
N SER C 55 32.75 27.00 -31.30
CA SER C 55 31.31 26.91 -31.13
C SER C 55 30.65 28.28 -31.10
N GLY C 56 31.41 29.36 -31.01
CA GLY C 56 30.82 30.67 -30.92
C GLY C 56 30.11 30.93 -29.62
N ARG C 57 30.31 30.09 -28.61
CA ARG C 57 29.69 30.30 -27.31
C ARG C 57 30.41 31.41 -26.56
N THR C 58 29.62 32.23 -25.87
CA THR C 58 30.13 33.45 -25.25
C THR C 58 29.50 33.64 -23.88
N ILE C 59 30.20 34.41 -23.04
CA ILE C 59 29.66 34.88 -21.77
C ILE C 59 30.21 36.29 -21.53
N SER C 60 29.32 37.18 -21.10
CA SER C 60 29.65 38.56 -20.74
C SER C 60 28.99 38.85 -19.40
N PRO C 61 29.62 39.67 -18.53
CA PRO C 61 29.29 39.58 -17.10
C PRO C 61 27.86 39.95 -16.72
N ARG C 62 27.52 41.24 -16.68
CA ARG C 62 26.12 41.70 -16.72
C ARG C 62 25.97 42.99 -17.53
N LYS C 63 26.93 43.90 -17.38
CA LYS C 63 26.79 45.25 -17.90
C LYS C 63 26.70 45.29 -19.41
N PHE C 64 27.22 44.26 -20.08
CA PHE C 64 27.32 44.22 -21.53
C PHE C 64 26.38 43.21 -22.18
N GLN C 65 25.55 42.53 -21.40
CA GLN C 65 24.62 41.57 -21.97
C GLN C 65 23.54 42.31 -22.74
N GLY C 66 23.45 42.03 -24.04
CA GLY C 66 22.60 42.78 -24.94
C GLY C 66 23.40 43.82 -25.69
N ARG C 67 24.33 44.47 -25.00
CA ARG C 67 25.20 45.45 -25.65
C ARG C 67 26.10 44.78 -26.68
N VAL C 68 26.63 43.60 -26.36
CA VAL C 68 27.73 42.99 -27.09
C VAL C 68 27.24 41.74 -27.81
N THR C 69 27.54 41.65 -29.10
CA THR C 69 27.26 40.48 -29.93
C THR C 69 28.55 40.07 -30.62
N MET C 70 28.71 38.76 -30.85
CA MET C 70 30.00 38.15 -31.14
C MET C 70 29.93 37.24 -32.36
N THR C 71 31.03 37.21 -33.11
CA THR C 71 31.18 36.33 -34.27
C THR C 71 32.67 36.06 -34.47
N THR C 72 32.97 35.03 -35.27
CA THR C 72 34.29 34.82 -35.82
C THR C 72 34.16 34.28 -37.24
N ASP C 73 35.25 34.41 -38.00
CA ASP C 73 35.39 33.79 -39.31
C ASP C 73 36.78 33.17 -39.36
N THR C 74 36.89 31.93 -38.87
CA THR C 74 38.20 31.28 -38.76
C THR C 74 38.80 30.96 -40.12
N SER C 75 38.01 30.94 -41.19
CA SER C 75 38.59 30.89 -42.53
C SER C 75 39.43 32.13 -42.79
N MET C 76 38.93 33.31 -42.40
CA MET C 76 39.72 34.53 -42.44
C MET C 76 40.61 34.68 -41.21
N ASN C 77 40.34 33.92 -40.14
CA ASN C 77 41.17 33.91 -38.94
C ASN C 77 41.08 35.22 -38.19
N VAL C 78 39.87 35.75 -38.05
CA VAL C 78 39.60 37.05 -37.45
C VAL C 78 38.46 36.91 -36.46
N ALA C 79 38.50 37.73 -35.41
CA ALA C 79 37.47 37.78 -34.37
C ALA C 79 36.88 39.18 -34.32
N TYR C 80 35.55 39.24 -34.21
CA TYR C 80 34.81 40.49 -34.26
C TYR C 80 34.00 40.65 -32.97
N MET C 81 33.77 41.90 -32.58
CA MET C 81 32.88 42.22 -31.46
C MET C 81 32.12 43.48 -31.81
N GLU C 82 30.79 43.43 -31.69
CA GLU C 82 29.92 44.54 -32.00
C GLU C 82 29.37 45.15 -30.71
N LEU C 83 29.33 46.47 -30.65
CA LEU C 83 28.68 47.20 -29.57
C LEU C 83 27.48 47.95 -30.12
N ARG C 84 26.45 48.11 -29.29
CA ARG C 84 25.26 48.86 -29.63
C ARG C 84 24.80 49.66 -28.41
N GLY C 85 24.09 50.75 -28.67
CA GLY C 85 23.65 51.63 -27.61
C GLY C 85 24.82 52.27 -26.90
N LEU C 86 25.58 53.10 -27.61
CA LEU C 86 26.81 53.65 -27.05
C LEU C 86 26.51 54.77 -26.05
N ARG C 87 27.47 55.00 -25.16
CA ARG C 87 27.41 56.05 -24.15
C ARG C 87 28.75 56.75 -24.11
N SER C 88 28.85 57.78 -23.26
CA SER C 88 30.11 58.51 -23.13
C SER C 88 31.21 57.61 -22.60
N ASP C 89 30.84 56.57 -21.85
CA ASP C 89 31.79 55.60 -21.31
C ASP C 89 32.60 54.94 -22.40
N ASP C 90 32.01 54.75 -23.58
CA ASP C 90 32.64 54.02 -24.67
C ASP C 90 33.80 54.76 -25.31
N THR C 91 34.17 55.94 -24.83
CA THR C 91 35.46 56.51 -25.14
C THR C 91 36.51 55.73 -24.36
N ALA C 92 36.94 54.59 -24.90
CA ALA C 92 37.82 53.69 -24.18
C ALA C 92 38.57 52.81 -25.16
N VAL C 93 39.72 52.29 -24.72
CA VAL C 93 40.64 51.56 -25.59
C VAL C 93 40.33 50.08 -25.48
N TYR C 94 39.59 49.55 -26.44
CA TYR C 94 39.26 48.13 -26.48
C TYR C 94 40.50 47.31 -26.76
N PHE C 95 40.66 46.20 -26.04
CA PHE C 95 41.76 45.25 -26.23
C PHE C 95 41.19 43.88 -26.50
N CYS C 96 41.76 43.19 -27.49
CA CYS C 96 41.53 41.77 -27.71
C CYS C 96 42.78 41.00 -27.28
N ALA C 97 42.55 39.81 -26.74
CA ALA C 97 43.63 39.01 -26.15
C ALA C 97 43.24 37.54 -26.16
N ARG C 98 44.17 36.69 -26.59
CA ARG C 98 43.95 35.26 -26.51
C ARG C 98 44.00 34.82 -25.05
N GLY C 99 43.06 33.98 -24.64
CA GLY C 99 43.06 33.42 -23.31
C GLY C 99 43.80 32.10 -23.22
N GLY C 100 43.11 31.07 -22.75
CA GLY C 100 43.72 29.77 -22.59
C GLY C 100 43.54 28.87 -23.79
N TRP C 101 44.36 27.83 -23.84
CA TRP C 101 44.24 26.81 -24.87
C TRP C 101 42.88 26.13 -24.72
N ILE C 102 42.28 25.76 -25.84
CA ILE C 102 40.98 25.09 -25.86
C ILE C 102 41.23 23.59 -25.76
N SER C 103 40.89 23.00 -24.62
CA SER C 103 41.00 21.58 -24.39
C SER C 103 39.61 20.99 -24.22
N LEU C 104 39.35 19.88 -24.90
CA LEU C 104 38.02 19.29 -24.90
C LEU C 104 37.63 18.70 -23.54
N TYR C 105 38.59 18.52 -22.63
CA TYR C 105 38.37 17.81 -21.38
C TYR C 105 38.47 18.68 -20.13
N VAL C 106 38.88 19.94 -20.25
CA VAL C 106 39.04 20.84 -19.12
C VAL C 106 38.67 22.25 -19.54
N ASP C 107 37.90 22.93 -18.68
CA ASP C 107 37.34 24.25 -18.98
C ASP C 107 38.35 25.31 -18.55
N TYR C 108 39.02 25.93 -19.53
CA TYR C 108 39.94 27.03 -19.30
C TYR C 108 39.38 28.36 -19.81
N SER C 109 38.07 28.43 -20.05
CA SER C 109 37.51 29.61 -20.70
C SER C 109 37.60 30.85 -19.82
N TYR C 110 37.49 30.68 -18.51
CA TYR C 110 36.97 31.73 -17.64
C TYR C 110 37.97 32.24 -16.61
N TYR C 111 39.29 32.18 -16.89
CA TYR C 111 40.25 32.64 -15.89
C TYR C 111 41.37 33.49 -16.48
N PRO C 112 41.96 34.41 -15.69
CA PRO C 112 42.79 35.49 -16.24
C PRO C 112 44.23 35.06 -16.49
N ASN C 113 44.45 34.44 -17.64
CA ASN C 113 45.76 33.95 -18.07
C ASN C 113 46.15 34.55 -19.41
N PHE C 114 45.94 35.86 -19.57
CA PHE C 114 46.06 36.47 -20.88
C PHE C 114 47.51 36.46 -21.33
N ASP C 115 47.74 35.83 -22.49
CA ASP C 115 49.09 35.56 -22.95
C ASP C 115 49.65 36.76 -23.71
N SER C 116 48.94 37.22 -24.74
CA SER C 116 49.33 38.41 -25.47
C SER C 116 48.08 39.20 -25.82
N TRP C 117 48.29 40.48 -26.16
CA TRP C 117 47.23 41.47 -26.22
C TRP C 117 47.25 42.18 -27.56
N GLY C 118 46.11 42.75 -27.94
CA GLY C 118 46.08 43.67 -29.04
C GLY C 118 46.80 44.96 -28.70
N GLN C 119 47.14 45.72 -29.74
CA GLN C 119 47.81 47.00 -29.48
C GLN C 119 46.85 48.01 -28.83
N GLY C 120 45.59 48.00 -29.24
CA GLY C 120 44.59 48.94 -28.75
C GLY C 120 43.92 49.74 -29.85
N THR C 121 42.60 49.62 -29.93
CA THR C 121 41.78 50.38 -30.86
C THR C 121 40.69 51.09 -30.07
N LEU C 122 40.34 52.31 -30.50
CA LEU C 122 39.52 53.22 -29.72
C LEU C 122 38.16 53.43 -30.40
N VAL C 123 37.10 53.09 -29.67
CA VAL C 123 35.79 53.67 -29.93
C VAL C 123 35.70 54.98 -29.17
N SER C 124 35.11 55.99 -29.79
CA SER C 124 35.07 57.33 -29.18
C SER C 124 33.69 57.92 -29.37
N VAL C 125 33.40 58.92 -28.54
CA VAL C 125 32.07 59.49 -28.41
C VAL C 125 32.22 60.98 -28.14
N SER C 126 31.21 61.75 -28.56
CA SER C 126 31.08 63.16 -28.23
C SER C 126 29.66 63.45 -27.77
N GLN D 1 28.66 43.85 -11.64
CA GLN D 1 29.34 42.58 -11.20
C GLN D 1 30.83 42.74 -10.83
N PRO D 2 31.61 43.55 -11.54
CA PRO D 2 32.99 43.79 -11.11
C PRO D 2 33.05 44.41 -9.72
N VAL D 3 33.80 43.77 -8.82
CA VAL D 3 33.83 44.14 -7.41
C VAL D 3 35.25 44.20 -6.83
N LEU D 4 36.25 43.70 -7.56
CA LEU D 4 37.57 43.51 -6.97
C LEU D 4 38.21 44.86 -6.65
N THR D 5 38.94 44.91 -5.54
CA THR D 5 39.46 46.14 -4.95
C THR D 5 40.96 46.02 -4.68
N GLN D 6 41.62 47.18 -4.59
CA GLN D 6 43.01 47.28 -4.18
C GLN D 6 43.34 48.75 -3.94
N PRO D 7 44.37 49.06 -3.11
CA PRO D 7 44.70 50.47 -2.88
C PRO D 7 45.12 51.21 -4.14
N ALA D 8 44.45 52.35 -4.41
CA ALA D 8 44.52 52.97 -5.73
C ALA D 8 45.90 53.53 -6.07
N SER D 9 46.74 53.83 -5.07
CA SER D 9 48.07 54.33 -5.35
C SER D 9 48.91 54.26 -4.09
N VAL D 10 50.17 53.85 -4.26
CA VAL D 10 51.12 53.71 -3.17
C VAL D 10 52.51 54.04 -3.73
N SER D 11 53.50 54.12 -2.85
CA SER D 11 54.88 54.43 -3.21
C SER D 11 55.83 53.44 -2.56
N GLY D 12 56.94 53.18 -3.25
CA GLY D 12 58.00 52.32 -2.73
C GLY D 12 59.26 53.11 -2.43
N SER D 13 60.24 52.38 -1.90
CA SER D 13 61.56 52.91 -1.59
C SER D 13 62.60 52.00 -2.26
N PRO D 14 63.63 52.54 -2.92
CA PRO D 14 64.59 51.64 -3.60
C PRO D 14 65.32 50.73 -2.61
N GLY D 15 65.42 49.46 -2.99
CA GLY D 15 66.12 48.47 -2.20
C GLY D 15 65.32 47.82 -1.09
N GLN D 16 64.17 48.38 -0.73
CA GLN D 16 63.34 47.89 0.37
C GLN D 16 62.28 46.93 -0.17
N SER D 17 61.24 46.66 0.61
CA SER D 17 60.12 45.83 0.19
C SER D 17 58.82 46.60 0.35
N ILE D 18 57.86 46.30 -0.53
CA ILE D 18 56.54 46.91 -0.50
C ILE D 18 55.49 45.82 -0.65
N THR D 19 54.28 46.09 -0.15
CA THR D 19 53.15 45.18 -0.27
C THR D 19 52.10 45.83 -1.17
N ILE D 20 51.68 45.10 -2.20
CA ILE D 20 50.68 45.56 -3.16
C ILE D 20 49.63 44.46 -3.27
N SER D 21 48.46 44.70 -2.68
CA SER D 21 47.47 43.66 -2.43
C SER D 21 46.15 43.94 -3.13
N CYS D 22 45.26 42.95 -3.10
CA CYS D 22 43.89 43.06 -3.57
C CYS D 22 43.00 42.19 -2.70
N THR D 23 41.71 42.53 -2.69
CA THR D 23 40.73 41.83 -1.86
C THR D 23 39.45 41.61 -2.65
N GLY D 24 38.74 40.53 -2.31
CA GLY D 24 37.51 40.19 -2.99
C GLY D 24 36.53 39.45 -2.10
N SER D 25 35.80 38.50 -2.68
CA SER D 25 34.83 37.70 -1.96
C SER D 25 35.15 36.22 -2.14
N SER D 26 34.63 35.40 -1.23
CA SER D 26 34.88 33.96 -1.29
C SER D 26 34.35 33.35 -2.59
N SER D 27 33.37 34.01 -3.23
CA SER D 27 32.92 33.61 -4.54
C SER D 27 34.01 33.69 -5.61
N ASP D 28 34.96 34.62 -5.50
CA ASP D 28 35.91 34.86 -6.58
C ASP D 28 37.37 34.69 -6.23
N VAL D 29 37.79 34.88 -4.98
CA VAL D 29 39.20 34.79 -4.60
C VAL D 29 39.46 33.56 -3.73
N GLY D 30 38.55 33.22 -2.82
CA GLY D 30 38.70 31.99 -2.06
C GLY D 30 38.21 30.78 -2.83
N SER D 31 37.17 30.95 -3.64
CA SER D 31 36.62 29.81 -4.39
C SER D 31 37.60 29.28 -5.40
N TYR D 32 38.50 30.12 -5.91
CA TYR D 32 39.52 29.72 -6.86
C TYR D 32 40.82 30.41 -6.51
N ASN D 33 41.92 29.65 -6.55
CA ASN D 33 43.26 30.23 -6.44
C ASN D 33 43.75 30.86 -7.75
N LEU D 34 42.89 30.94 -8.75
CA LEU D 34 43.25 31.37 -10.09
C LEU D 34 43.36 32.90 -10.13
N VAL D 35 44.57 33.40 -9.90
CA VAL D 35 44.84 34.82 -9.70
C VAL D 35 46.05 35.18 -10.56
N SER D 36 46.10 36.43 -11.01
CA SER D 36 47.19 36.89 -11.86
C SER D 36 47.42 38.38 -11.62
N TRP D 37 48.60 38.84 -12.04
CA TRP D 37 49.02 40.23 -11.87
C TRP D 37 49.63 40.74 -13.16
N TYR D 38 49.30 41.99 -13.52
CA TYR D 38 49.57 42.53 -14.84
C TYR D 38 50.27 43.89 -14.75
N GLN D 39 51.22 44.11 -15.65
CA GLN D 39 51.93 45.37 -15.78
C GLN D 39 51.62 45.98 -17.13
N GLN D 40 51.22 47.25 -17.14
CA GLN D 40 50.95 47.99 -18.37
C GLN D 40 51.60 49.35 -18.27
N HIS D 41 52.42 49.69 -19.27
CA HIS D 41 52.96 51.03 -19.40
C HIS D 41 52.01 51.86 -20.27
N PRO D 42 51.70 53.12 -19.92
CA PRO D 42 50.84 53.92 -20.80
C PRO D 42 51.44 54.05 -22.20
N GLY D 43 50.56 54.00 -23.21
CA GLY D 43 51.00 53.98 -24.58
C GLY D 43 51.45 52.63 -25.09
N LYS D 44 51.32 51.57 -24.28
CA LYS D 44 51.72 50.22 -24.65
C LYS D 44 50.74 49.23 -24.06
N ALA D 45 50.87 47.97 -24.48
CA ALA D 45 49.93 46.93 -24.08
C ALA D 45 50.36 46.30 -22.76
N PRO D 46 49.46 45.57 -22.08
CA PRO D 46 49.83 44.94 -20.81
C PRO D 46 50.83 43.80 -21.00
N LYS D 47 51.15 43.16 -19.87
CA LYS D 47 52.17 42.12 -19.84
C LYS D 47 51.93 41.24 -18.63
N LEU D 48 51.71 39.94 -18.87
CA LEU D 48 51.42 38.99 -17.82
C LEU D 48 52.64 38.75 -16.95
N MET D 49 52.50 39.02 -15.63
CA MET D 49 53.62 39.00 -14.70
C MET D 49 53.43 38.00 -13.55
N ILE D 50 52.20 37.55 -13.30
CA ILE D 50 51.95 36.43 -12.38
C ILE D 50 50.73 35.70 -12.91
N TYR D 51 50.73 34.37 -12.77
CA TYR D 51 49.54 33.60 -13.10
C TYR D 51 49.46 32.40 -12.17
N GLU D 52 48.25 32.13 -11.70
CA GLU D 52 48.00 31.14 -10.66
C GLU D 52 48.92 31.36 -9.47
N VAL D 53 48.88 32.61 -8.98
CA VAL D 53 49.51 33.05 -7.74
C VAL D 53 51.03 33.11 -7.84
N ASN D 54 51.68 31.98 -8.21
CA ASN D 54 53.14 31.93 -8.11
C ASN D 54 53.81 31.17 -9.26
N LYS D 55 53.12 30.78 -10.33
CA LYS D 55 53.83 30.30 -11.51
C LYS D 55 54.51 31.49 -12.18
N TRP D 56 55.76 31.30 -12.57
CA TRP D 56 56.64 32.41 -12.95
C TRP D 56 56.33 32.81 -14.38
N ALA D 57 55.79 34.01 -14.56
CA ALA D 57 55.60 34.53 -15.91
C ALA D 57 56.94 34.93 -16.51
N SER D 58 56.98 34.94 -17.84
CA SER D 58 58.24 35.20 -18.54
C SER D 58 58.74 36.62 -18.28
N GLY D 59 60.05 36.74 -18.13
CA GLY D 59 60.69 38.02 -17.93
C GLY D 59 60.52 38.60 -16.54
N VAL D 60 59.99 37.83 -15.59
CA VAL D 60 59.73 38.34 -14.26
C VAL D 60 60.96 38.12 -13.40
N SER D 61 61.47 39.19 -12.80
CA SER D 61 62.57 39.07 -11.86
C SER D 61 62.08 38.49 -10.54
N ASP D 62 63.02 37.97 -9.75
CA ASP D 62 62.68 37.37 -8.47
C ASP D 62 62.25 38.40 -7.42
N ARG D 63 62.32 39.70 -7.72
CA ARG D 63 61.76 40.70 -6.84
C ARG D 63 60.25 40.51 -6.66
N PHE D 64 59.58 40.01 -7.70
CA PHE D 64 58.13 40.02 -7.78
C PHE D 64 57.56 38.79 -7.09
N ALA D 65 57.12 38.98 -5.86
CA ALA D 65 56.52 37.90 -5.11
C ALA D 65 55.06 37.70 -5.53
N GLY D 66 54.55 36.51 -5.23
CA GLY D 66 53.15 36.21 -5.44
C GLY D 66 52.64 35.30 -4.34
N SER D 67 51.60 35.72 -3.64
CA SER D 67 51.03 34.96 -2.54
C SER D 67 49.53 35.18 -2.50
N LYS D 68 48.84 34.27 -1.84
CA LYS D 68 47.40 34.35 -1.64
C LYS D 68 47.09 33.88 -0.23
N SER D 69 46.02 34.43 0.34
CA SER D 69 45.58 34.02 1.67
C SER D 69 44.10 34.38 1.82
N GLY D 70 43.25 33.36 1.83
CA GLY D 70 41.83 33.58 2.07
C GLY D 70 41.22 34.47 0.99
N ASN D 71 40.78 35.65 1.43
CA ASN D 71 40.15 36.63 0.55
C ASN D 71 41.14 37.68 0.03
N THR D 72 42.46 37.44 0.16
CA THR D 72 43.46 38.44 -0.18
C THR D 72 44.62 37.77 -0.92
N ALA D 73 45.35 38.59 -1.67
CA ALA D 73 46.56 38.18 -2.38
C ALA D 73 47.41 39.43 -2.58
N SER D 74 48.68 39.23 -2.94
CA SER D 74 49.59 40.37 -2.98
C SER D 74 50.83 40.10 -3.82
N LEU D 75 51.39 41.18 -4.36
CA LEU D 75 52.75 41.22 -4.89
C LEU D 75 53.65 41.85 -3.83
N THR D 76 54.10 41.04 -2.88
CA THR D 76 55.02 41.53 -1.85
C THR D 76 56.41 41.69 -2.47
N ILE D 77 56.55 42.78 -3.22
CA ILE D 77 57.79 43.03 -3.95
C ILE D 77 58.93 43.24 -2.97
N SER D 78 60.07 42.62 -3.25
CA SER D 78 61.28 42.75 -2.45
C SER D 78 62.45 43.10 -3.35
N ARG D 79 63.28 44.01 -2.85
CA ARG D 79 64.43 44.63 -3.53
C ARG D 79 64.01 45.68 -4.54
N LEU D 80 62.72 45.73 -4.90
CA LEU D 80 61.96 46.95 -5.15
C LEU D 80 62.74 48.04 -5.88
N GLN D 81 63.07 47.79 -7.15
CA GLN D 81 63.86 48.68 -8.00
C GLN D 81 62.94 49.69 -8.68
N ALA D 82 63.51 50.48 -9.60
CA ALA D 82 62.83 51.66 -10.14
C ALA D 82 62.28 51.48 -11.54
N GLU D 83 62.83 50.58 -12.36
CA GLU D 83 62.48 50.53 -13.78
C GLU D 83 61.19 49.75 -14.05
N ASP D 84 60.14 50.02 -13.28
CA ASP D 84 58.84 49.39 -13.43
C ASP D 84 57.71 50.35 -13.05
N GLU D 85 57.81 51.58 -13.57
CA GLU D 85 57.15 52.78 -13.06
C GLU D 85 55.63 52.85 -13.22
N ALA D 86 55.01 51.82 -13.80
CA ALA D 86 53.59 51.86 -14.15
C ALA D 86 52.84 50.89 -13.23
N ASN D 87 51.54 50.74 -13.50
CA ASN D 87 50.61 50.18 -12.53
C ASN D 87 50.70 48.65 -12.47
N TYR D 88 50.08 48.10 -11.43
CA TYR D 88 50.02 46.65 -11.20
C TYR D 88 48.58 46.27 -10.87
N PHE D 89 47.89 45.75 -11.87
CA PHE D 89 46.49 45.36 -11.73
C PHE D 89 46.39 43.94 -11.18
N CYS D 90 45.62 43.76 -10.12
CA CYS D 90 45.22 42.43 -9.68
C CYS D 90 44.13 41.90 -10.60
N SER D 91 43.84 40.61 -10.47
CA SER D 91 42.77 40.00 -11.26
C SER D 91 42.49 38.59 -10.74
N SER D 92 41.22 38.23 -10.73
CA SER D 92 40.79 36.89 -10.34
C SER D 92 39.46 36.60 -10.99
N SER D 93 39.09 35.33 -11.00
CA SER D 93 37.90 34.83 -11.69
C SER D 93 36.79 34.54 -10.69
N THR D 94 35.59 35.00 -11.00
CA THR D 94 34.43 34.73 -10.15
C THR D 94 33.89 33.32 -10.39
N ASN D 95 33.23 32.78 -9.37
CA ASN D 95 32.54 31.50 -9.51
C ASN D 95 31.33 31.58 -10.43
N SER D 96 30.91 32.78 -10.82
CA SER D 96 29.93 32.98 -11.87
C SER D 96 30.52 32.84 -13.28
N ALA D 97 31.75 32.33 -13.41
CA ALA D 97 32.43 32.15 -14.69
C ALA D 97 32.62 33.49 -15.39
N THR D 98 33.37 34.36 -14.73
CA THR D 98 33.77 35.64 -15.29
C THR D 98 35.13 36.02 -14.72
N VAL D 99 35.85 36.87 -15.46
CA VAL D 99 37.13 37.41 -15.02
C VAL D 99 36.89 38.80 -14.46
N ILE D 100 37.62 39.15 -13.40
CA ILE D 100 37.51 40.44 -12.73
C ILE D 100 38.88 41.08 -12.70
N PHE D 101 38.89 42.42 -12.72
CA PHE D 101 40.09 43.22 -12.56
C PHE D 101 39.94 44.15 -11.36
N GLY D 102 41.07 44.54 -10.79
CA GLY D 102 41.07 45.53 -9.74
C GLY D 102 41.06 46.94 -10.31
N GLY D 103 41.19 47.91 -9.40
CA GLY D 103 41.26 49.31 -9.76
C GLY D 103 42.63 49.82 -10.11
N GLY D 104 43.65 48.96 -10.08
CA GLY D 104 44.99 49.36 -10.43
C GLY D 104 45.66 50.16 -9.32
N THR D 105 46.98 49.98 -9.22
CA THR D 105 47.78 50.71 -8.25
C THR D 105 49.16 50.94 -8.86
N LYS D 106 49.70 52.14 -8.64
CA LYS D 106 50.91 52.56 -9.32
C LYS D 106 52.13 52.29 -8.46
N LEU D 107 53.12 51.59 -9.03
CA LEU D 107 54.43 51.44 -8.41
C LEU D 107 55.22 52.71 -8.66
N THR D 108 54.85 53.75 -7.88
CA THR D 108 55.37 55.10 -8.07
C THR D 108 56.78 55.22 -7.51
N VAL D 109 57.53 56.18 -8.08
CA VAL D 109 58.94 56.43 -7.80
C VAL D 109 59.14 56.61 -6.29
N LEU D 110 60.06 55.87 -5.63
CA LEU D 110 60.83 54.69 -6.08
C LEU D 110 61.78 54.91 -7.27
N GLU E 2 -7.67 -48.47 49.38
CA GLU E 2 -6.91 -48.14 48.14
C GLU E 2 -6.53 -46.66 48.13
N ASN E 3 -5.38 -46.34 48.72
CA ASN E 3 -4.90 -44.97 48.76
C ASN E 3 -4.41 -44.57 47.38
N LEU E 4 -5.34 -44.33 46.45
CA LEU E 4 -5.00 -44.25 45.05
C LEU E 4 -4.26 -42.95 44.75
N TRP E 5 -3.06 -43.10 44.20
CA TRP E 5 -2.26 -41.97 43.77
C TRP E 5 -2.68 -41.57 42.35
N VAL E 6 -3.12 -40.32 42.18
CA VAL E 6 -3.60 -39.88 40.88
C VAL E 6 -2.39 -39.63 39.98
N THR E 7 -2.47 -40.10 38.74
CA THR E 7 -1.40 -39.91 37.77
C THR E 7 -1.81 -38.93 36.66
N VAL E 8 -0.91 -38.76 35.70
CA VAL E 8 -1.13 -37.92 34.53
C VAL E 8 -0.65 -38.68 33.31
N TYR E 9 -1.41 -38.58 32.22
CA TYR E 9 -1.08 -39.17 30.93
C TYR E 9 -0.91 -38.07 29.91
N TYR E 10 0.04 -38.24 29.00
CA TYR E 10 0.27 -37.30 27.92
C TYR E 10 0.14 -38.04 26.60
N GLY E 11 -0.62 -37.46 25.68
CA GLY E 11 -1.05 -38.15 24.48
C GLY E 11 -2.46 -38.70 24.56
N VAL E 12 -3.34 -38.10 25.34
CA VAL E 12 -4.71 -38.59 25.53
C VAL E 12 -5.54 -38.27 24.29
N PRO E 13 -6.36 -39.22 23.77
CA PRO E 13 -7.29 -38.87 22.68
C PRO E 13 -8.59 -38.24 23.18
N VAL E 14 -8.59 -36.93 23.38
CA VAL E 14 -9.78 -36.17 23.77
C VAL E 14 -9.91 -34.97 22.83
N TRP E 15 -11.15 -34.66 22.45
CA TRP E 15 -11.47 -33.56 21.55
C TRP E 15 -12.22 -32.45 22.27
N LYS E 16 -11.91 -31.22 21.87
CA LYS E 16 -12.77 -30.06 22.08
C LYS E 16 -13.01 -29.41 20.73
N GLU E 17 -14.26 -29.20 20.37
CA GLU E 17 -14.55 -28.45 19.15
C GLU E 17 -14.20 -26.98 19.39
N ALA E 18 -13.30 -26.45 18.57
CA ALA E 18 -12.76 -25.11 18.77
C ALA E 18 -12.47 -24.45 17.44
N LYS E 19 -12.47 -23.13 17.44
CA LYS E 19 -12.27 -22.35 16.23
C LYS E 19 -10.78 -22.21 15.91
N THR E 20 -10.49 -22.08 14.62
CA THR E 20 -9.11 -21.83 14.19
C THR E 20 -9.11 -21.44 12.73
N THR E 21 -7.99 -20.85 12.30
CA THR E 21 -7.75 -20.65 10.88
C THR E 21 -7.24 -21.93 10.24
N LEU E 22 -7.50 -22.07 8.94
CA LEU E 22 -7.06 -23.21 8.17
C LEU E 22 -6.30 -22.73 6.93
N PHE E 23 -5.28 -23.50 6.55
CA PHE E 23 -4.52 -23.18 5.35
C PHE E 23 -5.37 -23.41 4.11
N CYS E 24 -5.17 -22.59 3.10
CA CYS E 24 -5.65 -22.88 1.75
C CYS E 24 -4.50 -23.50 0.97
N ALA E 25 -4.73 -24.69 0.42
CA ALA E 25 -3.69 -25.47 -0.24
C ALA E 25 -4.19 -26.02 -1.55
N SER E 26 -3.33 -26.02 -2.56
CA SER E 26 -3.71 -26.34 -3.94
C SER E 26 -2.75 -27.38 -4.50
N ASP E 27 -3.16 -27.97 -5.62
CA ASP E 27 -2.44 -29.10 -6.19
C ASP E 27 -1.10 -28.65 -6.76
N ALA E 28 -0.21 -29.62 -6.98
CA ALA E 28 1.19 -29.33 -7.27
C ALA E 28 1.39 -28.71 -8.65
N ARG E 29 0.58 -29.08 -9.63
CA ARG E 29 0.87 -28.70 -11.02
C ARG E 29 0.75 -27.20 -11.27
N ALA E 30 0.15 -26.44 -10.37
CA ALA E 30 -0.06 -25.02 -10.61
C ALA E 30 1.17 -24.17 -10.31
N TYR E 31 2.21 -24.74 -9.72
CA TYR E 31 3.27 -23.96 -9.10
C TYR E 31 4.49 -23.74 -10.00
N GLU E 32 4.48 -24.26 -11.23
CA GLU E 32 5.48 -23.84 -12.22
C GLU E 32 5.04 -22.60 -12.99
N LYS E 33 3.83 -22.09 -12.74
CA LYS E 33 3.26 -21.03 -13.55
C LYS E 33 3.67 -19.66 -13.00
N GLU E 34 3.14 -18.62 -13.65
CA GLU E 34 3.47 -17.25 -13.28
C GLU E 34 2.69 -16.80 -12.06
N VAL E 35 3.01 -15.60 -11.59
CA VAL E 35 2.32 -15.03 -10.43
C VAL E 35 0.84 -14.82 -10.76
N HIS E 36 -0.02 -15.20 -9.83
CA HIS E 36 -1.47 -15.00 -9.94
C HIS E 36 -2.09 -15.81 -11.08
N ASN E 37 -1.36 -16.78 -11.63
CA ASN E 37 -1.78 -17.50 -12.83
C ASN E 37 -1.74 -19.01 -12.55
N VAL E 38 -2.83 -19.57 -12.01
CA VAL E 38 -4.07 -18.99 -11.50
C VAL E 38 -3.78 -18.58 -10.06
N TRP E 39 -4.60 -17.69 -9.50
CA TRP E 39 -4.34 -17.13 -8.16
C TRP E 39 -4.11 -18.18 -7.08
N ALA E 40 -4.63 -19.39 -7.24
CA ALA E 40 -4.37 -20.43 -6.26
C ALA E 40 -2.89 -20.80 -6.16
N THR E 41 -2.08 -20.51 -7.17
CA THR E 41 -0.65 -20.76 -7.07
C THR E 41 0.04 -19.75 -6.16
N HIS E 42 -0.56 -18.57 -5.98
CA HIS E 42 0.11 -17.43 -5.36
C HIS E 42 -0.17 -17.33 -3.86
N ALA E 43 -1.44 -17.27 -3.47
CA ALA E 43 -1.82 -17.03 -2.08
C ALA E 43 -2.12 -18.31 -1.31
N CYS E 44 -1.90 -19.49 -1.90
CA CYS E 44 -2.15 -20.76 -1.26
C CYS E 44 -0.94 -21.67 -1.40
N VAL E 45 -0.78 -22.57 -0.42
CA VAL E 45 0.45 -23.34 -0.23
C VAL E 45 0.41 -24.62 -1.05
N PRO E 46 1.53 -25.16 -1.52
CA PRO E 46 1.48 -26.49 -2.17
C PRO E 46 0.99 -27.56 -1.20
N THR E 47 0.22 -28.51 -1.73
CA THR E 47 -0.46 -29.50 -0.92
C THR E 47 0.21 -30.87 -1.06
N ASP E 48 -0.34 -31.84 -0.33
CA ASP E 48 0.09 -33.23 -0.39
C ASP E 48 -1.07 -34.12 0.07
N PRO E 49 -1.68 -34.94 -0.79
CA PRO E 49 -2.79 -35.79 -0.33
C PRO E 49 -2.41 -36.79 0.75
N SER E 50 -1.14 -37.17 0.85
CA SER E 50 -0.73 -38.14 1.86
C SER E 50 -0.89 -37.53 3.25
N PRO E 51 -1.23 -38.32 4.28
CA PRO E 51 -1.50 -39.77 4.32
C PRO E 51 -2.95 -40.14 3.99
N GLN E 52 -3.28 -41.42 4.01
CA GLN E 52 -4.64 -41.86 3.77
C GLN E 52 -5.54 -41.49 4.93
N GLU E 53 -6.82 -41.28 4.63
CA GLU E 53 -7.80 -41.01 5.67
C GLU E 53 -8.06 -42.28 6.47
N LEU E 54 -8.12 -42.14 7.79
CA LEU E 54 -8.20 -43.26 8.72
C LEU E 54 -9.54 -43.24 9.45
N VAL E 55 -10.20 -44.40 9.51
CA VAL E 55 -11.46 -44.50 10.23
C VAL E 55 -11.20 -44.49 11.73
N LEU E 56 -12.13 -43.90 12.48
CA LEU E 56 -12.13 -43.93 13.94
C LEU E 56 -13.15 -45.00 14.32
N GLY E 57 -12.65 -46.18 14.68
CA GLY E 57 -13.45 -47.40 14.69
C GLY E 57 -14.66 -47.37 15.59
N ASN E 58 -14.52 -46.84 16.81
CA ASN E 58 -15.58 -46.84 17.81
C ASN E 58 -15.74 -45.41 18.28
N VAL E 59 -16.70 -44.68 17.69
CA VAL E 59 -16.89 -43.26 17.98
C VAL E 59 -18.35 -42.92 17.76
N THR E 60 -18.78 -41.79 18.32
CA THR E 60 -20.04 -41.18 17.97
C THR E 60 -19.91 -39.69 18.23
N GLU E 61 -20.06 -38.90 17.17
CA GLU E 61 -19.69 -37.48 17.20
C GLU E 61 -20.80 -36.66 16.57
N ASN E 62 -21.09 -35.51 17.15
CA ASN E 62 -22.14 -34.63 16.65
C ASN E 62 -21.57 -33.62 15.65
N PHE E 63 -22.33 -33.40 14.57
CA PHE E 63 -22.02 -32.40 13.56
C PHE E 63 -23.17 -31.41 13.49
N ASN E 64 -22.85 -30.17 13.12
CA ASN E 64 -23.89 -29.17 12.86
C ASN E 64 -23.39 -28.34 11.67
N MET E 65 -23.91 -28.67 10.49
CA MET E 65 -23.45 -28.05 9.25
C MET E 65 -23.68 -26.55 9.24
N TRP E 66 -24.87 -26.10 9.65
CA TRP E 66 -25.20 -24.69 9.57
C TRP E 66 -24.39 -23.85 10.55
N LYS E 67 -24.26 -24.29 11.80
CA LYS E 67 -23.56 -23.51 12.80
C LYS E 67 -22.05 -23.48 12.58
N ASN E 68 -21.53 -24.28 11.64
CA ASN E 68 -20.11 -24.27 11.32
C ASN E 68 -19.66 -22.89 10.86
N ASP E 69 -18.46 -22.49 11.30
CA ASP E 69 -17.85 -21.22 10.92
C ASP E 69 -16.64 -21.38 10.00
N MET E 70 -16.20 -22.61 9.73
CA MET E 70 -15.13 -22.84 8.76
C MET E 70 -15.47 -22.22 7.41
N VAL E 71 -16.74 -22.26 7.02
CA VAL E 71 -17.17 -21.63 5.77
C VAL E 71 -16.97 -20.12 5.84
N ASP E 72 -17.14 -19.53 7.02
CA ASP E 72 -16.90 -18.10 7.14
C ASP E 72 -15.42 -17.76 6.97
N GLN E 73 -14.53 -18.60 7.49
CA GLN E 73 -13.10 -18.41 7.27
C GLN E 73 -12.78 -18.53 5.78
N MET E 74 -13.36 -19.54 5.11
CA MET E 74 -13.28 -19.62 3.65
C MET E 74 -13.73 -18.31 2.98
N HIS E 75 -14.88 -17.79 3.38
CA HIS E 75 -15.47 -16.64 2.71
C HIS E 75 -14.59 -15.41 2.87
N GLU E 76 -14.15 -15.15 4.10
CA GLU E 76 -13.29 -13.98 4.33
C GLU E 76 -11.95 -14.13 3.61
N ASP E 77 -11.36 -15.33 3.66
CA ASP E 77 -10.06 -15.53 3.04
C ASP E 77 -10.14 -15.37 1.52
N ILE E 78 -11.20 -15.91 0.89
CA ILE E 78 -11.29 -15.81 -0.56
C ILE E 78 -11.58 -14.38 -0.99
N ILE E 79 -12.37 -13.65 -0.21
CA ILE E 79 -12.61 -12.24 -0.55
C ILE E 79 -11.33 -11.44 -0.43
N SER E 80 -10.58 -11.65 0.66
CA SER E 80 -9.31 -10.94 0.81
C SER E 80 -8.34 -11.33 -0.29
N LEU E 81 -8.38 -12.59 -0.72
CA LEU E 81 -7.55 -13.04 -1.83
C LEU E 81 -7.87 -12.27 -3.10
N TRP E 82 -9.17 -12.13 -3.40
CA TRP E 82 -9.54 -11.46 -4.65
C TRP E 82 -9.28 -9.96 -4.57
N ASP E 83 -9.45 -9.37 -3.38
CA ASP E 83 -9.23 -7.93 -3.23
C ASP E 83 -7.79 -7.57 -3.54
N GLN E 84 -6.84 -8.40 -3.10
CA GLN E 84 -5.45 -8.18 -3.43
C GLN E 84 -5.18 -8.34 -4.92
N SER E 85 -5.99 -9.17 -5.60
CA SER E 85 -5.78 -9.40 -7.02
C SER E 85 -6.06 -8.16 -7.86
N LEU E 86 -6.85 -7.22 -7.35
CA LEU E 86 -7.22 -6.00 -8.08
C LEU E 86 -6.36 -4.81 -7.71
N LYS E 87 -5.22 -5.03 -7.07
CA LYS E 87 -4.29 -3.95 -6.76
C LYS E 87 -3.45 -3.57 -7.98
N PRO E 88 -2.73 -4.51 -8.63
CA PRO E 88 -1.75 -4.08 -9.65
C PRO E 88 -2.35 -3.58 -10.96
N CYS E 89 -3.63 -3.81 -11.22
CA CYS E 89 -4.19 -3.51 -12.53
C CYS E 89 -4.62 -2.04 -12.64
N VAL E 90 -4.96 -1.64 -13.86
CA VAL E 90 -5.30 -0.25 -14.16
C VAL E 90 -6.70 0.07 -13.67
N LYS E 91 -6.84 1.21 -13.00
CA LYS E 91 -8.13 1.65 -12.44
C LYS E 91 -8.92 2.55 -13.39
N LEU E 92 -9.05 2.16 -14.66
CA LEU E 92 -9.74 2.88 -15.74
C LEU E 92 -9.64 4.40 -15.59
N THR E 93 -10.79 5.12 -15.43
CA THR E 93 -11.00 6.52 -15.02
C THR E 93 -11.24 7.45 -16.21
N PRO E 94 -10.35 7.59 -17.21
CA PRO E 94 -10.69 8.46 -18.35
C PRO E 94 -11.92 8.03 -19.13
N LEU E 95 -12.32 6.76 -19.06
CA LEU E 95 -13.46 6.30 -19.83
C LEU E 95 -14.80 6.65 -19.19
N CYS E 96 -14.81 7.06 -17.93
CA CYS E 96 -16.05 7.50 -17.30
C CYS E 96 -16.30 8.96 -17.68
N VAL E 97 -16.62 9.14 -18.96
CA VAL E 97 -16.87 10.44 -19.56
C VAL E 97 -18.20 10.34 -20.30
N THR E 98 -18.57 11.43 -20.96
CA THR E 98 -19.69 11.36 -21.89
C THR E 98 -19.30 10.51 -23.10
N LEU E 99 -20.20 9.60 -23.48
CA LEU E 99 -19.98 8.71 -24.61
C LEU E 99 -20.97 9.04 -25.72
N ILE E 100 -20.45 9.31 -26.92
CA ILE E 100 -21.29 9.54 -28.09
C ILE E 100 -21.51 8.21 -28.78
N CYS E 101 -22.77 7.86 -29.01
CA CYS E 101 -23.15 6.55 -29.51
C CYS E 101 -24.14 6.69 -30.66
N SER E 102 -24.12 5.69 -31.54
CA SER E 102 -25.04 5.67 -32.67
C SER E 102 -26.45 5.38 -32.20
N ASN E 103 -27.43 5.75 -33.04
CA ASN E 103 -28.84 5.57 -32.73
C ASN E 103 -29.60 5.05 -33.95
N ALA E 104 -28.98 4.18 -34.74
CA ALA E 104 -29.62 3.69 -35.96
C ALA E 104 -30.72 2.68 -35.64
N THR E 105 -30.49 1.80 -34.66
CA THR E 105 -31.42 0.74 -34.28
C THR E 105 -31.57 -0.30 -35.39
N VAL E 106 -31.83 -1.55 -35.00
CA VAL E 106 -32.07 -2.61 -35.97
C VAL E 106 -33.57 -2.83 -36.21
N LYS E 107 -34.38 -2.91 -35.15
CA LYS E 107 -35.82 -2.67 -35.21
C LYS E 107 -36.62 -3.78 -35.89
N ASN E 108 -35.97 -4.75 -36.53
CA ASN E 108 -36.67 -5.72 -37.37
C ASN E 108 -36.90 -7.07 -36.69
N GLY E 109 -36.43 -7.26 -35.46
CA GLY E 109 -36.70 -8.49 -34.74
C GLY E 109 -35.80 -9.63 -35.17
N THR E 110 -35.97 -10.76 -34.48
CA THR E 110 -35.13 -11.94 -34.68
C THR E 110 -33.66 -11.60 -34.45
N VAL E 111 -33.39 -10.67 -33.52
CA VAL E 111 -32.05 -10.15 -33.33
C VAL E 111 -32.02 -9.40 -32.01
N GLU E 112 -30.89 -9.49 -31.31
CA GLU E 112 -30.60 -8.63 -30.18
C GLU E 112 -29.11 -8.30 -30.21
N GLU E 113 -28.79 -7.01 -30.12
CA GLU E 113 -27.53 -6.50 -30.67
C GLU E 113 -26.72 -5.81 -29.57
N MET E 114 -25.59 -5.25 -30.01
CA MET E 114 -24.59 -4.61 -29.16
C MET E 114 -24.47 -3.15 -29.58
N LYS E 115 -24.44 -2.24 -28.61
CA LYS E 115 -24.44 -0.82 -28.94
C LYS E 115 -23.04 -0.30 -29.16
N ASN E 116 -22.90 0.54 -30.17
CA ASN E 116 -21.62 1.09 -30.60
C ASN E 116 -21.48 2.50 -30.04
N CYS E 117 -20.35 2.78 -29.38
CA CYS E 117 -20.15 4.03 -28.68
C CYS E 117 -18.73 4.54 -28.93
N SER E 118 -18.53 5.82 -28.63
CA SER E 118 -17.26 6.49 -28.87
C SER E 118 -16.97 7.49 -27.76
N PHE E 119 -15.70 7.85 -27.63
CA PHE E 119 -15.24 8.63 -26.49
C PHE E 119 -13.88 9.22 -26.83
N ASN E 120 -13.49 10.24 -26.05
CA ASN E 120 -12.21 10.92 -26.20
C ASN E 120 -11.27 10.47 -25.09
N THR E 121 -10.01 10.21 -25.46
CA THR E 121 -9.06 9.51 -24.60
C THR E 121 -7.78 10.32 -24.40
N THR E 122 -7.19 10.17 -23.23
CA THR E 122 -5.86 10.71 -22.95
C THR E 122 -4.87 9.85 -23.72
N THR E 123 -4.45 10.34 -24.89
CA THR E 123 -3.62 9.57 -25.81
C THR E 123 -2.18 9.54 -25.33
N GLU E 124 -1.25 9.18 -26.23
CA GLU E 124 0.18 9.10 -25.90
C GLU E 124 0.76 10.37 -25.28
N ILE E 125 0.06 11.50 -25.37
CA ILE E 125 0.41 12.73 -24.68
C ILE E 125 -0.72 13.06 -23.71
N ARG E 126 -0.35 13.65 -22.57
CA ARG E 126 -1.31 13.92 -21.51
C ARG E 126 -2.09 15.22 -21.70
N ASP E 127 -1.60 16.12 -22.55
CA ASP E 127 -2.30 17.36 -22.89
C ASP E 127 -2.81 17.31 -24.33
N LYS E 128 -3.29 16.13 -24.73
CA LYS E 128 -3.86 15.91 -26.05
C LYS E 128 -4.96 14.87 -25.90
N GLU E 129 -6.01 15.01 -26.70
CA GLU E 129 -7.15 14.10 -26.69
C GLU E 129 -7.44 13.68 -28.12
N LYS E 130 -7.65 12.37 -28.31
CA LYS E 130 -7.94 11.82 -29.63
C LYS E 130 -9.19 10.95 -29.55
N LYS E 131 -9.66 10.51 -30.72
CA LYS E 131 -10.95 9.86 -30.84
C LYS E 131 -10.79 8.34 -30.84
N GLU E 132 -11.72 7.65 -30.17
CA GLU E 132 -11.75 6.20 -30.12
C GLU E 132 -13.20 5.72 -30.11
N TYR E 133 -13.38 4.46 -30.46
CA TYR E 133 -14.70 3.83 -30.48
C TYR E 133 -14.60 2.42 -29.91
N ALA E 134 -15.75 1.94 -29.42
CA ALA E 134 -15.81 0.67 -28.70
C ALA E 134 -17.22 0.12 -28.74
N LEU E 135 -17.33 -1.20 -28.86
CA LEU E 135 -18.61 -1.88 -28.71
C LEU E 135 -18.84 -2.24 -27.24
N PHE E 136 -20.01 -1.89 -26.73
CA PHE E 136 -20.37 -2.15 -25.35
C PHE E 136 -21.70 -2.89 -25.29
N TYR E 137 -21.75 -3.92 -24.46
CA TYR E 137 -23.01 -4.59 -24.16
C TYR E 137 -23.95 -3.64 -23.45
N LYS E 138 -25.24 -3.75 -23.78
CA LYS E 138 -26.26 -2.76 -23.41
C LYS E 138 -26.33 -2.43 -21.93
N PRO E 139 -26.31 -3.39 -20.99
CA PRO E 139 -26.40 -3.02 -19.57
C PRO E 139 -25.26 -2.14 -19.10
N ASP E 140 -24.08 -2.22 -19.73
CA ASP E 140 -22.92 -1.48 -19.26
C ASP E 140 -23.03 0.01 -19.52
N ILE E 141 -23.97 0.45 -20.35
CA ILE E 141 -24.08 1.84 -20.78
C ILE E 141 -25.52 2.29 -20.50
N VAL E 142 -25.66 3.54 -20.06
CA VAL E 142 -26.95 4.09 -19.65
C VAL E 142 -27.11 5.46 -20.31
N PRO E 143 -28.35 5.91 -20.55
CA PRO E 143 -28.52 7.29 -21.02
C PRO E 143 -27.99 8.30 -20.00
N LEU E 144 -27.43 9.40 -20.51
CA LEU E 144 -26.66 10.29 -19.64
C LEU E 144 -27.56 11.17 -18.78
N SER E 145 -28.43 11.95 -19.40
CA SER E 145 -29.08 13.07 -18.72
C SER E 145 -30.53 13.15 -19.13
N GLU E 146 -31.33 13.80 -18.28
CA GLU E 146 -32.70 14.13 -18.61
C GLU E 146 -32.80 15.01 -19.85
N THR E 147 -31.78 15.83 -20.12
CA THR E 147 -31.70 16.55 -21.38
C THR E 147 -31.57 15.53 -22.50
N ASN E 148 -32.64 15.37 -23.27
CA ASN E 148 -32.79 14.19 -24.12
C ASN E 148 -31.96 14.27 -25.40
N ASN E 149 -30.64 14.38 -25.27
CA ASN E 149 -29.74 14.17 -26.39
C ASN E 149 -29.48 12.68 -26.51
N THR E 150 -30.24 12.00 -27.39
CA THR E 150 -30.25 10.55 -27.42
C THR E 150 -28.91 9.96 -27.84
N SER E 151 -28.05 10.74 -28.50
CA SER E 151 -26.74 10.25 -28.90
C SER E 151 -25.72 10.26 -27.77
N GLU E 152 -26.07 10.80 -26.60
CA GLU E 152 -25.11 11.09 -25.55
C GLU E 152 -25.40 10.21 -24.33
N TYR E 153 -24.52 9.23 -24.09
CA TYR E 153 -24.76 8.15 -23.12
C TYR E 153 -23.63 8.13 -22.09
N ARG E 154 -23.86 7.38 -21.01
CA ARG E 154 -22.94 7.29 -19.88
C ARG E 154 -22.52 5.85 -19.60
N LEU E 155 -21.28 5.69 -19.18
CA LEU E 155 -20.88 4.47 -18.51
C LEU E 155 -21.63 4.38 -17.18
N ILE E 156 -22.00 3.16 -16.78
CA ILE E 156 -22.82 2.99 -15.59
C ILE E 156 -22.06 3.37 -14.30
N ASN E 157 -20.76 3.60 -14.39
CA ASN E 157 -19.96 3.99 -13.23
C ASN E 157 -20.13 5.48 -12.93
N CYS E 158 -19.34 5.98 -11.97
CA CYS E 158 -19.35 7.36 -11.50
C CYS E 158 -20.62 7.74 -10.73
N ASN E 159 -21.56 6.80 -10.59
CA ASN E 159 -22.75 7.05 -9.78
C ASN E 159 -22.59 6.47 -8.38
N THR E 160 -21.78 5.42 -8.23
CA THR E 160 -21.56 4.76 -6.94
C THR E 160 -20.10 4.45 -6.63
N SER E 161 -19.21 4.32 -7.60
CA SER E 161 -17.84 3.90 -7.32
C SER E 161 -17.02 4.00 -8.60
N ALA E 162 -15.71 3.86 -8.44
CA ALA E 162 -14.79 3.69 -9.56
C ALA E 162 -14.59 2.20 -9.84
N CYS E 163 -13.80 1.90 -10.87
CA CYS E 163 -13.67 0.54 -11.38
C CYS E 163 -12.22 0.24 -11.75
N THR E 164 -11.94 -1.06 -11.90
CA THR E 164 -10.61 -1.56 -12.19
C THR E 164 -10.70 -2.67 -13.23
N GLN E 165 -9.90 -2.55 -14.28
CA GLN E 165 -9.82 -3.60 -15.28
C GLN E 165 -9.10 -4.81 -14.70
N ALA E 166 -9.57 -6.00 -15.06
CA ALA E 166 -8.87 -7.21 -14.67
C ALA E 166 -7.72 -7.46 -15.62
N CYS E 167 -6.54 -7.73 -15.07
CA CYS E 167 -5.36 -7.92 -15.91
C CYS E 167 -5.53 -9.19 -16.75
N PRO E 168 -5.05 -9.21 -18.00
CA PRO E 168 -5.17 -10.46 -18.78
C PRO E 168 -4.36 -11.60 -18.23
N LYS E 169 -3.33 -11.32 -17.41
CA LYS E 169 -2.46 -12.36 -16.90
C LYS E 169 -3.07 -13.17 -15.78
N VAL E 170 -4.34 -12.93 -15.42
CA VAL E 170 -5.06 -13.72 -14.43
C VAL E 170 -6.37 -14.19 -15.04
N THR E 171 -6.67 -15.47 -14.87
CA THR E 171 -7.86 -16.08 -15.44
C THR E 171 -8.63 -16.79 -14.33
N PHE E 172 -9.95 -16.91 -14.54
CA PHE E 172 -10.87 -17.18 -13.43
C PHE E 172 -11.16 -18.67 -13.24
N GLU E 173 -10.53 -19.56 -13.99
CA GLU E 173 -10.90 -20.97 -13.92
C GLU E 173 -10.57 -21.53 -12.54
N PRO E 174 -11.54 -22.10 -11.79
CA PRO E 174 -11.28 -22.40 -10.38
C PRO E 174 -10.38 -23.60 -10.16
N ILE E 175 -9.16 -23.34 -9.69
CA ILE E 175 -8.26 -24.43 -9.28
C ILE E 175 -8.78 -25.01 -7.96
N PRO E 176 -8.73 -26.33 -7.74
CA PRO E 176 -9.21 -26.84 -6.45
C PRO E 176 -8.35 -26.38 -5.28
N ILE E 177 -8.99 -26.28 -4.11
CA ILE E 177 -8.36 -25.83 -2.88
C ILE E 177 -8.66 -26.85 -1.79
N HIS E 178 -7.71 -27.07 -0.90
CA HIS E 178 -7.86 -27.94 0.26
C HIS E 178 -7.70 -27.11 1.52
N TYR E 179 -8.77 -26.97 2.30
CA TYR E 179 -8.76 -26.17 3.52
C TYR E 179 -8.26 -27.04 4.67
N CYS E 180 -7.11 -26.67 5.22
CA CYS E 180 -6.24 -27.63 5.88
C CYS E 180 -5.77 -27.10 7.22
N ALA E 181 -5.54 -28.03 8.17
CA ALA E 181 -5.49 -27.71 9.58
C ALA E 181 -4.05 -27.50 10.05
N PRO E 182 -3.85 -26.72 11.13
CA PRO E 182 -2.51 -26.66 11.73
C PRO E 182 -2.28 -27.83 12.67
N ALA E 183 -1.02 -28.00 13.06
CA ALA E 183 -0.68 -29.04 14.02
C ALA E 183 -1.23 -28.68 15.39
N GLY E 184 -1.73 -29.69 16.10
CA GLY E 184 -2.48 -29.49 17.33
C GLY E 184 -3.98 -29.44 17.14
N TYR E 185 -4.45 -29.21 15.92
CA TYR E 185 -5.84 -29.34 15.53
C TYR E 185 -5.99 -30.52 14.58
N ALA E 186 -7.23 -30.93 14.34
CA ALA E 186 -7.52 -32.05 13.47
C ALA E 186 -8.85 -31.85 12.78
N ILE E 187 -8.98 -32.43 11.59
CA ILE E 187 -10.19 -32.35 10.78
C ILE E 187 -10.87 -33.71 10.81
N LEU E 188 -12.14 -33.72 11.24
CA LEU E 188 -12.97 -34.92 11.26
C LEU E 188 -13.94 -34.86 10.09
N LYS E 189 -14.26 -36.02 9.53
CA LYS E 189 -15.11 -36.12 8.35
C LYS E 189 -16.27 -37.07 8.63
N CYS E 190 -17.49 -36.66 8.25
CA CYS E 190 -18.70 -37.43 8.52
C CYS E 190 -18.95 -38.39 7.37
N ASN E 191 -18.95 -39.69 7.66
CA ASN E 191 -18.98 -40.73 6.64
C ASN E 191 -20.36 -41.34 6.43
N ASP E 192 -21.40 -40.84 7.09
CA ASP E 192 -22.75 -41.32 6.85
C ASP E 192 -23.39 -40.53 5.72
N GLU E 193 -23.79 -41.23 4.66
CA GLU E 193 -24.36 -40.58 3.49
C GLU E 193 -25.80 -40.15 3.73
N THR E 194 -26.57 -40.90 4.51
CA THR E 194 -27.93 -40.54 4.84
C THR E 194 -28.02 -39.57 6.01
N PHE E 195 -27.37 -38.40 5.88
CA PHE E 195 -27.14 -37.48 6.98
C PHE E 195 -27.97 -36.22 6.77
N ASN E 196 -28.85 -35.92 7.74
CA ASN E 196 -29.78 -34.80 7.62
C ASN E 196 -29.18 -33.46 8.06
N GLY E 197 -27.85 -33.36 8.13
CA GLY E 197 -27.19 -32.10 8.42
C GLY E 197 -26.86 -31.87 9.87
N THR E 198 -27.56 -32.51 10.80
CA THR E 198 -27.36 -32.34 12.23
C THR E 198 -27.43 -33.70 12.91
N GLY E 199 -27.20 -33.70 14.22
CA GLY E 199 -27.24 -34.92 14.98
C GLY E 199 -25.95 -35.70 14.88
N PRO E 200 -25.94 -36.92 15.40
CA PRO E 200 -24.68 -37.69 15.44
C PRO E 200 -24.34 -38.31 14.09
N CYS E 201 -23.09 -38.14 13.68
CA CYS E 201 -22.51 -38.95 12.61
C CYS E 201 -21.98 -40.24 13.24
N SER E 202 -22.66 -41.35 12.98
CA SER E 202 -22.33 -42.62 13.60
C SER E 202 -21.13 -43.31 12.95
N ASN E 203 -20.59 -42.74 11.87
CA ASN E 203 -19.31 -43.18 11.32
C ASN E 203 -18.52 -41.91 11.01
N VAL E 204 -17.35 -41.78 11.64
CA VAL E 204 -16.51 -40.60 11.51
C VAL E 204 -15.07 -41.04 11.33
N SER E 205 -14.32 -40.26 10.56
CA SER E 205 -12.93 -40.53 10.25
C SER E 205 -12.09 -39.28 10.48
N THR E 206 -10.90 -39.49 11.01
CA THR E 206 -9.90 -38.43 11.03
C THR E 206 -9.29 -38.31 9.65
N VAL E 207 -9.17 -37.07 9.19
CA VAL E 207 -8.71 -36.76 7.85
C VAL E 207 -7.57 -35.76 7.96
N GLN E 208 -6.54 -35.92 7.13
CA GLN E 208 -5.46 -34.94 7.10
C GLN E 208 -6.03 -33.55 6.83
N CYS E 209 -6.79 -33.42 5.75
CA CYS E 209 -7.58 -32.23 5.48
C CYS E 209 -8.41 -32.41 4.22
N THR E 210 -9.30 -31.43 3.99
CA THR E 210 -10.48 -31.61 3.15
C THR E 210 -10.13 -31.94 1.71
N HIS E 211 -10.96 -32.76 1.09
CA HIS E 211 -10.83 -33.04 -0.33
C HIS E 211 -11.15 -31.78 -1.13
N GLY E 212 -10.77 -31.78 -2.40
CA GLY E 212 -10.78 -30.60 -3.24
C GLY E 212 -12.08 -29.84 -3.29
N ILE E 213 -12.04 -28.57 -2.90
CA ILE E 213 -13.17 -27.66 -3.04
C ILE E 213 -12.98 -26.85 -4.31
N ARG E 214 -14.04 -26.74 -5.11
CA ARG E 214 -14.01 -25.97 -6.35
C ARG E 214 -14.85 -24.71 -6.15
N PRO E 215 -14.26 -23.52 -5.93
CA PRO E 215 -15.10 -22.35 -5.62
C PRO E 215 -15.74 -21.75 -6.86
N VAL E 216 -16.73 -22.44 -7.44
CA VAL E 216 -17.40 -21.92 -8.62
C VAL E 216 -18.33 -20.79 -8.18
N VAL E 217 -18.20 -19.63 -8.82
CA VAL E 217 -19.15 -18.54 -8.58
C VAL E 217 -20.48 -18.91 -9.21
N SER E 218 -21.56 -18.76 -8.43
CA SER E 218 -22.90 -19.02 -8.95
C SER E 218 -23.91 -18.30 -8.07
N THR E 219 -25.14 -18.21 -8.58
CA THR E 219 -26.20 -17.47 -7.92
C THR E 219 -27.54 -18.21 -7.86
N GLN E 220 -27.78 -19.21 -8.71
CA GLN E 220 -29.07 -19.88 -8.77
C GLN E 220 -28.95 -21.41 -8.86
N LEU E 221 -27.76 -21.91 -9.19
CA LEU E 221 -27.55 -23.34 -9.38
C LEU E 221 -26.12 -23.67 -9.03
N LEU E 222 -25.87 -24.94 -8.75
CA LEU E 222 -24.56 -25.42 -8.30
C LEU E 222 -23.91 -26.18 -9.45
N LEU E 223 -22.96 -25.52 -10.12
CA LEU E 223 -22.20 -26.13 -11.20
C LEU E 223 -21.09 -26.98 -10.59
N ASN E 224 -20.09 -27.37 -11.40
CA ASN E 224 -19.10 -28.43 -11.15
C ASN E 224 -18.80 -28.64 -9.67
N GLY E 225 -18.95 -29.87 -9.21
CA GLY E 225 -18.83 -30.15 -7.79
C GLY E 225 -18.89 -31.63 -7.51
N SER E 226 -19.56 -31.97 -6.40
CA SER E 226 -19.64 -33.34 -5.92
C SER E 226 -21.09 -33.74 -5.75
N LEU E 227 -21.38 -35.01 -5.99
CA LEU E 227 -22.73 -35.54 -6.05
C LEU E 227 -22.94 -36.55 -4.93
N ALA E 228 -24.22 -36.80 -4.61
CA ALA E 228 -24.56 -37.65 -3.49
C ALA E 228 -24.21 -39.10 -3.77
N GLU E 229 -24.09 -39.88 -2.70
CA GLU E 229 -23.68 -41.27 -2.84
C GLU E 229 -24.75 -42.11 -3.50
N LYS E 230 -26.00 -42.03 -3.02
CA LYS E 230 -27.04 -42.98 -3.40
C LYS E 230 -28.37 -42.36 -3.84
N GLU E 231 -28.74 -41.16 -3.39
CA GLU E 231 -30.00 -40.58 -3.80
C GLU E 231 -29.96 -39.07 -3.57
N ILE E 232 -31.14 -38.45 -3.69
CA ILE E 232 -31.27 -37.02 -3.41
C ILE E 232 -31.46 -36.81 -1.92
N VAL E 233 -30.79 -35.79 -1.38
CA VAL E 233 -30.85 -35.45 0.03
C VAL E 233 -31.05 -33.95 0.16
N ILE E 234 -32.02 -33.55 0.99
CA ILE E 234 -32.46 -32.16 1.12
C ILE E 234 -32.13 -31.70 2.53
N ARG E 235 -31.62 -30.46 2.64
CA ARG E 235 -31.10 -29.95 3.90
C ARG E 235 -31.58 -28.53 4.15
N SER E 236 -32.07 -28.27 5.35
CA SER E 236 -32.39 -26.92 5.80
C SER E 236 -32.42 -26.91 7.33
N GLU E 237 -32.20 -25.73 7.90
CA GLU E 237 -32.13 -25.63 9.35
C GLU E 237 -33.49 -25.82 10.00
N ASN E 238 -34.53 -25.23 9.43
CA ASN E 238 -35.88 -25.36 9.96
C ASN E 238 -36.89 -24.93 8.91
N LEU E 239 -37.74 -25.86 8.47
CA LEU E 239 -38.74 -25.54 7.46
C LEU E 239 -39.86 -24.65 7.98
N THR E 240 -39.92 -24.41 9.30
CA THR E 240 -40.94 -23.52 9.85
C THR E 240 -40.83 -22.14 9.25
N ASN E 241 -39.62 -21.57 9.25
CA ASN E 241 -39.37 -20.30 8.57
C ASN E 241 -39.22 -20.59 7.08
N ASN E 242 -40.19 -20.13 6.29
CA ASN E 242 -40.13 -20.32 4.85
C ASN E 242 -39.04 -19.51 4.17
N ALA E 243 -38.44 -18.55 4.89
CA ALA E 243 -37.48 -17.64 4.27
C ALA E 243 -36.08 -18.22 4.13
N LYS E 244 -35.79 -19.37 4.75
CA LYS E 244 -34.45 -19.93 4.69
C LYS E 244 -34.22 -20.67 3.38
N ILE E 245 -32.94 -20.89 3.06
CA ILE E 245 -32.53 -21.44 1.77
C ILE E 245 -32.40 -22.95 1.93
N ILE E 246 -33.33 -23.69 1.32
CA ILE E 246 -33.24 -25.14 1.28
C ILE E 246 -32.26 -25.54 0.19
N ILE E 247 -31.35 -26.46 0.51
CA ILE E 247 -30.33 -26.94 -0.40
C ILE E 247 -30.69 -28.37 -0.77
N VAL E 248 -30.62 -28.68 -2.07
CA VAL E 248 -30.87 -30.02 -2.59
C VAL E 248 -29.62 -30.47 -3.31
N HIS E 249 -29.12 -31.65 -2.95
CA HIS E 249 -28.08 -32.33 -3.71
C HIS E 249 -28.74 -33.30 -4.70
N LEU E 250 -27.99 -33.70 -5.71
CA LEU E 250 -28.47 -34.58 -6.76
C LEU E 250 -27.53 -35.78 -6.91
N HIS E 251 -28.10 -36.92 -7.27
CA HIS E 251 -27.34 -38.18 -7.37
C HIS E 251 -26.78 -38.33 -8.79
N THR E 252 -27.67 -38.42 -9.77
CA THR E 252 -27.24 -38.45 -11.16
C THR E 252 -26.96 -37.03 -11.64
N PRO E 253 -25.89 -36.80 -12.41
CA PRO E 253 -25.67 -35.44 -12.92
C PRO E 253 -26.66 -35.10 -14.04
N VAL E 254 -26.86 -33.81 -14.21
CA VAL E 254 -27.57 -33.25 -15.36
C VAL E 254 -26.59 -32.32 -16.07
N GLU E 255 -26.56 -32.41 -17.40
CA GLU E 255 -25.59 -31.66 -18.19
C GLU E 255 -26.16 -30.32 -18.64
N ILE E 256 -25.32 -29.29 -18.58
CA ILE E 256 -25.63 -27.96 -19.10
C ILE E 256 -24.46 -27.50 -19.95
N VAL E 257 -24.77 -26.94 -21.12
CA VAL E 257 -23.78 -26.39 -22.03
C VAL E 257 -24.30 -25.06 -22.55
N CYS E 258 -23.45 -24.04 -22.51
CA CYS E 258 -23.78 -22.71 -23.00
C CYS E 258 -22.87 -22.35 -24.17
N THR E 259 -23.16 -21.21 -24.79
CA THR E 259 -22.38 -20.75 -25.93
C THR E 259 -22.63 -19.27 -26.14
N ARG E 260 -21.58 -18.54 -26.55
CA ARG E 260 -21.69 -17.17 -27.03
C ARG E 260 -21.39 -17.19 -28.53
N PRO E 261 -22.37 -17.40 -29.40
CA PRO E 261 -22.05 -17.63 -30.82
C PRO E 261 -21.44 -16.44 -31.54
N ASN E 262 -21.56 -15.23 -31.01
CA ASN E 262 -20.93 -14.09 -31.64
C ASN E 262 -19.42 -14.23 -31.57
N ASN E 263 -18.74 -13.85 -32.66
CA ASN E 263 -17.28 -13.87 -32.72
C ASN E 263 -16.77 -12.46 -32.43
N ASN E 264 -16.75 -12.12 -31.15
CA ASN E 264 -16.24 -10.82 -30.73
C ASN E 264 -14.75 -10.73 -31.01
N THR E 265 -14.26 -9.50 -31.11
CA THR E 265 -12.84 -9.20 -31.25
C THR E 265 -12.47 -8.13 -30.24
N ARG E 266 -11.29 -8.29 -29.62
CA ARG E 266 -10.86 -7.33 -28.61
C ARG E 266 -10.03 -6.23 -29.25
N LYS E 267 -10.35 -4.98 -28.88
CA LYS E 267 -9.69 -3.79 -29.42
C LYS E 267 -8.90 -3.13 -28.30
N SER E 268 -7.62 -2.89 -28.56
CA SER E 268 -6.72 -2.32 -27.56
C SER E 268 -6.72 -0.80 -27.67
N VAL E 269 -6.85 -0.14 -26.53
CA VAL E 269 -6.84 1.32 -26.43
C VAL E 269 -5.85 1.69 -25.34
N ARG E 270 -5.09 2.76 -25.57
CA ARG E 270 -4.05 3.19 -24.64
C ARG E 270 -4.58 4.37 -23.83
N ILE E 271 -4.76 4.15 -22.53
CA ILE E 271 -5.51 5.05 -21.66
C ILE E 271 -4.57 5.46 -20.53
N GLY E 272 -3.85 6.57 -20.72
CA GLY E 272 -2.90 7.05 -19.74
C GLY E 272 -1.50 6.52 -20.00
N PRO E 273 -0.51 7.01 -19.25
CA PRO E 273 0.88 6.62 -19.52
C PRO E 273 1.13 5.15 -19.25
N GLY E 274 1.56 4.43 -20.29
CA GLY E 274 2.03 3.07 -20.13
C GLY E 274 1.01 2.08 -19.62
N GLN E 275 -0.26 2.24 -19.99
CA GLN E 275 -1.29 1.31 -19.56
C GLN E 275 -2.41 1.33 -20.59
N THR E 276 -3.03 0.16 -20.78
CA THR E 276 -3.97 -0.07 -21.87
C THR E 276 -5.34 -0.41 -21.34
N PHE E 277 -6.35 -0.14 -22.16
CA PHE E 277 -7.72 -0.57 -21.95
C PHE E 277 -8.14 -1.40 -23.15
N TYR E 278 -8.82 -2.51 -22.90
CA TYR E 278 -9.26 -3.43 -23.95
C TYR E 278 -10.78 -3.34 -24.07
N ALA E 279 -11.25 -3.04 -25.27
CA ALA E 279 -12.66 -2.96 -25.60
C ALA E 279 -13.03 -4.08 -26.57
N THR E 280 -14.24 -4.02 -27.10
CA THR E 280 -14.70 -4.90 -28.16
C THR E 280 -14.75 -4.13 -29.47
N GLY E 281 -14.12 -4.67 -30.50
CA GLY E 281 -14.18 -4.11 -31.84
C GLY E 281 -15.36 -4.68 -32.61
N ASP E 282 -15.21 -4.68 -33.92
CA ASP E 282 -16.27 -5.20 -34.78
C ASP E 282 -16.49 -6.69 -34.52
N ILE E 283 -17.74 -7.11 -34.65
CA ILE E 283 -18.12 -8.51 -34.51
C ILE E 283 -18.00 -9.16 -35.89
N ILE E 284 -17.21 -10.23 -35.97
CA ILE E 284 -17.10 -10.98 -37.22
C ILE E 284 -18.35 -11.83 -37.40
N GLY E 285 -18.89 -11.84 -38.62
CA GLY E 285 -20.02 -12.69 -38.92
C GLY E 285 -21.34 -12.06 -38.54
N ASP E 286 -22.31 -12.92 -38.24
CA ASP E 286 -23.69 -12.53 -37.95
C ASP E 286 -23.92 -12.46 -36.45
N ILE E 287 -24.99 -11.77 -36.07
CA ILE E 287 -25.34 -11.53 -34.67
C ILE E 287 -26.31 -12.61 -34.21
N LYS E 288 -26.04 -13.19 -33.05
CA LYS E 288 -26.80 -14.33 -32.54
C LYS E 288 -26.93 -14.19 -31.03
N GLN E 289 -27.81 -15.01 -30.46
CA GLN E 289 -28.18 -14.92 -29.06
C GLN E 289 -27.40 -15.94 -28.22
N ALA E 290 -27.00 -15.52 -27.03
CA ALA E 290 -26.36 -16.43 -26.08
C ALA E 290 -27.40 -17.28 -25.38
N HIS E 291 -27.07 -18.54 -25.12
CA HIS E 291 -28.05 -19.51 -24.67
C HIS E 291 -27.36 -20.61 -23.88
N CYS E 292 -28.17 -21.39 -23.16
CA CYS E 292 -27.75 -22.60 -22.49
C CYS E 292 -28.79 -23.69 -22.70
N ASN E 293 -28.33 -24.91 -22.95
CA ASN E 293 -29.17 -26.04 -23.28
C ASN E 293 -29.13 -27.09 -22.17
N ILE E 294 -30.29 -27.72 -21.93
CA ILE E 294 -30.44 -28.84 -21.02
C ILE E 294 -31.36 -29.84 -21.69
N SER E 295 -31.14 -31.13 -21.46
CA SER E 295 -32.02 -32.18 -21.95
C SER E 295 -33.24 -32.26 -21.04
N GLU E 296 -34.43 -32.19 -21.63
CA GLU E 296 -35.63 -31.96 -20.83
C GLU E 296 -36.24 -33.23 -20.24
N GLU E 297 -36.03 -34.39 -20.87
CA GLU E 297 -36.52 -35.62 -20.23
C GLU E 297 -35.71 -35.93 -18.99
N LYS E 298 -34.40 -35.71 -19.04
CA LYS E 298 -33.55 -35.94 -17.87
C LYS E 298 -33.80 -34.89 -16.80
N TRP E 299 -34.01 -33.64 -17.21
CA TRP E 299 -34.40 -32.61 -16.24
C TRP E 299 -35.74 -32.94 -15.60
N ASN E 300 -36.71 -33.43 -16.38
CA ASN E 300 -38.01 -33.78 -15.83
C ASN E 300 -37.89 -34.95 -14.85
N ASP E 301 -37.14 -35.99 -15.21
CA ASP E 301 -36.97 -37.10 -14.28
C ASP E 301 -36.28 -36.64 -13.01
N THR E 302 -35.24 -35.81 -13.14
CA THR E 302 -34.54 -35.29 -11.97
C THR E 302 -35.50 -34.48 -11.10
N LEU E 303 -36.33 -33.64 -11.71
CA LEU E 303 -37.20 -32.78 -10.93
C LEU E 303 -38.30 -33.58 -10.24
N GLN E 304 -38.83 -34.60 -10.91
CA GLN E 304 -39.77 -35.50 -10.26
C GLN E 304 -39.11 -36.24 -9.09
N LYS E 305 -37.84 -36.61 -9.26
CA LYS E 305 -37.12 -37.26 -8.17
C LYS E 305 -36.94 -36.33 -6.98
N VAL E 306 -36.69 -35.04 -7.22
CA VAL E 306 -36.77 -34.08 -6.11
C VAL E 306 -38.18 -34.04 -5.55
N GLY E 307 -39.19 -34.16 -6.40
CA GLY E 307 -40.56 -34.00 -5.95
C GLY E 307 -41.00 -35.09 -4.98
N ILE E 308 -40.50 -36.30 -5.19
CA ILE E 308 -40.83 -37.40 -4.28
C ILE E 308 -40.08 -37.30 -2.95
N GLU E 309 -39.19 -36.29 -2.82
CA GLU E 309 -38.49 -36.05 -1.57
C GLU E 309 -38.87 -34.74 -0.90
N LEU E 310 -39.40 -33.77 -1.63
CA LEU E 310 -40.02 -32.61 -1.01
C LEU E 310 -41.39 -32.96 -0.44
N GLN E 311 -42.07 -33.93 -1.06
CA GLN E 311 -43.37 -34.37 -0.57
C GLN E 311 -43.26 -35.06 0.78
N LYS E 312 -42.07 -35.55 1.14
CA LYS E 312 -41.89 -36.31 2.37
C LYS E 312 -42.21 -35.51 3.62
N HIS E 313 -42.01 -34.19 3.57
CA HIS E 313 -42.22 -33.33 4.73
C HIS E 313 -43.57 -32.62 4.71
N PHE E 314 -44.27 -32.62 3.57
CA PHE E 314 -45.56 -31.96 3.42
C PHE E 314 -46.50 -32.90 2.69
N PRO E 315 -46.81 -34.06 3.29
CA PRO E 315 -47.47 -35.14 2.53
C PRO E 315 -48.85 -34.77 1.99
N ASN E 316 -49.62 -33.93 2.68
CA ASN E 316 -50.96 -33.61 2.23
C ASN E 316 -51.00 -32.56 1.14
N LYS E 317 -49.86 -31.93 0.81
CA LYS E 317 -49.80 -30.79 -0.11
C LYS E 317 -48.93 -31.17 -1.30
N THR E 318 -49.46 -30.95 -2.49
CA THR E 318 -48.76 -31.31 -3.73
C THR E 318 -47.83 -30.18 -4.16
N ILE E 319 -47.02 -30.47 -5.18
CA ILE E 319 -45.82 -29.71 -5.50
C ILE E 319 -46.07 -28.89 -6.76
N LYS E 320 -45.51 -27.67 -6.78
CA LYS E 320 -45.53 -26.82 -7.96
C LYS E 320 -44.30 -25.92 -7.90
N TYR E 321 -43.52 -25.92 -8.98
CA TYR E 321 -42.32 -25.10 -9.10
C TYR E 321 -42.68 -23.82 -9.84
N ASN E 322 -42.28 -22.67 -9.30
CA ASN E 322 -42.71 -21.37 -9.78
C ASN E 322 -41.50 -20.49 -10.13
N GLN E 323 -41.76 -19.51 -11.00
CA GLN E 323 -40.76 -18.61 -11.55
C GLN E 323 -40.01 -17.88 -10.43
N SER E 324 -38.82 -17.35 -10.74
CA SER E 324 -37.98 -16.62 -9.80
C SER E 324 -38.68 -15.41 -9.21
N ALA E 325 -38.04 -14.78 -8.22
CA ALA E 325 -38.64 -13.68 -7.48
C ALA E 325 -38.91 -12.46 -8.35
N GLY E 326 -38.05 -12.16 -9.32
CA GLY E 326 -38.18 -10.96 -10.11
C GLY E 326 -37.52 -9.76 -9.47
N GLY E 327 -37.65 -8.62 -10.14
CA GLY E 327 -37.08 -7.39 -9.62
C GLY E 327 -35.65 -7.20 -10.11
N ASP E 328 -34.71 -7.16 -9.17
CA ASP E 328 -33.31 -6.94 -9.52
C ASP E 328 -32.79 -8.09 -10.37
N MET E 329 -32.00 -7.74 -11.39
CA MET E 329 -31.45 -8.77 -12.28
C MET E 329 -30.46 -9.67 -11.55
N GLU E 330 -29.68 -9.08 -10.63
CA GLU E 330 -28.70 -9.87 -9.88
C GLU E 330 -29.36 -10.92 -8.99
N ILE E 331 -30.62 -10.73 -8.62
CA ILE E 331 -31.34 -11.69 -7.79
C ILE E 331 -32.13 -12.68 -8.64
N THR E 332 -32.89 -12.18 -9.60
CA THR E 332 -33.89 -12.99 -10.31
C THR E 332 -33.33 -13.70 -11.54
N THR E 333 -32.02 -13.91 -11.62
CA THR E 333 -31.40 -14.58 -12.76
C THR E 333 -30.34 -15.55 -12.29
N HIS E 334 -30.14 -16.60 -13.09
CA HIS E 334 -29.02 -17.51 -12.89
C HIS E 334 -27.79 -16.92 -13.54
N SER E 335 -26.75 -16.69 -12.74
CA SER E 335 -25.51 -16.07 -13.21
C SER E 335 -24.34 -16.94 -12.80
N PHE E 336 -23.29 -16.90 -13.62
CA PHE E 336 -22.12 -17.74 -13.41
C PHE E 336 -21.01 -17.23 -14.31
N ASN E 337 -19.83 -17.80 -14.14
CA ASN E 337 -18.64 -17.41 -14.88
C ASN E 337 -18.27 -18.60 -15.78
N CYS E 338 -17.90 -18.30 -17.02
CA CYS E 338 -17.46 -19.33 -17.95
C CYS E 338 -16.54 -18.73 -18.99
N GLY E 339 -15.34 -19.28 -19.09
CA GLY E 339 -14.37 -18.81 -20.07
C GLY E 339 -13.90 -17.39 -19.82
N GLY E 340 -14.08 -16.90 -18.59
CA GLY E 340 -13.75 -15.54 -18.25
C GLY E 340 -14.85 -14.52 -18.48
N GLU E 341 -15.90 -14.89 -19.21
CA GLU E 341 -17.06 -14.02 -19.39
C GLU E 341 -18.14 -14.39 -18.38
N PHE E 342 -19.09 -13.47 -18.22
CA PHE E 342 -20.12 -13.55 -17.19
C PHE E 342 -21.49 -13.59 -17.84
N PHE E 343 -22.21 -14.70 -17.65
CA PHE E 343 -23.54 -14.90 -18.23
C PHE E 343 -24.60 -14.60 -17.18
N TYR E 344 -25.75 -14.12 -17.65
CA TYR E 344 -26.90 -13.82 -16.79
C TYR E 344 -28.15 -14.32 -17.52
N CYS E 345 -28.77 -15.38 -17.00
CA CYS E 345 -29.82 -16.10 -17.71
C CYS E 345 -31.16 -15.88 -17.04
N ASN E 346 -32.18 -15.58 -17.86
CA ASN E 346 -33.56 -15.50 -17.41
C ASN E 346 -34.14 -16.91 -17.50
N THR E 347 -34.34 -17.54 -16.35
CA THR E 347 -34.52 -18.99 -16.24
C THR E 347 -35.90 -19.39 -15.74
N SER E 348 -36.95 -18.75 -16.26
CA SER E 348 -38.30 -19.20 -15.96
C SER E 348 -38.66 -20.48 -16.70
N ASN E 349 -37.85 -20.90 -17.67
CA ASN E 349 -38.20 -22.06 -18.47
C ASN E 349 -38.00 -23.36 -17.70
N LEU E 350 -36.92 -23.43 -16.91
CA LEU E 350 -36.55 -24.67 -16.24
C LEU E 350 -37.49 -25.05 -15.10
N PHE E 351 -38.25 -24.10 -14.57
CA PHE E 351 -38.95 -24.27 -13.29
C PHE E 351 -40.41 -23.85 -13.44
N ASN E 352 -41.06 -24.40 -14.46
CA ASN E 352 -42.49 -24.23 -14.67
C ASN E 352 -43.07 -25.63 -14.79
N GLY E 353 -43.91 -26.01 -13.83
CA GLY E 353 -44.54 -27.31 -13.82
C GLY E 353 -45.31 -27.55 -12.54
N THR E 354 -45.99 -28.68 -12.44
CA THR E 354 -46.72 -29.07 -11.24
C THR E 354 -46.66 -30.58 -11.09
N TYR E 355 -46.16 -31.05 -9.95
CA TYR E 355 -45.85 -32.45 -9.73
C TYR E 355 -46.82 -33.05 -8.70
N ASN E 356 -47.16 -34.34 -8.90
CA ASN E 356 -48.26 -34.97 -8.18
C ASN E 356 -47.90 -36.38 -7.70
N GLY E 357 -46.66 -36.61 -7.32
CA GLY E 357 -46.30 -37.83 -6.60
C GLY E 357 -46.12 -39.06 -7.47
N THR E 358 -47.03 -39.25 -8.43
CA THR E 358 -46.86 -40.29 -9.43
C THR E 358 -45.60 -40.00 -10.25
N TYR E 359 -45.18 -41.00 -11.02
CA TYR E 359 -44.01 -40.88 -11.89
C TYR E 359 -44.47 -40.84 -13.34
N ILE E 360 -44.38 -39.66 -13.94
CA ILE E 360 -44.61 -39.49 -15.37
C ILE E 360 -43.26 -39.70 -16.05
N SER E 361 -43.13 -40.80 -16.78
CA SER E 361 -41.81 -41.32 -17.14
C SER E 361 -41.28 -40.67 -18.42
N THR E 362 -39.98 -40.88 -18.65
CA THR E 362 -39.36 -40.48 -19.90
C THR E 362 -39.68 -41.43 -21.05
N ASN E 363 -39.92 -42.70 -20.76
CA ASN E 363 -40.09 -43.72 -21.77
C ASN E 363 -41.57 -43.85 -22.14
N SER E 364 -41.88 -44.08 -23.41
CA SER E 364 -41.02 -44.17 -24.59
C SER E 364 -40.57 -42.77 -25.01
N SER E 365 -39.33 -42.66 -25.49
CA SER E 365 -38.77 -41.36 -25.85
C SER E 365 -39.37 -40.89 -27.17
N ALA E 366 -40.09 -39.77 -27.13
CA ALA E 366 -40.62 -39.18 -28.36
C ALA E 366 -39.49 -38.68 -29.25
N ASN E 367 -38.49 -38.04 -28.66
CA ASN E 367 -37.34 -37.53 -29.42
C ASN E 367 -36.17 -37.41 -28.45
N SER E 368 -35.18 -38.29 -28.60
CA SER E 368 -34.02 -38.28 -27.70
C SER E 368 -33.17 -37.03 -27.85
N THR E 369 -33.28 -36.31 -28.96
CA THR E 369 -32.53 -35.08 -29.18
C THR E 369 -33.25 -33.84 -28.66
N SER E 370 -34.31 -34.01 -27.87
CA SER E 370 -35.03 -32.86 -27.33
C SER E 370 -34.22 -32.19 -26.23
N THR E 371 -34.42 -30.89 -26.10
CA THR E 371 -33.71 -30.09 -25.10
C THR E 371 -34.58 -28.91 -24.70
N ILE E 372 -34.21 -28.28 -23.59
CA ILE E 372 -34.79 -27.03 -23.12
C ILE E 372 -33.70 -25.98 -23.13
N THR E 373 -33.95 -24.86 -23.81
CA THR E 373 -32.92 -23.87 -24.11
C THR E 373 -33.22 -22.58 -23.34
N LEU E 374 -32.25 -22.12 -22.56
CA LEU E 374 -32.32 -20.83 -21.90
C LEU E 374 -31.73 -19.75 -22.80
N GLN E 375 -31.92 -18.49 -22.40
CA GLN E 375 -31.34 -17.34 -23.08
C GLN E 375 -30.71 -16.43 -22.05
N CYS E 376 -29.52 -15.92 -22.35
CA CYS E 376 -28.69 -15.23 -21.36
C CYS E 376 -28.14 -13.93 -21.92
N ARG E 377 -27.98 -12.96 -21.03
CA ARG E 377 -27.31 -11.70 -21.29
C ARG E 377 -25.86 -11.78 -20.81
N ILE E 378 -25.08 -10.77 -21.16
CA ILE E 378 -23.67 -10.70 -20.80
C ILE E 378 -23.37 -9.28 -20.33
N LYS E 379 -22.54 -9.16 -19.30
CA LYS E 379 -22.16 -7.87 -18.73
C LYS E 379 -20.66 -7.79 -18.54
N GLN E 380 -20.11 -6.59 -18.71
CA GLN E 380 -18.71 -6.32 -18.42
C GLN E 380 -18.51 -5.60 -17.10
N ILE E 381 -19.50 -4.85 -16.63
CA ILE E 381 -19.44 -4.15 -15.35
C ILE E 381 -20.14 -5.05 -14.33
N ILE E 382 -19.35 -5.76 -13.53
CA ILE E 382 -19.87 -6.68 -12.52
C ILE E 382 -19.56 -6.08 -11.15
N ASN E 383 -20.61 -5.83 -10.37
CA ASN E 383 -20.46 -5.52 -8.95
C ASN E 383 -20.62 -6.83 -8.18
N MET E 384 -19.50 -7.53 -8.02
CA MET E 384 -19.56 -8.97 -7.77
C MET E 384 -19.76 -9.34 -6.30
N TRP E 385 -19.49 -8.44 -5.35
CA TRP E 385 -19.98 -8.61 -4.00
C TRP E 385 -20.32 -7.23 -3.45
N GLN E 386 -21.19 -7.21 -2.44
CA GLN E 386 -21.67 -5.96 -1.90
C GLN E 386 -20.68 -5.37 -0.89
N GLY E 387 -20.23 -4.14 -1.16
CA GLY E 387 -19.32 -3.46 -0.26
C GLY E 387 -17.91 -3.99 -0.21
N VAL E 388 -17.43 -4.61 -1.30
CA VAL E 388 -16.11 -5.24 -1.31
C VAL E 388 -15.05 -4.40 -2.05
N GLY E 389 -15.43 -3.24 -2.58
CA GLY E 389 -14.69 -2.67 -3.70
C GLY E 389 -15.21 -3.35 -4.95
N ARG E 390 -16.50 -3.12 -5.20
CA ARG E 390 -17.28 -4.04 -6.03
C ARG E 390 -16.82 -4.07 -7.48
N CYS E 391 -16.68 -2.91 -8.11
CA CYS E 391 -16.70 -2.85 -9.57
C CYS E 391 -15.41 -3.44 -10.17
N MET E 392 -15.55 -4.63 -10.75
CA MET E 392 -14.57 -5.17 -11.66
C MET E 392 -15.05 -4.99 -13.08
N TYR E 393 -14.12 -4.71 -14.00
CA TYR E 393 -14.40 -4.69 -15.43
C TYR E 393 -13.77 -5.93 -16.05
N ALA E 394 -14.59 -6.78 -16.65
CA ALA E 394 -14.11 -8.01 -17.25
C ALA E 394 -13.72 -7.72 -18.70
N PRO E 395 -12.45 -7.82 -19.09
CA PRO E 395 -12.08 -7.50 -20.47
C PRO E 395 -12.67 -8.52 -21.43
N PRO E 396 -12.98 -8.14 -22.67
CA PRO E 396 -13.47 -9.12 -23.63
C PRO E 396 -12.41 -10.18 -23.92
N ILE E 397 -12.88 -11.39 -24.23
CA ILE E 397 -12.02 -12.47 -24.68
C ILE E 397 -12.17 -12.61 -26.19
N ALA E 398 -11.13 -13.17 -26.83
CA ALA E 398 -11.18 -13.39 -28.26
C ALA E 398 -11.95 -14.66 -28.58
N GLY E 399 -12.43 -14.75 -29.82
CA GLY E 399 -13.09 -15.97 -30.27
C GLY E 399 -14.45 -16.15 -29.63
N ASN E 400 -14.85 -17.42 -29.48
CA ASN E 400 -16.11 -17.80 -28.86
C ASN E 400 -15.83 -18.88 -27.82
N ILE E 401 -16.87 -19.26 -27.07
CA ILE E 401 -16.72 -20.13 -25.91
C ILE E 401 -17.87 -21.12 -25.81
N THR E 402 -17.63 -22.20 -25.07
CA THR E 402 -18.64 -23.17 -24.70
C THR E 402 -18.47 -23.52 -23.22
N CYS E 403 -19.55 -23.96 -22.59
CA CYS E 403 -19.61 -24.12 -21.14
C CYS E 403 -20.25 -25.44 -20.74
N ARG E 404 -19.80 -26.55 -21.32
CA ARG E 404 -20.33 -27.86 -20.92
C ARG E 404 -19.99 -28.12 -19.46
N SER E 405 -21.00 -28.48 -18.67
CA SER E 405 -20.85 -28.58 -17.22
C SER E 405 -21.90 -29.55 -16.68
N ASN E 406 -21.87 -29.74 -15.36
CA ASN E 406 -22.77 -30.64 -14.65
C ASN E 406 -23.52 -29.86 -13.57
N ILE E 407 -24.83 -30.08 -13.49
CA ILE E 407 -25.62 -29.58 -12.37
C ILE E 407 -25.62 -30.63 -11.27
N THR E 408 -25.33 -30.20 -10.05
CA THR E 408 -25.22 -31.09 -8.90
C THR E 408 -26.09 -30.67 -7.72
N GLY E 409 -26.86 -29.61 -7.84
CA GLY E 409 -27.74 -29.24 -6.74
C GLY E 409 -28.51 -27.99 -7.06
N LEU E 410 -29.54 -27.75 -6.25
CA LEU E 410 -30.44 -26.61 -6.41
C LEU E 410 -30.47 -25.80 -5.12
N LEU E 411 -30.76 -24.51 -5.27
CA LEU E 411 -31.08 -23.63 -4.15
C LEU E 411 -32.51 -23.13 -4.37
N LEU E 412 -33.34 -23.26 -3.33
CA LEU E 412 -34.79 -23.09 -3.47
C LEU E 412 -35.34 -22.20 -2.37
N THR E 413 -36.54 -21.68 -2.62
CA THR E 413 -37.37 -21.02 -1.61
C THR E 413 -38.66 -21.83 -1.46
N ARG E 414 -38.98 -22.21 -0.23
CA ARG E 414 -40.31 -22.72 0.08
C ARG E 414 -41.24 -21.53 0.26
N ASP E 415 -42.38 -21.56 -0.41
CA ASP E 415 -43.27 -20.41 -0.52
C ASP E 415 -44.50 -20.60 0.35
N GLY E 416 -44.94 -19.50 0.98
CA GLY E 416 -46.07 -19.57 1.87
C GLY E 416 -47.35 -19.95 1.15
N GLY E 417 -48.37 -20.27 1.96
CA GLY E 417 -49.62 -20.76 1.41
C GLY E 417 -50.44 -19.66 0.78
N THR E 418 -51.44 -20.09 0.01
CA THR E 418 -52.38 -19.18 -0.64
C THR E 418 -53.70 -19.91 -0.80
N ASN E 419 -54.74 -19.38 -0.15
CA ASN E 419 -56.07 -20.00 -0.13
C ASN E 419 -56.04 -21.42 0.42
N SER E 420 -55.03 -21.76 1.21
CA SER E 420 -54.80 -23.13 1.69
C SER E 420 -54.72 -24.12 0.53
N ASN E 421 -54.16 -23.71 -0.60
CA ASN E 421 -54.17 -24.53 -1.80
C ASN E 421 -53.33 -25.77 -1.62
N GLU E 422 -53.86 -26.91 -2.09
CA GLU E 422 -53.14 -28.17 -2.02
C GLU E 422 -51.86 -28.15 -2.85
N THR E 423 -51.76 -27.25 -3.83
CA THR E 423 -50.60 -27.15 -4.71
C THR E 423 -49.63 -26.06 -4.25
N GLU E 424 -49.49 -25.87 -2.94
CA GLU E 424 -48.51 -24.95 -2.37
C GLU E 424 -47.13 -25.23 -2.94
N THR E 425 -46.40 -24.17 -3.26
CA THR E 425 -45.41 -24.18 -4.32
C THR E 425 -44.00 -23.91 -3.80
N PHE E 426 -43.04 -24.06 -4.71
CA PHE E 426 -41.63 -23.82 -4.46
C PHE E 426 -41.08 -22.95 -5.60
N ARG E 427 -39.91 -22.38 -5.38
CA ARG E 427 -39.28 -21.47 -6.32
C ARG E 427 -37.79 -21.73 -6.36
N PRO E 428 -37.11 -21.31 -7.44
CA PRO E 428 -35.65 -21.11 -7.34
C PRO E 428 -35.35 -19.86 -6.52
N ALA E 429 -34.16 -19.83 -5.92
CA ALA E 429 -33.81 -18.80 -4.96
C ALA E 429 -32.34 -18.45 -5.03
N GLY E 430 -32.05 -17.15 -5.17
CA GLY E 430 -30.71 -16.67 -4.99
C GLY E 430 -30.40 -16.40 -3.54
N GLY E 431 -29.12 -16.28 -3.23
CA GLY E 431 -28.72 -16.07 -1.85
C GLY E 431 -27.25 -15.77 -1.73
N ASP E 432 -26.78 -15.78 -0.50
CA ASP E 432 -25.39 -15.48 -0.23
C ASP E 432 -24.47 -16.53 -0.84
N MET E 433 -23.23 -16.12 -1.13
CA MET E 433 -22.23 -17.07 -1.59
C MET E 433 -21.80 -18.01 -0.49
N ARG E 434 -22.07 -17.67 0.77
CA ARG E 434 -21.78 -18.60 1.88
C ARG E 434 -22.63 -19.85 1.75
N ASP E 435 -23.92 -19.68 1.44
CA ASP E 435 -24.77 -20.84 1.15
C ASP E 435 -24.25 -21.63 -0.03
N ASN E 436 -23.56 -20.97 -0.96
CA ASN E 436 -22.96 -21.67 -2.09
C ASN E 436 -21.92 -22.67 -1.61
N TRP E 437 -21.07 -22.26 -0.66
CA TRP E 437 -19.98 -23.11 -0.20
C TRP E 437 -20.40 -24.01 0.94
N ARG E 438 -21.48 -23.67 1.64
CA ARG E 438 -22.01 -24.58 2.66
C ARG E 438 -22.51 -25.88 2.06
N SER E 439 -22.80 -25.91 0.76
CA SER E 439 -23.27 -27.12 0.10
C SER E 439 -22.16 -28.15 -0.09
N GLU E 440 -20.90 -27.80 0.19
CA GLU E 440 -19.76 -28.64 -0.17
C GLU E 440 -18.79 -28.90 0.97
N LEU E 441 -18.95 -28.23 2.12
CA LEU E 441 -18.11 -28.45 3.30
C LEU E 441 -18.88 -29.10 4.45
N TYR E 442 -20.07 -29.64 4.19
CA TYR E 442 -20.90 -30.17 5.27
C TYR E 442 -20.26 -31.36 5.96
N LYS E 443 -19.41 -32.11 5.26
CA LYS E 443 -18.90 -33.36 5.80
C LYS E 443 -17.94 -33.17 6.97
N TYR E 444 -17.46 -31.95 7.20
CA TYR E 444 -16.28 -31.72 8.04
C TYR E 444 -16.59 -30.93 9.29
N LYS E 445 -15.75 -31.13 10.31
CA LYS E 445 -15.70 -30.29 11.50
C LYS E 445 -14.26 -30.25 11.99
N VAL E 446 -13.98 -29.29 12.87
CA VAL E 446 -12.63 -29.07 13.41
C VAL E 446 -12.66 -29.34 14.90
N VAL E 447 -11.53 -29.82 15.44
CA VAL E 447 -11.38 -30.12 16.85
C VAL E 447 -9.99 -29.70 17.31
N LYS E 448 -9.85 -29.52 18.62
CA LYS E 448 -8.58 -29.19 19.26
C LYS E 448 -8.18 -30.34 20.18
N ILE E 449 -7.01 -30.91 19.95
CA ILE E 449 -6.58 -32.11 20.68
C ILE E 449 -6.10 -31.68 22.06
N GLU E 450 -6.30 -32.56 23.04
CA GLU E 450 -6.07 -32.27 24.46
C GLU E 450 -5.21 -33.38 25.06
N PRO E 451 -3.89 -33.38 24.80
CA PRO E 451 -3.07 -34.56 25.14
C PRO E 451 -2.95 -34.89 26.62
N LEU E 452 -3.24 -33.96 27.52
CA LEU E 452 -2.93 -34.11 28.93
C LEU E 452 -4.21 -34.42 29.71
N GLY E 453 -4.24 -35.59 30.35
CA GLY E 453 -5.39 -36.00 31.13
C GLY E 453 -4.95 -36.81 32.33
N VAL E 454 -5.87 -36.95 33.28
CA VAL E 454 -5.56 -37.51 34.60
C VAL E 454 -6.50 -38.68 34.88
N ALA E 455 -5.93 -39.79 35.33
CA ALA E 455 -6.67 -41.01 35.65
C ALA E 455 -5.98 -41.68 36.83
N PRO E 456 -6.61 -42.69 37.45
CA PRO E 456 -5.95 -43.36 38.59
C PRO E 456 -5.03 -44.48 38.13
N THR E 457 -3.76 -44.38 38.53
CA THR E 457 -2.83 -45.50 38.43
C THR E 457 -2.89 -46.28 39.74
N ARG E 458 -1.89 -47.12 39.98
CA ARG E 458 -1.66 -47.69 41.30
C ARG E 458 -0.20 -47.56 41.74
N CYS E 459 0.61 -46.78 41.01
CA CYS E 459 1.94 -46.43 41.49
C CYS E 459 1.83 -45.69 42.80
N LYS E 460 2.78 -45.95 43.70
CA LYS E 460 3.14 -44.96 44.69
C LYS E 460 4.34 -44.17 44.15
N ARG E 461 4.73 -43.12 44.85
CA ARG E 461 5.81 -42.25 44.42
C ARG E 461 6.97 -42.33 45.41
N ARG E 462 8.16 -42.04 44.89
CA ARG E 462 9.39 -41.97 45.67
C ARG E 462 9.83 -40.52 45.68
N VAL E 463 10.61 -40.14 46.69
CA VAL E 463 10.93 -38.74 46.95
C VAL E 463 11.60 -38.08 45.74
N LEU F 9 -0.37 -46.18 13.76
CA LEU F 9 -1.72 -46.20 14.30
C LEU F 9 -2.54 -44.97 13.91
N GLY F 10 -1.90 -43.91 13.41
CA GLY F 10 -2.61 -42.73 12.98
C GLY F 10 -2.81 -41.74 14.12
N PHE F 11 -3.25 -40.54 13.73
CA PHE F 11 -3.31 -39.42 14.67
C PHE F 11 -4.30 -39.69 15.79
N LEU F 12 -5.38 -40.42 15.53
CA LEU F 12 -6.43 -40.67 16.51
C LEU F 12 -6.84 -42.14 16.51
N GLY F 13 -5.88 -43.05 16.58
CA GLY F 13 -6.17 -44.47 16.52
C GLY F 13 -6.64 -45.08 17.83
N ALA F 14 -7.03 -44.24 18.80
CA ALA F 14 -7.55 -44.73 20.06
C ALA F 14 -8.76 -43.94 20.56
N ALA F 15 -9.27 -42.98 19.81
CA ALA F 15 -10.42 -42.20 20.27
C ALA F 15 -11.64 -43.08 20.41
N GLY F 16 -12.25 -43.06 21.58
CA GLY F 16 -13.33 -43.97 21.88
C GLY F 16 -12.92 -45.39 22.16
N SER F 17 -11.63 -45.65 22.38
CA SER F 17 -11.11 -46.96 22.70
C SER F 17 -10.94 -47.10 24.21
N THR F 18 -10.76 -48.35 24.66
CA THR F 18 -10.62 -48.62 26.07
C THR F 18 -9.31 -48.02 26.59
N MET F 19 -9.26 -47.84 27.92
CA MET F 19 -8.15 -47.11 28.51
C MET F 19 -6.83 -47.82 28.31
N GLY F 20 -6.84 -49.16 28.41
CA GLY F 20 -5.62 -49.93 28.28
C GLY F 20 -4.97 -49.74 26.92
N ALA F 21 -5.76 -49.87 25.86
CA ALA F 21 -5.24 -49.69 24.52
C ALA F 21 -4.79 -48.26 24.28
N ALA F 22 -5.54 -47.29 24.77
CA ALA F 22 -5.24 -45.87 24.52
C ALA F 22 -4.09 -45.36 25.36
N SER F 23 -3.75 -46.02 26.48
CA SER F 23 -2.65 -45.61 27.34
C SER F 23 -1.32 -46.22 26.92
N MET F 24 -1.35 -47.35 26.22
CA MET F 24 -0.18 -47.83 25.50
C MET F 24 -0.12 -47.16 24.13
N THR F 25 1.09 -47.00 23.61
CA THR F 25 1.35 -46.27 22.37
C THR F 25 0.70 -44.89 22.40
N LEU F 26 1.13 -44.09 23.38
CA LEU F 26 0.76 -42.68 23.42
C LEU F 26 1.60 -41.84 22.49
N THR F 27 2.74 -42.36 22.03
CA THR F 27 3.70 -41.54 21.27
C THR F 27 3.10 -41.08 19.96
N VAL F 28 2.30 -41.92 19.32
CA VAL F 28 1.79 -41.61 17.97
C VAL F 28 0.97 -40.33 17.99
N GLN F 29 0.29 -40.06 19.10
CA GLN F 29 -0.51 -38.84 19.25
C GLN F 29 0.32 -37.67 19.76
N ALA F 30 1.43 -37.94 20.44
CA ALA F 30 2.24 -36.86 21.00
C ALA F 30 3.12 -36.19 19.94
N ARG F 31 3.58 -36.96 18.95
CA ARG F 31 4.58 -36.45 18.02
C ARG F 31 4.01 -35.45 17.01
N ASN F 32 2.73 -35.51 16.70
CA ASN F 32 2.16 -34.72 15.62
C ASN F 32 1.85 -33.29 16.07
N LEU F 33 2.90 -32.58 16.47
CA LEU F 33 2.89 -31.15 16.70
C LEU F 33 4.04 -30.51 15.93
N LEU F 34 4.14 -30.85 14.65
CA LEU F 34 5.18 -30.32 13.77
C LEU F 34 4.64 -30.28 12.35
N SER F 35 4.34 -29.08 11.88
CA SER F 35 3.82 -28.84 10.53
C SER F 35 3.87 -27.34 10.28
N GLY F 36 3.21 -26.89 9.22
CA GLY F 36 3.00 -25.48 9.01
C GLY F 36 4.06 -24.80 8.17
N THR F 37 3.64 -24.05 7.15
CA THR F 37 4.54 -23.26 6.33
C THR F 37 3.78 -22.08 5.75
N VAL F 38 4.49 -21.26 4.97
CA VAL F 38 4.19 -19.84 4.85
C VAL F 38 2.88 -19.61 4.11
N TRP F 39 2.01 -18.80 4.71
CA TRP F 39 1.04 -18.00 3.96
C TRP F 39 0.78 -16.71 4.73
N GLY F 40 1.59 -15.69 4.47
CA GLY F 40 1.35 -14.40 5.06
C GLY F 40 1.34 -14.33 6.59
N ILE F 41 0.99 -13.12 7.05
CA ILE F 41 1.06 -12.78 8.46
C ILE F 41 0.07 -13.62 9.28
N LYS F 42 -1.12 -13.86 8.73
CA LYS F 42 -2.12 -14.63 9.47
C LYS F 42 -1.67 -16.07 9.69
N GLN F 43 -1.04 -16.67 8.68
CA GLN F 43 -0.42 -17.98 8.90
C GLN F 43 0.68 -17.90 9.95
N LEU F 44 1.50 -16.84 9.90
CA LEU F 44 2.57 -16.76 10.88
C LEU F 44 2.02 -16.64 12.30
N GLN F 45 0.85 -16.03 12.48
CA GLN F 45 0.15 -16.18 13.75
C GLN F 45 -0.33 -17.60 13.94
N ALA F 46 -0.82 -18.24 12.88
CA ALA F 46 -1.41 -19.56 12.98
C ALA F 46 -0.41 -20.60 13.48
N ARG F 47 0.88 -20.34 13.32
CA ARG F 47 1.90 -21.27 13.79
C ARG F 47 2.24 -21.02 15.26
N VAL F 48 1.23 -20.98 16.12
CA VAL F 48 1.49 -21.09 17.55
C VAL F 48 1.92 -22.49 17.89
N LEU F 49 1.29 -23.49 17.28
CA LEU F 49 1.76 -24.88 17.15
C LEU F 49 2.28 -25.41 18.49
N ALA F 50 3.22 -26.36 18.45
CA ALA F 50 4.06 -26.63 19.60
C ALA F 50 4.58 -25.35 20.25
N VAL F 51 4.94 -24.35 19.44
CA VAL F 51 5.69 -23.17 19.91
C VAL F 51 5.02 -22.47 21.09
N GLU F 52 3.70 -22.61 21.22
CA GLU F 52 2.99 -22.19 22.43
C GLU F 52 2.27 -23.34 23.12
N ARG F 53 1.57 -24.19 22.37
CA ARG F 53 0.79 -25.25 23.00
C ARG F 53 1.68 -26.25 23.73
N TYR F 54 2.71 -26.74 23.05
CA TYR F 54 3.60 -27.74 23.63
C TYR F 54 4.40 -27.14 24.78
N LEU F 55 4.85 -25.89 24.64
CA LEU F 55 5.60 -25.26 25.72
C LEU F 55 4.72 -25.10 26.96
N ARG F 56 3.45 -24.69 26.77
CA ARG F 56 2.51 -24.64 27.87
C ARG F 56 2.38 -26.01 28.54
N ASP F 57 1.94 -27.00 27.75
CA ASP F 57 1.63 -28.32 28.28
C ASP F 57 2.83 -28.95 28.96
N GLN F 58 4.02 -28.78 28.39
CA GLN F 58 5.22 -29.34 28.97
C GLN F 58 5.64 -28.58 30.21
N GLN F 59 5.35 -27.28 30.27
CA GLN F 59 5.62 -26.55 31.51
C GLN F 59 4.75 -27.08 32.64
N LEU F 60 3.46 -27.32 32.39
CA LEU F 60 2.64 -27.94 33.43
C LEU F 60 3.17 -29.32 33.78
N LEU F 61 3.50 -30.11 32.76
CA LEU F 61 3.87 -31.50 32.98
C LEU F 61 5.22 -31.63 33.68
N GLY F 62 6.07 -30.61 33.58
CA GLY F 62 7.34 -30.63 34.30
C GLY F 62 7.25 -30.01 35.68
N ILE F 63 6.40 -29.00 35.84
CA ILE F 63 6.20 -28.39 37.15
C ILE F 63 5.61 -29.40 38.13
N TRP F 64 4.91 -30.42 37.65
CA TRP F 64 4.40 -31.50 38.47
C TRP F 64 5.41 -32.62 38.67
N GLY F 65 6.65 -32.46 38.20
CA GLY F 65 7.68 -33.47 38.36
C GLY F 65 7.74 -34.51 37.25
N CYS F 66 6.80 -34.49 36.32
CA CYS F 66 6.73 -35.48 35.26
C CYS F 66 7.42 -35.02 33.98
N SER F 67 8.75 -34.95 33.98
CA SER F 67 9.47 -34.57 32.77
C SER F 67 9.54 -35.74 31.80
N GLY F 68 8.41 -36.10 31.20
CA GLY F 68 8.33 -37.18 30.24
C GLY F 68 6.99 -37.20 29.52
N LYS F 69 7.02 -37.34 28.20
CA LYS F 69 5.82 -37.25 27.38
C LYS F 69 5.11 -38.60 27.32
N LEU F 70 4.82 -39.18 28.48
CA LEU F 70 4.25 -40.52 28.56
C LEU F 70 3.62 -40.69 29.94
N ILE F 71 3.36 -41.93 30.33
CA ILE F 71 2.78 -42.19 31.65
C ILE F 71 3.77 -41.78 32.72
N CYS F 72 3.30 -41.01 33.69
CA CYS F 72 4.09 -40.60 34.85
C CYS F 72 3.28 -40.84 36.11
N CYS F 73 3.96 -41.19 37.19
CA CYS F 73 3.32 -41.61 38.43
C CYS F 73 3.47 -40.49 39.46
N THR F 74 2.41 -39.68 39.63
CA THR F 74 2.37 -38.71 40.71
C THR F 74 1.73 -39.35 41.94
N ASN F 75 1.68 -38.59 43.04
CA ASN F 75 1.34 -39.14 44.35
C ASN F 75 0.05 -38.59 44.96
N VAL F 76 -0.59 -37.61 44.33
CA VAL F 76 -1.68 -36.90 45.02
C VAL F 76 -2.86 -37.84 45.25
N PRO F 77 -3.49 -37.85 46.45
CA PRO F 77 -4.56 -38.84 46.69
C PRO F 77 -5.86 -38.58 45.97
N TRP F 78 -6.20 -39.49 45.06
CA TRP F 78 -7.56 -39.64 44.56
C TRP F 78 -8.52 -39.79 45.75
N ASN F 79 -9.73 -39.28 45.57
CA ASN F 79 -10.63 -39.01 46.69
C ASN F 79 -12.00 -39.63 46.43
N SER F 80 -12.72 -39.87 47.53
CA SER F 80 -14.09 -40.40 47.44
C SER F 80 -15.01 -39.41 46.74
N SER F 81 -14.84 -38.11 47.00
CA SER F 81 -15.76 -37.10 46.51
C SER F 81 -15.52 -36.68 45.06
N TRP F 82 -14.54 -37.30 44.38
CA TRP F 82 -14.27 -37.02 42.96
C TRP F 82 -14.53 -38.20 42.04
N SER F 83 -14.76 -39.40 42.55
CA SER F 83 -14.71 -40.60 41.72
C SER F 83 -16.07 -41.24 41.49
N ASN F 84 -16.65 -41.83 42.55
CA ASN F 84 -18.05 -42.25 42.58
C ASN F 84 -18.46 -43.29 41.53
N ARG F 85 -17.52 -43.78 40.72
CA ARG F 85 -17.74 -44.92 39.86
C ARG F 85 -16.64 -45.94 40.16
N ASN F 86 -16.98 -47.22 40.09
CA ASN F 86 -16.13 -48.24 40.66
C ASN F 86 -14.75 -48.25 40.01
N LEU F 87 -13.73 -48.48 40.83
CA LEU F 87 -12.35 -48.39 40.34
C LEU F 87 -12.08 -49.39 39.22
N SER F 88 -12.43 -50.66 39.46
CA SER F 88 -12.10 -51.70 38.49
C SER F 88 -12.86 -51.50 37.17
N GLU F 89 -13.99 -50.78 37.21
CA GLU F 89 -14.79 -50.57 36.01
C GLU F 89 -14.04 -49.72 34.98
N ILE F 90 -13.34 -48.68 35.44
CA ILE F 90 -12.92 -47.63 34.52
C ILE F 90 -11.82 -48.11 33.58
N TRP F 91 -10.82 -48.81 34.12
CA TRP F 91 -9.62 -49.05 33.33
C TRP F 91 -9.85 -50.07 32.22
N ASP F 92 -10.84 -50.95 32.38
CA ASP F 92 -11.08 -52.02 31.41
C ASP F 92 -12.11 -51.65 30.35
N ASN F 93 -13.12 -50.86 30.71
CA ASN F 93 -14.29 -50.65 29.86
C ASN F 93 -14.34 -49.28 29.19
N MET F 94 -14.07 -48.22 29.94
CA MET F 94 -14.34 -46.86 29.51
C MET F 94 -13.24 -46.32 28.60
N THR F 95 -13.55 -45.18 27.97
CA THR F 95 -12.62 -44.45 27.11
C THR F 95 -12.33 -43.08 27.70
N TRP F 96 -11.23 -42.48 27.22
CA TRP F 96 -10.86 -41.14 27.66
C TRP F 96 -11.93 -40.12 27.29
N LEU F 97 -12.48 -40.25 26.08
CA LEU F 97 -13.44 -39.33 25.48
C LEU F 97 -14.77 -39.30 26.19
N GLN F 98 -14.97 -40.12 27.23
CA GLN F 98 -16.06 -39.95 28.18
C GLN F 98 -15.60 -39.86 29.63
N TRP F 99 -14.33 -40.14 29.91
CA TRP F 99 -13.80 -39.97 31.26
C TRP F 99 -13.51 -38.50 31.55
N ASP F 100 -12.93 -37.80 30.57
CA ASP F 100 -12.67 -36.37 30.75
C ASP F 100 -13.96 -35.59 30.95
N LYS F 101 -15.07 -36.10 30.43
CA LYS F 101 -16.34 -35.41 30.57
C LYS F 101 -16.92 -35.55 31.96
N GLU F 102 -16.54 -36.59 32.70
CA GLU F 102 -16.95 -36.76 34.10
C GLU F 102 -15.98 -36.12 35.07
N ILE F 103 -14.69 -36.06 34.73
CA ILE F 103 -13.71 -35.45 35.62
C ILE F 103 -13.52 -33.96 35.38
N SER F 104 -14.26 -33.37 34.42
CA SER F 104 -13.99 -32.01 33.96
C SER F 104 -14.08 -30.96 35.06
N ASN F 105 -14.78 -31.25 36.16
CA ASN F 105 -14.97 -30.23 37.20
C ASN F 105 -13.67 -29.95 37.96
N TYR F 106 -12.97 -31.01 38.39
CA TYR F 106 -11.89 -30.87 39.36
C TYR F 106 -10.51 -30.74 38.72
N THR F 107 -10.41 -30.18 37.52
CA THR F 107 -9.10 -30.02 36.89
C THR F 107 -8.26 -28.99 37.65
N GLN F 108 -8.87 -27.86 38.01
CA GLN F 108 -8.10 -26.74 38.55
C GLN F 108 -7.50 -27.07 39.91
N ILE F 109 -8.21 -27.85 40.74
CA ILE F 109 -7.68 -28.19 42.05
C ILE F 109 -6.52 -29.18 41.91
N ILE F 110 -6.68 -30.16 41.02
CA ILE F 110 -5.63 -31.15 40.81
C ILE F 110 -4.39 -30.49 40.23
N TYR F 111 -4.58 -29.50 39.36
CA TYR F 111 -3.46 -28.83 38.72
C TYR F 111 -2.61 -28.02 39.70
N GLY F 112 -3.12 -27.71 40.89
CA GLY F 112 -2.34 -27.06 41.93
C GLY F 112 -1.82 -28.06 42.94
N LEU F 113 -2.61 -29.09 43.21
CA LEU F 113 -2.18 -30.14 44.13
C LEU F 113 -0.94 -30.83 43.61
N LEU F 114 -0.90 -31.11 42.30
CA LEU F 114 0.23 -31.83 41.72
C LEU F 114 1.53 -31.04 41.82
N GLU F 115 1.47 -29.72 41.71
CA GLU F 115 2.69 -28.91 41.79
C GLU F 115 3.11 -28.63 43.23
N GLU F 116 2.16 -28.40 44.14
CA GLU F 116 2.55 -28.17 45.52
C GLU F 116 3.11 -29.44 46.13
N SER F 117 2.60 -30.62 45.72
CA SER F 117 3.25 -31.86 46.15
C SER F 117 4.67 -32.00 45.59
N GLN F 118 4.91 -31.58 44.35
CA GLN F 118 6.24 -31.66 43.77
C GLN F 118 7.21 -30.77 44.54
N ASN F 119 6.81 -29.53 44.82
CA ASN F 119 7.67 -28.65 45.61
C ASN F 119 7.90 -29.22 47.01
N GLN F 120 6.85 -29.78 47.62
CA GLN F 120 6.99 -30.44 48.90
C GLN F 120 7.98 -31.61 48.86
N GLN F 121 8.05 -32.32 47.74
CA GLN F 121 8.82 -33.56 47.66
C GLN F 121 10.27 -33.36 47.24
N GLU F 122 10.57 -32.35 46.41
CA GLU F 122 11.97 -32.10 46.08
C GLU F 122 12.74 -31.55 47.28
N LYS F 123 12.03 -30.90 48.22
CA LYS F 123 12.71 -30.32 49.38
C LYS F 123 13.42 -31.38 50.21
N ASN F 124 12.77 -32.51 50.45
CA ASN F 124 13.37 -33.54 51.29
C ASN F 124 14.64 -34.09 50.67
N GLU F 125 14.79 -33.98 49.34
CA GLU F 125 16.05 -34.35 48.71
C GLU F 125 17.10 -33.28 48.97
N GLN F 126 16.70 -32.00 48.96
CA GLN F 126 17.67 -30.92 49.16
C GLN F 126 18.36 -31.02 50.51
N ASP F 127 17.59 -31.27 51.56
CA ASP F 127 18.15 -31.35 52.91
C ASP F 127 18.83 -32.67 53.18
N LEU F 128 18.33 -33.77 52.62
CA LEU F 128 19.00 -35.05 52.80
C LEU F 128 20.40 -35.03 52.18
N LEU F 129 20.53 -34.43 51.00
CA LEU F 129 21.85 -34.25 50.40
C LEU F 129 22.72 -33.32 51.23
N ALA F 130 22.12 -32.46 52.07
CA ALA F 130 22.88 -31.63 52.98
C ALA F 130 23.22 -32.35 54.28
N GLN G 1 -41.20 -27.05 -54.92
CA GLN G 1 -40.71 -26.29 -56.11
C GLN G 1 -40.13 -24.95 -55.67
N VAL G 2 -39.04 -24.54 -56.31
CA VAL G 2 -38.28 -23.35 -55.93
C VAL G 2 -37.97 -22.54 -57.17
N GLN G 3 -38.03 -21.22 -57.04
CA GLN G 3 -37.61 -20.31 -58.09
C GLN G 3 -37.07 -19.03 -57.48
N LEU G 4 -36.03 -18.51 -58.11
CA LEU G 4 -35.37 -17.25 -57.71
C LEU G 4 -35.34 -16.30 -58.90
N VAL G 5 -36.51 -16.07 -59.48
CA VAL G 5 -36.64 -15.24 -60.68
C VAL G 5 -36.08 -13.86 -60.39
N GLN G 6 -35.12 -13.43 -61.22
CA GLN G 6 -34.49 -12.13 -61.12
C GLN G 6 -35.09 -11.18 -62.17
N SER G 7 -34.78 -9.90 -61.99
CA SER G 7 -35.24 -8.90 -62.95
C SER G 7 -34.42 -8.99 -64.23
N GLY G 8 -34.87 -8.25 -65.24
CA GLY G 8 -34.24 -8.33 -66.55
C GLY G 8 -32.88 -7.66 -66.58
N ALA G 9 -32.20 -7.83 -67.71
CA ALA G 9 -30.89 -7.23 -67.93
C ALA G 9 -31.04 -5.77 -68.34
N GLU G 10 -29.98 -4.99 -68.15
CA GLU G 10 -30.01 -3.57 -68.48
C GLU G 10 -28.60 -3.03 -68.56
N LEU G 11 -28.23 -2.50 -69.72
CA LEU G 11 -26.91 -1.90 -69.91
C LEU G 11 -26.89 -0.49 -69.35
N LYS G 12 -25.76 -0.12 -68.74
CA LYS G 12 -25.60 1.18 -68.09
C LYS G 12 -24.29 1.81 -68.54
N LYS G 13 -24.23 3.13 -68.43
CA LYS G 13 -22.97 3.83 -68.66
C LYS G 13 -21.99 3.45 -67.56
N PRO G 14 -20.69 3.31 -67.85
CA PRO G 14 -19.73 3.06 -66.77
C PRO G 14 -19.69 4.24 -65.81
N GLY G 15 -19.71 3.93 -64.50
CA GLY G 15 -19.86 4.93 -63.47
C GLY G 15 -21.30 5.21 -63.07
N ALA G 16 -22.27 4.57 -63.72
CA ALA G 16 -23.68 4.78 -63.40
C ALA G 16 -24.10 3.88 -62.24
N SER G 17 -25.40 3.72 -62.02
CA SER G 17 -25.93 2.87 -60.97
C SER G 17 -27.03 1.99 -61.54
N VAL G 18 -27.36 0.93 -60.80
CA VAL G 18 -28.41 0.00 -61.21
C VAL G 18 -28.96 -0.75 -60.00
N LYS G 19 -30.27 -0.95 -59.98
CA LYS G 19 -30.93 -1.75 -58.94
C LYS G 19 -31.31 -3.10 -59.52
N VAL G 20 -30.89 -4.17 -58.86
CA VAL G 20 -31.16 -5.54 -59.28
C VAL G 20 -31.99 -6.22 -58.21
N SER G 21 -33.12 -6.78 -58.61
CA SER G 21 -34.08 -7.38 -57.69
C SER G 21 -34.16 -8.88 -57.92
N CYS G 22 -34.37 -9.62 -56.82
CA CYS G 22 -34.45 -11.08 -56.84
C CYS G 22 -35.73 -11.50 -56.13
N LYS G 23 -36.57 -12.25 -56.81
CA LYS G 23 -37.90 -12.61 -56.33
C LYS G 23 -37.86 -13.98 -55.65
N ALA G 24 -38.66 -14.15 -54.61
CA ALA G 24 -38.83 -15.44 -53.97
C ALA G 24 -40.07 -16.14 -54.52
N SER G 25 -40.05 -17.47 -54.46
CA SER G 25 -41.15 -18.27 -54.98
C SER G 25 -41.09 -19.64 -54.33
N GLY G 26 -42.21 -20.06 -53.73
CA GLY G 26 -42.26 -21.33 -53.02
C GLY G 26 -41.77 -21.29 -51.59
N TYR G 27 -41.24 -20.15 -51.14
CA TYR G 27 -40.80 -20.02 -49.75
C TYR G 27 -40.80 -18.54 -49.39
N THR G 28 -40.77 -18.27 -48.09
CA THR G 28 -40.70 -16.91 -47.57
C THR G 28 -39.24 -16.53 -47.39
N LEU G 29 -38.90 -15.32 -47.82
CA LEU G 29 -37.50 -14.89 -47.87
C LEU G 29 -36.87 -14.85 -46.48
N SER G 30 -37.68 -14.73 -45.43
CA SER G 30 -37.15 -14.57 -44.08
C SER G 30 -36.50 -15.85 -43.54
N ASP G 31 -36.68 -16.99 -44.22
CA ASP G 31 -36.06 -18.22 -43.73
C ASP G 31 -34.54 -18.20 -43.89
N TYR G 32 -34.05 -17.81 -45.08
CA TYR G 32 -32.66 -18.03 -45.46
C TYR G 32 -31.93 -16.73 -45.71
N TYR G 33 -30.60 -16.77 -45.59
CA TYR G 33 -29.76 -15.68 -46.05
C TYR G 33 -29.75 -15.66 -47.58
N VAL G 34 -29.70 -14.47 -48.15
CA VAL G 34 -29.62 -14.29 -49.60
C VAL G 34 -28.20 -13.89 -49.96
N HIS G 35 -27.56 -14.71 -50.79
CA HIS G 35 -26.21 -14.48 -51.26
C HIS G 35 -26.25 -13.95 -52.67
N TRP G 36 -25.34 -13.02 -52.98
CA TRP G 36 -25.26 -12.38 -54.28
C TRP G 36 -23.94 -12.74 -54.94
N LEU G 37 -24.03 -13.15 -56.21
CA LEU G 37 -22.92 -13.78 -56.91
C LEU G 37 -22.85 -13.20 -58.32
N ARG G 38 -21.79 -13.55 -59.04
CA ARG G 38 -21.54 -12.93 -60.34
C ARG G 38 -20.69 -13.87 -61.19
N GLN G 39 -20.77 -13.67 -62.51
CA GLN G 39 -19.98 -14.45 -63.46
C GLN G 39 -19.75 -13.61 -64.72
N ALA G 40 -18.51 -13.16 -64.90
CA ALA G 40 -18.14 -12.41 -66.10
C ALA G 40 -17.91 -13.36 -67.28
N PRO G 41 -18.00 -12.86 -68.53
CA PRO G 41 -17.88 -13.76 -69.68
C PRO G 41 -16.48 -14.37 -69.81
N GLY G 42 -16.38 -15.68 -69.61
CA GLY G 42 -15.11 -16.38 -69.65
C GLY G 42 -14.39 -16.48 -68.32
N GLN G 43 -14.90 -15.82 -67.27
CA GLN G 43 -14.33 -15.85 -65.94
C GLN G 43 -15.15 -16.76 -65.03
N GLY G 44 -14.64 -16.97 -63.82
CA GLY G 44 -15.28 -17.83 -62.85
C GLY G 44 -16.38 -17.13 -62.07
N LEU G 45 -16.82 -17.81 -61.01
CA LEU G 45 -17.87 -17.28 -60.15
C LEU G 45 -17.24 -16.41 -59.07
N GLU G 46 -17.79 -15.20 -58.89
CA GLU G 46 -17.27 -14.21 -57.96
C GLU G 46 -18.31 -13.95 -56.89
N TRP G 47 -17.91 -14.06 -55.62
CA TRP G 47 -18.82 -13.84 -54.52
C TRP G 47 -18.87 -12.36 -54.15
N VAL G 48 -20.07 -11.83 -54.00
CA VAL G 48 -20.28 -10.39 -53.84
C VAL G 48 -20.67 -10.02 -52.40
N ALA G 49 -21.70 -10.66 -51.86
CA ALA G 49 -22.17 -10.32 -50.52
C ALA G 49 -23.24 -11.30 -50.08
N TRP G 50 -23.56 -11.25 -48.79
CA TRP G 50 -24.77 -11.85 -48.24
C TRP G 50 -25.59 -10.77 -47.56
N ILE G 51 -26.88 -11.06 -47.36
CA ILE G 51 -27.74 -10.25 -46.53
C ILE G 51 -28.56 -11.17 -45.64
N ASN G 52 -28.61 -10.86 -44.36
CA ASN G 52 -29.58 -11.41 -43.44
C ASN G 52 -30.88 -10.62 -43.64
N PRO G 53 -31.86 -11.13 -44.39
CA PRO G 53 -32.97 -10.26 -44.84
C PRO G 53 -33.82 -9.68 -43.72
N THR G 54 -33.78 -10.26 -42.52
CA THR G 54 -34.60 -9.73 -41.42
C THR G 54 -34.00 -8.44 -40.87
N SER G 55 -32.78 -8.53 -40.32
CA SER G 55 -32.12 -7.36 -39.77
C SER G 55 -31.48 -6.49 -40.84
N GLY G 56 -31.43 -6.96 -42.08
CA GLY G 56 -30.75 -6.18 -43.11
C GLY G 56 -29.27 -6.08 -42.92
N ARG G 57 -28.68 -6.92 -42.08
CA ARG G 57 -27.24 -6.91 -41.86
C ARG G 57 -26.54 -7.62 -43.01
N THR G 58 -25.43 -7.04 -43.46
CA THR G 58 -24.75 -7.49 -44.68
C THR G 58 -23.25 -7.48 -44.45
N ILE G 59 -22.56 -8.29 -45.24
CA ILE G 59 -21.10 -8.25 -45.33
C ILE G 59 -20.71 -8.51 -46.78
N SER G 60 -19.75 -7.73 -47.27
CA SER G 60 -19.18 -7.85 -48.61
C SER G 60 -17.67 -7.80 -48.47
N PRO G 61 -16.92 -8.52 -49.33
CA PRO G 61 -15.56 -8.93 -48.95
C PRO G 61 -14.57 -7.80 -48.71
N ARG G 62 -14.02 -7.17 -49.75
CA ARG G 62 -13.45 -5.82 -49.70
C ARG G 62 -13.78 -5.02 -50.96
N LYS G 63 -13.72 -5.70 -52.11
CA LYS G 63 -13.78 -5.03 -53.40
C LYS G 63 -15.08 -4.27 -53.61
N PHE G 64 -16.16 -4.72 -52.97
CA PHE G 64 -17.49 -4.14 -53.17
C PHE G 64 -17.94 -3.29 -51.98
N GLN G 65 -17.08 -3.05 -51.00
CA GLN G 65 -17.45 -2.19 -49.89
C GLN G 65 -17.63 -0.76 -50.40
N GLY G 66 -18.86 -0.24 -50.25
CA GLY G 66 -19.25 1.00 -50.86
C GLY G 66 -19.88 0.86 -52.23
N ARG G 67 -19.41 -0.09 -53.05
CA ARG G 67 -20.03 -0.31 -54.35
C ARG G 67 -21.47 -0.80 -54.20
N VAL G 68 -21.71 -1.71 -53.26
CA VAL G 68 -22.96 -2.45 -53.15
C VAL G 68 -23.71 -1.98 -51.91
N THR G 69 -25.00 -1.66 -52.11
CA THR G 69 -25.91 -1.30 -51.03
C THR G 69 -27.13 -2.21 -51.13
N MET G 70 -27.74 -2.51 -49.98
CA MET G 70 -28.64 -3.64 -49.84
C MET G 70 -29.93 -3.24 -49.15
N THR G 71 -31.03 -3.85 -49.59
CA THR G 71 -32.34 -3.69 -48.98
C THR G 71 -33.16 -4.96 -49.25
N THR G 72 -34.25 -5.11 -48.51
CA THR G 72 -35.26 -6.10 -48.80
C THR G 72 -36.63 -5.53 -48.45
N ASP G 73 -37.66 -6.13 -49.05
CA ASP G 73 -39.06 -5.84 -48.73
C ASP G 73 -39.76 -7.18 -48.60
N THR G 74 -39.73 -7.75 -47.39
CA THR G 74 -40.28 -9.08 -47.17
C THR G 74 -41.80 -9.10 -47.21
N SER G 75 -42.46 -7.94 -47.12
CA SER G 75 -43.88 -7.88 -47.44
C SER G 75 -44.13 -8.23 -48.89
N MET G 76 -43.31 -7.72 -49.80
CA MET G 76 -43.33 -8.14 -51.20
C MET G 76 -42.54 -9.42 -51.44
N ASN G 77 -41.70 -9.83 -50.49
CA ASN G 77 -40.93 -11.07 -50.58
C ASN G 77 -39.89 -11.00 -51.70
N VAL G 78 -39.17 -9.87 -51.75
CA VAL G 78 -38.20 -9.59 -52.80
C VAL G 78 -36.92 -9.09 -52.14
N ALA G 79 -35.79 -9.36 -52.79
CA ALA G 79 -34.47 -8.94 -52.33
C ALA G 79 -33.80 -8.12 -53.41
N TYR G 80 -33.14 -7.03 -52.99
CA TYR G 80 -32.54 -6.05 -53.89
C TYR G 80 -31.05 -5.92 -53.61
N MET G 81 -30.30 -5.54 -54.65
CA MET G 81 -28.86 -5.30 -54.54
C MET G 81 -28.51 -4.20 -55.53
N GLU G 82 -28.09 -3.05 -55.03
CA GLU G 82 -27.84 -1.88 -55.85
C GLU G 82 -26.34 -1.67 -55.99
N LEU G 83 -25.89 -1.48 -57.24
CA LEU G 83 -24.50 -1.17 -57.54
C LEU G 83 -24.37 0.27 -57.98
N ARG G 84 -23.25 0.89 -57.63
CA ARG G 84 -22.93 2.26 -58.03
C ARG G 84 -21.46 2.35 -58.39
N GLY G 85 -21.15 3.28 -59.28
CA GLY G 85 -19.78 3.41 -59.77
C GLY G 85 -19.37 2.21 -60.60
N LEU G 86 -19.96 2.07 -61.78
CA LEU G 86 -19.74 0.88 -62.58
C LEU G 86 -18.41 0.94 -63.33
N ARG G 87 -17.98 -0.23 -63.80
CA ARG G 87 -16.78 -0.36 -64.62
C ARG G 87 -17.04 -1.39 -65.70
N SER G 88 -16.07 -1.57 -66.59
CA SER G 88 -16.22 -2.52 -67.69
C SER G 88 -16.36 -3.94 -67.17
N ASP G 89 -15.79 -4.23 -65.99
CA ASP G 89 -15.89 -5.53 -65.36
C ASP G 89 -17.34 -5.92 -65.12
N ASP G 90 -18.19 -4.95 -64.86
CA ASP G 90 -19.59 -5.19 -64.51
C ASP G 90 -20.44 -5.70 -65.67
N THR G 91 -19.85 -5.94 -66.84
CA THR G 91 -20.49 -6.80 -67.83
C THR G 91 -20.39 -8.23 -67.34
N ALA G 92 -21.33 -8.65 -66.50
CA ALA G 92 -21.26 -9.96 -65.87
C ALA G 92 -22.66 -10.39 -65.45
N VAL G 93 -22.83 -11.71 -65.29
CA VAL G 93 -24.13 -12.30 -65.00
C VAL G 93 -24.32 -12.46 -63.50
N TYR G 94 -24.96 -11.47 -62.89
CA TYR G 94 -25.25 -11.53 -61.47
C TYR G 94 -26.25 -12.64 -61.17
N PHE G 95 -25.99 -13.42 -60.12
CA PHE G 95 -26.90 -14.44 -59.62
C PHE G 95 -27.29 -14.10 -58.18
N CYS G 96 -28.56 -14.28 -57.86
CA CYS G 96 -29.02 -14.30 -56.49
C CYS G 96 -29.29 -15.75 -56.08
N ALA G 97 -28.98 -16.06 -54.82
CA ALA G 97 -29.06 -17.42 -54.31
C ALA G 97 -29.36 -17.37 -52.83
N ARG G 98 -30.12 -18.36 -52.36
CA ARG G 98 -30.43 -18.52 -50.95
C ARG G 98 -29.44 -19.50 -50.34
N GLY G 99 -28.86 -19.11 -49.20
CA GLY G 99 -27.83 -19.90 -48.56
C GLY G 99 -28.35 -20.72 -47.41
N GLY G 100 -27.94 -20.37 -46.20
CA GLY G 100 -28.26 -21.18 -45.04
C GLY G 100 -29.56 -20.74 -44.39
N TRP G 101 -30.19 -21.71 -43.70
CA TRP G 101 -31.34 -21.41 -42.87
C TRP G 101 -30.93 -20.48 -41.74
N ILE G 102 -31.81 -19.54 -41.42
CA ILE G 102 -31.54 -18.57 -40.36
C ILE G 102 -31.98 -19.19 -39.04
N SER G 103 -30.99 -19.50 -38.19
CA SER G 103 -31.24 -20.01 -36.86
C SER G 103 -30.71 -19.02 -35.83
N LEU G 104 -31.53 -18.74 -34.82
CA LEU G 104 -31.18 -17.73 -33.83
C LEU G 104 -29.98 -18.12 -32.97
N TYR G 105 -29.57 -19.40 -32.99
CA TYR G 105 -28.56 -19.90 -32.08
C TYR G 105 -27.26 -20.35 -32.75
N VAL G 106 -27.20 -20.36 -34.08
CA VAL G 106 -26.01 -20.80 -34.81
C VAL G 106 -25.87 -19.97 -36.07
N ASP G 107 -24.64 -19.53 -36.36
CA ASP G 107 -24.34 -18.63 -37.47
C ASP G 107 -24.01 -19.45 -38.71
N TYR G 108 -24.95 -19.47 -39.66
CA TYR G 108 -24.78 -20.12 -40.95
C TYR G 108 -24.66 -19.12 -42.08
N SER G 109 -24.38 -17.85 -41.78
CA SER G 109 -24.44 -16.81 -42.79
C SER G 109 -23.33 -16.95 -43.83
N TYR G 110 -22.18 -17.47 -43.42
CA TYR G 110 -20.93 -17.15 -44.09
C TYR G 110 -20.32 -18.31 -44.88
N TYR G 111 -21.02 -19.45 -45.03
CA TYR G 111 -20.36 -20.62 -45.63
C TYR G 111 -21.08 -21.11 -46.89
N PRO G 112 -20.33 -21.74 -47.85
CA PRO G 112 -20.81 -21.92 -49.22
C PRO G 112 -21.71 -23.14 -49.39
N ASN G 113 -23.00 -22.94 -49.10
CA ASN G 113 -23.96 -24.04 -49.08
C ASN G 113 -25.20 -23.65 -49.87
N PHE G 114 -24.99 -23.16 -51.09
CA PHE G 114 -26.08 -22.57 -51.86
C PHE G 114 -27.04 -23.65 -52.33
N ASP G 115 -28.30 -23.52 -51.95
CA ASP G 115 -29.32 -24.51 -52.29
C ASP G 115 -29.81 -24.32 -53.71
N SER G 116 -30.41 -23.16 -54.00
CA SER G 116 -30.94 -22.86 -55.32
C SER G 116 -30.48 -21.47 -55.74
N TRP G 117 -30.53 -21.24 -57.04
CA TRP G 117 -29.86 -20.11 -57.67
C TRP G 117 -30.86 -19.32 -58.51
N GLY G 118 -30.55 -18.05 -58.73
CA GLY G 118 -31.27 -17.30 -59.73
C GLY G 118 -30.93 -17.77 -61.13
N GLN G 119 -31.81 -17.45 -62.09
CA GLN G 119 -31.55 -17.87 -63.45
C GLN G 119 -30.38 -17.12 -64.06
N GLY G 120 -30.26 -15.82 -63.73
CA GLY G 120 -29.19 -14.97 -64.25
C GLY G 120 -29.71 -13.71 -64.91
N THR G 121 -29.24 -12.56 -64.44
CA THR G 121 -29.55 -11.27 -65.02
C THR G 121 -28.26 -10.52 -65.25
N LEU G 122 -28.19 -9.75 -66.34
CA LEU G 122 -26.95 -9.18 -66.85
C LEU G 122 -26.97 -7.66 -66.71
N VAL G 123 -26.37 -7.15 -65.64
CA VAL G 123 -25.88 -5.78 -65.66
C VAL G 123 -24.77 -5.71 -66.69
N SER G 124 -24.83 -4.71 -67.56
CA SER G 124 -23.90 -4.60 -68.67
C SER G 124 -23.37 -3.18 -68.78
N VAL G 125 -22.38 -3.03 -69.67
CA VAL G 125 -21.67 -1.77 -69.87
C VAL G 125 -21.24 -1.72 -71.33
N SER G 126 -21.39 -0.55 -71.94
CA SER G 126 -20.89 -0.33 -73.30
C SER G 126 -19.42 0.02 -73.27
N GLN H 1 -9.29 -9.87 -51.94
CA GLN H 1 -9.50 -10.91 -50.90
C GLN H 1 -9.74 -12.34 -51.45
N PRO H 2 -10.40 -12.51 -52.60
CA PRO H 2 -10.46 -13.85 -53.20
C PRO H 2 -9.07 -14.37 -53.56
N VAL H 3 -8.76 -15.57 -53.08
CA VAL H 3 -7.42 -16.15 -53.22
C VAL H 3 -7.44 -17.61 -53.69
N LEU H 4 -8.60 -18.27 -53.65
CA LEU H 4 -8.63 -19.72 -53.82
C LEU H 4 -8.24 -20.10 -55.24
N THR H 5 -7.53 -21.24 -55.36
CA THR H 5 -6.87 -21.65 -56.59
C THR H 5 -7.22 -23.10 -56.94
N GLN H 6 -7.07 -23.44 -58.22
CA GLN H 6 -7.20 -24.81 -58.70
C GLN H 6 -6.71 -24.87 -60.14
N PRO H 7 -6.28 -26.05 -60.64
CA PRO H 7 -5.79 -26.13 -62.02
C PRO H 7 -6.84 -25.74 -63.05
N ALA H 8 -6.52 -24.75 -63.89
CA ALA H 8 -7.52 -24.07 -64.71
C ALA H 8 -8.19 -24.97 -65.74
N SER H 9 -7.54 -26.05 -66.16
CA SER H 9 -8.15 -26.97 -67.11
C SER H 9 -7.35 -28.27 -67.14
N VAL H 10 -8.08 -29.38 -67.15
CA VAL H 10 -7.48 -30.72 -67.17
C VAL H 10 -8.37 -31.58 -68.05
N SER H 11 -8.00 -32.85 -68.24
CA SER H 11 -8.78 -33.80 -69.01
C SER H 11 -8.85 -35.14 -68.30
N GLY H 12 -9.96 -35.86 -68.50
CA GLY H 12 -10.17 -37.18 -67.95
C GLY H 12 -10.15 -38.26 -69.03
N SER H 13 -10.37 -39.50 -68.57
CA SER H 13 -10.43 -40.66 -69.44
C SER H 13 -11.64 -41.51 -69.03
N PRO H 14 -12.48 -41.97 -69.96
CA PRO H 14 -13.65 -42.77 -69.55
C PRO H 14 -13.26 -44.03 -68.80
N GLY H 15 -13.97 -44.29 -67.69
CA GLY H 15 -13.76 -45.47 -66.87
C GLY H 15 -12.63 -45.38 -65.88
N GLN H 16 -11.73 -44.42 -66.03
CA GLN H 16 -10.57 -44.26 -65.14
C GLN H 16 -10.91 -43.31 -64.00
N SER H 17 -9.89 -42.82 -63.30
CA SER H 17 -10.07 -41.85 -62.22
C SER H 17 -9.22 -40.62 -62.50
N ILE H 18 -9.74 -39.47 -62.07
CA ILE H 18 -9.04 -38.19 -62.22
C ILE H 18 -9.13 -37.44 -60.89
N THR H 19 -8.15 -36.58 -60.64
CA THR H 19 -8.09 -35.75 -59.44
C THR H 19 -8.31 -34.30 -59.84
N ILE H 20 -9.34 -33.67 -59.28
CA ILE H 20 -9.63 -32.26 -59.46
C ILE H 20 -9.62 -31.61 -58.08
N SER H 21 -8.60 -30.78 -57.82
CA SER H 21 -8.31 -30.30 -56.48
C SER H 21 -8.36 -28.78 -56.43
N CYS H 22 -8.28 -28.26 -55.19
CA CYS H 22 -8.17 -26.84 -54.92
C CYS H 22 -7.31 -26.65 -53.68
N THR H 23 -6.71 -25.47 -53.57
CA THR H 23 -5.83 -25.14 -52.46
C THR H 23 -6.11 -23.72 -52.00
N GLY H 24 -5.81 -23.46 -50.73
CA GLY H 24 -6.00 -22.14 -50.15
C GLY H 24 -5.03 -21.87 -49.02
N SER H 25 -5.50 -21.23 -47.96
CA SER H 25 -4.70 -20.93 -46.78
C SER H 25 -5.32 -21.58 -45.56
N SER H 26 -4.55 -21.63 -44.47
CA SER H 26 -5.09 -22.11 -43.21
C SER H 26 -6.22 -21.22 -42.72
N SER H 27 -6.25 -19.95 -43.16
CA SER H 27 -7.31 -19.04 -42.80
C SER H 27 -8.68 -19.48 -43.33
N ASP H 28 -8.73 -20.13 -44.50
CA ASP H 28 -10.01 -20.45 -45.13
C ASP H 28 -10.28 -21.93 -45.38
N VAL H 29 -9.26 -22.78 -45.50
CA VAL H 29 -9.47 -24.20 -45.76
C VAL H 29 -9.21 -25.04 -44.52
N GLY H 30 -8.06 -24.85 -43.86
CA GLY H 30 -7.77 -25.57 -42.64
C GLY H 30 -8.43 -25.01 -41.40
N SER H 31 -8.85 -23.74 -41.43
CA SER H 31 -9.51 -23.16 -40.26
C SER H 31 -10.83 -23.88 -39.97
N TYR H 32 -11.65 -24.09 -41.00
CA TYR H 32 -12.88 -24.84 -40.88
C TYR H 32 -13.04 -25.73 -42.11
N ASN H 33 -13.79 -26.82 -41.95
CA ASN H 33 -13.93 -27.82 -43.01
C ASN H 33 -15.07 -27.50 -43.96
N LEU H 34 -15.49 -26.24 -44.01
CA LEU H 34 -16.66 -25.85 -44.79
C LEU H 34 -16.28 -25.68 -46.26
N VAL H 35 -16.56 -26.70 -47.06
CA VAL H 35 -16.17 -26.75 -48.47
C VAL H 35 -17.33 -27.32 -49.27
N SER H 36 -17.42 -26.95 -50.55
CA SER H 36 -18.46 -27.46 -51.43
C SER H 36 -17.95 -27.41 -52.87
N TRP H 37 -18.64 -28.15 -53.74
CA TRP H 37 -18.25 -28.28 -55.13
C TRP H 37 -19.47 -28.10 -56.02
N TYR H 38 -19.30 -27.38 -57.13
CA TYR H 38 -20.41 -26.88 -57.94
C TYR H 38 -20.22 -27.23 -59.40
N GLN H 39 -21.33 -27.59 -60.06
CA GLN H 39 -21.37 -27.88 -61.49
C GLN H 39 -22.30 -26.88 -62.15
N GLN H 40 -21.79 -26.18 -63.17
CA GLN H 40 -22.58 -25.26 -63.97
C GLN H 40 -22.32 -25.55 -65.43
N HIS H 41 -23.40 -25.67 -66.20
CA HIS H 41 -23.31 -25.77 -67.66
C HIS H 41 -23.55 -24.40 -68.26
N PRO H 42 -22.84 -23.99 -69.33
CA PRO H 42 -23.15 -22.70 -69.96
C PRO H 42 -24.59 -22.65 -70.45
N GLY H 43 -25.22 -21.49 -70.27
CA GLY H 43 -26.64 -21.34 -70.56
C GLY H 43 -27.56 -21.85 -69.49
N LYS H 44 -27.03 -22.32 -68.36
CA LYS H 44 -27.84 -22.81 -67.25
C LYS H 44 -27.19 -22.38 -65.95
N ALA H 45 -27.92 -22.60 -64.85
CA ALA H 45 -27.47 -22.19 -63.52
C ALA H 45 -26.71 -23.30 -62.83
N PRO H 46 -25.93 -22.99 -61.79
CA PRO H 46 -25.12 -24.04 -61.15
C PRO H 46 -25.96 -25.04 -60.38
N LYS H 47 -25.26 -25.97 -59.74
CA LYS H 47 -25.88 -27.12 -59.08
C LYS H 47 -24.91 -27.67 -58.05
N LEU H 48 -25.25 -27.49 -56.77
CA LEU H 48 -24.41 -27.96 -55.67
C LEU H 48 -24.27 -29.48 -55.71
N MET H 49 -23.02 -29.96 -55.72
CA MET H 49 -22.71 -31.38 -55.83
C MET H 49 -21.91 -31.92 -54.63
N ILE H 50 -21.39 -31.04 -53.78
CA ILE H 50 -20.78 -31.44 -52.51
C ILE H 50 -21.07 -30.33 -51.52
N TYR H 51 -21.17 -30.67 -50.24
CA TYR H 51 -21.14 -29.67 -49.19
C TYR H 51 -20.58 -30.30 -47.92
N GLU H 52 -19.84 -29.47 -47.17
CA GLU H 52 -19.09 -29.91 -45.99
C GLU H 52 -18.27 -31.15 -46.29
N VAL H 53 -17.55 -31.09 -47.42
CA VAL H 53 -16.61 -32.11 -47.89
C VAL H 53 -17.33 -33.37 -48.34
N ASN H 54 -18.07 -34.02 -47.45
CA ASN H 54 -18.65 -35.33 -47.76
C ASN H 54 -20.07 -35.52 -47.20
N LYS H 55 -20.79 -34.44 -46.91
CA LYS H 55 -22.24 -34.57 -46.80
C LYS H 55 -22.82 -34.67 -48.21
N TRP H 56 -23.81 -35.53 -48.37
CA TRP H 56 -24.15 -36.07 -49.68
C TRP H 56 -25.16 -35.16 -50.37
N ALA H 57 -24.77 -34.62 -51.52
CA ALA H 57 -25.64 -33.74 -52.28
C ALA H 57 -26.62 -34.55 -53.13
N SER H 58 -27.72 -33.90 -53.52
CA SER H 58 -28.77 -34.58 -54.25
C SER H 58 -28.34 -34.91 -55.68
N GLY H 59 -28.78 -36.07 -56.16
CA GLY H 59 -28.53 -36.47 -57.54
C GLY H 59 -27.10 -36.72 -57.90
N VAL H 60 -26.21 -36.85 -56.90
CA VAL H 60 -24.79 -37.06 -57.18
C VAL H 60 -24.52 -38.56 -57.18
N SER H 61 -23.96 -39.06 -58.27
CA SER H 61 -23.57 -40.46 -58.36
C SER H 61 -22.36 -40.71 -57.47
N ASP H 62 -22.09 -42.00 -57.23
CA ASP H 62 -20.97 -42.38 -56.38
C ASP H 62 -19.61 -42.19 -57.06
N ARG H 63 -19.58 -41.75 -58.32
CA ARG H 63 -18.31 -41.40 -58.95
C ARG H 63 -17.64 -40.24 -58.22
N PHE H 64 -18.43 -39.34 -57.66
CA PHE H 64 -17.95 -38.03 -57.24
C PHE H 64 -17.47 -38.09 -55.80
N ALA H 65 -16.15 -38.20 -55.64
CA ALA H 65 -15.57 -38.23 -54.31
C ALA H 65 -15.51 -36.82 -53.72
N GLY H 66 -15.41 -36.76 -52.40
CA GLY H 66 -15.16 -35.53 -51.69
C GLY H 66 -14.24 -35.75 -50.52
N SER H 67 -13.09 -35.07 -50.52
CA SER H 67 -12.09 -35.23 -49.47
C SER H 67 -11.43 -33.90 -49.21
N LYS H 68 -10.83 -33.78 -48.03
CA LYS H 68 -10.09 -32.60 -47.61
C LYS H 68 -8.84 -33.05 -46.89
N SER H 69 -7.79 -32.24 -46.98
CA SER H 69 -6.55 -32.53 -46.26
C SER H 69 -5.79 -31.23 -46.05
N GLY H 70 -5.82 -30.71 -44.82
CA GLY H 70 -5.01 -29.56 -44.48
C GLY H 70 -5.39 -28.34 -45.28
N ASN H 71 -4.52 -27.95 -46.20
CA ASN H 71 -4.72 -26.79 -47.06
C ASN H 71 -5.35 -27.16 -48.40
N THR H 72 -5.70 -28.42 -48.63
CA THR H 72 -6.15 -28.89 -49.94
C THR H 72 -7.43 -29.69 -49.80
N ALA H 73 -8.13 -29.83 -50.93
CA ALA H 73 -9.33 -30.66 -51.02
C ALA H 73 -9.49 -31.03 -52.49
N SER H 74 -10.34 -32.02 -52.75
CA SER H 74 -10.45 -32.52 -54.12
C SER H 74 -11.70 -33.38 -54.31
N LEU H 75 -12.24 -33.30 -55.53
CA LEU H 75 -13.09 -34.33 -56.10
C LEU H 75 -12.17 -35.32 -56.80
N THR H 76 -12.00 -36.50 -56.20
CA THR H 76 -11.27 -37.59 -56.83
C THR H 76 -12.27 -38.49 -57.57
N ILE H 77 -12.64 -38.04 -58.77
CA ILE H 77 -13.66 -38.73 -59.54
C ILE H 77 -13.16 -40.13 -59.89
N SER H 78 -14.05 -41.12 -59.72
CA SER H 78 -13.78 -42.50 -60.07
C SER H 78 -14.91 -43.01 -60.95
N ARG H 79 -14.51 -43.73 -62.00
CA ARG H 79 -15.36 -44.26 -63.07
C ARG H 79 -15.81 -43.19 -64.06
N LEU H 80 -15.61 -41.91 -63.72
CA LEU H 80 -15.22 -40.84 -64.64
C LEU H 80 -15.91 -40.91 -65.99
N GLN H 81 -17.21 -40.66 -66.03
CA GLN H 81 -18.01 -40.79 -67.24
C GLN H 81 -18.06 -39.44 -67.98
N ALA H 82 -18.78 -39.42 -69.10
CA ALA H 82 -18.68 -38.31 -70.05
C ALA H 82 -19.80 -37.28 -69.90
N GLU H 83 -20.92 -37.63 -69.27
CA GLU H 83 -22.06 -36.72 -69.20
C GLU H 83 -21.94 -35.70 -68.08
N ASP H 84 -20.79 -35.04 -67.97
CA ASP H 84 -20.55 -33.99 -67.00
C ASP H 84 -19.62 -32.91 -67.59
N GLU H 85 -19.89 -32.52 -68.83
CA GLU H 85 -18.92 -31.89 -69.72
C GLU H 85 -18.48 -30.48 -69.32
N ALA H 86 -19.07 -29.92 -68.28
CA ALA H 86 -18.81 -28.53 -67.89
C ALA H 86 -17.93 -28.53 -66.64
N ASN H 87 -17.71 -27.35 -66.08
CA ASN H 87 -16.68 -27.12 -65.09
C ASN H 87 -17.05 -27.67 -63.72
N TYR H 88 -16.08 -27.66 -62.82
CA TYR H 88 -16.26 -28.08 -61.44
C TYR H 88 -15.53 -27.12 -60.50
N PHE H 89 -16.26 -26.10 -60.06
CA PHE H 89 -15.68 -25.09 -59.18
C PHE H 89 -15.50 -25.62 -57.75
N CYS H 90 -14.44 -25.17 -57.10
CA CYS H 90 -14.24 -25.36 -55.66
C CYS H 90 -14.70 -24.11 -54.93
N SER H 91 -14.91 -24.24 -53.62
CA SER H 91 -15.31 -23.09 -52.82
C SER H 91 -15.16 -23.41 -51.33
N SER H 92 -14.72 -22.41 -50.58
CA SER H 92 -14.61 -22.52 -49.13
C SER H 92 -14.81 -21.13 -48.55
N SER H 93 -14.92 -21.08 -47.22
CA SER H 93 -15.21 -19.85 -46.50
C SER H 93 -13.99 -19.41 -45.71
N THR H 94 -13.77 -18.10 -45.65
CA THR H 94 -12.62 -17.55 -44.95
C THR H 94 -12.95 -17.27 -43.48
N ASN H 95 -11.89 -17.26 -42.66
CA ASN H 95 -12.04 -16.86 -41.27
C ASN H 95 -12.43 -15.40 -41.11
N SER H 96 -12.31 -14.60 -42.17
CA SER H 96 -12.84 -13.24 -42.22
C SER H 96 -14.35 -13.20 -42.47
N ALA H 97 -15.05 -14.34 -42.42
CA ALA H 97 -16.49 -14.43 -42.64
C ALA H 97 -16.85 -13.96 -44.05
N THR H 98 -16.32 -14.71 -45.02
CA THR H 98 -16.65 -14.52 -46.42
C THR H 98 -16.56 -15.86 -47.13
N VAL H 99 -17.25 -15.97 -48.26
CA VAL H 99 -17.19 -17.15 -49.12
C VAL H 99 -16.23 -16.85 -50.26
N ILE H 100 -15.50 -17.88 -50.68
CA ILE H 100 -14.50 -17.77 -51.75
C ILE H 100 -14.78 -18.85 -52.78
N PHE H 101 -14.63 -18.51 -54.05
CA PHE H 101 -14.67 -19.45 -55.16
C PHE H 101 -13.27 -19.64 -55.73
N GLY H 102 -13.07 -20.76 -56.40
CA GLY H 102 -11.86 -20.99 -57.16
C GLY H 102 -11.95 -20.39 -58.55
N GLY H 103 -10.93 -20.68 -59.35
CA GLY H 103 -10.88 -20.25 -60.73
C GLY H 103 -11.55 -21.17 -61.71
N GLY H 104 -12.18 -22.24 -61.25
CA GLY H 104 -12.87 -23.16 -62.12
C GLY H 104 -11.94 -24.04 -62.93
N THR H 105 -12.39 -25.27 -63.17
CA THR H 105 -11.65 -26.22 -63.97
C THR H 105 -12.62 -27.08 -64.74
N LYS H 106 -12.27 -27.42 -65.97
CA LYS H 106 -13.19 -28.08 -66.88
C LYS H 106 -12.92 -29.58 -66.93
N LEU H 107 -13.96 -30.36 -66.62
CA LEU H 107 -13.95 -31.82 -66.75
C LEU H 107 -14.14 -32.16 -68.22
N THR H 108 -13.09 -31.91 -68.99
CA THR H 108 -13.15 -31.99 -70.45
C THR H 108 -13.16 -33.44 -70.92
N VAL H 109 -13.68 -33.62 -72.14
CA VAL H 109 -13.92 -34.92 -72.77
C VAL H 109 -12.63 -35.75 -72.76
N LEU H 110 -12.62 -36.98 -72.21
CA LEU H 110 -13.64 -37.68 -71.41
C LEU H 110 -14.99 -37.94 -72.11
N GLU I 2 33.57 -25.69 55.06
CA GLU I 2 32.44 -26.25 54.27
C GLU I 2 32.77 -26.21 52.78
N ASN I 3 32.91 -27.39 52.17
CA ASN I 3 33.14 -27.48 50.73
C ASN I 3 31.86 -27.11 50.00
N LEU I 4 31.57 -25.81 49.92
CA LEU I 4 30.24 -25.36 49.59
C LEU I 4 29.89 -25.57 48.12
N TRP I 5 29.08 -26.58 47.86
CA TRP I 5 28.51 -26.79 46.55
C TRP I 5 27.51 -25.67 46.23
N VAL I 6 27.50 -25.22 44.98
CA VAL I 6 26.67 -24.08 44.57
C VAL I 6 25.42 -24.60 43.87
N THR I 7 24.27 -24.04 44.25
CA THR I 7 22.98 -24.38 43.64
C THR I 7 22.52 -23.30 42.67
N VAL I 8 21.75 -23.72 41.69
CA VAL I 8 21.04 -22.85 40.78
C VAL I 8 19.55 -22.88 41.16
N TYR I 9 18.94 -21.70 41.19
CA TYR I 9 17.54 -21.52 41.52
C TYR I 9 16.82 -20.94 40.31
N TYR I 10 15.62 -21.44 40.04
CA TYR I 10 14.79 -20.95 38.95
C TYR I 10 13.49 -20.41 39.51
N GLY I 11 13.07 -19.26 39.00
CA GLY I 11 11.98 -18.51 39.58
C GLY I 11 12.41 -17.42 40.53
N VAL I 12 13.63 -16.92 40.41
CA VAL I 12 14.16 -15.95 41.37
C VAL I 12 13.47 -14.59 41.16
N PRO I 13 13.07 -13.86 42.22
CA PRO I 13 12.55 -12.50 42.01
C PRO I 13 13.64 -11.44 41.91
N VAL I 14 14.18 -11.22 40.70
CA VAL I 14 15.17 -10.18 40.44
C VAL I 14 14.73 -9.38 39.23
N TRP I 15 14.96 -8.06 39.29
CA TRP I 15 14.56 -7.11 38.28
C TRP I 15 15.77 -6.51 37.58
N LYS I 16 15.69 -6.39 36.26
CA LYS I 16 16.45 -5.40 35.49
C LYS I 16 15.46 -4.48 34.79
N GLU I 17 15.66 -3.17 34.93
CA GLU I 17 14.90 -2.22 34.13
C GLU I 17 15.40 -2.28 32.69
N ALA I 18 14.48 -2.55 31.76
CA ALA I 18 14.86 -2.81 30.38
C ALA I 18 13.79 -2.25 29.45
N LYS I 19 14.21 -2.00 28.21
CA LYS I 19 13.32 -1.45 27.20
C LYS I 19 12.53 -2.57 26.51
N THR I 20 11.32 -2.23 26.06
CA THR I 20 10.52 -3.18 25.30
C THR I 20 9.33 -2.44 24.69
N THR I 21 8.67 -3.12 23.76
CA THR I 21 7.34 -2.70 23.35
C THR I 21 6.31 -3.25 24.31
N LEU I 22 5.15 -2.58 24.36
CA LEU I 22 4.05 -2.97 25.22
C LEU I 22 2.81 -3.27 24.39
N PHE I 23 2.00 -4.22 24.87
CA PHE I 23 0.70 -4.49 24.27
C PHE I 23 -0.25 -3.35 24.61
N CYS I 24 -1.50 -3.48 24.20
CA CYS I 24 -2.56 -2.58 24.65
C CYS I 24 -3.82 -3.39 24.88
N ALA I 25 -4.62 -2.93 25.85
CA ALA I 25 -5.93 -3.49 26.11
C ALA I 25 -6.93 -2.34 26.25
N SER I 26 -8.16 -2.60 25.81
CA SER I 26 -9.20 -1.59 25.78
C SER I 26 -10.48 -2.17 26.40
N ASP I 27 -11.36 -1.27 26.82
CA ASP I 27 -12.58 -1.67 27.50
C ASP I 27 -13.50 -2.42 26.54
N ALA I 28 -14.38 -3.24 27.11
CA ALA I 28 -15.14 -4.21 26.33
C ALA I 28 -16.19 -3.56 25.45
N ARG I 29 -16.66 -2.35 25.77
CA ARG I 29 -17.80 -1.79 25.05
C ARG I 29 -17.48 -1.43 23.61
N ALA I 30 -16.20 -1.34 23.24
CA ALA I 30 -15.83 -0.79 21.94
C ALA I 30 -15.88 -1.82 20.82
N TYR I 31 -16.10 -3.10 21.13
CA TYR I 31 -15.83 -4.16 20.17
C TYR I 31 -17.01 -4.51 19.27
N GLU I 32 -18.24 -4.17 19.66
CA GLU I 32 -19.38 -4.35 18.77
C GLU I 32 -19.49 -3.26 17.71
N LYS I 33 -18.67 -2.22 17.77
CA LYS I 33 -18.82 -1.08 16.88
C LYS I 33 -18.10 -1.37 15.55
N GLU I 34 -18.09 -0.35 14.69
CA GLU I 34 -17.58 -0.51 13.34
C GLU I 34 -16.06 -0.42 13.31
N VAL I 35 -15.49 -0.73 12.14
CA VAL I 35 -14.04 -0.66 11.98
C VAL I 35 -13.58 0.78 12.13
N HIS I 36 -12.50 0.96 12.90
CA HIS I 36 -11.88 2.26 13.16
C HIS I 36 -12.78 3.20 13.95
N ASN I 37 -13.89 2.71 14.51
CA ASN I 37 -14.93 3.55 15.10
C ASN I 37 -15.35 2.97 16.44
N VAL I 38 -14.75 3.43 17.54
CA VAL I 38 -13.63 4.35 17.69
C VAL I 38 -12.40 3.59 17.22
N TRP I 39 -11.31 4.30 16.91
CA TRP I 39 -10.11 3.62 16.45
C TRP I 39 -9.53 2.67 17.50
N ALA I 40 -9.87 2.87 18.78
CA ALA I 40 -9.34 2.00 19.83
C ALA I 40 -9.87 0.58 19.74
N THR I 41 -11.02 0.37 19.09
CA THR I 41 -11.56 -0.99 18.97
C THR I 41 -10.70 -1.86 18.07
N HIS I 42 -9.88 -1.26 17.22
CA HIS I 42 -9.28 -1.95 16.09
C HIS I 42 -7.98 -2.67 16.44
N ALA I 43 -7.33 -2.32 17.58
CA ALA I 43 -5.94 -2.73 17.78
C ALA I 43 -5.61 -3.18 19.21
N CYS I 44 -6.58 -3.50 20.06
CA CYS I 44 -6.30 -3.88 21.44
C CYS I 44 -7.14 -5.08 21.85
N VAL I 45 -6.65 -5.79 22.87
CA VAL I 45 -7.32 -6.98 23.41
C VAL I 45 -8.39 -6.55 24.40
N PRO I 46 -9.47 -7.30 24.58
CA PRO I 46 -10.44 -6.92 25.62
C PRO I 46 -9.82 -6.99 27.01
N THR I 47 -9.81 -5.85 27.70
CA THR I 47 -9.13 -5.74 28.98
C THR I 47 -9.90 -6.48 30.07
N ASP I 48 -9.31 -6.49 31.26
CA ASP I 48 -9.91 -7.08 32.44
C ASP I 48 -9.27 -6.41 33.64
N PRO I 49 -10.05 -5.80 34.56
CA PRO I 49 -9.42 -5.25 35.77
C PRO I 49 -8.70 -6.30 36.59
N SER I 50 -9.20 -7.52 36.62
CA SER I 50 -8.50 -8.60 37.28
C SER I 50 -7.17 -8.88 36.58
N PRO I 51 -6.11 -9.28 37.30
CA PRO I 51 -5.98 -9.54 38.75
C PRO I 51 -5.87 -8.27 39.59
N GLN I 52 -6.02 -8.40 40.90
CA GLN I 52 -5.80 -7.27 41.79
C GLN I 52 -4.34 -6.86 41.76
N GLU I 53 -4.09 -5.55 41.88
CA GLU I 53 -2.74 -5.03 41.94
C GLU I 53 -2.13 -5.38 43.29
N LEU I 54 -1.20 -6.33 43.29
CA LEU I 54 -0.62 -6.82 44.54
C LEU I 54 0.49 -5.89 45.01
N VAL I 55 0.45 -5.54 46.29
CA VAL I 55 1.51 -4.74 46.88
C VAL I 55 2.76 -5.59 47.04
N LEU I 56 3.91 -4.98 46.79
CA LEU I 56 5.21 -5.61 47.03
C LEU I 56 5.64 -5.14 48.42
N GLY I 57 5.51 -6.04 49.40
CA GLY I 57 5.52 -5.66 50.80
C GLY I 57 6.78 -4.98 51.28
N ASN I 58 7.95 -5.43 50.82
CA ASN I 58 9.23 -4.89 51.27
C ASN I 58 10.05 -4.63 50.01
N VAL I 59 10.15 -3.37 49.61
CA VAL I 59 10.85 -3.00 48.38
C VAL I 59 11.35 -1.56 48.54
N THR I 60 12.27 -1.17 47.67
CA THR I 60 12.65 0.23 47.52
C THR I 60 13.22 0.39 46.11
N GLU I 61 12.46 1.06 45.25
CA GLU I 61 12.75 1.08 43.81
C GLU I 61 12.78 2.52 43.32
N ASN I 62 13.76 2.83 42.48
CA ASN I 62 13.90 4.17 41.93
C ASN I 62 13.10 4.33 40.65
N PHE I 63 12.39 5.45 40.54
CA PHE I 63 11.66 5.84 39.34
C PHE I 63 12.29 7.11 38.79
N ASN I 64 12.19 7.28 37.48
CA ASN I 64 12.59 8.53 36.83
C ASN I 64 11.59 8.81 35.71
N MET I 65 10.67 9.73 35.99
CA MET I 65 9.61 10.08 35.04
C MET I 65 10.16 10.55 33.70
N TRP I 66 11.06 11.53 33.72
CA TRP I 66 11.52 12.17 32.50
C TRP I 66 12.34 11.24 31.62
N LYS I 67 13.22 10.43 32.20
CA LYS I 67 14.06 9.52 31.44
C LYS I 67 13.27 8.32 30.90
N ASN I 68 12.01 8.16 31.28
CA ASN I 68 11.20 7.06 30.80
C ASN I 68 11.02 7.13 29.28
N ASP I 69 11.01 5.96 28.64
CA ASP I 69 10.80 5.85 27.20
C ASP I 69 9.48 5.20 26.83
N MET I 70 8.73 4.67 27.79
CA MET I 70 7.41 4.12 27.53
C MET I 70 6.50 5.14 26.85
N VAL I 71 6.65 6.41 27.22
CA VAL I 71 5.88 7.47 26.59
C VAL I 71 6.25 7.58 25.11
N ASP I 72 7.53 7.36 24.78
CA ASP I 72 7.92 7.42 23.37
C ASP I 72 7.31 6.28 22.57
N GLN I 73 7.23 5.08 23.15
CA GLN I 73 6.55 3.98 22.48
C GLN I 73 5.07 4.31 22.29
N MET I 74 4.44 4.88 23.32
CA MET I 74 3.07 5.37 23.18
C MET I 74 2.93 6.35 22.02
N HIS I 75 3.86 7.30 21.94
CA HIS I 75 3.79 8.34 20.91
C HIS I 75 3.92 7.73 19.52
N GLU I 76 4.94 6.90 19.31
CA GLU I 76 5.14 6.32 17.99
C GLU I 76 3.96 5.45 17.60
N ASP I 77 3.44 4.66 18.54
CA ASP I 77 2.31 3.79 18.24
C ASP I 77 1.06 4.60 17.91
N ILE I 78 0.78 5.66 18.66
CA ILE I 78 -0.45 6.41 18.41
C ILE I 78 -0.36 7.18 17.09
N ILE I 79 0.82 7.72 16.77
CA ILE I 79 0.98 8.41 15.49
C ILE I 79 0.86 7.42 14.33
N SER I 80 1.46 6.23 14.48
CA SER I 80 1.35 5.23 13.41
C SER I 80 -0.10 4.77 13.26
N LEU I 81 -0.80 4.60 14.38
CA LEU I 81 -2.21 4.23 14.35
C LEU I 81 -3.03 5.30 13.64
N TRP I 82 -2.70 6.58 13.88
CA TRP I 82 -3.46 7.64 13.23
C TRP I 82 -3.13 7.76 11.75
N ASP I 83 -1.88 7.50 11.37
CA ASP I 83 -1.50 7.62 9.96
C ASP I 83 -2.27 6.62 9.11
N GLN I 84 -2.48 5.41 9.63
CA GLN I 84 -3.23 4.40 8.90
C GLN I 84 -4.68 4.81 8.72
N SER I 85 -5.22 5.63 9.62
CA SER I 85 -6.63 6.03 9.54
C SER I 85 -6.92 6.95 8.37
N LEU I 86 -5.91 7.54 7.74
CA LEU I 86 -6.10 8.50 6.65
C LEU I 86 -5.93 7.88 5.28
N LYS I 87 -5.77 6.56 5.19
CA LYS I 87 -5.61 5.88 3.91
C LYS I 87 -6.93 5.60 3.20
N PRO I 88 -7.97 5.05 3.85
CA PRO I 88 -9.19 4.70 3.09
C PRO I 88 -10.06 5.89 2.69
N CYS I 89 -9.68 7.12 3.01
CA CYS I 89 -10.49 8.29 2.74
C CYS I 89 -10.04 9.00 1.46
N VAL I 90 -10.79 10.03 1.09
CA VAL I 90 -10.56 10.74 -0.17
C VAL I 90 -9.52 11.82 0.06
N LYS I 91 -8.55 11.91 -0.86
CA LYS I 91 -7.45 12.87 -0.75
C LYS I 91 -7.74 14.19 -1.46
N LEU I 92 -8.93 14.77 -1.23
CA LEU I 92 -9.45 16.00 -1.83
C LEU I 92 -8.95 16.20 -3.27
N THR I 93 -8.20 17.31 -3.56
CA THR I 93 -7.40 17.63 -4.74
C THR I 93 -8.14 18.54 -5.73
N PRO I 94 -9.32 18.22 -6.26
CA PRO I 94 -9.99 19.19 -7.14
C PRO I 94 -10.32 20.52 -6.49
N LEU I 95 -10.48 20.57 -5.17
CA LEU I 95 -10.81 21.84 -4.53
C LEU I 95 -9.62 22.79 -4.43
N CYS I 96 -8.40 22.31 -4.68
CA CYS I 96 -7.24 23.19 -4.69
C CYS I 96 -7.23 23.92 -6.04
N VAL I 97 -8.11 24.93 -6.13
CA VAL I 97 -8.27 25.78 -7.30
C VAL I 97 -8.45 27.20 -6.82
N THR I 98 -8.56 28.14 -7.76
CA THR I 98 -8.98 29.48 -7.41
C THR I 98 -10.42 29.45 -6.95
N LEU I 99 -10.69 30.09 -5.81
CA LEU I 99 -12.02 30.16 -5.23
C LEU I 99 -12.56 31.58 -5.36
N ILE I 100 -13.65 31.74 -6.10
CA ILE I 100 -14.32 33.03 -6.21
C ILE I 100 -15.19 33.20 -4.98
N CYS I 101 -15.02 34.32 -4.27
CA CYS I 101 -15.63 34.55 -2.98
C CYS I 101 -16.28 35.92 -2.94
N SER I 102 -17.39 36.00 -2.22
CA SER I 102 -18.09 37.27 -2.07
C SER I 102 -17.26 38.25 -1.24
N ASN I 103 -17.53 39.55 -1.44
CA ASN I 103 -16.78 40.61 -0.77
C ASN I 103 -17.72 41.70 -0.26
N ALA I 104 -18.87 41.29 0.29
CA ALA I 104 -19.84 42.27 0.75
C ALA I 104 -19.41 42.91 2.07
N THR I 105 -18.82 42.12 2.97
CA THR I 105 -18.40 42.57 4.29
C THR I 105 -19.59 42.92 5.17
N VAL I 106 -19.44 42.73 6.49
CA VAL I 106 -20.49 43.09 7.44
C VAL I 106 -20.22 44.47 8.07
N LYS I 107 -18.99 44.73 8.51
CA LYS I 107 -18.48 46.09 8.72
C LYS I 107 -19.07 46.82 9.93
N ASN I 108 -20.10 46.26 10.58
CA ASN I 108 -20.81 46.99 11.62
C ASN I 108 -20.43 46.57 13.03
N GLY I 109 -19.53 45.61 13.20
CA GLY I 109 -19.05 45.25 14.52
C GLY I 109 -20.05 44.41 15.30
N THR I 110 -19.62 43.99 16.48
CA THR I 110 -20.39 43.10 17.35
C THR I 110 -20.72 41.80 16.62
N VAL I 111 -19.81 41.35 15.75
CA VAL I 111 -20.07 40.20 14.89
C VAL I 111 -18.73 39.74 14.32
N GLU I 112 -18.59 38.42 14.18
CA GLU I 112 -17.50 37.84 13.42
C GLU I 112 -18.06 36.62 12.69
N GLU I 113 -17.81 36.57 11.39
CA GLU I 113 -18.61 35.75 10.49
C GLU I 113 -17.69 34.90 9.61
N MET I 114 -18.33 34.13 8.73
CA MET I 114 -17.71 33.04 7.99
C MET I 114 -17.86 33.32 6.50
N LYS I 115 -16.76 33.21 5.76
CA LYS I 115 -16.74 33.70 4.38
C LYS I 115 -17.31 32.68 3.42
N ASN I 116 -18.01 33.18 2.40
CA ASN I 116 -18.70 32.37 1.41
C ASN I 116 -17.88 32.34 0.13
N CYS I 117 -17.66 31.14 -0.41
CA CYS I 117 -16.77 30.96 -1.56
C CYS I 117 -17.36 29.94 -2.51
N SER I 118 -16.81 29.91 -3.73
CA SER I 118 -17.33 29.07 -4.80
C SER I 118 -16.17 28.55 -5.65
N PHE I 119 -16.44 27.46 -6.37
CA PHE I 119 -15.41 26.75 -7.11
C PHE I 119 -16.07 25.85 -8.15
N ASN I 120 -15.26 25.38 -9.09
CA ASN I 120 -15.69 24.48 -10.15
C ASN I 120 -15.20 23.07 -9.89
N THR I 121 -16.04 22.08 -10.18
CA THR I 121 -15.89 20.73 -9.67
C THR I 121 -15.98 19.70 -10.79
N THR I 122 -15.28 18.57 -10.58
CA THR I 122 -15.38 17.42 -11.48
C THR I 122 -16.63 16.64 -11.10
N THR I 123 -17.70 16.82 -11.88
CA THR I 123 -19.03 16.36 -11.52
C THR I 123 -19.27 14.91 -11.95
N GLU I 124 -20.53 14.47 -12.01
CA GLU I 124 -20.86 13.08 -12.32
C GLU I 124 -20.29 12.63 -13.66
N ILE I 125 -20.04 13.55 -14.59
CA ILE I 125 -19.17 13.32 -15.73
C ILE I 125 -17.84 13.98 -15.41
N ARG I 126 -16.75 13.37 -15.87
CA ARG I 126 -15.44 13.95 -15.58
C ARG I 126 -15.24 15.27 -16.30
N ASP I 127 -15.49 15.29 -17.61
CA ASP I 127 -15.24 16.47 -18.44
C ASP I 127 -16.52 17.28 -18.64
N LYS I 128 -17.21 17.57 -17.55
CA LYS I 128 -18.41 18.40 -17.57
C LYS I 128 -18.42 19.34 -16.35
N GLU I 129 -17.32 20.07 -16.16
CA GLU I 129 -17.12 20.87 -14.95
C GLU I 129 -18.28 21.82 -14.69
N LYS I 130 -18.77 21.81 -13.45
CA LYS I 130 -19.96 22.58 -13.06
C LYS I 130 -19.65 23.41 -11.82
N LYS I 131 -20.64 24.20 -11.41
CA LYS I 131 -20.45 25.22 -10.37
C LYS I 131 -20.95 24.73 -9.02
N GLU I 132 -20.23 25.11 -7.96
CA GLU I 132 -20.59 24.77 -6.59
C GLU I 132 -20.19 25.92 -5.68
N TYR I 133 -20.78 25.93 -4.47
CA TYR I 133 -20.48 26.95 -3.47
C TYR I 133 -20.37 26.30 -2.09
N ALA I 134 -19.65 26.97 -1.20
CA ALA I 134 -19.34 26.43 0.11
C ALA I 134 -18.96 27.56 1.07
N LEU I 135 -19.37 27.43 2.33
CA LEU I 135 -18.94 28.33 3.39
C LEU I 135 -17.67 27.79 4.02
N PHE I 136 -16.66 28.65 4.16
CA PHE I 136 -15.37 28.28 4.72
C PHE I 136 -15.01 29.23 5.86
N TYR I 137 -14.49 28.66 6.95
CA TYR I 137 -13.96 29.48 8.03
C TYR I 137 -12.72 30.22 7.55
N LYS I 138 -12.55 31.44 8.03
CA LYS I 138 -11.56 32.38 7.50
C LYS I 138 -10.12 31.86 7.47
N PRO I 139 -9.60 31.21 8.52
CA PRO I 139 -8.20 30.77 8.46
C PRO I 139 -7.91 29.78 7.35
N ASP I 140 -8.89 29.00 6.91
CA ASP I 140 -8.68 28.00 5.87
C ASP I 140 -8.53 28.58 4.48
N ILE I 141 -8.76 29.89 4.31
CA ILE I 141 -8.78 30.54 3.01
C ILE I 141 -7.83 31.73 3.07
N VAL I 142 -7.09 31.94 1.98
CA VAL I 142 -6.06 32.98 1.90
C VAL I 142 -6.22 33.71 0.57
N PRO I 143 -5.78 34.97 0.49
CA PRO I 143 -5.76 35.64 -0.82
C PRO I 143 -4.84 34.92 -1.81
N LEU I 144 -5.23 34.97 -3.08
CA LEU I 144 -4.60 34.12 -4.10
C LEU I 144 -3.26 34.68 -4.57
N SER I 145 -3.25 35.92 -5.07
CA SER I 145 -2.10 36.41 -5.81
C SER I 145 -1.90 37.90 -5.55
N GLU I 146 -0.67 38.36 -5.82
CA GLU I 146 -0.37 39.78 -5.76
C GLU I 146 -1.20 40.58 -6.76
N THR I 147 -1.61 39.96 -7.88
CA THR I 147 -2.58 40.57 -8.77
C THR I 147 -3.88 40.71 -8.00
N ASN I 148 -4.21 41.95 -7.64
CA ASN I 148 -5.17 42.19 -6.57
C ASN I 148 -6.62 42.04 -7.02
N ASN I 149 -6.99 40.87 -7.53
CA ASN I 149 -8.40 40.51 -7.70
C ASN I 149 -8.90 39.98 -6.37
N THR I 150 -9.52 40.84 -5.56
CA THR I 150 -9.88 40.47 -4.19
C THR I 150 -10.90 39.34 -4.14
N SER I 151 -11.65 39.12 -5.22
CA SER I 151 -12.62 38.03 -5.23
C SER I 151 -11.97 36.66 -5.39
N GLU I 152 -10.74 36.60 -5.88
CA GLU I 152 -10.06 35.33 -6.13
C GLU I 152 -9.21 34.95 -4.92
N TYR I 153 -9.57 33.84 -4.29
CA TYR I 153 -8.93 33.37 -3.07
C TYR I 153 -8.44 31.95 -3.25
N ARG I 154 -7.51 31.55 -2.38
CA ARG I 154 -6.89 30.23 -2.41
C ARG I 154 -7.19 29.46 -1.15
N LEU I 155 -7.42 28.16 -1.31
CA LEU I 155 -7.38 27.25 -0.19
C LEU I 155 -5.94 27.18 0.33
N ILE I 156 -5.77 27.23 1.66
CA ILE I 156 -4.45 27.41 2.26
C ILE I 156 -3.50 26.25 1.93
N ASN I 157 -4.01 25.15 1.41
CA ASN I 157 -3.19 24.03 0.98
C ASN I 157 -2.44 24.32 -0.31
N CYS I 158 -1.67 23.33 -0.76
CA CYS I 158 -0.92 23.33 -2.02
C CYS I 158 0.30 24.25 -1.98
N ASN I 159 0.50 24.99 -0.88
CA ASN I 159 1.76 25.71 -0.68
C ASN I 159 2.80 24.82 -0.04
N THR I 160 2.36 23.79 0.70
CA THR I 160 3.28 22.87 1.38
C THR I 160 2.93 21.40 1.23
N SER I 161 1.68 21.03 0.96
CA SER I 161 1.31 19.62 0.93
C SER I 161 -0.10 19.46 0.40
N ALA I 162 -0.50 18.21 0.16
CA ALA I 162 -1.87 17.85 -0.14
C ALA I 162 -2.57 17.36 1.13
N CYS I 163 -3.88 17.12 1.02
CA CYS I 163 -4.73 16.93 2.19
C CYS I 163 -5.73 15.81 1.97
N THR I 164 -6.29 15.32 3.08
CA THR I 164 -7.20 14.19 3.09
C THR I 164 -8.40 14.51 3.98
N GLN I 165 -9.60 14.30 3.45
CA GLN I 165 -10.80 14.43 4.25
C GLN I 165 -10.88 13.29 5.24
N ALA I 166 -11.25 13.60 6.49
CA ALA I 166 -11.50 12.56 7.46
C ALA I 166 -12.81 11.86 7.14
N CYS I 167 -12.80 10.54 7.14
CA CYS I 167 -14.01 9.80 6.81
C CYS I 167 -15.07 10.05 7.88
N PRO I 168 -16.36 10.17 7.52
CA PRO I 168 -17.37 10.38 8.57
C PRO I 168 -17.64 9.15 9.40
N LYS I 169 -17.18 7.97 8.97
CA LYS I 169 -17.42 6.74 9.71
C LYS I 169 -16.51 6.57 10.92
N VAL I 170 -15.60 7.51 11.18
CA VAL I 170 -14.72 7.48 12.34
C VAL I 170 -14.89 8.80 13.10
N THR I 171 -15.01 8.70 14.42
CA THR I 171 -15.17 9.86 15.28
C THR I 171 -14.13 9.83 16.39
N PHE I 172 -13.95 11.00 17.01
CA PHE I 172 -12.69 11.33 17.67
C PHE I 172 -12.63 11.03 19.15
N GLU I 173 -13.77 10.92 19.84
CA GLU I 173 -13.76 11.06 21.30
C GLU I 173 -12.95 9.95 21.96
N PRO I 174 -12.00 10.26 22.87
CA PRO I 174 -10.95 9.29 23.21
C PRO I 174 -11.44 8.13 24.07
N ILE I 175 -11.30 6.92 23.53
CA ILE I 175 -11.57 5.70 24.31
C ILE I 175 -10.35 5.38 25.17
N PRO I 176 -10.50 4.91 26.41
CA PRO I 176 -9.31 4.61 27.22
C PRO I 176 -8.49 3.48 26.64
N ILE I 177 -7.18 3.52 26.90
CA ILE I 177 -6.22 2.52 26.44
C ILE I 177 -5.41 2.08 27.65
N HIS I 178 -5.05 0.79 27.68
CA HIS I 178 -4.24 0.20 28.76
C HIS I 178 -2.97 -0.36 28.14
N TYR I 179 -1.91 0.46 28.06
CA TYR I 179 -0.64 -0.01 27.53
C TYR I 179 -0.07 -1.07 28.46
N CYS I 180 0.18 -2.27 27.91
CA CYS I 180 0.18 -3.45 28.76
C CYS I 180 1.33 -4.37 28.37
N ALA I 181 1.79 -5.16 29.36
CA ALA I 181 3.11 -5.77 29.35
C ALA I 181 3.09 -7.14 28.65
N PRO I 182 4.23 -7.59 28.12
CA PRO I 182 4.35 -9.00 27.73
C PRO I 182 4.80 -9.84 28.91
N ALA I 183 4.50 -11.14 28.83
CA ALA I 183 5.00 -12.09 29.80
C ALA I 183 6.52 -12.13 29.78
N GLY I 184 7.12 -12.32 30.96
CA GLY I 184 8.54 -12.16 31.14
C GLY I 184 8.94 -10.76 31.53
N TYR I 185 8.18 -9.75 31.11
CA TYR I 185 8.29 -8.38 31.60
C TYR I 185 7.18 -8.13 32.60
N ALA I 186 7.31 -7.02 33.35
CA ALA I 186 6.34 -6.65 34.35
C ALA I 186 6.27 -5.13 34.46
N ILE I 187 5.10 -4.63 34.82
CA ILE I 187 4.87 -3.20 35.05
C ILE I 187 4.76 -2.99 36.56
N LEU I 188 5.57 -2.08 37.08
CA LEU I 188 5.49 -1.67 38.48
C LEU I 188 4.80 -0.32 38.55
N LYS I 189 4.18 -0.02 39.69
CA LYS I 189 3.42 1.20 39.90
C LYS I 189 3.84 1.88 41.19
N CYS I 190 4.11 3.18 41.12
CA CYS I 190 4.61 3.94 42.28
C CYS I 190 3.42 4.45 43.08
N ASN I 191 3.33 4.03 44.34
CA ASN I 191 2.14 4.26 45.17
C ASN I 191 2.29 5.41 46.16
N ASP I 192 3.40 6.16 46.10
CA ASP I 192 3.56 7.35 46.94
C ASP I 192 3.05 8.58 46.20
N GLU I 193 2.06 9.25 46.79
CA GLU I 193 1.47 10.43 46.16
C GLU I 193 2.36 11.65 46.25
N THR I 194 3.12 11.79 47.34
CA THR I 194 4.05 12.91 47.50
C THR I 194 5.36 12.66 46.78
N PHE I 195 5.31 12.49 45.47
CA PHE I 195 6.44 12.01 44.67
C PHE I 195 6.87 13.09 43.69
N ASN I 196 8.14 13.50 43.77
CA ASN I 196 8.67 14.62 43.01
C ASN I 196 9.25 14.22 41.66
N GLY I 197 8.79 13.11 41.08
CA GLY I 197 9.20 12.69 39.76
C GLY I 197 10.48 11.88 39.70
N THR I 198 11.25 11.83 40.78
CA THR I 198 12.50 11.08 40.81
C THR I 198 12.66 10.47 42.19
N GLY I 199 13.78 9.77 42.39
CA GLY I 199 14.10 9.20 43.67
C GLY I 199 13.36 7.91 43.93
N PRO I 200 13.52 7.36 45.14
CA PRO I 200 12.91 6.06 45.45
C PRO I 200 11.42 6.19 45.73
N CYS I 201 10.64 5.29 45.15
CA CYS I 201 9.27 5.06 45.57
C CYS I 201 9.30 4.06 46.72
N SER I 202 9.05 4.55 47.94
CA SER I 202 9.11 3.71 49.13
C SER I 202 7.90 2.80 49.28
N ASN I 203 6.89 2.96 48.43
CA ASN I 203 5.81 1.99 48.30
C ASN I 203 5.61 1.73 46.82
N VAL I 204 5.73 0.46 46.44
CA VAL I 204 5.60 0.04 45.05
C VAL I 204 4.75 -1.22 45.02
N SER I 205 4.01 -1.38 43.92
CA SER I 205 3.15 -2.52 43.69
C SER I 205 3.35 -3.05 42.28
N THR I 206 3.36 -4.37 42.15
CA THR I 206 3.26 -4.99 40.84
C THR I 206 1.81 -4.93 40.38
N VAL I 207 1.62 -4.46 39.15
CA VAL I 207 0.31 -4.35 38.55
C VAL I 207 0.34 -5.16 37.26
N GLN I 208 -0.82 -5.72 36.87
CA GLN I 208 -0.88 -6.39 35.58
C GLN I 208 -0.49 -5.42 34.47
N CYS I 209 -1.15 -4.27 34.41
CA CYS I 209 -0.84 -3.22 33.46
C CYS I 209 -1.74 -2.00 33.67
N THR I 210 -1.39 -0.91 32.98
CA THR I 210 -1.73 0.44 33.40
C THR I 210 -3.22 0.70 33.38
N HIS I 211 -3.66 1.59 34.27
CA HIS I 211 -5.03 2.08 34.25
C HIS I 211 -5.24 2.94 33.00
N GLY I 212 -6.50 3.09 32.61
CA GLY I 212 -6.85 3.66 31.33
C GLY I 212 -6.30 5.05 31.06
N ILE I 213 -5.53 5.18 29.98
CA ILE I 213 -5.05 6.47 29.53
C ILE I 213 -6.04 7.04 28.52
N ARG I 214 -6.41 8.31 28.72
CA ARG I 214 -7.26 9.02 27.78
C ARG I 214 -6.37 9.90 26.93
N PRO I 215 -6.10 9.58 25.63
CA PRO I 215 -5.21 10.41 24.81
C PRO I 215 -5.89 11.68 24.29
N VAL I 216 -6.41 12.49 25.20
CA VAL I 216 -7.14 13.69 24.81
C VAL I 216 -6.12 14.69 24.27
N VAL I 217 -6.35 15.14 23.03
CA VAL I 217 -5.42 16.08 22.41
C VAL I 217 -5.55 17.43 23.08
N SER I 218 -4.43 18.11 23.26
CA SER I 218 -4.43 19.44 23.88
C SER I 218 -3.09 20.10 23.61
N THR I 219 -3.04 21.41 23.86
CA THR I 219 -1.83 22.20 23.63
C THR I 219 -1.50 23.19 24.72
N GLN I 220 -2.42 23.52 25.63
CA GLN I 220 -2.15 24.53 26.67
C GLN I 220 -2.64 24.08 28.04
N LEU I 221 -3.62 23.19 28.09
CA LEU I 221 -4.23 22.76 29.34
C LEU I 221 -4.55 21.28 29.23
N LEU I 222 -4.63 20.63 30.39
CA LEU I 222 -4.86 19.19 30.47
C LEU I 222 -6.33 18.94 30.74
N LEU I 223 -7.05 18.52 29.71
CA LEU I 223 -8.47 18.21 29.79
C LEU I 223 -8.62 16.83 30.39
N ASN I 224 -9.82 16.22 30.31
CA ASN I 224 -10.26 15.02 31.03
C ASN I 224 -9.12 14.07 31.39
N GLY I 225 -9.02 13.74 32.66
CA GLY I 225 -7.89 12.96 33.14
C GLY I 225 -8.04 12.58 34.59
N SER I 226 -6.90 12.48 35.27
CA SER I 226 -6.83 12.03 36.65
C SER I 226 -6.22 13.11 37.52
N LEU I 227 -6.68 13.21 38.76
CA LEU I 227 -6.33 14.28 39.68
C LEU I 227 -5.54 13.73 40.85
N ALA I 228 -4.85 14.65 41.54
CA ALA I 228 -3.95 14.26 42.62
C ALA I 228 -4.72 13.75 43.83
N GLU I 229 -4.02 12.96 44.65
CA GLU I 229 -4.67 12.34 45.80
C GLU I 229 -5.09 13.39 46.84
N LYS I 230 -4.16 14.27 47.23
CA LYS I 230 -4.36 15.15 48.39
C LYS I 230 -4.10 16.62 48.14
N GLU I 231 -3.21 17.01 47.22
CA GLU I 231 -2.96 18.44 47.00
C GLU I 231 -2.32 18.63 45.63
N ILE I 232 -1.88 19.86 45.38
CA ILE I 232 -1.18 20.18 44.14
C ILE I 232 0.26 19.69 44.24
N VAL I 233 0.78 19.17 43.14
CA VAL I 233 2.16 18.68 43.03
C VAL I 233 2.74 19.17 41.71
N ILE I 234 3.95 19.73 41.77
CA ILE I 234 4.62 20.36 40.64
C ILE I 234 5.86 19.56 40.29
N ARG I 235 6.10 19.35 39.00
CA ARG I 235 7.16 18.46 38.52
C ARG I 235 7.92 19.10 37.37
N SER I 236 9.25 19.06 37.45
CA SER I 236 10.12 19.47 36.36
C SER I 236 11.49 18.84 36.58
N GLU I 237 12.24 18.68 35.48
CA GLU I 237 13.53 18.01 35.58
C GLU I 237 14.56 18.87 36.30
N ASN I 238 14.60 20.16 35.99
CA ASN I 238 15.55 21.06 36.65
C ASN I 238 15.11 22.50 36.43
N LEU I 239 14.81 23.20 37.52
CA LEU I 239 14.38 24.59 37.41
C LEU I 239 15.52 25.54 37.02
N THR I 240 16.76 25.05 37.00
CA THR I 240 17.88 25.90 36.58
C THR I 240 17.67 26.40 35.16
N ASN I 241 17.37 25.50 34.24
CA ASN I 241 17.00 25.88 32.88
C ASN I 241 15.54 26.34 32.90
N ASN I 242 15.32 27.63 32.61
CA ASN I 242 13.96 28.15 32.54
C ASN I 242 13.20 27.66 31.32
N ALA I 243 13.87 27.00 30.37
CA ALA I 243 13.24 26.63 29.11
C ALA I 243 12.48 25.32 29.16
N LYS I 244 12.51 24.59 30.28
CA LYS I 244 11.85 23.30 30.39
C LYS I 244 10.41 23.48 30.86
N ILE I 245 9.57 22.50 30.54
CA ILE I 245 8.13 22.60 30.75
C ILE I 245 7.83 22.07 32.15
N ILE I 246 7.37 22.95 33.03
CA ILE I 246 6.94 22.54 34.36
C ILE I 246 5.48 22.11 34.30
N ILE I 247 5.18 20.96 34.90
CA ILE I 247 3.85 20.37 34.88
C ILE I 247 3.27 20.52 36.27
N VAL I 248 2.02 20.96 36.35
CA VAL I 248 1.29 21.11 37.60
C VAL I 248 0.07 20.20 37.54
N HIS I 249 -0.11 19.38 38.56
CA HIS I 249 -1.36 18.66 38.77
C HIS I 249 -2.23 19.43 39.75
N LEU I 250 -3.54 19.20 39.66
CA LEU I 250 -4.53 19.86 40.51
C LEU I 250 -5.31 18.82 41.30
N HIS I 251 -5.76 19.22 42.49
CA HIS I 251 -6.46 18.30 43.39
C HIS I 251 -7.96 18.35 43.14
N THR I 252 -8.56 19.51 43.33
CA THR I 252 -9.97 19.67 43.01
C THR I 252 -10.12 19.98 41.53
N PRO I 253 -11.13 19.43 40.84
CA PRO I 253 -11.32 19.81 39.44
C PRO I 253 -11.81 21.24 39.30
N VAL I 254 -11.50 21.83 38.15
CA VAL I 254 -12.11 23.07 37.70
C VAL I 254 -12.88 22.75 36.44
N GLU I 255 -14.07 23.30 36.30
CA GLU I 255 -14.93 22.98 35.16
C GLU I 255 -14.73 23.95 34.02
N ILE I 256 -14.73 23.43 32.80
CA ILE I 256 -14.71 24.23 31.57
C ILE I 256 -15.78 23.69 30.64
N VAL I 257 -16.55 24.61 30.06
CA VAL I 257 -17.59 24.27 29.09
C VAL I 257 -17.48 25.24 27.93
N CYS I 258 -17.51 24.72 26.71
CA CYS I 258 -17.48 25.52 25.49
C CYS I 258 -18.77 25.33 24.71
N THR I 259 -18.91 26.12 23.64
CA THR I 259 -20.10 26.08 22.82
C THR I 259 -19.80 26.72 21.46
N ARG I 260 -20.42 26.18 20.42
CA ARG I 260 -20.43 26.79 19.09
C ARG I 260 -21.87 27.16 18.77
N PRO I 261 -22.35 28.36 19.16
CA PRO I 261 -23.79 28.63 19.03
C PRO I 261 -24.29 28.73 17.60
N ASN I 262 -23.41 28.93 16.62
CA ASN I 262 -23.83 28.90 15.23
C ASN I 262 -24.34 27.51 14.88
N ASN I 263 -25.38 27.46 14.05
CA ASN I 263 -25.95 26.20 13.58
C ASN I 263 -25.46 25.97 12.15
N ASN I 264 -24.26 25.42 12.04
CA ASN I 264 -23.73 25.05 10.75
C ASN I 264 -24.52 23.88 10.18
N THR I 265 -24.65 23.85 8.86
CA THR I 265 -25.27 22.76 8.13
C THR I 265 -24.27 22.22 7.11
N ARG I 266 -24.19 20.89 7.01
CA ARG I 266 -23.24 20.27 6.10
C ARG I 266 -23.85 20.09 4.72
N LYS I 267 -23.08 20.48 3.70
CA LYS I 267 -23.50 20.43 2.30
C LYS I 267 -22.65 19.39 1.61
N SER I 268 -23.30 18.41 0.97
CA SER I 268 -22.59 17.34 0.29
C SER I 268 -22.25 17.74 -1.14
N VAL I 269 -20.97 17.54 -1.50
CA VAL I 269 -20.46 17.82 -2.83
C VAL I 269 -19.83 16.53 -3.33
N ARG I 270 -19.98 16.25 -4.63
CA ARG I 270 -19.48 15.03 -5.22
C ARG I 270 -18.27 15.36 -6.07
N ILE I 271 -17.09 14.93 -5.62
CA ILE I 271 -15.81 15.41 -6.13
C ILE I 271 -15.06 14.20 -6.67
N GLY I 272 -15.19 13.95 -7.96
CA GLY I 272 -14.54 12.82 -8.59
C GLY I 272 -15.41 11.57 -8.58
N PRO I 273 -14.97 10.52 -9.26
CA PRO I 273 -15.82 9.32 -9.40
C PRO I 273 -15.98 8.58 -8.09
N GLY I 274 -17.23 8.51 -7.62
CA GLY I 274 -17.55 7.68 -6.47
C GLY I 274 -17.02 8.16 -5.14
N GLN I 275 -16.77 9.45 -4.99
CA GLN I 275 -16.28 10.00 -3.73
C GLN I 275 -16.77 11.43 -3.59
N THR I 276 -17.06 11.81 -2.34
CA THR I 276 -17.77 13.04 -2.04
C THR I 276 -16.97 13.90 -1.09
N PHE I 277 -17.23 15.21 -1.16
CA PHE I 277 -16.67 16.20 -0.27
C PHE I 277 -17.80 16.90 0.47
N TYR I 278 -17.62 17.09 1.77
CA TYR I 278 -18.61 17.72 2.63
C TYR I 278 -18.12 19.10 3.04
N ALA I 279 -18.93 20.12 2.73
CA ALA I 279 -18.66 21.51 3.07
C ALA I 279 -19.70 21.98 4.08
N THR I 280 -19.68 23.29 4.35
CA THR I 280 -20.70 23.94 5.15
C THR I 280 -21.62 24.74 4.24
N GLY I 281 -22.93 24.52 4.39
CA GLY I 281 -23.93 25.28 3.66
C GLY I 281 -24.33 26.52 4.43
N ASP I 282 -25.57 26.94 4.24
CA ASP I 282 -26.08 28.11 4.94
C ASP I 282 -26.13 27.86 6.44
N ILE I 283 -25.95 28.93 7.21
CA ILE I 283 -26.05 28.90 8.66
C ILE I 283 -27.47 29.26 9.05
N ILE I 284 -28.13 28.37 9.80
CA ILE I 284 -29.47 28.67 10.27
C ILE I 284 -29.39 29.63 11.44
N GLY I 285 -30.28 30.61 11.46
CA GLY I 285 -30.35 31.54 12.57
C GLY I 285 -29.34 32.66 12.48
N ASP I 286 -29.04 33.24 13.64
CA ASP I 286 -28.16 34.39 13.77
C ASP I 286 -26.72 33.95 14.01
N ILE I 287 -25.80 34.86 13.73
CA ILE I 287 -24.36 34.60 13.87
C ILE I 287 -23.92 34.98 15.27
N LYS I 288 -23.15 34.10 15.91
CA LYS I 288 -22.71 34.28 17.29
C LYS I 288 -21.27 33.80 17.39
N GLN I 289 -20.67 34.09 18.55
CA GLN I 289 -19.25 33.83 18.78
C GLN I 289 -19.06 32.54 19.58
N ALA I 290 -18.01 31.79 19.24
CA ALA I 290 -17.65 30.61 20.00
C ALA I 290 -16.84 31.00 21.23
N HIS I 291 -17.02 30.27 22.32
CA HIS I 291 -16.49 30.68 23.61
C HIS I 291 -16.34 29.48 24.53
N CYS I 292 -15.60 29.69 25.62
CA CYS I 292 -15.49 28.73 26.72
C CYS I 292 -15.56 29.49 28.03
N ASN I 293 -16.27 28.91 29.01
CA ASN I 293 -16.55 29.56 30.29
C ASN I 293 -15.86 28.82 31.43
N ILE I 294 -15.39 29.59 32.42
CA ILE I 294 -14.83 29.06 33.65
C ILE I 294 -15.35 29.94 34.78
N SER I 295 -15.61 29.33 35.94
CA SER I 295 -16.01 30.07 37.13
C SER I 295 -14.76 30.71 37.74
N GLU I 296 -14.80 32.02 37.97
CA GLU I 296 -13.57 32.75 38.25
C GLU I 296 -13.17 32.73 39.72
N GLU I 297 -14.11 32.53 40.65
CA GLU I 297 -13.69 32.39 42.04
C GLU I 297 -12.98 31.06 42.26
N LYS I 298 -13.48 30.00 41.62
CA LYS I 298 -12.82 28.71 41.71
C LYS I 298 -11.50 28.70 40.97
N TRP I 299 -11.44 29.37 39.80
CA TRP I 299 -10.17 29.52 39.11
C TRP I 299 -9.19 30.33 39.94
N ASN I 300 -9.64 31.39 40.59
CA ASN I 300 -8.75 32.19 41.44
C ASN I 300 -8.23 31.38 42.62
N ASP I 301 -9.11 30.61 43.27
CA ASP I 301 -8.65 29.79 44.39
C ASP I 301 -7.64 28.75 43.93
N THR I 302 -7.92 28.11 42.78
CA THR I 302 -6.98 27.13 42.24
C THR I 302 -5.64 27.77 41.91
N LEU I 303 -5.68 28.99 41.35
CA LEU I 303 -4.44 29.63 40.94
C LEU I 303 -3.63 30.07 42.15
N GLN I 304 -4.31 30.57 43.19
CA GLN I 304 -3.61 30.90 44.43
C GLN I 304 -3.01 29.66 45.08
N LYS I 305 -3.73 28.54 45.01
CA LYS I 305 -3.21 27.29 45.56
C LYS I 305 -1.96 26.84 44.81
N VAL I 306 -1.95 27.02 43.49
CA VAL I 306 -0.70 26.84 42.74
C VAL I 306 0.36 27.82 43.22
N GLY I 307 -0.05 29.05 43.55
CA GLY I 307 0.92 30.08 43.89
C GLY I 307 1.66 29.78 45.18
N ILE I 308 0.97 29.19 46.15
CA ILE I 308 1.62 28.82 47.41
C ILE I 308 2.51 27.60 47.26
N GLU I 309 2.55 26.99 46.07
CA GLU I 309 3.44 25.88 45.78
C GLU I 309 4.50 26.20 44.74
N LEU I 310 4.35 27.30 43.99
CA LEU I 310 5.46 27.80 43.17
C LEU I 310 6.39 28.68 44.00
N GLN I 311 5.84 29.32 45.04
CA GLN I 311 6.65 30.15 45.92
C GLN I 311 7.63 29.32 46.74
N LYS I 312 7.37 28.01 46.88
CA LYS I 312 8.20 27.16 47.73
C LYS I 312 9.64 27.12 47.26
N HIS I 313 9.86 27.14 45.95
CA HIS I 313 11.20 27.01 45.39
C HIS I 313 11.88 28.35 45.17
N PHE I 314 11.14 29.45 45.22
CA PHE I 314 11.68 30.80 45.02
C PHE I 314 11.10 31.70 46.10
N PRO I 315 11.42 31.45 47.38
CA PRO I 315 10.70 32.11 48.48
C PRO I 315 10.80 33.63 48.49
N ASN I 316 11.93 34.19 48.07
CA ASN I 316 12.11 35.64 48.15
C ASN I 316 11.44 36.40 47.01
N LYS I 317 10.90 35.70 46.01
CA LYS I 317 10.39 36.32 44.80
C LYS I 317 8.91 36.01 44.66
N THR I 318 8.11 37.06 44.44
CA THR I 318 6.66 36.92 44.38
C THR I 318 6.22 36.55 42.96
N ILE I 319 4.94 36.23 42.84
CA ILE I 319 4.42 35.47 41.70
C ILE I 319 3.57 36.38 40.81
N LYS I 320 3.75 36.26 39.51
CA LYS I 320 2.88 36.86 38.52
C LYS I 320 2.69 35.90 37.35
N TYR I 321 1.45 35.80 36.87
CA TYR I 321 1.11 35.01 35.69
C TYR I 321 0.95 35.96 34.51
N ASN I 322 1.58 35.62 33.38
CA ASN I 322 1.65 36.51 32.23
C ASN I 322 1.16 35.81 30.97
N GLN I 323 0.75 36.63 30.01
CA GLN I 323 0.17 36.20 28.74
C GLN I 323 1.10 35.27 27.96
N SER I 324 0.53 34.51 27.03
CA SER I 324 1.25 33.51 26.24
C SER I 324 2.38 34.12 25.41
N ALA I 325 3.18 33.27 24.79
CA ALA I 325 4.33 33.74 24.03
C ALA I 325 3.93 34.60 22.83
N GLY I 326 2.77 34.32 22.22
CA GLY I 326 2.34 35.06 21.06
C GLY I 326 2.92 34.49 19.78
N GLY I 327 2.62 35.19 18.69
CA GLY I 327 3.13 34.78 17.39
C GLY I 327 2.18 33.82 16.70
N ASP I 328 2.64 32.59 16.48
CA ASP I 328 1.85 31.60 15.76
C ASP I 328 0.60 31.24 16.55
N MET I 329 -0.51 31.04 15.84
CA MET I 329 -1.75 30.62 16.47
C MET I 329 -1.61 29.25 17.10
N GLU I 330 -0.86 28.35 16.44
CA GLU I 330 -0.69 26.99 16.95
C GLU I 330 0.10 26.94 18.25
N ILE I 331 0.83 28.01 18.59
CA ILE I 331 1.63 28.05 19.81
C ILE I 331 0.96 28.90 20.88
N THR I 332 0.49 30.10 20.52
CA THR I 332 0.03 31.06 21.51
C THR I 332 -1.37 30.75 22.05
N THR I 333 -2.12 29.87 21.41
CA THR I 333 -3.50 29.59 21.78
C THR I 333 -3.63 28.23 22.45
N HIS I 334 -4.71 28.10 23.22
CA HIS I 334 -5.16 26.80 23.71
C HIS I 334 -6.04 26.18 22.65
N SER I 335 -5.64 25.02 22.17
CA SER I 335 -6.39 24.28 21.15
C SER I 335 -6.67 22.89 21.68
N PHE I 336 -7.78 22.32 21.25
CA PHE I 336 -8.22 21.04 21.76
C PHE I 336 -9.31 20.51 20.84
N ASN I 337 -9.85 19.36 21.21
CA ASN I 337 -10.83 18.65 20.41
C ASN I 337 -12.13 18.63 21.19
N CYS I 338 -13.25 18.80 20.50
CA CYS I 338 -14.56 18.61 21.11
C CYS I 338 -15.60 18.40 20.03
N GLY I 339 -16.26 17.25 20.07
CA GLY I 339 -17.33 16.94 19.14
C GLY I 339 -16.89 16.81 17.69
N GLY I 340 -15.60 16.63 17.47
CA GLY I 340 -15.04 16.55 16.13
C GLY I 340 -14.66 17.87 15.50
N GLU I 341 -15.00 19.00 16.13
CA GLU I 341 -14.58 20.32 15.69
C GLU I 341 -13.51 20.84 16.65
N PHE I 342 -12.49 21.49 16.09
CA PHE I 342 -11.33 21.90 16.86
C PHE I 342 -11.46 23.38 17.16
N PHE I 343 -11.27 23.74 18.42
CA PHE I 343 -11.33 25.12 18.89
C PHE I 343 -9.91 25.65 19.08
N TYR I 344 -9.77 26.98 18.95
CA TYR I 344 -8.49 27.65 19.14
C TYR I 344 -8.78 28.93 19.92
N CYS I 345 -8.41 28.95 21.19
CA CYS I 345 -8.84 29.98 22.14
C CYS I 345 -7.68 30.90 22.51
N ASN I 346 -7.94 32.21 22.45
CA ASN I 346 -7.01 33.21 22.98
C ASN I 346 -7.19 33.28 24.48
N THR I 347 -6.16 32.85 25.22
CA THR I 347 -6.27 32.55 26.64
C THR I 347 -5.75 33.67 27.54
N SER I 348 -5.62 34.90 27.05
CA SER I 348 -5.06 35.98 27.84
C SER I 348 -5.89 36.31 29.08
N ASN I 349 -7.16 35.93 29.11
CA ASN I 349 -8.02 36.32 30.23
C ASN I 349 -7.71 35.51 31.48
N LEU I 350 -7.41 34.22 31.31
CA LEU I 350 -7.25 33.32 32.44
C LEU I 350 -5.99 33.57 33.25
N PHE I 351 -4.96 34.17 32.64
CA PHE I 351 -3.61 34.18 33.19
C PHE I 351 -3.06 35.60 33.24
N ASN I 352 -3.85 36.50 33.81
CA ASN I 352 -3.42 37.85 34.14
C ASN I 352 -3.70 38.03 35.63
N GLY I 353 -2.63 38.22 36.39
CA GLY I 353 -2.75 38.37 37.83
C GLY I 353 -1.38 38.52 38.46
N THR I 354 -1.39 38.61 39.78
CA THR I 354 -0.16 38.75 40.55
C THR I 354 -0.44 38.32 41.99
N TYR I 355 0.24 37.25 42.43
CA TYR I 355 -0.03 36.60 43.70
C TYR I 355 1.08 36.90 44.70
N ASN I 356 0.68 37.00 45.98
CA ASN I 356 1.57 37.49 47.04
C ASN I 356 1.46 36.66 48.31
N GLY I 357 1.38 35.33 48.19
CA GLY I 357 1.50 34.46 49.35
C GLY I 357 0.29 34.42 50.25
N THR I 358 -0.20 35.58 50.65
CA THR I 358 -1.46 35.67 51.38
C THR I 358 -2.58 35.06 50.55
N TYR I 359 -3.67 34.70 51.23
CA TYR I 359 -4.84 34.09 50.59
C TYR I 359 -5.95 35.12 50.50
N ILE I 360 -6.22 35.59 49.28
CA ILE I 360 -7.36 36.46 49.00
C ILE I 360 -8.53 35.52 48.66
N SER I 361 -9.53 35.49 49.53
CA SER I 361 -10.50 34.41 49.53
C SER I 361 -11.64 34.66 48.55
N THR I 362 -12.44 33.60 48.34
CA THR I 362 -13.66 33.71 47.54
C THR I 362 -14.82 34.26 48.34
N ASN I 363 -14.83 34.07 49.66
CA ASN I 363 -15.95 34.42 50.51
C ASN I 363 -15.76 35.84 51.06
N SER I 364 -16.85 36.60 51.20
CA SER I 364 -18.23 36.33 50.84
C SER I 364 -18.42 36.46 49.33
N SER I 365 -19.25 35.59 48.76
CA SER I 365 -19.42 35.55 47.31
C SER I 365 -20.25 36.74 46.86
N ALA I 366 -19.65 37.61 46.04
CA ALA I 366 -20.39 38.74 45.47
C ALA I 366 -21.46 38.25 44.50
N ASN I 367 -21.13 37.27 43.67
CA ASN I 367 -22.10 36.71 42.73
C ASN I 367 -21.63 35.30 42.38
N SER I 368 -22.36 34.29 42.87
CA SER I 368 -21.99 32.90 42.63
C SER I 368 -22.11 32.51 41.17
N THR I 369 -22.88 33.24 40.36
CA THR I 369 -23.03 32.97 38.95
C THR I 369 -21.97 33.67 38.09
N SER I 370 -20.92 34.19 38.70
CA SER I 370 -19.86 34.85 37.94
C SER I 370 -19.01 33.82 37.21
N THR I 371 -18.44 34.24 36.08
CA THR I 371 -17.61 33.39 35.26
C THR I 371 -16.61 34.25 34.49
N ILE I 372 -15.59 33.59 33.95
CA ILE I 372 -14.64 34.19 33.01
C ILE I 372 -14.78 33.45 31.69
N THR I 373 -14.95 34.21 30.61
CA THR I 373 -15.30 33.66 29.30
C THR I 373 -14.17 33.93 28.32
N LEU I 374 -13.64 32.87 27.73
CA LEU I 374 -12.69 32.98 26.63
C LEU I 374 -13.43 32.96 25.29
N GLN I 375 -12.75 33.41 24.25
CA GLN I 375 -13.28 33.42 22.89
C GLN I 375 -12.35 32.63 21.99
N CYS I 376 -12.94 31.82 21.10
CA CYS I 376 -12.20 30.83 20.34
C CYS I 376 -12.54 30.89 18.86
N ARG I 377 -11.57 30.51 18.04
CA ARG I 377 -11.71 30.35 16.60
C ARG I 377 -11.83 28.86 16.25
N ILE I 378 -12.22 28.60 15.01
CA ILE I 378 -12.41 27.24 14.51
C ILE I 378 -11.73 27.11 13.16
N LYS I 379 -11.06 25.98 12.94
CA LYS I 379 -10.34 25.70 11.70
C LYS I 379 -10.71 24.33 11.19
N GLN I 380 -10.74 24.20 9.86
CA GLN I 380 -10.93 22.91 9.20
C GLN I 380 -9.65 22.37 8.58
N ILE I 381 -8.71 23.23 8.22
CA ILE I 381 -7.44 22.82 7.63
C ILE I 381 -6.42 22.74 8.77
N ILE I 382 -5.95 21.53 9.05
CA ILE I 382 -5.35 21.19 10.33
C ILE I 382 -4.06 20.44 10.07
N ASN I 383 -2.94 21.05 10.47
CA ASN I 383 -1.63 20.37 10.45
C ASN I 383 -1.38 19.83 11.85
N MET I 384 -1.99 18.68 12.12
CA MET I 384 -2.15 18.23 13.50
C MET I 384 -0.85 17.75 14.15
N TRP I 385 0.15 17.36 13.36
CA TRP I 385 1.51 17.21 13.87
C TRP I 385 2.47 17.58 12.77
N GLN I 386 3.72 17.85 13.16
CA GLN I 386 4.72 18.30 12.20
C GLN I 386 5.41 17.11 11.53
N GLY I 387 5.45 17.15 10.19
CA GLY I 387 6.13 16.13 9.42
C GLY I 387 5.52 14.75 9.47
N VAL I 388 4.19 14.66 9.64
CA VAL I 388 3.52 13.37 9.80
C VAL I 388 2.68 12.97 8.60
N GLY I 389 2.62 13.81 7.56
CA GLY I 389 1.47 13.80 6.67
C GLY I 389 0.43 14.65 7.35
N ARG I 390 0.79 15.92 7.55
CA ARG I 390 0.12 16.76 8.54
C ARG I 390 -1.34 17.00 8.19
N CYS I 391 -1.65 17.32 6.94
CA CYS I 391 -2.93 17.91 6.58
C CYS I 391 -4.07 16.91 6.72
N MET I 392 -4.88 17.12 7.76
CA MET I 392 -6.22 16.56 7.81
C MET I 392 -7.23 17.67 7.55
N TYR I 393 -8.32 17.32 6.86
CA TYR I 393 -9.48 18.19 6.72
C TYR I 393 -10.61 17.62 7.57
N ALA I 394 -11.08 18.41 8.53
CA ALA I 394 -12.13 17.96 9.44
C ALA I 394 -13.48 18.29 8.83
N PRO I 395 -14.31 17.31 8.47
CA PRO I 395 -15.60 17.66 7.84
C PRO I 395 -16.50 18.35 8.84
N PRO I 396 -17.37 19.27 8.40
CA PRO I 396 -18.28 19.90 9.35
C PRO I 396 -19.24 18.90 9.97
N ILE I 397 -19.60 19.18 11.22
CA ILE I 397 -20.64 18.43 11.92
C ILE I 397 -21.96 19.17 11.82
N ALA I 398 -23.06 18.43 11.91
CA ALA I 398 -24.38 19.04 11.94
C ALA I 398 -24.70 19.53 13.34
N GLY I 399 -25.66 20.46 13.41
CA GLY I 399 -26.13 20.93 14.70
C GLY I 399 -25.11 21.80 15.40
N ASN I 400 -25.16 21.80 16.73
CA ASN I 400 -24.24 22.55 17.58
C ASN I 400 -23.75 21.62 18.68
N ILE I 401 -22.80 22.12 19.48
CA ILE I 401 -22.07 21.29 20.44
C ILE I 401 -21.80 22.05 21.74
N THR I 402 -21.57 21.28 22.80
CA THR I 402 -21.08 21.79 24.09
C THR I 402 -19.98 20.87 24.57
N CYS I 403 -19.11 21.41 25.43
CA CYS I 403 -17.85 20.75 25.79
C CYS I 403 -17.57 20.83 27.29
N ARG I 404 -18.56 20.46 28.11
CA ARG I 404 -18.33 20.46 29.55
C ARG I 404 -17.23 19.46 29.91
N SER I 405 -16.26 19.91 30.70
CA SER I 405 -15.07 19.11 30.96
C SER I 405 -14.44 19.54 32.27
N ASN I 406 -13.33 18.91 32.62
CA ASN I 406 -12.59 19.17 33.85
C ASN I 406 -11.14 19.51 33.53
N ILE I 407 -10.64 20.58 34.14
CA ILE I 407 -9.21 20.89 34.08
C ILE I 407 -8.51 20.18 35.22
N THR I 408 -7.42 19.48 34.90
CA THR I 408 -6.68 18.69 35.86
C THR I 408 -5.21 19.02 35.93
N GLY I 409 -4.73 20.00 35.18
CA GLY I 409 -3.33 20.37 35.28
C GLY I 409 -2.99 21.46 34.29
N LEU I 410 -1.82 22.07 34.51
CA LEU I 410 -1.33 23.18 33.72
C LEU I 410 0.05 22.85 33.17
N LEU I 411 0.37 23.43 32.01
CA LEU I 411 1.71 23.44 31.46
C LEU I 411 2.19 24.88 31.41
N LEU I 412 3.39 25.13 31.95
CA LEU I 412 3.85 26.49 32.21
C LEU I 412 5.28 26.69 31.72
N THR I 413 5.67 27.95 31.64
CA THR I 413 7.06 28.37 31.48
C THR I 413 7.42 29.27 32.64
N ARG I 414 8.50 28.92 33.35
CA ARG I 414 9.12 29.85 34.29
C ARG I 414 9.95 30.84 33.49
N ASP I 415 9.74 32.12 33.74
CA ASP I 415 10.30 33.19 32.92
C ASP I 415 11.49 33.82 33.62
N GLY I 416 12.50 34.18 32.83
CA GLY I 416 13.70 34.76 33.40
C GLY I 416 13.44 36.11 34.02
N GLY I 417 14.41 36.56 34.81
CA GLY I 417 14.24 37.79 35.56
C GLY I 417 14.41 39.03 34.70
N THR I 418 13.86 40.14 35.19
CA THR I 418 14.00 41.44 34.54
C THR I 418 14.17 42.49 35.63
N ASN I 419 15.27 43.24 35.56
CA ASN I 419 15.61 44.27 36.55
C ASN I 419 15.72 43.69 37.97
N SER I 420 15.97 42.39 38.09
CA SER I 420 15.96 41.69 39.37
C SER I 420 14.65 41.89 40.12
N ASN I 421 13.54 41.97 39.39
CA ASN I 421 12.27 42.31 39.99
C ASN I 421 11.80 41.21 40.93
N GLU I 422 11.31 41.61 42.11
CA GLU I 422 10.80 40.65 43.08
C GLU I 422 9.55 39.94 42.59
N THR I 423 8.85 40.52 41.60
CA THR I 423 7.64 39.94 41.03
C THR I 423 7.93 39.15 39.75
N GLU I 424 9.09 38.49 39.69
CA GLU I 424 9.44 37.60 38.59
C GLU I 424 8.31 36.63 38.30
N THR I 425 8.12 36.32 37.01
CA THR I 425 6.83 35.91 36.49
C THR I 425 6.86 34.49 35.93
N PHE I 426 5.65 34.00 35.66
CA PHE I 426 5.40 32.70 35.04
C PHE I 426 4.42 32.91 33.90
N ARG I 427 4.31 31.92 33.02
CA ARG I 427 3.47 31.98 31.84
C ARG I 427 2.80 30.64 31.59
N PRO I 428 1.72 30.61 30.82
CA PRO I 428 1.33 29.35 30.17
C PRO I 428 2.25 29.05 29.01
N ALA I 429 2.36 27.77 28.65
CA ALA I 429 3.32 27.34 27.65
C ALA I 429 2.81 26.09 26.94
N GLY I 430 2.77 26.16 25.61
CA GLY I 430 2.54 24.98 24.82
C GLY I 430 3.82 24.20 24.57
N GLY I 431 3.65 22.96 24.16
CA GLY I 431 4.80 22.11 23.95
C GLY I 431 4.43 20.85 23.19
N ASP I 432 5.37 19.91 23.20
CA ASP I 432 5.18 18.66 22.48
C ASP I 432 4.05 17.85 23.12
N MET I 433 3.44 16.99 22.30
CA MET I 433 2.42 16.09 22.80
C MET I 433 2.99 15.03 23.74
N ARG I 434 4.30 14.81 23.69
CA ARG I 434 4.93 13.88 24.62
C ARG I 434 4.81 14.39 26.05
N ASP I 435 5.02 15.69 26.25
CA ASP I 435 4.79 16.28 27.57
C ASP I 435 3.34 16.15 28.01
N ASN I 436 2.41 16.09 27.05
CA ASN I 436 1.01 15.89 27.39
C ASN I 436 0.80 14.53 28.05
N TRP I 437 1.45 13.49 27.52
CA TRP I 437 1.27 12.13 28.03
C TRP I 437 2.22 11.81 29.17
N ARG I 438 3.33 12.55 29.30
CA ARG I 438 4.19 12.38 30.46
C ARG I 438 3.49 12.80 31.75
N SER I 439 2.43 13.59 31.66
CA SER I 439 1.69 14.02 32.85
C SER I 439 0.86 12.90 33.47
N GLU I 440 0.73 11.75 32.81
CA GLU I 440 -0.24 10.73 33.21
C GLU I 440 0.33 9.32 33.30
N LEU I 441 1.50 9.05 32.71
CA LEU I 441 2.18 7.76 32.81
C LEU I 441 3.31 7.78 33.84
N TYR I 442 3.37 8.80 34.69
CA TYR I 442 4.49 8.95 35.62
C TYR I 442 4.56 7.82 36.63
N LYS I 443 3.42 7.20 36.94
CA LYS I 443 3.36 6.24 38.04
C LYS I 443 4.08 4.94 37.74
N TYR I 444 4.48 4.69 36.49
CA TYR I 444 4.83 3.35 36.04
C TYR I 444 6.28 3.28 35.56
N LYS I 445 6.84 2.06 35.63
CA LYS I 445 8.09 1.70 34.98
C LYS I 445 7.98 0.27 34.48
N VAL I 446 8.93 -0.13 33.63
CA VAL I 446 8.99 -1.46 33.05
C VAL I 446 10.25 -2.15 33.56
N VAL I 447 10.13 -3.44 33.87
CA VAL I 447 11.26 -4.25 34.31
C VAL I 447 11.22 -5.59 33.58
N LYS I 448 12.37 -6.26 33.56
CA LYS I 448 12.54 -7.57 32.95
C LYS I 448 12.89 -8.59 34.02
N ILE I 449 12.10 -9.65 34.12
CA ILE I 449 12.26 -10.62 35.20
C ILE I 449 13.39 -11.57 34.86
N GLU I 450 14.11 -12.02 35.89
CA GLU I 450 15.38 -12.73 35.75
C GLU I 450 15.31 -14.00 36.59
N PRO I 451 14.60 -15.04 36.13
CA PRO I 451 14.28 -16.16 37.00
C PRO I 451 15.47 -16.99 37.47
N LEU I 452 16.64 -16.86 36.88
CA LEU I 452 17.75 -17.79 37.06
C LEU I 452 18.84 -17.14 37.90
N GLY I 453 19.12 -17.71 39.07
CA GLY I 453 20.14 -17.19 39.95
C GLY I 453 20.76 -18.30 40.79
N VAL I 454 21.91 -17.99 41.37
CA VAL I 454 22.77 -18.97 42.03
C VAL I 454 23.04 -18.53 43.46
N ALA I 455 22.95 -19.48 44.39
CA ALA I 455 23.18 -19.23 45.81
C ALA I 455 23.69 -20.51 46.46
N PRO I 456 24.38 -20.43 47.62
CA PRO I 456 25.04 -21.62 48.17
C PRO I 456 24.13 -22.52 48.98
N THR I 457 24.03 -23.79 48.57
CA THR I 457 23.38 -24.81 49.37
C THR I 457 24.37 -25.46 50.32
N ARG I 458 23.95 -26.59 50.88
CA ARG I 458 24.85 -27.56 51.50
C ARG I 458 24.70 -28.96 50.90
N CYS I 459 23.89 -29.10 49.83
CA CYS I 459 23.77 -30.37 49.10
C CYS I 459 25.13 -30.83 48.61
N LYS I 460 25.37 -32.13 48.71
CA LYS I 460 26.38 -32.78 47.89
C LYS I 460 25.67 -33.46 46.73
N ARG I 461 26.03 -33.11 45.51
CA ARG I 461 25.40 -33.70 44.33
C ARG I 461 25.65 -35.20 44.32
N ARG I 462 24.59 -35.96 44.05
CA ARG I 462 24.74 -37.40 43.93
C ARG I 462 25.61 -37.72 42.72
N VAL I 463 26.50 -38.70 42.89
CA VAL I 463 27.47 -39.04 41.86
C VAL I 463 26.76 -39.61 40.64
N LEU J 9 0.03 -16.32 45.42
CA LEU J 9 1.01 -15.39 45.97
C LEU J 9 1.31 -14.23 45.02
N GLY J 10 0.89 -14.32 43.76
CA GLY J 10 1.11 -13.24 42.81
C GLY J 10 2.36 -13.40 41.99
N PHE J 11 2.56 -12.50 41.03
CA PHE J 11 3.69 -12.62 40.11
C PHE J 11 5.01 -12.29 40.80
N LEU J 12 4.99 -11.40 41.79
CA LEU J 12 6.20 -10.97 42.48
C LEU J 12 5.98 -10.92 43.99
N GLY J 13 5.43 -11.99 44.56
CA GLY J 13 5.11 -12.01 45.98
C GLY J 13 6.27 -12.33 46.90
N ALA J 14 7.50 -12.19 46.39
CA ALA J 14 8.69 -12.42 47.21
C ALA J 14 9.81 -11.42 46.95
N ALA J 15 9.61 -10.41 46.11
CA ALA J 15 10.65 -9.44 45.83
C ALA J 15 10.99 -8.66 47.09
N GLY J 16 12.28 -8.66 47.45
CA GLY J 16 12.71 -8.06 48.69
C GLY J 16 12.43 -8.88 49.93
N SER J 17 12.08 -10.15 49.78
CA SER J 17 11.84 -11.05 50.89
C SER J 17 13.07 -11.91 51.17
N THR J 18 13.06 -12.58 52.32
CA THR J 18 14.20 -13.36 52.73
C THR J 18 14.36 -14.60 51.85
N MET J 19 15.53 -15.26 51.95
CA MET J 19 15.82 -16.41 51.12
C MET J 19 14.82 -17.54 51.33
N GLY J 20 14.50 -17.86 52.58
CA GLY J 20 13.67 -19.01 52.85
C GLY J 20 12.28 -18.87 52.24
N ALA J 21 11.66 -17.70 52.42
CA ALA J 21 10.35 -17.47 51.85
C ALA J 21 10.39 -17.45 50.32
N ALA J 22 11.42 -16.84 49.75
CA ALA J 22 11.49 -16.67 48.29
C ALA J 22 11.93 -17.92 47.55
N SER J 23 12.59 -18.86 48.23
CA SER J 23 13.04 -20.10 47.62
C SER J 23 11.99 -21.20 47.65
N MET J 24 11.12 -21.19 48.67
CA MET J 24 9.91 -21.98 48.61
C MET J 24 8.87 -21.28 47.75
N THR J 25 8.00 -22.06 47.11
CA THR J 25 7.00 -21.57 46.18
C THR J 25 7.65 -20.67 45.12
N LEU J 26 8.56 -21.30 44.36
CA LEU J 26 9.13 -20.65 43.18
C LEU J 26 8.21 -20.77 41.97
N THR J 27 7.23 -21.67 42.02
CA THR J 27 6.42 -21.96 40.83
C THR J 27 5.61 -20.75 40.40
N VAL J 28 5.12 -19.95 41.37
CA VAL J 28 4.24 -18.84 41.05
C VAL J 28 4.91 -17.86 40.10
N GLN J 29 6.23 -17.71 40.19
CA GLN J 29 6.97 -16.82 39.31
C GLN J 29 7.46 -17.50 38.04
N ALA J 30 7.46 -18.83 38.00
CA ALA J 30 7.95 -19.55 36.84
C ALA J 30 6.88 -19.71 35.77
N ARG J 31 5.61 -19.74 36.17
CA ARG J 31 4.54 -20.10 35.24
C ARG J 31 4.11 -18.93 34.35
N ASN J 32 4.43 -17.69 34.72
CA ASN J 32 3.90 -16.55 33.99
C ASN J 32 4.74 -16.22 32.77
N LEU J 33 4.90 -17.19 31.87
CA LEU J 33 5.57 -17.01 30.57
C LEU J 33 4.66 -17.54 29.46
N LEU J 34 3.42 -17.06 29.47
CA LEU J 34 2.43 -17.43 28.45
C LEU J 34 1.48 -16.27 28.23
N SER J 35 1.54 -15.64 27.05
CA SER J 35 0.64 -14.54 26.73
C SER J 35 0.72 -14.19 25.24
N GLY J 36 0.09 -13.09 24.85
CA GLY J 36 0.22 -12.52 23.51
C GLY J 36 -1.03 -12.68 22.67
N THR J 37 -1.36 -11.63 21.92
CA THR J 37 -2.46 -11.66 20.97
C THR J 37 -2.21 -10.57 19.93
N VAL J 38 -2.97 -10.64 18.83
CA VAL J 38 -2.55 -10.01 17.58
C VAL J 38 -2.66 -8.49 17.65
N TRP J 39 -1.53 -7.82 17.39
CA TRP J 39 -1.52 -6.42 16.97
C TRP J 39 -0.49 -6.26 15.86
N GLY J 40 -0.53 -7.16 14.87
CA GLY J 40 0.31 -7.00 13.71
C GLY J 40 1.72 -7.53 13.89
N ILE J 41 2.57 -7.18 12.91
CA ILE J 41 3.91 -7.76 12.85
C ILE J 41 4.78 -7.29 14.01
N LYS J 42 4.65 -6.02 14.42
CA LYS J 42 5.46 -5.55 15.54
C LYS J 42 5.09 -6.29 16.82
N GLN J 43 3.81 -6.57 17.02
CA GLN J 43 3.43 -7.42 18.14
C GLN J 43 3.95 -8.85 17.97
N LEU J 44 3.93 -9.37 16.74
CA LEU J 44 4.36 -10.75 16.56
C LEU J 44 5.85 -10.91 16.79
N GLN J 45 6.64 -9.83 16.61
CA GLN J 45 8.01 -9.85 17.13
C GLN J 45 8.00 -9.90 18.66
N ALA J 46 7.01 -9.25 19.29
CA ALA J 46 6.94 -9.28 20.74
C ALA J 46 6.70 -10.69 21.27
N ARG J 47 6.23 -11.62 20.44
CA ARG J 47 6.06 -13.01 20.83
C ARG J 47 7.38 -13.78 20.91
N VAL J 48 8.56 -13.15 20.87
CA VAL J 48 9.76 -13.85 21.36
C VAL J 48 9.55 -14.21 22.82
N LEU J 49 8.94 -13.31 23.60
CA LEU J 49 8.13 -13.57 24.79
C LEU J 49 8.63 -14.76 25.60
N ALA J 50 7.93 -15.89 25.58
CA ALA J 50 8.45 -17.12 26.15
C ALA J 50 9.20 -17.94 25.10
N VAL J 51 8.81 -17.80 23.82
CA VAL J 51 9.26 -18.70 22.77
C VAL J 51 10.78 -18.73 22.68
N GLU J 52 11.44 -17.61 22.97
CA GLU J 52 12.91 -17.53 22.98
C GLU J 52 13.47 -17.49 24.39
N ARG J 53 12.85 -16.72 25.28
CA ARG J 53 13.39 -16.54 26.63
C ARG J 53 13.36 -17.86 27.41
N TYR J 54 12.20 -18.53 27.42
CA TYR J 54 12.08 -19.78 28.16
C TYR J 54 13.01 -20.82 27.60
N LEU J 55 13.17 -20.87 26.28
CA LEU J 55 14.03 -21.88 25.68
C LEU J 55 15.49 -21.61 25.98
N ARG J 56 15.91 -20.34 25.97
CA ARG J 56 17.27 -20.00 26.38
C ARG J 56 17.52 -20.43 27.82
N ASP J 57 16.63 -20.03 28.72
CA ASP J 57 16.82 -20.33 30.14
C ASP J 57 16.82 -21.83 30.39
N GLN J 58 15.92 -22.56 29.73
CA GLN J 58 15.85 -24.00 29.94
C GLN J 58 17.04 -24.71 29.30
N GLN J 59 17.56 -24.19 28.19
CA GLN J 59 18.77 -24.75 27.60
C GLN J 59 19.94 -24.62 28.57
N LEU J 60 20.10 -23.45 29.17
CA LEU J 60 21.14 -23.26 30.17
C LEU J 60 20.92 -24.21 31.35
N LEU J 61 19.69 -24.26 31.83
CA LEU J 61 19.40 -25.01 33.06
C LEU J 61 19.49 -26.52 32.83
N GLY J 62 19.36 -26.97 31.59
CA GLY J 62 19.49 -28.38 31.30
C GLY J 62 20.92 -28.78 30.97
N ILE J 63 21.68 -27.87 30.35
CA ILE J 63 23.08 -28.15 30.05
C ILE J 63 23.87 -28.37 31.34
N TRP J 64 23.44 -27.78 32.45
CA TRP J 64 24.08 -27.96 33.74
C TRP J 64 23.55 -29.18 34.50
N GLY J 65 22.81 -30.08 33.82
CA GLY J 65 22.27 -31.26 34.44
C GLY J 65 20.98 -31.06 35.21
N CYS J 66 20.49 -29.82 35.31
CA CYS J 66 19.32 -29.50 36.12
C CYS J 66 18.05 -29.40 35.28
N SER J 67 17.57 -30.52 34.74
CA SER J 67 16.32 -30.50 33.98
C SER J 67 15.13 -30.43 34.93
N GLY J 68 14.94 -29.27 35.56
CA GLY J 68 13.83 -29.05 36.47
C GLY J 68 13.70 -27.58 36.84
N LYS J 69 12.49 -27.04 36.77
CA LYS J 69 12.27 -25.61 36.97
C LYS J 69 12.15 -25.29 38.46
N LEU J 70 13.15 -25.68 39.24
CA LEU J 70 13.10 -25.52 40.68
C LEU J 70 14.52 -25.60 41.23
N ILE J 71 14.65 -25.82 42.54
CA ILE J 71 15.96 -25.90 43.16
C ILE J 71 16.65 -27.17 42.69
N CYS J 72 17.90 -27.04 42.27
CA CYS J 72 18.69 -28.14 41.75
C CYS J 72 20.13 -28.05 42.23
N CYS J 73 20.57 -29.05 42.98
CA CYS J 73 21.86 -29.02 43.64
C CYS J 73 22.95 -29.40 42.65
N THR J 74 23.69 -28.40 42.15
CA THR J 74 24.93 -28.63 41.43
C THR J 74 26.08 -28.74 42.41
N ASN J 75 27.27 -29.09 41.87
CA ASN J 75 28.40 -29.48 42.71
C ASN J 75 29.57 -28.50 42.69
N VAL J 76 29.50 -27.43 41.89
CA VAL J 76 30.70 -26.61 41.66
C VAL J 76 31.13 -25.94 42.96
N PRO J 77 32.44 -25.95 43.33
CA PRO J 77 32.81 -25.39 44.63
C PRO J 77 32.77 -23.87 44.71
N TRP J 78 31.84 -23.38 45.51
CA TRP J 78 31.84 -22.00 45.97
C TRP J 78 33.17 -21.69 46.63
N ASN J 79 33.62 -20.44 46.46
CA ASN J 79 35.02 -20.09 46.67
C ASN J 79 35.14 -18.96 47.69
N SER J 80 36.32 -18.88 48.29
CA SER J 80 36.62 -17.80 49.23
C SER J 80 36.60 -16.44 48.53
N SER J 81 37.10 -16.38 47.30
CA SER J 81 37.28 -15.12 46.59
C SER J 81 36.01 -14.61 45.91
N TRP J 82 34.87 -15.27 46.08
CA TRP J 82 33.59 -14.82 45.54
C TRP J 82 32.55 -14.46 46.59
N SER J 83 32.79 -14.75 47.87
CA SER J 83 31.71 -14.67 48.86
C SER J 83 31.89 -13.52 49.84
N ASN J 84 32.88 -13.62 50.72
CA ASN J 84 33.35 -12.50 51.55
C ASN J 84 32.32 -11.87 52.49
N ARG J 85 31.08 -12.38 52.51
CA ARG J 85 30.15 -12.12 53.59
C ARG J 85 29.80 -13.46 54.22
N ASN J 86 29.51 -13.44 55.51
CA ASN J 86 29.41 -14.69 56.26
C ASN J 86 28.31 -15.58 55.69
N LEU J 87 28.55 -16.89 55.72
CA LEU J 87 27.63 -17.83 55.09
C LEU J 87 26.26 -17.80 55.74
N SER J 88 26.22 -17.85 57.07
CA SER J 88 24.97 -18.11 57.78
C SER J 88 23.97 -16.96 57.63
N GLU J 89 24.46 -15.73 57.48
CA GLU J 89 23.55 -14.58 57.47
C GLU J 89 22.80 -14.46 56.14
N ILE J 90 23.30 -15.08 55.07
CA ILE J 90 22.68 -14.87 53.76
C ILE J 90 21.33 -15.59 53.70
N TRP J 91 21.27 -16.81 54.21
CA TRP J 91 20.09 -17.63 53.97
C TRP J 91 18.93 -17.28 54.89
N ASP J 92 19.14 -16.39 55.87
CA ASP J 92 18.11 -16.01 56.83
C ASP J 92 17.63 -14.57 56.65
N ASN J 93 18.51 -13.64 56.29
CA ASN J 93 18.24 -12.21 56.38
C ASN J 93 17.94 -11.57 55.03
N MET J 94 18.62 -12.00 53.97
CA MET J 94 18.78 -11.18 52.79
C MET J 94 17.82 -11.58 51.67
N THR J 95 17.66 -10.69 50.69
CA THR J 95 16.81 -10.90 49.53
C THR J 95 17.62 -11.07 48.25
N TRP J 96 16.97 -11.66 47.25
CA TRP J 96 17.61 -11.89 45.96
C TRP J 96 17.97 -10.56 45.29
N LEU J 97 17.10 -9.57 45.46
CA LEU J 97 17.21 -8.28 44.77
C LEU J 97 18.37 -7.44 45.31
N GLN J 98 19.14 -7.98 46.26
CA GLN J 98 20.47 -7.48 46.57
C GLN J 98 21.56 -8.52 46.45
N TRP J 99 21.24 -9.82 46.55
CA TRP J 99 22.26 -10.85 46.36
C TRP J 99 22.78 -10.85 44.92
N ASP J 100 21.88 -10.70 43.96
CA ASP J 100 22.30 -10.65 42.56
C ASP J 100 23.26 -9.51 42.33
N LYS J 101 23.03 -8.37 42.99
CA LYS J 101 23.90 -7.23 42.84
C LYS J 101 25.21 -7.36 43.61
N GLU J 102 25.26 -8.17 44.68
CA GLU J 102 26.60 -8.47 45.21
C GLU J 102 27.37 -9.34 44.23
N ILE J 103 26.74 -10.40 43.71
CA ILE J 103 27.46 -11.48 43.04
C ILE J 103 27.67 -11.24 41.55
N SER J 104 27.10 -10.18 40.98
CA SER J 104 26.90 -10.07 39.54
C SER J 104 28.19 -10.17 38.71
N ASN J 105 29.36 -10.05 39.33
CA ASN J 105 30.61 -10.12 38.58
C ASN J 105 30.84 -11.52 38.01
N TYR J 106 30.72 -12.56 38.83
CA TYR J 106 31.23 -13.88 38.50
C TYR J 106 30.19 -14.79 37.86
N THR J 107 29.20 -14.24 37.16
CA THR J 107 28.19 -15.08 36.52
C THR J 107 28.80 -15.94 35.41
N GLN J 108 29.65 -15.32 34.58
CA GLN J 108 30.09 -15.99 33.35
C GLN J 108 31.00 -17.18 33.65
N ILE J 109 31.88 -17.06 34.65
CA ILE J 109 32.75 -18.16 35.01
C ILE J 109 31.93 -19.34 35.53
N ILE J 110 30.95 -19.02 36.38
CA ILE J 110 30.07 -20.05 36.96
C ILE J 110 29.29 -20.75 35.84
N TYR J 111 28.84 -19.98 34.85
CA TYR J 111 28.04 -20.53 33.77
C TYR J 111 28.82 -21.50 32.89
N GLY J 112 30.15 -21.51 32.96
CA GLY J 112 30.97 -22.49 32.25
C GLY J 112 31.38 -23.63 33.16
N LEU J 113 31.62 -23.30 34.43
CA LEU J 113 31.99 -24.31 35.41
C LEU J 113 30.88 -25.36 35.55
N LEU J 114 29.63 -24.91 35.60
CA LEU J 114 28.53 -25.85 35.78
C LEU J 114 28.36 -26.78 34.60
N GLU J 115 28.63 -26.32 33.37
CA GLU J 115 28.44 -27.20 32.22
C GLU J 115 29.63 -28.13 32.01
N GLU J 116 30.85 -27.66 32.28
CA GLU J 116 31.98 -28.57 32.15
C GLU J 116 31.91 -29.64 33.24
N SER J 117 31.40 -29.31 34.43
CA SER J 117 31.17 -30.34 35.43
C SER J 117 30.14 -31.38 34.98
N GLN J 118 29.07 -30.95 34.30
CA GLN J 118 28.08 -31.90 33.79
C GLN J 118 28.69 -32.81 32.74
N ASN J 119 29.44 -32.25 31.79
CA ASN J 119 30.07 -33.07 30.76
C ASN J 119 31.05 -34.05 31.39
N GLN J 120 31.73 -33.63 32.47
CA GLN J 120 32.58 -34.55 33.21
C GLN J 120 31.77 -35.68 33.84
N GLN J 121 30.67 -35.33 34.52
CA GLN J 121 30.00 -36.30 35.39
C GLN J 121 29.18 -37.32 34.59
N GLU J 122 28.54 -36.89 33.50
CA GLU J 122 27.80 -37.86 32.69
C GLU J 122 28.75 -38.83 31.98
N LYS J 123 30.00 -38.43 31.75
CA LYS J 123 30.97 -39.34 31.15
C LYS J 123 31.21 -40.54 32.06
N ASN J 124 31.38 -40.30 33.36
CA ASN J 124 31.57 -41.40 34.30
C ASN J 124 30.34 -42.29 34.37
N GLU J 125 29.16 -41.71 34.14
CA GLU J 125 27.95 -42.52 34.01
C GLU J 125 28.05 -43.43 32.80
N GLN J 126 28.62 -42.92 31.70
CA GLN J 126 28.76 -43.72 30.49
C GLN J 126 29.66 -44.93 30.71
N ASP J 127 30.63 -44.82 31.62
CA ASP J 127 31.50 -45.95 31.94
C ASP J 127 30.90 -46.83 33.03
N LEU J 128 30.20 -46.23 33.99
CA LEU J 128 29.75 -46.96 35.17
C LEU J 128 28.63 -47.95 34.89
N LEU J 129 28.04 -47.95 33.69
CA LEU J 129 27.18 -49.03 33.23
C LEU J 129 27.69 -49.65 31.93
N ALA J 130 28.90 -49.31 31.50
CA ALA J 130 29.60 -50.01 30.42
C ALA J 130 30.67 -50.95 30.94
N GLN K 1 -40.44 53.57 30.45
CA GLN K 1 -41.39 54.01 29.39
C GLN K 1 -40.90 53.56 28.02
N VAL K 2 -41.79 52.97 27.22
CA VAL K 2 -41.45 52.39 25.94
C VAL K 2 -42.48 52.82 24.90
N GLN K 3 -42.00 53.19 23.71
CA GLN K 3 -42.86 53.47 22.57
C GLN K 3 -42.16 53.04 21.30
N LEU K 4 -42.96 52.50 20.37
CA LEU K 4 -42.50 52.07 19.06
C LEU K 4 -43.31 52.75 17.98
N VAL K 5 -43.38 54.08 18.05
CA VAL K 5 -44.19 54.88 17.13
C VAL K 5 -43.78 54.60 15.70
N GLN K 6 -44.73 54.14 14.90
CA GLN K 6 -44.56 53.94 13.47
C GLN K 6 -44.98 55.19 12.70
N SER K 7 -44.63 55.21 11.41
CA SER K 7 -45.08 56.28 10.54
C SER K 7 -46.54 56.06 10.15
N GLY K 8 -47.10 57.03 9.45
CA GLY K 8 -48.50 56.99 9.09
C GLY K 8 -48.81 55.98 8.01
N ALA K 9 -50.11 55.79 7.77
CA ALA K 9 -50.57 54.89 6.74
C ALA K 9 -50.49 55.55 5.37
N GLU K 10 -50.49 54.73 4.31
CA GLU K 10 -50.42 55.24 2.95
C GLU K 10 -50.87 54.18 1.97
N LEU K 11 -51.89 54.51 1.19
CA LEU K 11 -52.39 53.58 0.17
C LEU K 11 -51.49 53.60 -1.06
N LYS K 12 -51.31 52.43 -1.68
CA LYS K 12 -50.45 52.27 -2.84
C LYS K 12 -51.18 51.46 -3.90
N LYS K 13 -50.75 51.63 -5.15
CA LYS K 13 -51.24 50.78 -6.22
C LYS K 13 -50.68 49.37 -6.04
N PRO K 14 -51.41 48.32 -6.47
CA PRO K 14 -50.80 46.99 -6.47
C PRO K 14 -49.59 46.94 -7.39
N GLY K 15 -48.56 46.22 -6.95
CA GLY K 15 -47.29 46.19 -7.64
C GLY K 15 -46.37 47.36 -7.34
N ALA K 16 -46.79 48.29 -6.49
CA ALA K 16 -45.98 49.45 -6.14
C ALA K 16 -44.99 49.09 -5.03
N SER K 17 -44.40 50.10 -4.39
CA SER K 17 -43.50 49.89 -3.26
C SER K 17 -43.82 50.89 -2.16
N VAL K 18 -43.41 50.55 -0.93
CA VAL K 18 -43.66 51.41 0.22
C VAL K 18 -42.60 51.18 1.29
N LYS K 19 -42.06 52.29 1.80
CA LYS K 19 -41.12 52.26 2.91
C LYS K 19 -41.89 52.51 4.21
N VAL K 20 -41.74 51.60 5.18
CA VAL K 20 -42.38 51.72 6.48
C VAL K 20 -41.30 51.82 7.54
N SER K 21 -41.40 52.83 8.40
CA SER K 21 -40.39 53.13 9.41
C SER K 21 -40.96 52.94 10.81
N CYS K 22 -40.07 52.58 11.74
CA CYS K 22 -40.44 52.31 13.12
C CYS K 22 -39.42 53.01 14.03
N LYS K 23 -39.92 53.88 14.91
CA LYS K 23 -39.08 54.76 15.70
C LYS K 23 -38.90 54.20 17.11
N ALA K 24 -37.66 54.18 17.59
CA ALA K 24 -37.38 53.78 18.96
C ALA K 24 -37.64 54.95 19.91
N SER K 25 -37.86 54.61 21.19
CA SER K 25 -38.13 55.61 22.20
C SER K 25 -37.94 54.98 23.57
N GLY K 26 -37.10 55.60 24.40
CA GLY K 26 -36.80 55.06 25.71
C GLY K 26 -35.72 54.00 25.72
N TYR K 27 -35.19 53.61 24.56
CA TYR K 27 -34.12 52.64 24.50
C TYR K 27 -33.39 52.82 23.18
N THR K 28 -32.20 52.24 23.09
CA THR K 28 -31.39 52.27 21.87
C THR K 28 -31.67 51.02 21.06
N LEU K 29 -31.85 51.21 19.75
CA LEU K 29 -32.32 50.11 18.90
C LEU K 29 -31.33 48.96 18.86
N SER K 30 -30.05 49.24 19.11
CA SER K 30 -29.04 48.19 19.02
C SER K 30 -29.15 47.16 20.13
N ASP K 31 -29.99 47.40 21.15
CA ASP K 31 -30.17 46.38 22.19
C ASP K 31 -30.85 45.13 21.63
N TYR K 32 -31.99 45.29 20.95
CA TYR K 32 -32.91 44.19 20.67
C TYR K 32 -33.05 43.95 19.17
N TYR K 33 -33.41 42.72 18.81
CA TYR K 33 -33.86 42.43 17.45
C TYR K 33 -35.21 43.09 17.20
N VAL K 34 -35.41 43.57 15.99
CA VAL K 34 -36.66 44.20 15.58
C VAL K 34 -37.43 43.22 14.70
N HIS K 35 -38.59 42.79 15.17
CA HIS K 35 -39.46 41.88 14.44
C HIS K 35 -40.56 42.68 13.77
N TRP K 36 -40.92 42.27 12.55
CA TRP K 36 -41.93 42.94 11.75
C TRP K 36 -43.11 41.99 11.55
N LEU K 37 -44.30 42.50 11.79
CA LEU K 37 -45.50 41.69 11.90
C LEU K 37 -46.63 42.39 11.16
N ARG K 38 -47.76 41.70 11.03
CA ARG K 38 -48.84 42.18 10.19
C ARG K 38 -50.17 41.61 10.68
N GLN K 39 -51.26 42.28 10.32
CA GLN K 39 -52.60 41.81 10.65
C GLN K 39 -53.58 42.35 9.61
N ALA K 40 -54.10 41.47 8.77
CA ALA K 40 -55.10 41.84 7.77
C ALA K 40 -56.49 41.88 8.41
N PRO K 41 -57.45 42.60 7.82
CA PRO K 41 -58.77 42.74 8.45
C PRO K 41 -59.52 41.42 8.43
N GLY K 42 -59.73 40.85 9.62
CA GLY K 42 -60.38 39.58 9.78
C GLY K 42 -59.45 38.38 9.82
N GLN K 43 -58.17 38.56 9.55
CA GLN K 43 -57.16 37.51 9.59
C GLN K 43 -56.34 37.63 10.87
N GLY K 44 -55.52 36.61 11.10
CA GLY K 44 -54.67 36.58 12.28
C GLY K 44 -53.39 37.38 12.11
N LEU K 45 -52.49 37.20 13.08
CA LEU K 45 -51.19 37.85 13.04
C LEU K 45 -50.23 37.03 12.18
N GLU K 46 -49.56 37.71 11.25
CA GLU K 46 -48.66 37.07 10.29
C GLU K 46 -47.24 37.58 10.57
N TRP K 47 -46.30 36.65 10.70
CA TRP K 47 -44.91 37.01 10.98
C TRP K 47 -44.17 37.23 9.66
N VAL K 48 -43.47 38.35 9.56
CA VAL K 48 -42.84 38.79 8.31
C VAL K 48 -41.33 38.57 8.32
N ALA K 49 -40.63 39.11 9.33
CA ALA K 49 -39.18 39.01 9.36
C ALA K 49 -38.65 39.53 10.69
N TRP K 50 -37.37 39.26 10.95
CA TRP K 50 -36.61 39.95 11.97
C TRP K 50 -35.41 40.61 11.30
N ILE K 51 -34.85 41.62 11.98
CA ILE K 51 -33.58 42.20 11.61
C ILE K 51 -32.71 42.29 12.85
N ASN K 52 -31.46 41.88 12.73
CA ASN K 52 -30.44 42.17 13.74
C ASN K 52 -29.92 43.57 13.42
N PRO K 53 -30.37 44.61 14.13
CA PRO K 53 -30.12 45.98 13.65
C PRO K 53 -28.66 46.37 13.56
N THR K 54 -27.76 45.65 14.23
CA THR K 54 -26.34 45.98 14.19
C THR K 54 -25.71 45.51 12.88
N SER K 55 -25.72 44.20 12.63
CA SER K 55 -25.15 43.65 11.41
C SER K 55 -26.13 43.71 10.25
N GLY K 56 -27.37 44.11 10.47
CA GLY K 56 -28.34 44.15 9.40
C GLY K 56 -28.70 42.79 8.84
N ARG K 57 -28.39 41.71 9.55
CA ARG K 57 -28.73 40.38 9.09
C ARG K 57 -30.21 40.11 9.33
N THR K 58 -30.85 39.44 8.37
CA THR K 58 -32.30 39.29 8.36
C THR K 58 -32.66 37.88 7.93
N ILE K 59 -33.86 37.45 8.35
CA ILE K 59 -34.48 36.23 7.86
C ILE K 59 -35.98 36.47 7.78
N SER K 60 -36.56 36.05 6.66
CA SER K 60 -38.00 36.11 6.41
C SER K 60 -38.41 34.78 5.81
N PRO K 61 -39.63 34.27 6.11
CA PRO K 61 -39.84 32.82 6.04
C PRO K 61 -39.73 32.16 4.66
N ARG K 62 -40.75 32.31 3.79
CA ARG K 62 -40.67 32.08 2.35
C ARG K 62 -41.44 33.14 1.58
N LYS K 63 -42.62 33.50 2.10
CA LYS K 63 -43.60 34.26 1.33
C LYS K 63 -43.10 35.65 0.99
N PHE K 64 -42.25 36.22 1.85
CA PHE K 64 -41.79 37.59 1.71
C PHE K 64 -40.35 37.69 1.23
N GLN K 65 -39.72 36.57 0.88
CA GLN K 65 -38.34 36.62 0.39
C GLN K 65 -38.32 37.22 -1.00
N GLY K 66 -37.60 38.32 -1.16
CA GLY K 66 -37.66 39.12 -2.37
C GLY K 66 -38.61 40.30 -2.19
N ARG K 67 -39.74 40.06 -1.52
CA ARG K 67 -40.70 41.14 -1.28
C ARG K 67 -40.12 42.19 -0.34
N VAL K 68 -39.42 41.77 0.71
CA VAL K 68 -39.06 42.62 1.84
C VAL K 68 -37.56 42.86 1.83
N THR K 69 -37.17 44.13 1.98
CA THR K 69 -35.78 44.56 2.12
C THR K 69 -35.68 45.45 3.34
N MET K 70 -34.53 45.43 4.00
CA MET K 70 -34.39 45.93 5.37
C MET K 70 -33.20 46.87 5.51
N THR K 71 -33.35 47.86 6.38
CA THR K 71 -32.29 48.79 6.74
C THR K 71 -32.55 49.29 8.15
N THR K 72 -31.51 49.85 8.76
CA THR K 72 -31.63 50.62 9.99
C THR K 72 -30.64 51.78 9.94
N ASP K 73 -30.97 52.82 10.71
CA ASP K 73 -30.08 53.96 10.93
C ASP K 73 -30.04 54.19 12.43
N THR K 74 -29.16 53.45 13.12
CA THR K 74 -29.13 53.48 14.57
C THR K 74 -28.65 54.82 15.11
N SER K 75 -27.97 55.64 14.30
CA SER K 75 -27.70 57.02 14.70
C SER K 75 -28.98 57.82 14.85
N MET K 76 -29.89 57.75 13.88
CA MET K 76 -31.26 58.23 14.05
C MET K 76 -32.10 57.35 14.96
N ASN K 77 -31.71 56.09 15.15
CA ASN K 77 -32.42 55.18 16.07
C ASN K 77 -33.77 54.79 15.52
N VAL K 78 -33.82 54.50 14.21
CA VAL K 78 -35.06 54.18 13.51
C VAL K 78 -34.82 52.90 12.72
N ALA K 79 -35.89 52.12 12.56
CA ALA K 79 -35.88 50.86 11.83
C ALA K 79 -36.89 50.92 10.69
N TYR K 80 -36.48 50.44 9.51
CA TYR K 80 -37.27 50.54 8.30
C TYR K 80 -37.50 49.15 7.72
N MET K 81 -38.59 48.99 7.00
CA MET K 81 -38.93 47.74 6.32
C MET K 81 -39.71 48.08 5.06
N GLU K 82 -39.13 47.77 3.90
CA GLU K 82 -39.70 48.10 2.61
C GLU K 82 -40.46 46.91 2.05
N LEU K 83 -41.55 47.19 1.34
CA LEU K 83 -42.26 46.18 0.55
C LEU K 83 -42.22 46.59 -0.93
N ARG K 84 -42.11 45.60 -1.81
CA ARG K 84 -42.16 45.80 -3.24
C ARG K 84 -43.01 44.69 -3.88
N GLY K 85 -43.67 45.04 -4.98
CA GLY K 85 -44.57 44.12 -5.63
C GLY K 85 -45.78 43.84 -4.76
N LEU K 86 -46.64 44.86 -4.60
CA LEU K 86 -47.75 44.75 -3.67
C LEU K 86 -48.91 43.95 -4.29
N ARG K 87 -49.83 43.53 -3.41
CA ARG K 87 -51.02 42.80 -3.80
C ARG K 87 -52.18 43.28 -2.92
N SER K 88 -53.37 42.73 -3.20
CA SER K 88 -54.54 43.10 -2.40
C SER K 88 -54.39 42.70 -0.95
N ASP K 89 -53.61 41.65 -0.69
CA ASP K 89 -53.37 41.16 0.67
C ASP K 89 -52.72 42.23 1.54
N ASP K 90 -51.96 43.14 0.93
CA ASP K 90 -51.23 44.16 1.68
C ASP K 90 -52.12 45.22 2.30
N THR K 91 -53.44 45.13 2.16
CA THR K 91 -54.33 45.91 3.01
C THR K 91 -54.31 45.29 4.40
N ALA K 92 -53.32 45.65 5.20
CA ALA K 92 -53.11 45.01 6.49
C ALA K 92 -52.33 45.95 7.40
N VAL K 93 -52.45 45.71 8.71
CA VAL K 93 -51.88 46.60 9.73
C VAL K 93 -50.52 46.04 10.13
N TYR K 94 -49.46 46.65 9.63
CA TYR K 94 -48.11 46.25 9.98
C TYR K 94 -47.79 46.72 11.39
N PHE K 95 -47.24 45.82 12.21
CA PHE K 95 -46.74 46.14 13.54
C PHE K 95 -45.24 45.89 13.58
N CYS K 96 -44.50 46.85 14.13
CA CYS K 96 -43.11 46.68 14.47
C CYS K 96 -43.00 46.42 15.96
N ALA K 97 -42.10 45.50 16.32
CA ALA K 97 -41.95 45.06 17.70
C ALA K 97 -40.50 44.71 17.95
N ARG K 98 -40.06 44.87 19.20
CA ARG K 98 -38.72 44.52 19.62
C ARG K 98 -38.75 43.14 20.27
N GLY K 99 -37.82 42.28 19.86
CA GLY K 99 -37.76 40.92 20.36
C GLY K 99 -36.87 40.77 21.58
N GLY K 100 -35.86 39.93 21.46
CA GLY K 100 -34.99 39.65 22.59
C GLY K 100 -33.76 40.51 22.62
N TRP K 101 -33.11 40.51 23.79
CA TRP K 101 -31.82 41.15 23.94
C TRP K 101 -30.81 40.53 22.98
N ILE K 102 -29.92 41.36 22.43
CA ILE K 102 -28.88 40.87 21.53
C ILE K 102 -27.67 40.50 22.39
N SER K 103 -27.47 39.20 22.56
CA SER K 103 -26.31 38.67 23.25
C SER K 103 -25.30 38.15 22.23
N LEU K 104 -24.02 38.32 22.55
CA LEU K 104 -22.97 37.87 21.67
C LEU K 104 -22.72 36.37 21.76
N TYR K 105 -23.32 35.69 22.75
CA TYR K 105 -23.01 34.30 23.06
C TYR K 105 -24.20 33.36 22.96
N VAL K 106 -25.42 33.87 22.82
CA VAL K 106 -26.61 33.04 22.73
C VAL K 106 -27.55 33.65 21.70
N ASP K 107 -28.13 32.80 20.85
CA ASP K 107 -28.97 33.25 19.73
C ASP K 107 -30.41 33.36 20.21
N TYR K 108 -30.87 34.60 20.41
CA TYR K 108 -32.23 34.89 20.79
C TYR K 108 -33.02 35.53 19.66
N SER K 109 -32.56 35.38 18.41
CA SER K 109 -33.14 36.14 17.31
C SER K 109 -34.55 35.68 16.99
N TYR K 110 -34.84 34.39 17.15
CA TYR K 110 -35.86 33.73 16.36
C TYR K 110 -37.03 33.16 17.15
N TYR K 111 -37.33 33.67 18.35
CA TYR K 111 -38.39 33.08 19.17
C TYR K 111 -39.42 34.11 19.63
N PRO K 112 -40.69 33.69 19.87
CA PRO K 112 -41.81 34.64 20.01
C PRO K 112 -41.99 35.17 21.42
N ASN K 113 -41.16 36.13 21.80
CA ASN K 113 -41.20 36.73 23.12
C ASN K 113 -41.27 38.23 22.99
N PHE K 114 -42.19 38.71 22.17
CA PHE K 114 -42.26 40.13 21.85
C PHE K 114 -42.65 40.91 23.09
N ASP K 115 -41.87 41.95 23.39
CA ASP K 115 -41.99 42.70 24.64
C ASP K 115 -42.95 43.87 24.48
N SER K 116 -42.67 44.76 23.52
CA SER K 116 -43.53 45.89 23.23
C SER K 116 -43.72 46.00 21.73
N TRP K 117 -44.83 46.63 21.33
CA TRP K 117 -45.33 46.61 19.97
C TRP K 117 -45.55 48.04 19.48
N GLY K 118 -45.46 48.23 18.17
CA GLY K 118 -45.86 49.48 17.58
C GLY K 118 -47.36 49.70 17.68
N GLN K 119 -47.79 50.95 17.53
CA GLN K 119 -49.23 51.23 17.59
C GLN K 119 -49.93 50.65 16.38
N GLY K 120 -49.30 50.73 15.20
CA GLY K 120 -49.87 50.19 13.97
C GLY K 120 -49.92 51.19 12.84
N THR K 121 -49.44 50.77 11.67
CA THR K 121 -49.52 51.56 10.45
C THR K 121 -50.04 50.65 9.35
N LEU K 122 -50.77 51.25 8.40
CA LEU K 122 -51.52 50.51 7.39
C LEU K 122 -51.00 50.83 6.00
N VAL K 123 -50.51 49.79 5.31
CA VAL K 123 -50.42 49.81 3.86
C VAL K 123 -51.77 49.37 3.31
N SER K 124 -52.22 50.01 2.24
CA SER K 124 -53.54 49.71 1.69
C SER K 124 -53.45 49.66 0.17
N VAL K 125 -54.47 49.06 -0.44
CA VAL K 125 -54.47 48.71 -1.84
C VAL K 125 -55.91 48.77 -2.34
N SER K 126 -56.07 49.10 -3.62
CA SER K 126 -57.35 49.06 -4.30
C SER K 126 -57.20 48.40 -5.66
N GLN L 1 -45.19 28.54 4.59
CA GLN L 1 -44.47 28.04 5.80
C GLN L 1 -45.25 28.19 7.13
N PRO L 2 -46.06 29.22 7.32
CA PRO L 2 -46.92 29.24 8.51
C PRO L 2 -47.92 28.10 8.50
N VAL L 3 -47.93 27.33 9.60
CA VAL L 3 -48.72 26.10 9.69
C VAL L 3 -49.52 25.98 10.98
N LEU L 4 -49.23 26.80 11.98
CA LEU L 4 -49.75 26.56 13.32
C LEU L 4 -51.27 26.75 13.36
N THR L 5 -51.94 25.90 14.15
CA THR L 5 -53.39 25.79 14.15
C THR L 5 -53.95 25.88 15.57
N GLN L 6 -55.22 26.25 15.67
CA GLN L 6 -55.95 26.23 16.93
C GLN L 6 -57.44 26.39 16.63
N PRO L 7 -58.33 25.98 17.55
CA PRO L 7 -59.77 26.15 17.30
C PRO L 7 -60.17 27.60 17.12
N ALA L 8 -60.79 27.91 15.96
CA ALA L 8 -60.94 29.29 15.52
C ALA L 8 -61.85 30.13 16.40
N SER L 9 -62.73 29.51 17.19
CA SER L 9 -63.60 30.27 18.09
C SER L 9 -64.27 29.30 19.06
N VAL L 10 -64.32 29.70 20.32
CA VAL L 10 -64.91 28.90 21.38
C VAL L 10 -65.58 29.86 22.36
N SER L 11 -66.26 29.33 23.39
CA SER L 11 -66.91 30.12 24.42
C SER L 11 -66.63 29.53 25.80
N GLY L 12 -66.65 30.40 26.80
CA GLY L 12 -66.43 30.01 28.18
C GLY L 12 -67.65 30.26 29.05
N SER L 13 -67.51 29.89 30.33
CA SER L 13 -68.55 30.06 31.34
C SER L 13 -67.93 30.76 32.55
N PRO L 14 -68.56 31.81 33.10
CA PRO L 14 -67.94 32.49 34.26
C PRO L 14 -67.74 31.57 35.45
N GLY L 15 -66.56 31.65 36.06
CA GLY L 15 -66.23 30.87 37.23
C GLY L 15 -65.74 29.46 36.94
N GLN L 16 -65.96 28.94 35.74
CA GLN L 16 -65.57 27.58 35.37
C GLN L 16 -64.19 27.59 34.74
N SER L 17 -63.82 26.51 34.06
CA SER L 17 -62.54 26.41 33.36
C SER L 17 -62.78 26.14 31.88
N ILE L 18 -61.87 26.65 31.05
CA ILE L 18 -61.92 26.43 29.60
C ILE L 18 -60.51 26.06 29.12
N THR L 19 -60.45 25.35 27.99
CA THR L 19 -59.21 24.94 27.36
C THR L 19 -59.10 25.63 26.00
N ILE L 20 -58.06 26.43 25.83
CA ILE L 20 -57.71 27.08 24.58
C ILE L 20 -56.34 26.59 24.17
N SER L 21 -56.29 25.78 23.11
CA SER L 21 -55.09 25.03 22.74
C SER L 21 -54.58 25.46 21.38
N CYS L 22 -53.39 24.97 21.03
CA CYS L 22 -52.82 25.11 19.69
C CYS L 22 -51.95 23.89 19.44
N THR L 23 -51.82 23.54 18.15
CA THR L 23 -51.10 22.34 17.75
C THR L 23 -50.25 22.64 16.52
N GLY L 24 -49.13 21.92 16.41
CA GLY L 24 -48.21 22.09 15.30
C GLY L 24 -47.51 20.80 14.93
N SER L 25 -46.21 20.87 14.66
CA SER L 25 -45.40 19.72 14.31
C SER L 25 -44.22 19.62 15.25
N SER L 26 -43.60 18.44 15.29
CA SER L 26 -42.41 18.24 16.12
C SER L 26 -41.29 19.19 15.71
N SER L 27 -41.27 19.62 14.45
CA SER L 27 -40.28 20.56 13.97
C SER L 27 -40.36 21.91 14.68
N ASP L 28 -41.54 22.33 15.12
CA ASP L 28 -41.72 23.70 15.64
C ASP L 28 -42.25 23.80 17.06
N VAL L 29 -43.12 22.90 17.52
CA VAL L 29 -43.69 22.99 18.86
C VAL L 29 -43.04 21.99 19.82
N GLY L 30 -42.59 20.85 19.31
CA GLY L 30 -41.91 19.86 20.12
C GLY L 30 -40.41 20.01 20.12
N SER L 31 -39.84 20.40 18.98
CA SER L 31 -38.39 20.58 18.89
C SER L 31 -37.91 21.66 19.85
N TYR L 32 -38.69 22.73 19.99
CA TYR L 32 -38.42 23.81 20.92
C TYR L 32 -39.61 23.98 21.83
N ASN L 33 -39.37 24.10 23.12
CA ASN L 33 -40.41 24.46 24.09
C ASN L 33 -40.73 25.95 24.08
N LEU L 34 -40.17 26.72 23.16
CA LEU L 34 -40.30 28.16 23.14
C LEU L 34 -41.66 28.54 22.56
N VAL L 35 -42.62 28.78 23.44
CA VAL L 35 -44.02 28.98 23.09
C VAL L 35 -44.52 30.19 23.87
N SER L 36 -45.53 30.87 23.35
CA SER L 36 -46.03 32.07 23.99
C SER L 36 -47.48 32.29 23.60
N TRP L 37 -48.15 33.16 24.35
CA TRP L 37 -49.57 33.45 24.16
C TRP L 37 -49.80 34.95 24.27
N TYR L 38 -50.73 35.47 23.46
CA TYR L 38 -50.91 36.90 23.25
C TYR L 38 -52.38 37.28 23.35
N GLN L 39 -52.64 38.50 23.82
CA GLN L 39 -53.97 39.07 23.86
C GLN L 39 -53.95 40.42 23.18
N GLN L 40 -54.79 40.58 22.16
CA GLN L 40 -54.95 41.84 21.45
C GLN L 40 -56.43 42.19 21.44
N HIS L 41 -56.73 43.43 21.81
CA HIS L 41 -58.08 43.97 21.70
C HIS L 41 -58.21 44.73 20.39
N PRO L 42 -59.32 44.64 19.65
CA PRO L 42 -59.44 45.43 18.42
C PRO L 42 -59.32 46.92 18.70
N GLY L 43 -58.66 47.63 17.80
CA GLY L 43 -58.32 49.02 18.00
C GLY L 43 -57.07 49.25 18.83
N LYS L 44 -56.39 48.20 19.27
CA LYS L 44 -55.17 48.31 20.07
C LYS L 44 -54.21 47.23 19.63
N ALA L 45 -53.04 47.21 20.27
CA ALA L 45 -51.96 46.30 19.95
C ALA L 45 -51.91 45.15 20.96
N PRO L 46 -51.20 44.07 20.64
CA PRO L 46 -51.20 42.90 21.54
C PRO L 46 -50.48 43.16 22.86
N LYS L 47 -50.39 42.09 23.65
CA LYS L 47 -49.87 42.17 25.01
C LYS L 47 -49.42 40.77 25.43
N LEU L 48 -48.12 40.63 25.72
CA LEU L 48 -47.55 39.33 26.03
C LEU L 48 -48.12 38.76 27.32
N MET L 49 -48.78 37.60 27.22
CA MET L 49 -49.46 36.96 28.34
C MET L 49 -48.79 35.66 28.80
N ILE L 50 -48.02 35.00 27.94
CA ILE L 50 -47.23 33.84 28.35
C ILE L 50 -45.96 33.87 27.52
N TYR L 51 -44.88 33.32 28.06
CA TYR L 51 -43.69 33.07 27.27
C TYR L 51 -42.94 31.89 27.85
N GLU L 52 -42.33 31.11 26.96
CA GLU L 52 -41.68 29.85 27.31
C GLU L 52 -42.58 28.99 28.19
N VAL L 53 -43.79 28.75 27.68
CA VAL L 53 -44.79 27.87 28.28
C VAL L 53 -45.37 28.43 29.57
N ASN L 54 -44.53 28.63 30.59
CA ASN L 54 -45.03 28.96 31.92
C ASN L 54 -44.19 29.99 32.68
N LYS L 55 -43.40 30.80 31.98
CA LYS L 55 -42.83 31.98 32.63
C LYS L 55 -43.89 33.07 32.68
N TRP L 56 -44.01 33.71 33.84
CA TRP L 56 -45.15 34.57 34.12
C TRP L 56 -44.92 35.94 33.49
N ALA L 57 -45.74 36.28 32.51
CA ALA L 57 -45.68 37.62 31.94
C ALA L 57 -46.29 38.63 32.89
N SER L 58 -45.92 39.90 32.70
CA SER L 58 -46.40 40.95 33.59
C SER L 58 -47.90 41.14 33.46
N GLY L 59 -48.56 41.39 34.59
CA GLY L 59 -49.99 41.66 34.61
C GLY L 59 -50.86 40.45 34.42
N VAL L 60 -50.30 39.24 34.44
CA VAL L 60 -51.08 38.03 34.20
C VAL L 60 -51.69 37.56 35.52
N SER L 61 -53.01 37.40 35.53
CA SER L 61 -53.66 36.78 36.67
C SER L 61 -53.41 35.28 36.66
N ASP L 62 -53.48 34.67 37.84
CA ASP L 62 -53.20 33.25 37.99
C ASP L 62 -54.22 32.35 37.31
N ARG L 63 -55.33 32.91 36.80
CA ARG L 63 -56.27 32.14 35.99
C ARG L 63 -55.59 31.54 34.78
N PHE L 64 -54.60 32.23 34.23
CA PHE L 64 -54.09 31.92 32.89
C PHE L 64 -53.01 30.85 32.98
N ALA L 65 -53.44 29.61 32.79
CA ALA L 65 -52.51 28.49 32.83
C ALA L 65 -51.62 28.50 31.59
N GLY L 66 -50.47 27.84 31.72
CA GLY L 66 -49.59 27.61 30.61
C GLY L 66 -48.96 26.23 30.69
N SER L 67 -49.21 25.41 29.66
CA SER L 67 -48.71 24.05 29.64
C SER L 67 -48.39 23.67 28.20
N LYS L 68 -47.55 22.66 28.06
CA LYS L 68 -47.15 22.12 26.77
C LYS L 68 -47.07 20.60 26.89
N SER L 69 -47.36 19.92 25.79
CA SER L 69 -47.26 18.46 25.76
C SER L 69 -47.12 18.00 24.31
N GLY L 70 -45.95 17.48 23.96
CA GLY L 70 -45.76 16.95 22.63
C GLY L 70 -45.92 18.02 21.57
N ASN L 71 -46.82 17.78 20.62
CA ASN L 71 -47.13 18.72 19.57
C ASN L 71 -48.27 19.67 19.94
N THR L 72 -48.57 19.83 21.23
CA THR L 72 -49.71 20.62 21.67
C THR L 72 -49.30 21.51 22.85
N ALA L 73 -50.16 22.50 23.13
CA ALA L 73 -50.02 23.39 24.27
C ALA L 73 -51.36 24.08 24.48
N SER L 74 -51.50 24.77 25.61
CA SER L 74 -52.81 25.34 25.91
C SER L 74 -52.75 26.36 27.03
N LEU L 75 -53.70 27.30 26.99
CA LEU L 75 -54.08 28.15 28.12
C LEU L 75 -55.30 27.52 28.79
N THR L 76 -55.06 26.60 29.71
CA THR L 76 -56.16 25.97 30.44
C THR L 76 -56.66 26.96 31.50
N ILE L 77 -57.45 27.93 31.03
CA ILE L 77 -57.90 29.02 31.88
C ILE L 77 -58.81 28.47 32.97
N SER L 78 -58.55 28.90 34.21
CA SER L 78 -59.33 28.50 35.37
C SER L 78 -59.82 29.73 36.12
N ARG L 79 -61.10 29.68 36.52
CA ARG L 79 -61.86 30.75 37.17
C ARG L 79 -62.30 31.84 36.20
N LEU L 80 -61.77 31.83 34.97
CA LEU L 80 -62.48 32.18 33.74
C LEU L 80 -63.47 33.35 33.87
N GLN L 81 -62.97 34.55 34.12
CA GLN L 81 -63.83 35.72 34.30
C GLN L 81 -64.15 36.35 32.94
N ALA L 82 -64.74 37.54 32.97
CA ALA L 82 -65.35 38.15 31.80
C ALA L 82 -64.54 39.30 31.20
N GLU L 83 -63.65 39.93 31.96
CA GLU L 83 -62.96 41.13 31.46
C GLU L 83 -61.75 40.79 30.59
N ASP L 84 -61.94 39.90 29.62
CA ASP L 84 -60.89 39.58 28.64
C ASP L 84 -61.48 39.26 27.26
N GLU L 85 -62.45 40.04 26.78
CA GLU L 85 -63.40 39.63 25.74
C GLU L 85 -62.77 39.43 24.36
N ALA L 86 -61.51 39.83 24.18
CA ALA L 86 -60.85 39.71 22.88
C ALA L 86 -60.12 38.38 22.76
N ASN L 87 -59.36 38.21 21.69
CA ASN L 87 -58.82 36.91 21.32
C ASN L 87 -57.62 36.52 22.18
N TYR L 88 -57.22 35.25 22.06
CA TYR L 88 -56.05 34.72 22.74
C TYR L 88 -55.24 33.86 21.77
N PHE L 89 -54.27 34.49 21.10
CA PHE L 89 -53.47 33.84 20.07
C PHE L 89 -52.44 32.91 20.69
N CYS L 90 -51.96 31.95 19.89
CA CYS L 90 -50.83 31.10 20.19
C CYS L 90 -49.65 31.51 19.31
N SER L 91 -48.47 30.96 19.62
CA SER L 91 -47.29 31.21 18.81
C SER L 91 -46.16 30.29 19.24
N SER L 92 -45.33 29.91 18.27
CA SER L 92 -44.14 29.12 18.53
C SER L 92 -43.14 29.37 17.40
N SER L 93 -41.92 28.85 17.58
CA SER L 93 -40.82 29.06 16.66
C SER L 93 -40.49 27.75 15.96
N THR L 94 -40.27 27.82 14.64
CA THR L 94 -39.88 26.65 13.88
C THR L 94 -38.37 26.39 13.98
N ASN L 95 -37.99 25.13 13.78
CA ASN L 95 -36.58 24.76 13.71
C ASN L 95 -35.90 25.31 12.47
N SER L 96 -36.65 25.85 11.51
CA SER L 96 -36.10 26.60 10.39
C SER L 96 -35.76 28.05 10.76
N ALA L 97 -35.74 28.39 12.06
CA ALA L 97 -35.42 29.73 12.54
C ALA L 97 -36.43 30.75 12.01
N THR L 98 -37.69 30.54 12.38
CA THR L 98 -38.77 31.48 12.10
C THR L 98 -39.79 31.39 13.21
N VAL L 99 -40.57 32.45 13.37
CA VAL L 99 -41.67 32.50 14.33
C VAL L 99 -42.97 32.22 13.59
N ILE L 100 -43.87 31.51 14.25
CA ILE L 100 -45.18 31.16 13.69
C ILE L 100 -46.26 31.61 14.66
N PHE L 101 -47.36 32.10 14.11
CA PHE L 101 -48.55 32.46 14.87
C PHE L 101 -49.67 31.47 14.59
N GLY L 102 -50.55 31.32 15.58
CA GLY L 102 -51.78 30.59 15.35
C GLY L 102 -52.81 31.45 14.63
N GLY L 103 -53.95 30.83 14.32
CA GLY L 103 -55.02 31.52 13.65
C GLY L 103 -55.95 32.30 14.57
N GLY L 104 -55.65 32.31 15.87
CA GLY L 104 -56.43 33.10 16.80
C GLY L 104 -57.74 32.45 17.20
N THR L 105 -58.14 32.63 18.46
CA THR L 105 -59.41 32.14 18.96
C THR L 105 -59.95 33.14 19.96
N LYS L 106 -61.28 33.28 20.00
CA LYS L 106 -61.91 34.32 20.79
C LYS L 106 -62.42 33.75 22.11
N LEU L 107 -62.01 34.38 23.21
CA LEU L 107 -62.55 34.11 24.54
C LEU L 107 -63.89 34.83 24.66
N THR L 108 -64.90 34.24 24.01
CA THR L 108 -66.20 34.88 23.85
C THR L 108 -67.02 34.78 25.14
N VAL L 109 -67.96 35.72 25.28
CA VAL L 109 -68.74 35.92 26.50
C VAL L 109 -69.46 34.63 26.86
N LEU L 110 -69.32 34.11 28.09
CA LEU L 110 -68.42 34.49 29.21
C LEU L 110 -68.55 35.93 29.74
C1 NAG M . 30.16 25.53 -10.55
C2 NAG M . 31.45 26.27 -10.35
C3 NAG M . 31.70 26.45 -8.88
C4 NAG M . 30.51 27.08 -8.16
C5 NAG M . 29.16 26.49 -8.61
C6 NAG M . 27.98 27.40 -8.32
C7 NAG M . 33.02 25.83 -12.19
C8 NAG M . 34.16 24.98 -12.67
N2 NAG M . 32.55 25.55 -10.97
O3 NAG M . 32.86 27.28 -8.70
O4 NAG M . 30.78 26.83 -6.78
O5 NAG M . 29.12 26.30 -10.04
O6 NAG M . 28.20 28.72 -8.84
O7 NAG M . 32.57 26.75 -12.88
C1 NAG M . 29.82 26.94 -5.71
C2 NAG M . 30.58 26.53 -4.45
C3 NAG M . 29.67 26.61 -3.22
C4 NAG M . 29.02 27.99 -3.13
C5 NAG M . 28.35 28.35 -4.45
C6 NAG M . 27.81 29.76 -4.47
C7 NAG M . 32.43 24.95 -4.86
C8 NAG M . 32.81 23.51 -4.95
N2 NAG M . 31.14 25.19 -4.58
O3 NAG M . 30.47 26.34 -2.07
O4 NAG M . 28.00 28.00 -2.12
O5 NAG M . 29.29 28.25 -5.53
O6 NAG M . 28.79 30.70 -4.08
O7 NAG M . 33.24 25.86 -5.02
C1 BMA M . 28.46 27.91 -0.76
C2 BMA M . 27.49 28.73 0.11
C3 BMA M . 27.77 28.51 1.60
C4 BMA M . 27.94 27.01 1.94
C5 BMA M . 28.95 26.33 0.99
C6 BMA M . 29.02 24.80 1.18
O2 BMA M . 26.16 28.30 -0.12
O3 BMA M . 26.75 29.06 2.46
O4 BMA M . 28.37 26.86 3.28
O5 BMA M . 28.53 26.56 -0.36
O6 BMA M . 29.86 24.49 2.31
C1 NAG N . 42.15 12.73 -18.53
C2 NAG N . 42.50 13.88 -17.59
C3 NAG N . 42.49 15.21 -18.33
C4 NAG N . 43.40 15.14 -19.54
C5 NAG N . 42.97 13.97 -20.43
C6 NAG N . 43.86 13.79 -21.64
C7 NAG N . 41.86 14.53 -15.31
C8 NAG N . 40.80 14.46 -14.24
N2 NAG N . 41.59 13.91 -16.45
O3 NAG N . 42.91 16.25 -17.46
O4 NAG N . 43.35 16.35 -20.29
O5 NAG N . 43.03 12.76 -19.66
O6 NAG N . 45.20 14.17 -21.38
O7 NAG N . 42.91 15.14 -15.13
C1 NAG N . 44.54 17.15 -20.22
C2 NAG N . 44.55 18.06 -21.45
C3 NAG N . 45.75 19.00 -21.41
C4 NAG N . 45.79 19.75 -20.09
C5 NAG N . 45.76 18.76 -18.94
C6 NAG N . 45.71 19.42 -17.58
C7 NAG N . 44.12 17.70 -23.84
C8 NAG N . 44.22 16.75 -24.99
N2 NAG N . 44.58 17.26 -22.67
O3 NAG N . 45.65 19.91 -22.50
O4 NAG N . 46.98 20.52 -19.98
O5 NAG N . 44.58 17.94 -19.05
O6 NAG N . 44.45 20.01 -17.33
O7 NAG N . 43.63 18.82 -23.97
C1 BMA N . 47.01 21.74 -20.75
C2 BMA N . 47.87 22.73 -19.97
C3 BMA N . 48.23 23.94 -20.82
C4 BMA N . 48.75 23.50 -22.19
C5 BMA N . 47.69 22.64 -22.84
C6 BMA N . 48.02 22.21 -24.28
O2 BMA N . 49.11 22.14 -19.61
O3 BMA N . 49.19 24.75 -20.18
O4 BMA N . 49.02 24.63 -23.02
O5 BMA N . 47.52 21.48 -22.03
O6 BMA N . 49.32 21.60 -24.24
C1 MAN N . 48.70 25.98 -19.60
C2 MAN N . 49.99 26.76 -19.28
C3 MAN N . 50.62 26.31 -17.94
C4 MAN N . 49.61 25.96 -16.85
C5 MAN N . 48.50 25.08 -17.40
C6 MAN N . 47.41 24.76 -16.38
O2 MAN N . 49.80 28.21 -19.19
O3 MAN N . 51.52 27.30 -17.44
O4 MAN N . 50.30 25.25 -15.83
O5 MAN N . 47.87 25.77 -18.47
O6 MAN N . 47.98 23.88 -15.41
C1 MAN N . 50.80 28.82 -20.04
C2 MAN N . 50.88 30.35 -19.86
C3 MAN N . 49.53 30.92 -20.19
C4 MAN N . 49.12 30.59 -21.64
C5 MAN N . 49.25 29.06 -21.91
C6 MAN N . 49.18 28.73 -23.41
O2 MAN N . 51.78 31.00 -20.83
O3 MAN N . 49.49 32.32 -19.99
O4 MAN N . 47.79 31.00 -21.85
O5 MAN N . 50.51 28.53 -21.42
O6 MAN N . 48.37 29.70 -24.04
C1 MAN N . 53.16 30.51 -20.95
C2 MAN N . 53.98 30.96 -19.70
C3 MAN N . 54.22 32.45 -19.77
C4 MAN N . 54.85 32.82 -21.12
C5 MAN N . 53.94 32.40 -22.26
C6 MAN N . 54.56 32.67 -23.62
O2 MAN N . 55.28 30.36 -19.69
O3 MAN N . 55.06 32.89 -18.70
O4 MAN N . 55.06 34.23 -21.18
O5 MAN N . 53.73 30.98 -22.16
O6 MAN N . 53.60 32.34 -24.63
C1 MAN N . 49.84 21.28 -25.56
C2 MAN N . 51.31 20.87 -25.33
C3 MAN N . 52.09 22.10 -24.90
C4 MAN N . 51.99 23.19 -25.97
C5 MAN N . 50.53 23.56 -26.20
C6 MAN N . 50.34 24.53 -27.35
O2 MAN N . 51.93 20.40 -26.53
O3 MAN N . 53.46 21.81 -24.61
O4 MAN N . 52.69 24.35 -25.56
O5 MAN N . 49.75 22.36 -26.50
O6 MAN N . 50.88 23.96 -28.54
C1 MAN N . 53.89 22.48 -23.40
C2 MAN N . 55.46 22.55 -23.42
C3 MAN N . 56.06 21.18 -23.08
C4 MAN N . 55.40 20.58 -21.84
C5 MAN N . 53.90 20.48 -22.04
C6 MAN N . 53.16 19.87 -20.86
O2 MAN N . 55.99 23.47 -22.43
O3 MAN N . 57.47 21.27 -22.91
O4 MAN N . 55.95 19.29 -21.58
O5 MAN N . 53.38 21.80 -22.25
O6 MAN N . 51.82 19.57 -21.26
C1 MAN N . 56.16 24.82 -22.93
C2 MAN N . 57.12 25.58 -21.95
C3 MAN N . 56.39 26.01 -20.67
C4 MAN N . 55.07 26.71 -21.00
C5 MAN N . 54.21 25.75 -21.83
C6 MAN N . 52.86 26.34 -22.20
O2 MAN N . 57.58 26.80 -22.54
O3 MAN N . 57.20 26.85 -19.86
O4 MAN N . 54.40 27.05 -19.80
O5 MAN N . 54.91 25.48 -23.07
O6 MAN N . 51.89 25.30 -22.08
C1 MAN N . 51.12 24.99 -29.53
C2 MAN N . 51.27 24.29 -30.90
C3 MAN N . 52.57 23.50 -30.91
C4 MAN N . 53.76 24.40 -30.54
C5 MAN N . 53.51 25.03 -29.17
C6 MAN N . 54.60 26.00 -28.74
O2 MAN N . 51.42 25.21 -32.00
O3 MAN N . 52.80 22.87 -32.17
O4 MAN N . 54.95 23.64 -30.52
O5 MAN N . 52.27 25.77 -29.19
O6 MAN N . 54.49 26.20 -27.33
C1 MAN N . 50.21 25.84 -32.49
C2 MAN N . 49.42 24.88 -33.39
C3 MAN N . 50.27 24.52 -34.61
C4 MAN N . 50.73 25.79 -35.34
C5 MAN N . 51.43 26.76 -34.37
C6 MAN N . 51.74 28.10 -35.00
O2 MAN N . 48.27 25.51 -33.92
O3 MAN N . 49.58 23.66 -35.50
O4 MAN N . 51.64 25.44 -36.37
O5 MAN N . 50.56 27.00 -33.21
O6 MAN N . 52.53 27.87 -36.16
C1 NAG O . 16.51 27.84 -22.66
C2 NAG O . 17.60 28.82 -22.24
C3 NAG O . 17.01 29.88 -21.32
C4 NAG O . 15.80 30.54 -21.97
C5 NAG O . 14.82 29.51 -22.50
C6 NAG O . 13.73 30.11 -23.35
C7 NAG O . 19.99 28.36 -21.88
C8 NAG O . 20.99 27.56 -21.11
N2 NAG O . 18.71 28.13 -21.59
O3 NAG O . 18.00 30.86 -21.03
O4 NAG O . 15.13 31.34 -21.00
O5 NAG O . 15.48 28.54 -23.32
O6 NAG O . 12.86 29.11 -23.87
O7 NAG O . 20.34 29.19 -22.73
C1 NAG O . 15.03 32.76 -21.31
C2 NAG O . 13.80 33.31 -20.61
C3 NAG O . 13.65 34.80 -20.89
C4 NAG O . 14.94 35.54 -20.57
C5 NAG O . 16.15 34.87 -21.22
C6 NAG O . 17.47 35.45 -20.77
C7 NAG O . 11.76 31.98 -20.20
C8 NAG O . 10.58 31.30 -20.83
N2 NAG O . 12.60 32.59 -21.03
O3 NAG O . 12.58 35.32 -20.12
O4 NAG O . 14.84 36.86 -21.08
O5 NAG O . 16.18 33.47 -20.89
O6 NAG O . 17.57 35.49 -19.36
O7 NAG O . 11.93 31.98 -18.98
C1 BMA O . 15.18 37.89 -20.14
C2 BMA O . 15.21 39.20 -20.97
C3 BMA O . 15.30 40.43 -20.07
C4 BMA O . 14.32 40.35 -18.90
C5 BMA O . 14.54 39.05 -18.15
C6 BMA O . 13.64 38.93 -16.92
O2 BMA O . 14.02 39.34 -21.72
O3 BMA O . 15.03 41.63 -20.82
O4 BMA O . 14.52 41.45 -18.03
O5 BMA O . 14.26 37.96 -19.05
O6 BMA O . 14.15 39.85 -15.93
C1 MAN O . 16.19 42.25 -21.43
C2 MAN O . 15.74 43.70 -21.80
C3 MAN O . 14.95 43.71 -23.12
C4 MAN O . 15.68 42.92 -24.20
C5 MAN O . 15.87 41.49 -23.72
C6 MAN O . 16.56 40.60 -24.74
O2 MAN O . 16.85 44.59 -22.01
O3 MAN O . 14.70 45.04 -23.56
O4 MAN O . 14.93 42.94 -25.40
O5 MAN O . 16.70 41.50 -22.54
O6 MAN O . 16.55 39.27 -24.25
C1 MAN O . 16.66 45.80 -21.26
C2 MAN O . 17.72 46.86 -21.74
C3 MAN O . 19.11 46.43 -21.25
C4 MAN O . 19.11 46.11 -19.75
C5 MAN O . 18.05 45.05 -19.45
C6 MAN O . 17.95 44.68 -17.98
O2 MAN O . 17.54 48.22 -21.20
O3 MAN O . 20.09 47.43 -21.54
O4 MAN O . 20.38 45.63 -19.35
O5 MAN O . 16.76 45.55 -19.87
O6 MAN O . 19.16 44.04 -17.60
C1 NAG P . 35.10 20.23 -9.67
C2 NAG P . 35.86 19.34 -8.68
C3 NAG P . 36.98 20.13 -8.01
C4 NAG P . 37.88 20.80 -9.05
C5 NAG P . 37.03 21.64 -9.99
C6 NAG P . 37.81 22.25 -11.11
C7 NAG P . 34.35 17.60 -7.82
C8 NAG P . 33.46 17.19 -6.69
N2 NAG P . 34.96 18.78 -7.69
O3 NAG P . 37.75 19.24 -7.20
O4 NAG P . 38.81 21.65 -8.39
O5 NAG P . 36.02 20.81 -10.59
O6 NAG P . 37.84 21.41 -12.26
O7 NAG P . 34.50 16.89 -8.81
C1 NAG P . 40.18 21.19 -8.47
C2 NAG P . 41.03 22.31 -7.88
C3 NAG P . 42.51 21.93 -7.90
C4 NAG P . 42.72 20.55 -7.26
C5 NAG P . 41.76 19.53 -7.84
C6 NAG P . 41.81 18.20 -7.13
C7 NAG P . 41.06 23.76 -9.88
C8 NAG P . 40.76 25.12 -10.41
N2 NAG P . 40.82 23.57 -8.58
O3 NAG P . 43.25 22.91 -7.20
O4 NAG P . 44.05 20.09 -7.54
O5 NAG P . 40.41 20.00 -7.75
O6 NAG P . 40.97 17.24 -7.76
O7 NAG P . 41.50 22.87 -10.60
C1 BMA P . 45.07 20.47 -6.57
C2 BMA P . 45.28 19.27 -5.64
C3 BMA P . 46.52 19.43 -4.74
C4 BMA P . 47.73 20.12 -5.46
C5 BMA P . 47.31 21.23 -6.44
C6 BMA P . 48.46 21.61 -7.41
O2 BMA P . 45.50 18.09 -6.42
O3 BMA P . 46.90 18.12 -4.26
O4 BMA P . 48.59 20.70 -4.49
O5 BMA P . 46.24 20.78 -7.25
O6 BMA P . 49.58 22.13 -6.68
C1 NAG Q . -13.60 -15.94 -35.28
C2 NAG Q . -13.46 -16.94 -36.39
C3 NAG Q . -12.12 -17.64 -36.28
C4 NAG Q . -10.96 -16.67 -36.08
C5 NAG Q . -11.30 -15.43 -35.23
C6 NAG Q . -10.42 -14.24 -35.54
C7 NAG Q . -15.65 -17.82 -37.12
C8 NAG Q . -16.65 -18.92 -36.95
N2 NAG Q . -14.55 -17.90 -36.36
O3 NAG Q . -11.90 -18.40 -37.46
O4 NAG Q . -9.98 -17.47 -35.42
O5 NAG Q . -12.64 -14.96 -35.42
O6 NAG Q . -10.92 -13.54 -36.68
O7 NAG Q . -15.81 -16.90 -37.91
C1 NAG Q . -8.64 -16.99 -35.15
C2 NAG Q . -7.87 -18.20 -34.67
C3 NAG Q . -6.45 -17.81 -34.31
C4 NAG Q . -5.78 -17.10 -35.49
C5 NAG Q . -6.66 -15.96 -35.99
C6 NAG Q . -6.13 -15.33 -37.27
C7 NAG Q . -9.26 -19.95 -33.64
C8 NAG Q . -9.85 -20.46 -32.35
N2 NAG Q . -8.52 -18.84 -33.53
O3 NAG Q . -5.73 -18.98 -33.95
O4 NAG Q . -4.52 -16.55 -35.10
O5 NAG Q . -7.99 -16.42 -36.28
O6 NAG Q . -6.04 -16.29 -38.31
O7 NAG Q . -9.44 -20.52 -34.70
C1 BMA Q . -3.43 -17.50 -34.94
C2 BMA Q . -2.17 -16.80 -35.48
C3 BMA Q . -0.93 -17.68 -35.23
C4 BMA Q . -0.90 -18.21 -33.77
C5 BMA Q . -2.23 -18.84 -33.35
C6 BMA Q . -2.28 -19.19 -31.86
O2 BMA Q . -1.95 -15.58 -34.79
O3 BMA Q . 0.30 -16.99 -35.49
O4 BMA Q . 0.14 -19.17 -33.65
O5 BMA Q . -3.28 -17.88 -33.59
O6 BMA Q . -1.41 -20.32 -31.60
C1 NAG R . -28.94 -25.58 -28.17
C2 NAG R . -27.88 -25.90 -29.23
C3 NAG R . -28.25 -25.26 -30.57
C4 NAG R . -29.66 -25.67 -30.98
C5 NAG R . -30.63 -25.30 -29.86
C6 NAG R . -32.06 -25.73 -30.15
C7 NAG R . -25.43 -25.95 -29.29
C8 NAG R . -24.17 -25.39 -28.71
N2 NAG R . -26.57 -25.47 -28.79
O3 NAG R . -27.32 -25.67 -31.56
O4 NAG R . -30.04 -25.00 -32.17
O5 NAG R . -30.23 -25.96 -28.65
O6 NAG R . -32.10 -26.96 -30.85
O7 NAG R . -25.42 -26.81 -30.18
C1 NAG R . -30.18 -25.89 -33.30
C2 NAG R . -31.01 -25.16 -34.36
C3 NAG R . -31.13 -26.01 -35.63
C4 NAG R . -29.75 -26.44 -36.10
C5 NAG R . -29.02 -27.14 -34.97
C6 NAG R . -27.61 -27.55 -35.33
C7 NAG R . -33.02 -23.76 -34.20
C8 NAG R . -34.36 -23.59 -33.57
N2 NAG R . -32.33 -24.84 -33.84
O3 NAG R . -31.78 -25.24 -36.62
O4 NAG R . -29.85 -27.35 -37.20
O5 NAG R . -28.92 -26.26 -33.84
O6 NAG R . -26.73 -26.43 -35.35
O7 NAG R . -32.57 -22.94 -35.00
C1 BMA R . -30.17 -26.75 -38.47
C2 BMA R . -29.56 -27.64 -39.54
C3 BMA R . -30.07 -27.27 -40.92
C4 BMA R . -31.59 -27.14 -40.91
C5 BMA R . -32.01 -26.13 -39.85
C6 BMA R . -33.53 -25.92 -39.79
O2 BMA R . -29.93 -29.00 -39.34
O3 BMA R . -29.68 -28.25 -41.87
O4 BMA R . -32.06 -26.71 -42.18
O5 BMA R . -31.57 -26.63 -38.59
O6 BMA R . -34.14 -27.20 -39.64
C1 MAN R . -28.63 -27.84 -42.78
C2 MAN R . -28.61 -28.97 -43.85
C3 MAN R . -27.72 -30.16 -43.42
C4 MAN R . -26.48 -29.75 -42.65
C5 MAN R . -26.85 -28.81 -41.53
C6 MAN R . -25.66 -28.41 -40.69
O2 MAN R . -28.11 -28.54 -45.15
O3 MAN R . -27.35 -30.96 -44.54
O4 MAN R . -25.89 -30.91 -42.11
O5 MAN R . -27.39 -27.64 -42.11
O6 MAN R . -25.38 -29.47 -39.77
C1 MAN R . -29.09 -28.92 -46.15
C2 MAN R . -28.56 -28.75 -47.59
C3 MAN R . -28.14 -27.32 -47.76
C4 MAN R . -29.31 -26.37 -47.53
C5 MAN R . -30.04 -26.67 -46.19
C6 MAN R . -31.42 -26.01 -46.09
O2 MAN R . -29.58 -28.93 -48.61
O3 MAN R . -27.62 -27.11 -49.06
O4 MAN R . -28.81 -25.04 -47.50
O5 MAN R . -30.25 -28.11 -46.00
O6 MAN R . -31.40 -24.78 -46.80
C1 MAN R . -30.29 -30.20 -48.65
C2 MAN R . -29.37 -31.31 -49.23
C3 MAN R . -29.11 -31.02 -50.70
C4 MAN R . -30.45 -30.86 -51.45
C5 MAN R . -31.27 -29.73 -50.82
C6 MAN R . -32.64 -29.59 -51.46
O2 MAN R . -30.00 -32.59 -49.19
O3 MAN R . -28.32 -32.03 -51.31
O4 MAN R . -30.21 -30.57 -52.82
O5 MAN R . -31.47 -30.03 -49.43
O6 MAN R . -33.24 -28.39 -50.98
C1 MAN R . -35.59 -27.15 -39.69
C2 MAN R . -36.05 -28.63 -39.68
C3 MAN R . -35.67 -29.27 -41.01
C4 MAN R . -36.32 -28.50 -42.17
C5 MAN R . -35.83 -27.05 -42.15
C6 MAN R . -36.52 -26.19 -43.21
O2 MAN R . -37.47 -28.74 -39.57
O3 MAN R . -36.01 -30.66 -41.08
O4 MAN R . -35.96 -29.10 -43.40
O5 MAN R . -36.09 -26.45 -40.85
O6 MAN R . -37.93 -26.20 -42.95
C1 MAN R . -34.95 -31.44 -41.70
C2 MAN R . -35.58 -32.74 -42.29
C3 MAN R . -35.94 -33.71 -41.16
C4 MAN R . -34.76 -33.91 -40.20
C5 MAN R . -34.32 -32.56 -39.64
C6 MAN R . -33.13 -32.66 -38.69
O2 MAN R . -34.65 -33.47 -43.13
O3 MAN R . -36.37 -34.96 -41.67
O4 MAN R . -35.15 -34.76 -39.13
O5 MAN R . -33.92 -31.71 -40.75
O6 MAN R . -32.99 -31.42 -38.01
C1 MAN R . -34.75 -33.11 -44.54
C2 MAN R . -34.00 -34.20 -45.37
C3 MAN R . -32.48 -34.02 -45.29
C4 MAN R . -32.09 -32.56 -45.60
C5 MAN R . -32.80 -31.65 -44.59
C6 MAN R . -32.49 -30.19 -44.77
O2 MAN R . -34.32 -34.12 -46.75
O3 MAN R . -31.79 -34.89 -46.18
O4 MAN R . -30.69 -32.41 -45.47
O5 MAN R . -34.22 -31.81 -44.77
O6 MAN R . -32.53 -29.57 -43.49
C1 MAN R . -38.65 -25.76 -44.13
C2 MAN R . -40.09 -25.40 -43.68
C3 MAN R . -40.80 -26.67 -43.26
C4 MAN R . -40.76 -27.71 -44.40
C5 MAN R . -39.29 -28.00 -44.77
C6 MAN R . -39.14 -28.95 -45.94
O2 MAN R . -40.91 -24.88 -44.74
O3 MAN R . -42.15 -26.43 -42.88
O4 MAN R . -41.39 -28.91 -43.99
O5 MAN R . -38.64 -26.77 -45.14
O6 MAN R . -37.81 -29.45 -45.93
C1 MAN R . -40.71 -23.48 -45.06
C2 MAN R . -41.47 -22.58 -44.05
C3 MAN R . -42.95 -22.86 -44.14
C4 MAN R . -43.45 -22.70 -45.59
C5 MAN R . -42.60 -23.55 -46.56
C6 MAN R . -42.94 -23.28 -48.02
O2 MAN R . -41.33 -21.20 -44.40
O3 MAN R . -43.70 -22.03 -43.27
O4 MAN R . -44.81 -23.10 -45.68
O5 MAN R . -41.19 -23.25 -46.38
O6 MAN R . -44.33 -23.55 -48.21
C1 NAG S . -18.85 1.94 -34.66
C2 NAG S . -18.63 1.03 -35.85
C3 NAG S . -17.30 1.37 -36.52
C4 NAG S . -17.25 2.84 -36.88
C5 NAG S . -17.61 3.72 -35.68
C6 NAG S . -17.81 5.17 -36.05
C7 NAG S . -19.24 -1.33 -36.21
C8 NAG S . -19.20 -2.71 -35.64
N2 NAG S . -18.68 -0.37 -35.46
O3 NAG S . -17.14 0.58 -37.69
O4 NAG S . -15.92 3.17 -37.28
O5 NAG S . -18.85 3.29 -35.10
O6 NAG S . -18.18 5.95 -34.92
O7 NAG S . -19.77 -1.08 -37.28
C1 NAG S . -15.79 3.76 -38.60
C2 NAG S . -14.56 4.64 -38.63
C3 NAG S . -14.39 5.26 -40.02
C4 NAG S . -14.40 4.18 -41.09
C5 NAG S . -15.60 3.25 -40.94
C6 NAG S . -15.54 2.05 -41.85
C7 NAG S . -13.79 5.85 -36.62
C8 NAG S . -14.07 6.99 -35.69
N2 NAG S . -14.67 5.69 -37.62
O3 NAG S . -13.16 5.98 -40.06
O4 NAG S . -14.50 4.83 -42.36
O5 NAG S . -15.66 2.74 -39.59
O6 NAG S . -14.31 1.35 -41.72
O7 NAG S . -12.82 5.11 -36.48
C1 BMA S . -13.51 4.39 -43.30
C2 BMA S . -13.93 5.04 -44.65
C3 BMA S . -12.84 4.89 -45.70
C4 BMA S . -11.46 5.25 -45.14
C5 BMA S . -11.19 4.41 -43.89
C6 BMA S . -9.80 4.66 -43.31
O2 BMA S . -14.14 6.43 -44.48
O3 BMA S . -13.11 5.72 -46.85
O4 BMA S . -10.45 5.00 -46.11
O5 BMA S . -12.20 4.76 -42.91
O6 BMA S . -8.86 3.99 -44.15
C1 MAN S . -13.80 5.07 -47.94
C2 MAN S . -13.62 6.00 -49.18
C3 MAN S . -14.56 7.20 -49.11
C4 MAN S . -15.99 6.73 -48.85
C5 MAN S . -16.04 5.97 -47.53
C6 MAN S . -17.43 5.46 -47.18
O2 MAN S . -13.95 5.32 -50.42
O3 MAN S . -14.51 7.98 -50.29
O4 MAN S . -16.86 7.85 -48.77
O5 MAN S . -15.18 4.81 -47.63
O6 MAN S . -17.37 4.82 -45.91
C1 NAG T . -16.40 -21.56 -31.63
C2 NAG T . -16.05 -22.84 -30.87
C3 NAG T . -15.62 -23.93 -31.85
C4 NAG T . -16.67 -24.13 -32.94
C5 NAG T . -16.98 -22.79 -33.60
C6 NAG T . -18.11 -22.87 -34.61
C7 NAG T . -15.19 -22.63 -28.58
C8 NAG T . -13.99 -22.34 -27.73
N2 NAG T . -15.00 -22.59 -29.90
O3 NAG T . -15.43 -25.16 -31.15
O4 NAG T . -16.18 -25.03 -33.93
O5 NAG T . -17.40 -21.84 -32.61
O6 NAG T . -19.37 -22.65 -33.99
O7 NAG T . -16.28 -22.89 -28.07
C1 NAG T . -16.93 -26.27 -34.02
C2 NAG T . -16.41 -27.02 -35.24
C3 NAG T . -17.14 -28.36 -35.39
C4 NAG T . -17.09 -29.16 -34.09
C5 NAG T . -17.52 -28.29 -32.90
C6 NAG T . -17.33 -28.98 -31.57
C7 NAG T . -17.70 -25.79 -36.94
C8 NAG T . -17.61 -24.98 -38.21
N2 NAG T . -16.54 -26.23 -36.45
O3 NAG T . -16.52 -29.10 -36.43
O4 NAG T . -17.99 -30.26 -34.18
O5 NAG T . -16.77 -27.08 -32.85
O6 NAG T . -17.88 -28.21 -30.51
O7 NAG T . -18.77 -26.03 -36.41
C1 BMA T . -17.41 -31.50 -34.64
C2 BMA T . -17.02 -32.32 -33.42
C3 BMA T . -16.59 -33.75 -33.79
C4 BMA T . -17.52 -34.40 -34.87
C5 BMA T . -17.90 -33.42 -35.99
C6 BMA T . -19.03 -33.95 -36.89
O2 BMA T . -18.12 -32.45 -32.53
O3 BMA T . -16.53 -34.54 -32.56
O4 BMA T . -16.86 -35.51 -35.47
O5 BMA T . -18.36 -32.20 -35.42
O6 BMA T . -18.58 -35.12 -37.61
C1 MAN T . -16.12 -35.91 -32.69
C2 MAN T . -15.85 -36.45 -31.24
C3 MAN T . -14.55 -35.86 -30.71
C4 MAN T . -13.40 -36.14 -31.68
C5 MAN T . -13.72 -35.53 -33.04
C6 MAN T . -12.67 -35.84 -34.09
O2 MAN T . -15.63 -37.88 -31.21
O3 MAN T . -14.24 -36.36 -29.41
O4 MAN T . -12.20 -35.57 -31.18
O5 MAN T . -14.98 -36.06 -33.54
O6 MAN T . -13.10 -35.32 -35.34
C1 MAN T . -19.23 -36.31 -37.11
C2 MAN T . -18.50 -37.55 -37.74
C3 MAN T . -18.89 -37.75 -39.21
C4 MAN T . -20.41 -37.77 -39.38
C5 MAN T . -21.04 -36.49 -38.76
C6 MAN T . -22.58 -36.47 -38.77
O2 MAN T . -18.88 -38.76 -37.08
O3 MAN T . -18.30 -38.97 -39.70
O4 MAN T . -20.74 -37.84 -40.75
O5 MAN T . -20.63 -36.33 -37.38
O6 MAN T . -23.10 -37.81 -38.61
C1 NAG U . -30.16 23.59 13.82
C2 NAG U . -31.18 23.77 14.92
C3 NAG U . -31.96 22.48 15.11
C4 NAG U . -32.62 22.10 13.79
C5 NAG U . -31.57 22.01 12.67
C6 NAG U . -32.17 21.83 11.29
C7 NAG U . -30.41 25.44 16.56
C8 NAG U . -29.73 25.66 17.87
N2 NAG U . -30.54 24.16 16.18
O3 NAG U . -32.95 22.67 16.11
O4 NAG U . -33.42 20.93 14.00
O5 NAG U . -30.83 23.24 12.60
O6 NAG U . -32.93 22.96 10.91
O7 NAG U . -30.83 26.37 15.88
C1 NAG U . -33.14 19.58 13.52
C2 NAG U . -33.35 18.59 14.66
C3 NAG U . -33.23 17.16 14.14
C4 NAG U . -34.13 16.93 12.94
C5 NAG U . -33.88 18.01 11.89
C6 NAG U . -34.85 17.94 10.73
C7 NAG U . -32.76 19.30 16.94
C8 NAG U . -31.64 19.47 17.93
N2 NAG U . -32.41 18.82 15.75
O3 NAG U . -33.57 16.27 15.20
O4 NAG U . -33.86 15.68 12.32
O5 NAG U . -34.04 19.32 12.47
O6 NAG U . -36.15 18.35 11.12
O7 NAG U . -33.92 19.60 17.22
C1 NAG V . -20.89 31.57 29.07
C2 NAG V . -22.31 31.03 28.95
C3 NAG V . -23.21 32.03 28.25
C4 NAG V . -23.14 33.37 28.96
C5 NAG V . -21.69 33.83 29.02
C6 NAG V . -21.51 35.15 29.76
C7 NAG V . -23.30 28.87 28.33
C8 NAG V . -23.14 27.61 27.55
N2 NAG V . -22.31 29.75 28.25
O3 NAG V . -24.55 31.56 28.26
O4 NAG V . -23.90 34.35 28.26
O5 NAG V . -20.91 32.85 29.71
O6 NAG V . -22.37 35.23 30.89
O7 NAG V . -24.31 29.09 29.01
C1 NAG V . -25.06 34.81 29.00
C2 NAG V . -25.48 36.15 28.40
C3 NAG V . -26.74 36.66 29.07
C4 NAG V . -27.83 35.59 29.01
C5 NAG V . -27.31 34.30 29.61
C6 NAG V . -28.30 33.16 29.54
C7 NAG V . -24.21 38.12 27.64
C8 NAG V . -23.06 39.03 27.94
N2 NAG V . -24.41 37.12 28.52
O3 NAG V . -27.16 37.84 28.41
O4 NAG V . -28.98 36.00 29.74
O5 NAG V . -26.13 33.88 28.91
O6 NAG V . -28.43 32.68 28.22
O7 NAG V . -24.92 38.26 26.66
C1 BMA V . -29.82 36.97 29.07
C2 BMA V . -31.25 36.70 29.55
C3 BMA V . -32.16 37.83 29.16
C4 BMA V . -31.56 39.18 29.54
C5 BMA V . -30.17 39.33 28.89
C6 BMA V . -29.50 40.66 29.23
O2 BMA V . -31.29 36.63 30.96
O3 BMA V . -33.43 37.69 29.79
O4 BMA V . -32.40 40.25 29.10
O5 BMA V . -29.36 38.27 29.39
O6 BMA V . -29.47 40.79 30.65
C1 MAN V . -34.51 37.27 28.92
C2 MAN V . -35.79 37.46 29.78
C3 MAN V . -36.10 36.25 30.68
C4 MAN V . -35.73 34.89 30.08
C5 MAN V . -34.33 34.95 29.45
C6 MAN V . -33.92 33.65 28.79
O2 MAN V . -36.98 37.69 28.98
O3 MAN V . -37.48 36.23 31.05
O4 MAN V . -35.73 33.95 31.14
O5 MAN V . -34.35 35.94 28.44
O6 MAN V . -33.48 32.75 29.81
C1 MAN V . -37.64 38.89 29.48
C2 MAN V . -39.05 39.09 28.88
C3 MAN V . -38.89 39.17 27.39
C4 MAN V . -38.02 40.36 27.00
C5 MAN V . -36.65 40.34 27.76
C6 MAN V . -35.93 41.66 27.67
O2 MAN V . -39.66 40.37 29.25
O3 MAN V . -40.16 39.27 26.75
O4 MAN V . -37.77 40.30 25.60
O5 MAN V . -36.85 40.04 29.18
O6 MAN V . -36.27 42.30 26.45
C1 MAN V . -39.69 40.78 30.65
C2 MAN V . -40.75 39.94 31.40
C3 MAN V . -42.14 40.38 30.99
C4 MAN V . -42.28 41.90 31.18
C5 MAN V . -41.23 42.63 30.36
C6 MAN V . -41.27 44.14 30.58
O2 MAN V . -40.68 40.15 32.81
O3 MAN V . -43.15 39.69 31.69
O4 MAN V . -43.57 42.32 30.79
O5 MAN V . -39.94 42.18 30.75
O6 MAN V . -40.33 44.76 29.70
C1 MAN V . -28.99 42.08 31.10
C2 MAN V . -29.23 42.11 32.63
C3 MAN V . -30.73 42.21 32.87
C4 MAN V . -31.30 43.45 32.18
C5 MAN V . -31.04 43.36 30.69
C6 MAN V . -31.50 44.62 29.95
O2 MAN V . -28.66 43.27 33.24
O3 MAN V . -31.07 42.21 34.27
O4 MAN V . -32.70 43.55 32.42
O5 MAN V . -29.62 43.19 30.44
O6 MAN V . -30.76 45.74 30.45
C1 MAN V . -32.23 41.38 34.54
C2 MAN V . -32.87 41.89 35.86
C3 MAN V . -32.03 41.46 37.07
C4 MAN V . -31.69 39.97 37.00
C5 MAN V . -30.97 39.66 35.68
C6 MAN V . -30.61 38.19 35.51
O2 MAN V . -34.19 41.33 36.09
O3 MAN V . -32.68 41.76 38.30
O4 MAN V . -30.85 39.61 38.09
O5 MAN V . -31.85 40.01 34.60
O6 MAN V . -29.72 38.06 34.41
C1 MAN V . -35.26 42.14 35.55
C2 MAN V . -36.60 41.66 36.21
C3 MAN V . -37.09 40.36 35.57
C4 MAN V . -37.09 40.46 34.05
C5 MAN V . -35.67 40.78 33.58
C6 MAN V . -35.53 40.88 32.08
O2 MAN V . -37.65 42.61 35.99
O3 MAN V . -38.39 39.99 36.04
O4 MAN V . -37.54 39.23 33.49
O5 MAN V . -35.30 42.06 34.13
O6 MAN V . -34.23 40.45 31.72
C1 MAN V . -31.43 46.97 30.10
C2 MAN V . -30.40 48.12 30.27
C3 MAN V . -30.09 48.28 31.75
C4 MAN V . -31.39 48.48 32.55
C5 MAN V . -32.33 47.29 32.31
C6 MAN V . -33.67 47.42 33.01
O2 MAN V . -30.92 49.41 29.88
O3 MAN V . -29.20 49.36 31.98
O4 MAN V . -31.09 48.59 33.93
O5 MAN V . -32.58 47.16 30.90
O6 MAN V . -34.28 46.14 33.04
C1 MAN V . -30.92 49.70 28.46
C2 MAN V . -29.52 50.12 27.98
C3 MAN V . -29.11 51.39 28.69
C4 MAN V . -30.17 52.49 28.50
C5 MAN V . -31.56 51.99 28.91
C6 MAN V . -32.66 52.97 28.58
O2 MAN V . -29.55 50.45 26.59
O3 MAN V . -27.83 51.85 28.26
O4 MAN V . -29.83 53.62 29.29
O5 MAN V . -31.85 50.74 28.21
O6 MAN V . -32.35 54.21 29.19
C1 NAG W . -23.13 31.92 -0.87
C2 NAG W . -24.53 32.04 -0.29
C3 NAG W . -25.51 31.25 -1.15
C4 NAG W . -25.41 31.70 -2.60
C5 NAG W . -23.96 31.68 -3.09
C6 NAG W . -23.79 32.31 -4.45
C7 NAG W . -25.09 32.29 2.10
C8 NAG W . -25.05 31.64 3.45
N2 NAG W . -24.57 31.57 1.09
O3 NAG W . -26.82 31.45 -0.66
O4 NAG W . -26.18 30.82 -3.42
O5 NAG W . -23.12 32.41 -2.19
O6 NAG W . -22.45 32.22 -4.89
O7 NAG W . -25.59 33.40 1.92
C1 NAG W . -27.26 31.44 -4.16
C2 NAG W . -27.52 30.62 -5.42
C3 NAG W . -28.65 31.24 -6.21
C4 NAG W . -29.89 31.47 -5.35
C5 NAG W . -29.52 32.17 -4.03
C6 NAG W . -30.67 32.21 -3.05
C7 NAG W . -25.67 29.39 -6.49
C8 NAG W . -24.45 29.49 -7.34
N2 NAG W . -26.31 30.53 -6.23
O3 NAG W . -28.99 30.39 -7.30
O4 NAG W . -30.76 32.33 -6.07
O5 NAG W . -28.44 31.50 -3.38
O6 NAG W . -31.23 30.93 -2.85
O7 NAG W . -26.07 28.31 -6.05
C1 BMA W . -32.13 31.87 -6.10
C2 BMA W . -32.92 33.09 -6.63
C3 BMA W . -34.35 32.73 -6.97
C4 BMA W . -34.44 31.42 -7.78
C5 BMA W . -33.66 30.31 -7.06
C6 BMA W . -33.70 28.98 -7.82
O2 BMA W . -32.33 33.58 -7.83
O3 BMA W . -34.96 33.79 -7.71
O4 BMA W . -35.79 31.04 -7.92
O5 BMA W . -32.30 30.74 -6.93
O6 BMA W . -34.95 28.33 -7.50
C1 MAN W . -36.06 34.42 -7.01
C2 MAN W . -36.75 35.41 -8.02
C3 MAN W . -36.06 36.79 -8.04
C4 MAN W . -35.74 37.28 -6.63
C5 MAN W . -34.86 36.25 -5.94
C6 MAN W . -34.41 36.69 -4.55
O2 MAN W . -38.14 35.66 -7.68
O3 MAN W . -36.85 37.75 -8.73
O4 MAN W . -35.06 38.52 -6.70
O5 MAN W . -35.62 35.04 -5.79
O6 MAN W . -33.60 35.67 -4.00
C1 NAG X . -27.61 23.15 20.74
C2 NAG X . -27.42 22.22 21.94
C3 NAG X . -28.74 22.06 22.69
C4 NAG X . -29.35 23.41 23.03
C5 NAG X . -29.45 24.27 21.77
C6 NAG X . -29.94 25.67 22.02
C7 NAG X . -25.71 20.46 21.81
C8 NAG X . -25.38 19.11 21.28
N2 NAG X . -26.92 20.93 21.50
O3 NAG X . -28.51 21.32 23.88
O4 NAG X . -30.66 23.23 23.56
O5 NAG X . -28.15 24.39 21.16
O6 NAG X . -28.87 26.51 22.44
O7 NAG X . -24.92 21.10 22.51
C1 NAG X . -30.80 23.61 24.94
C2 NAG X . -32.29 23.54 25.27
C3 NAG X . -32.53 23.89 26.73
C4 NAG X . -31.62 23.10 27.67
C5 NAG X . -30.18 23.16 27.20
C6 NAG X . -29.26 22.24 27.98
C7 NAG X . -32.93 25.72 24.30
C8 NAG X . -33.82 26.41 23.32
N2 NAG X . -33.06 24.39 24.38
O3 NAG X . -33.90 23.62 27.04
O4 NAG X . -31.68 23.66 28.97
O5 NAG X . -30.08 22.76 25.82
O6 NAG X . -27.90 22.43 27.62
O7 NAG X . -32.12 26.34 24.99
#